data_2FJF
#
_entry.id   2FJF
#
_cell.length_a   274.919
_cell.length_b   192.229
_cell.length_c   154.108
_cell.angle_alpha   90.00
_cell.angle_beta   117.00
_cell.angle_gamma   90.00
#
_symmetry.space_group_name_H-M   'C 1 2 1'
#
loop_
_entity.id
_entity.type
_entity.pdbx_description
1 polymer 'Light Chain of a VEGF binding Antibody'
2 polymer 'Heavy Chain of a VEGF binding Antibody'
3 water water
#
loop_
_entity_poly.entity_id
_entity_poly.type
_entity_poly.pdbx_seq_one_letter_code
_entity_poly.pdbx_strand_id
1 'polypeptide(L)'
;DIQMTQSPSSLSASVGDRVTITCRASQDVSTAVAWYQQKPGKAPKLLIYSASFLYSGVPSRFSGSGSGTDFTLTISSLQP
EDFATYYCQQSYTTPPTFGQGTKVEIKRTVAAPSVFIFPPSDEQLKSGTASVVCLLNNFYPREAKVQWKVDNALQSGNSQ
ESVTEQDSKDSTYSLSSTLTLSKADYEKHKVYACEVTHQGLSSPVTKSFNRGEC
;
L,A,C,E,G,J,M,O,Q,S,U,W
2 'polypeptide(L)'
;EVQLVESGGGLVQPGGSLRLSCAASGFTISDYWIHWVRQAPGKGLEWVAGITPAGGYTYYADSVKGRFTISADTSKNTAY
LQMNSLRAEDTAVYYCARFVFFLPYAMDYWGQGTLVTVSSASTKGPSVFPLAPSSKSTSGGTAALGCLVKDYFPEPVTVS
WNSGALTSGVHTFPAVLQSSGLYSLSSVVTVPSSSLGTQTYICNVNHKPSNTKVDKKVEPKSCDKTH
;
H,B,D,F,I,K,N,P,R,T,V,X
#
# COMPACT_ATOMS: atom_id res chain seq x y z
N ASP A 1 20.01 9.93 42.34
CA ASP A 1 19.54 8.53 42.06
C ASP A 1 18.50 8.09 43.08
N ILE A 2 17.26 7.83 42.63
CA ILE A 2 16.17 7.47 43.54
C ILE A 2 16.30 6.10 44.21
N GLN A 3 16.29 6.08 45.53
CA GLN A 3 16.43 4.84 46.28
C GLN A 3 15.09 4.24 46.62
N MET A 4 15.00 2.93 46.47
CA MET A 4 13.80 2.17 46.76
C MET A 4 14.14 1.16 47.84
N THR A 5 13.43 1.25 48.96
CA THR A 5 13.62 0.36 50.09
C THR A 5 12.38 -0.49 50.29
N GLN A 6 12.55 -1.81 50.23
CA GLN A 6 11.47 -2.75 50.47
C GLN A 6 11.38 -3.20 51.93
N SER A 7 10.18 -3.59 52.34
CA SER A 7 9.90 -4.01 53.71
C SER A 7 8.79 -5.07 53.75
N PRO A 8 9.07 -6.22 54.38
CA PRO A 8 10.39 -6.51 54.97
C PRO A 8 11.36 -7.07 53.92
N SER A 9 12.56 -7.45 54.34
CA SER A 9 13.52 -8.05 53.41
C SER A 9 13.16 -9.51 53.10
N SER A 10 12.58 -10.18 54.08
CA SER A 10 12.18 -11.57 53.96
C SER A 10 10.96 -11.82 54.83
N LEU A 11 10.14 -12.79 54.45
CA LEU A 11 9.00 -13.20 55.28
C LEU A 11 8.55 -14.65 55.06
N SER A 12 7.92 -15.22 56.07
CA SER A 12 7.34 -16.56 55.99
C SER A 12 5.82 -16.48 56.05
N ALA A 13 5.15 -17.20 55.16
CA ALA A 13 3.70 -17.22 55.12
C ALA A 13 3.16 -18.55 54.59
N SER A 14 1.92 -18.89 54.94
CA SER A 14 1.31 -20.14 54.51
C SER A 14 0.34 -19.94 53.33
N VAL A 15 -0.01 -21.04 52.66
CA VAL A 15 -0.92 -20.99 51.52
C VAL A 15 -2.29 -20.47 51.98
N GLY A 16 -2.83 -19.50 51.26
CA GLY A 16 -4.09 -18.88 51.62
C GLY A 16 -3.98 -17.61 52.45
N ASP A 17 -2.76 -17.31 52.91
CA ASP A 17 -2.48 -16.09 53.65
C ASP A 17 -2.55 -14.85 52.77
N ARG A 18 -3.09 -13.77 53.32
CA ARG A 18 -2.96 -12.45 52.75
C ARG A 18 -1.57 -11.93 53.11
N VAL A 19 -0.77 -11.56 52.11
CA VAL A 19 0.57 -11.05 52.33
C VAL A 19 0.71 -9.69 51.68
N THR A 20 1.26 -8.72 52.40
CA THR A 20 1.55 -7.40 51.83
C THR A 20 3.00 -7.01 51.98
N ILE A 21 3.57 -6.50 50.88
CA ILE A 21 4.95 -6.01 50.81
C ILE A 21 4.92 -4.51 50.57
N THR A 22 5.75 -3.75 51.28
CA THR A 22 5.81 -2.30 51.09
C THR A 22 7.12 -1.82 50.47
N CYS A 23 7.01 -0.71 49.73
CA CYS A 23 8.14 -0.11 49.05
C CYS A 23 8.13 1.39 49.32
N ARG A 24 9.27 1.94 49.73
CA ARG A 24 9.35 3.37 50.01
C ARG A 24 10.48 4.01 49.21
N ALA A 25 10.10 4.98 48.37
CA ALA A 25 11.01 5.72 47.52
C ALA A 25 11.61 6.90 48.26
N SER A 26 12.89 7.18 48.00
CA SER A 26 13.59 8.32 48.61
C SER A 26 13.04 9.69 48.18
N GLN A 27 12.25 9.72 47.11
CA GLN A 27 11.51 10.92 46.71
C GLN A 27 10.23 10.53 45.96
N ASP A 28 9.31 11.49 45.83
CA ASP A 28 8.05 11.28 45.14
C ASP A 28 8.21 10.80 43.71
N VAL A 29 7.54 9.69 43.39
CA VAL A 29 7.59 9.11 42.05
C VAL A 29 6.19 8.89 41.45
N SER A 30 5.25 9.77 41.80
CA SER A 30 3.90 9.73 41.24
C SER A 30 3.31 8.36 41.52
N THR A 31 2.81 7.68 40.49
CA THR A 31 2.41 6.28 40.59
C THR A 31 3.25 5.45 39.64
N ALA A 32 4.45 5.92 39.33
CA ALA A 32 5.29 5.28 38.33
C ALA A 32 6.15 4.17 38.94
N VAL A 33 5.47 3.22 39.58
CA VAL A 33 6.11 2.12 40.27
C VAL A 33 5.59 0.78 39.74
N ALA A 34 6.50 -0.16 39.55
CA ALA A 34 6.16 -1.50 39.10
C ALA A 34 6.62 -2.55 40.10
N TRP A 35 5.97 -3.71 40.05
CA TRP A 35 6.28 -4.86 40.89
C TRP A 35 6.60 -6.06 40.01
N TYR A 36 7.69 -6.74 40.35
CA TYR A 36 8.19 -7.89 39.60
C TYR A 36 8.30 -9.11 40.50
N GLN A 37 8.20 -10.31 39.91
CA GLN A 37 8.40 -11.55 40.64
C GLN A 37 9.59 -12.30 40.03
N GLN A 38 10.46 -12.83 40.87
CA GLN A 38 11.61 -13.59 40.40
C GLN A 38 11.82 -14.95 41.07
N LYS A 39 11.93 -15.96 40.23
CA LYS A 39 12.23 -17.30 40.70
C LYS A 39 13.66 -17.63 40.30
N PRO A 40 14.38 -18.29 41.21
CA PRO A 40 15.73 -18.80 40.94
C PRO A 40 15.95 -19.23 39.49
N GLY A 41 17.05 -18.76 38.91
CA GLY A 41 17.44 -19.15 37.56
C GLY A 41 16.47 -18.72 36.48
N LYS A 42 15.70 -17.68 36.75
CA LYS A 42 14.78 -17.15 35.77
C LYS A 42 14.75 -15.63 35.85
N ALA A 43 14.38 -14.99 34.75
CA ALA A 43 14.27 -13.54 34.69
C ALA A 43 12.99 -13.08 35.39
N PRO A 44 13.00 -11.86 35.92
CA PRO A 44 11.79 -11.25 36.52
C PRO A 44 10.58 -11.16 35.59
N LYS A 45 9.39 -11.30 36.18
CA LYS A 45 8.10 -11.20 35.48
C LYS A 45 7.36 -9.97 36.00
N LEU A 46 6.95 -9.10 35.07
CA LEU A 46 6.14 -7.94 35.45
C LEU A 46 4.80 -8.41 36.04
N LEU A 47 4.44 -7.80 37.17
CA LEU A 47 3.21 -8.15 37.86
C LEU A 47 2.24 -6.98 37.80
N ILE A 48 2.69 -5.84 38.32
CA ILE A 48 1.88 -4.63 38.42
C ILE A 48 2.63 -3.46 37.82
N TYR A 49 1.92 -2.62 37.09
CA TYR A 49 2.52 -1.41 36.56
C TYR A 49 1.64 -0.21 36.91
N SER A 50 2.22 0.97 36.84
CA SER A 50 1.57 2.20 37.24
C SER A 50 0.98 2.07 38.64
N ALA A 51 1.77 1.52 39.55
CA ALA A 51 1.45 1.38 40.98
C ALA A 51 0.37 0.36 41.30
N SER A 52 -0.72 0.34 40.53
CA SER A 52 -1.93 -0.39 40.88
C SER A 52 -2.56 -1.22 39.77
N PHE A 53 -1.96 -1.23 38.59
CA PHE A 53 -2.56 -1.90 37.43
C PHE A 53 -2.01 -3.29 37.16
N LEU A 54 -2.91 -4.23 36.89
CA LEU A 54 -2.52 -5.62 36.73
C LEU A 54 -2.02 -5.90 35.31
N TYR A 55 -0.78 -6.39 35.19
CA TYR A 55 -0.20 -6.68 33.90
C TYR A 55 -0.94 -7.85 33.26
N SER A 56 -1.15 -7.76 31.96
CA SER A 56 -1.87 -8.77 31.19
C SER A 56 -1.46 -10.20 31.57
N GLY A 57 -2.45 -11.04 31.84
CA GLY A 57 -2.21 -12.45 32.14
C GLY A 57 -1.84 -12.79 33.57
N VAL A 58 -1.55 -11.78 34.38
CA VAL A 58 -1.25 -11.98 35.80
C VAL A 58 -2.59 -12.20 36.52
N PRO A 59 -2.64 -13.14 37.47
CA PRO A 59 -3.91 -13.53 38.10
C PRO A 59 -4.43 -12.49 39.10
N SER A 60 -5.75 -12.34 39.13
CA SER A 60 -6.44 -11.28 39.86
C SER A 60 -6.05 -11.10 41.34
N ARG A 61 -5.45 -12.12 41.95
CA ARG A 61 -5.05 -12.07 43.36
C ARG A 61 -3.80 -11.24 43.63
N PHE A 62 -3.15 -10.76 42.58
CA PHE A 62 -2.07 -9.79 42.76
C PHE A 62 -2.62 -8.37 42.61
N SER A 63 -2.33 -7.52 43.60
CA SER A 63 -2.78 -6.13 43.53
C SER A 63 -1.76 -5.15 44.12
N GLY A 64 -1.86 -3.90 43.69
CA GLY A 64 -0.91 -2.87 44.09
C GLY A 64 -1.60 -1.59 44.48
N SER A 65 -0.96 -0.83 45.36
CA SER A 65 -1.48 0.44 45.84
C SER A 65 -0.34 1.39 46.19
N GLY A 66 -0.68 2.66 46.32
CA GLY A 66 0.24 3.71 46.73
C GLY A 66 0.45 4.78 45.68
N SER A 67 1.13 5.85 46.10
CA SER A 67 1.62 6.92 45.24
C SER A 67 2.52 7.87 46.05
N GLY A 68 3.45 8.54 45.37
CA GLY A 68 4.36 9.45 46.05
C GLY A 68 5.58 8.69 46.51
N THR A 69 5.67 8.44 47.81
CA THR A 69 6.81 7.72 48.36
C THR A 69 6.48 6.31 48.84
N ASP A 70 5.21 6.07 49.17
CA ASP A 70 4.83 4.80 49.75
C ASP A 70 3.95 3.93 48.87
N PHE A 71 4.42 2.71 48.63
CA PHE A 71 3.78 1.78 47.71
C PHE A 71 3.62 0.40 48.32
N THR A 72 2.65 -0.36 47.82
CA THR A 72 2.26 -1.62 48.44
C THR A 72 1.81 -2.67 47.43
N LEU A 73 2.35 -3.88 47.59
CA LEU A 73 1.92 -5.05 46.84
C LEU A 73 1.19 -5.99 47.78
N THR A 74 0.03 -6.46 47.35
CA THR A 74 -0.78 -7.42 48.11
C THR A 74 -0.99 -8.71 47.32
N ILE A 75 -0.88 -9.84 48.00
CA ILE A 75 -1.30 -11.13 47.44
C ILE A 75 -2.46 -11.62 48.30
N SER A 76 -3.67 -11.46 47.77
CA SER A 76 -4.90 -11.71 48.55
C SER A 76 -4.98 -13.14 49.11
N SER A 77 -4.70 -14.13 48.25
CA SER A 77 -4.69 -15.53 48.68
C SER A 77 -3.48 -16.23 48.13
N LEU A 78 -2.49 -16.45 49.00
CA LEU A 78 -1.19 -17.00 48.57
C LEU A 78 -1.28 -18.43 48.01
N GLN A 79 -0.79 -18.59 46.78
CA GLN A 79 -0.77 -19.88 46.08
C GLN A 79 0.60 -20.54 46.22
N PRO A 80 0.66 -21.88 46.13
CA PRO A 80 1.94 -22.60 46.16
C PRO A 80 3.05 -21.91 45.36
N GLU A 81 2.75 -21.65 44.08
CA GLU A 81 3.75 -21.17 43.14
C GLU A 81 4.04 -19.66 43.29
N ASP A 82 3.63 -19.08 44.43
CA ASP A 82 3.85 -17.67 44.69
C ASP A 82 5.12 -17.38 45.51
N PHE A 83 5.81 -18.42 45.98
CA PHE A 83 7.10 -18.21 46.65
C PHE A 83 8.14 -17.79 45.62
N ALA A 84 8.67 -16.59 45.82
CA ALA A 84 9.70 -16.03 44.95
C ALA A 84 10.38 -14.87 45.68
N THR A 85 11.18 -14.07 44.95
CA THR A 85 11.59 -12.77 45.45
C THR A 85 10.86 -11.67 44.68
N TYR A 86 10.20 -10.77 45.42
CA TYR A 86 9.47 -9.67 44.82
C TYR A 86 10.24 -8.36 44.87
N TYR A 87 10.18 -7.60 43.77
CA TYR A 87 10.91 -6.35 43.63
C TYR A 87 9.97 -5.25 43.18
N CYS A 88 10.01 -4.11 43.87
CA CYS A 88 9.40 -2.92 43.33
C CYS A 88 10.42 -2.23 42.45
N GLN A 89 9.95 -1.29 41.63
CA GLN A 89 10.86 -0.54 40.77
C GLN A 89 10.24 0.79 40.42
N GLN A 90 11.05 1.84 40.52
CA GLN A 90 10.66 3.20 40.17
C GLN A 90 10.96 3.43 38.68
N SER A 91 10.00 4.03 38.00
CA SER A 91 10.06 4.20 36.55
C SER A 91 9.91 5.66 36.15
N TYR A 92 9.88 6.55 37.15
CA TYR A 92 9.57 7.95 36.96
C TYR A 92 10.74 8.72 36.35
N THR A 93 11.98 8.36 36.72
CA THR A 93 13.19 8.96 36.15
C THR A 93 14.21 7.95 35.73
N THR A 94 15.15 8.42 34.91
CA THR A 94 16.33 7.69 34.52
C THR A 94 17.39 7.98 35.56
N PRO A 95 18.10 6.98 36.05
CA PRO A 95 17.85 5.56 35.74
C PRO A 95 16.76 4.93 36.61
N PRO A 96 16.11 3.89 36.10
CA PRO A 96 15.10 3.18 36.90
C PRO A 96 15.84 2.41 38.00
N THR A 97 15.30 2.42 39.20
CA THR A 97 15.93 1.73 40.32
C THR A 97 14.97 0.76 40.97
N PHE A 98 15.53 -0.35 41.44
CA PHE A 98 14.78 -1.43 42.07
C PHE A 98 14.95 -1.39 43.59
N GLY A 99 13.94 -1.91 44.29
CA GLY A 99 14.07 -2.22 45.70
C GLY A 99 15.04 -3.38 45.90
N GLN A 100 15.40 -3.67 47.16
CA GLN A 100 16.37 -4.71 47.45
C GLN A 100 15.80 -6.14 47.33
N GLY A 101 14.48 -6.25 47.35
CA GLY A 101 13.81 -7.52 47.17
C GLY A 101 13.22 -8.06 48.44
N THR A 102 12.11 -8.78 48.31
CA THR A 102 11.46 -9.42 49.44
C THR A 102 11.27 -10.89 49.15
N LYS A 103 12.02 -11.74 49.85
CA LYS A 103 11.94 -13.18 49.67
C LYS A 103 10.73 -13.72 50.42
N VAL A 104 9.73 -14.19 49.69
CA VAL A 104 8.54 -14.78 50.31
C VAL A 104 8.74 -16.29 50.49
N GLU A 105 8.92 -16.69 51.76
CA GLU A 105 9.11 -18.09 52.12
C GLU A 105 7.80 -18.72 52.60
N ILE A 106 7.70 -20.03 52.45
CA ILE A 106 6.50 -20.76 52.80
C ILE A 106 6.63 -21.38 54.20
N LYS A 107 5.71 -20.98 55.07
CA LYS A 107 5.65 -21.40 56.47
C LYS A 107 4.97 -22.75 56.60
N ARG A 108 5.61 -23.67 57.31
CA ARG A 108 5.04 -24.99 57.53
C ARG A 108 5.42 -25.49 58.92
N THR A 109 5.06 -26.73 59.23
CA THR A 109 5.37 -27.29 60.54
C THR A 109 6.79 -27.79 60.59
N VAL A 110 7.39 -27.67 61.76
CA VAL A 110 8.72 -28.18 62.06
C VAL A 110 8.85 -29.65 61.61
N ALA A 111 9.89 -29.93 60.84
CA ALA A 111 10.22 -31.28 60.43
C ALA A 111 11.70 -31.56 60.66
N ALA A 112 11.99 -32.73 61.24
CA ALA A 112 13.34 -33.13 61.63
C ALA A 112 14.15 -33.59 60.43
N PRO A 113 15.46 -33.32 60.44
CA PRO A 113 16.35 -33.78 59.37
C PRO A 113 16.82 -35.21 59.57
N SER A 114 16.78 -36.02 58.52
CA SER A 114 17.48 -37.32 58.51
C SER A 114 18.95 -37.05 58.24
N VAL A 115 19.82 -37.52 59.12
CA VAL A 115 21.27 -37.26 59.00
C VAL A 115 22.02 -38.45 58.38
N PHE A 116 22.96 -38.14 57.50
CA PHE A 116 23.78 -39.13 56.82
C PHE A 116 25.22 -38.65 56.79
N ILE A 117 26.15 -39.54 57.14
CA ILE A 117 27.57 -39.22 57.06
C ILE A 117 28.26 -40.03 55.95
N PHE A 118 28.98 -39.33 55.08
CA PHE A 118 29.69 -39.94 53.95
C PHE A 118 31.20 -39.79 54.06
N PRO A 119 31.90 -40.93 54.14
CA PRO A 119 33.37 -40.92 54.19
C PRO A 119 33.99 -40.49 52.85
N PRO A 120 35.26 -40.09 52.85
CA PRO A 120 35.99 -39.83 51.59
C PRO A 120 36.11 -41.09 50.75
N SER A 121 35.96 -40.97 49.44
CA SER A 121 36.10 -42.10 48.52
C SER A 121 37.55 -42.56 48.42
N ASP A 122 37.74 -43.87 48.31
CA ASP A 122 39.07 -44.44 48.06
C ASP A 122 39.70 -43.82 46.81
N GLU A 123 38.85 -43.32 45.91
CA GLU A 123 39.27 -42.63 44.71
C GLU A 123 39.82 -41.23 44.99
N GLN A 124 39.17 -40.49 45.89
CA GLN A 124 39.59 -39.14 46.24
C GLN A 124 40.90 -39.12 47.02
N LEU A 125 41.02 -40.05 47.96
CA LEU A 125 42.23 -40.20 48.79
C LEU A 125 43.52 -40.27 47.96
N LYS A 126 43.42 -40.82 46.76
CA LYS A 126 44.57 -40.97 45.86
C LYS A 126 45.03 -39.64 45.28
N SER A 127 44.34 -38.55 45.63
CA SER A 127 44.73 -37.21 45.17
C SER A 127 45.32 -36.34 46.28
N GLY A 128 45.38 -36.88 47.50
CA GLY A 128 45.98 -36.18 48.63
C GLY A 128 45.04 -35.33 49.46
N THR A 129 43.78 -35.22 49.01
CA THR A 129 42.76 -34.45 49.71
C THR A 129 41.63 -35.37 50.14
N ALA A 130 40.98 -35.03 51.25
CA ALA A 130 39.88 -35.83 51.79
C ALA A 130 38.65 -34.98 52.13
N SER A 131 37.53 -35.27 51.46
CA SER A 131 36.26 -34.59 51.73
C SER A 131 35.29 -35.52 52.48
N VAL A 132 34.84 -35.07 53.65
CA VAL A 132 33.84 -35.79 54.43
C VAL A 132 32.54 -34.99 54.37
N VAL A 133 31.45 -35.65 54.00
CA VAL A 133 30.18 -34.95 53.80
C VAL A 133 29.12 -35.38 54.80
N CYS A 134 28.47 -34.37 55.38
CA CYS A 134 27.34 -34.57 56.27
C CYS A 134 26.07 -33.99 55.65
N LEU A 135 25.04 -34.80 55.58
CA LEU A 135 23.77 -34.44 54.92
C LEU A 135 22.66 -34.24 55.93
N LEU A 136 21.92 -33.14 55.79
CA LEU A 136 20.70 -32.94 56.56
C LEU A 136 19.56 -32.94 55.56
N ASN A 137 18.72 -33.95 55.62
CA ASN A 137 17.69 -34.11 54.61
C ASN A 137 16.29 -33.72 55.06
N ASN A 138 15.63 -32.91 54.22
CA ASN A 138 14.22 -32.58 54.34
C ASN A 138 13.77 -32.07 55.72
N PHE A 139 14.15 -30.83 56.04
CA PHE A 139 13.87 -30.23 57.36
C PHE A 139 13.30 -28.81 57.28
N TYR A 140 12.86 -28.31 58.44
CA TYR A 140 12.28 -26.95 58.60
C TYR A 140 12.18 -26.62 60.10
N PRO A 141 12.54 -25.40 60.53
CA PRO A 141 12.95 -24.29 59.66
C PRO A 141 14.36 -24.45 59.12
N ARG A 142 14.82 -23.45 58.37
CA ARG A 142 16.15 -23.43 57.75
C ARG A 142 17.29 -23.50 58.78
N GLU A 143 17.16 -22.75 59.87
CA GLU A 143 18.19 -22.62 60.89
C GLU A 143 18.61 -23.98 61.43
N ALA A 144 19.92 -24.23 61.40
CA ALA A 144 20.49 -25.47 61.93
C ALA A 144 21.91 -25.24 62.45
N LYS A 145 22.41 -26.20 63.23
CA LYS A 145 23.77 -26.12 63.76
C LYS A 145 24.48 -27.45 63.58
N VAL A 146 25.41 -27.50 62.62
CA VAL A 146 26.19 -28.71 62.34
C VAL A 146 27.60 -28.54 62.90
N GLN A 147 28.02 -29.53 63.71
CA GLN A 147 29.33 -29.56 64.38
C GLN A 147 30.19 -30.72 63.90
N TRP A 148 31.46 -30.44 63.63
CA TRP A 148 32.40 -31.48 63.22
C TRP A 148 33.30 -31.91 64.38
N LYS A 149 33.03 -33.09 64.92
CA LYS A 149 33.91 -33.72 65.88
C LYS A 149 34.88 -34.65 65.15
N VAL A 150 36.18 -34.45 65.37
CA VAL A 150 37.23 -35.30 64.82
C VAL A 150 38.10 -35.76 65.98
N ASP A 151 38.02 -37.05 66.29
CA ASP A 151 38.62 -37.60 67.51
C ASP A 151 38.28 -36.69 68.70
N ASN A 152 36.99 -36.41 68.89
CA ASN A 152 36.47 -35.61 70.01
C ASN A 152 36.94 -34.13 70.03
N ALA A 153 37.27 -33.59 68.85
CA ALA A 153 37.73 -32.20 68.76
C ALA A 153 36.83 -31.37 67.84
N LEU A 154 36.44 -30.18 68.33
CA LEU A 154 35.69 -29.22 67.52
C LEU A 154 36.56 -28.66 66.40
N GLN A 155 35.92 -28.22 65.32
CA GLN A 155 36.64 -27.68 64.16
C GLN A 155 36.27 -26.22 63.91
N SER A 156 37.18 -25.48 63.29
CA SER A 156 37.00 -24.04 63.04
C SER A 156 37.62 -23.55 61.73
N GLY A 157 36.76 -23.18 60.78
CA GLY A 157 37.16 -22.58 59.51
C GLY A 157 37.80 -23.55 58.54
N ASN A 158 37.20 -24.72 58.38
CA ASN A 158 37.71 -25.75 57.47
C ASN A 158 36.59 -26.67 56.97
N SER A 159 35.36 -26.30 57.29
CA SER A 159 34.18 -26.94 56.73
C SER A 159 33.32 -25.88 56.06
N GLN A 160 32.48 -26.31 55.14
CA GLN A 160 31.60 -25.39 54.41
C GLN A 160 30.23 -25.98 54.21
N GLU A 161 29.21 -25.15 54.36
CA GLU A 161 27.84 -25.61 54.23
C GLU A 161 27.17 -25.11 52.96
N SER A 162 26.26 -25.91 52.41
CA SER A 162 25.37 -25.45 51.36
C SER A 162 23.94 -25.83 51.69
N VAL A 163 23.00 -24.94 51.35
CA VAL A 163 21.59 -25.18 51.63
C VAL A 163 20.76 -25.13 50.37
N THR A 164 19.94 -26.16 50.22
CA THR A 164 18.98 -26.26 49.13
C THR A 164 17.92 -25.13 49.17
N GLU A 165 17.36 -24.81 48.00
CA GLU A 165 16.18 -23.96 47.88
C GLU A 165 14.98 -24.70 48.48
N GLN A 166 13.92 -23.99 48.84
CA GLN A 166 12.75 -24.64 49.42
C GLN A 166 12.09 -25.65 48.47
N ASP A 167 11.83 -26.86 48.98
CA ASP A 167 11.35 -27.99 48.18
C ASP A 167 10.00 -27.76 47.51
N SER A 168 9.80 -28.43 46.37
CA SER A 168 8.57 -28.30 45.57
C SER A 168 7.36 -28.93 46.26
N LYS A 169 7.54 -30.17 46.69
CA LYS A 169 6.44 -30.98 47.24
C LYS A 169 6.13 -30.68 48.71
N ASP A 170 7.17 -30.70 49.55
CA ASP A 170 6.98 -30.61 51.00
C ASP A 170 7.58 -29.35 51.67
N SER A 171 8.07 -28.43 50.85
CA SER A 171 8.59 -27.13 51.32
C SER A 171 9.68 -27.22 52.40
N THR A 172 10.42 -28.32 52.40
CA THR A 172 11.54 -28.48 53.32
C THR A 172 12.82 -27.95 52.72
N TYR A 173 13.82 -27.72 53.57
CA TYR A 173 15.17 -27.44 53.13
C TYR A 173 16.01 -28.71 53.19
N SER A 174 17.20 -28.68 52.62
CA SER A 174 18.19 -29.72 52.85
C SER A 174 19.56 -29.06 52.92
N LEU A 175 20.48 -29.66 53.68
CA LEU A 175 21.77 -29.05 53.93
C LEU A 175 22.92 -30.05 53.81
N SER A 176 23.99 -29.62 53.15
CA SER A 176 25.24 -30.36 53.15
C SER A 176 26.29 -29.60 53.95
N SER A 177 26.98 -30.31 54.84
CA SER A 177 28.22 -29.81 55.45
C SER A 177 29.41 -30.66 54.99
N THR A 178 30.42 -30.00 54.45
CA THR A 178 31.57 -30.68 53.86
C THR A 178 32.86 -30.34 54.60
N LEU A 179 33.47 -31.35 55.24
CA LEU A 179 34.75 -31.18 55.92
C LEU A 179 35.91 -31.61 55.04
N THR A 180 36.87 -30.70 54.88
CA THR A 180 37.99 -30.88 53.96
C THR A 180 39.33 -30.84 54.69
N LEU A 181 40.09 -31.93 54.60
CA LEU A 181 41.44 -32.00 55.14
C LEU A 181 42.41 -32.61 54.12
N SER A 182 43.66 -32.79 54.54
CA SER A 182 44.65 -33.48 53.72
C SER A 182 44.59 -34.98 54.00
N LYS A 183 45.19 -35.77 53.11
CA LYS A 183 45.21 -37.23 53.25
C LYS A 183 46.01 -37.67 54.48
N ALA A 184 47.23 -37.15 54.61
CA ALA A 184 48.10 -37.47 55.74
C ALA A 184 47.50 -37.05 57.09
N ASP A 185 46.61 -36.05 57.05
CA ASP A 185 45.91 -35.57 58.24
C ASP A 185 44.62 -36.36 58.50
N TYR A 186 44.02 -36.86 57.43
CA TYR A 186 42.84 -37.72 57.55
C TYR A 186 43.24 -39.12 58.02
N GLU A 187 44.40 -39.57 57.58
CA GLU A 187 44.87 -40.91 57.91
C GLU A 187 45.26 -41.05 59.39
N LYS A 188 45.75 -39.97 59.99
CA LYS A 188 46.24 -40.01 61.37
C LYS A 188 45.16 -39.81 62.45
N HIS A 189 43.89 -39.82 62.02
CA HIS A 189 42.75 -39.70 62.93
C HIS A 189 41.71 -40.81 62.71
N LYS A 190 40.85 -41.04 63.70
CA LYS A 190 39.99 -42.22 63.70
C LYS A 190 38.48 -41.92 63.63
N VAL A 191 37.94 -41.36 64.72
CA VAL A 191 36.51 -41.09 64.85
C VAL A 191 36.13 -39.81 64.10
N TYR A 192 35.21 -39.95 63.15
CA TYR A 192 34.68 -38.81 62.41
C TYR A 192 33.20 -38.69 62.70
N ALA A 193 32.85 -37.61 63.40
CA ALA A 193 31.48 -37.40 63.85
C ALA A 193 30.92 -36.06 63.37
N CYS A 194 29.68 -36.11 62.92
CA CYS A 194 28.93 -34.91 62.55
C CYS A 194 27.80 -34.73 63.55
N GLU A 195 27.88 -33.67 64.35
CA GLU A 195 26.85 -33.38 65.36
C GLU A 195 25.85 -32.33 64.88
N VAL A 196 24.56 -32.68 64.93
CA VAL A 196 23.51 -31.85 64.38
C VAL A 196 22.56 -31.34 65.47
N THR A 197 22.42 -30.02 65.57
CA THR A 197 21.41 -29.39 66.43
C THR A 197 20.32 -28.74 65.56
N HIS A 198 19.05 -29.07 65.85
CA HIS A 198 17.90 -28.57 65.09
C HIS A 198 16.66 -28.59 65.96
N GLN A 199 15.74 -27.68 65.68
CA GLN A 199 14.51 -27.51 66.47
C GLN A 199 13.59 -28.74 66.45
N GLY A 200 13.55 -29.45 65.32
CA GLY A 200 12.75 -30.65 65.16
C GLY A 200 13.30 -31.88 65.87
N LEU A 201 14.54 -31.75 66.35
CA LEU A 201 15.22 -32.81 67.09
C LEU A 201 15.07 -32.65 68.59
N SER A 202 14.75 -33.75 69.26
CA SER A 202 14.60 -33.77 70.71
C SER A 202 15.95 -33.62 71.40
N SER A 203 16.99 -34.17 70.79
CA SER A 203 18.35 -34.11 71.31
C SER A 203 19.34 -34.17 70.15
N PRO A 204 20.37 -33.31 70.17
CA PRO A 204 21.36 -33.22 69.08
C PRO A 204 21.86 -34.58 68.57
N VAL A 205 21.76 -34.80 67.26
CA VAL A 205 22.05 -36.12 66.66
C VAL A 205 23.45 -36.20 66.02
N THR A 206 24.23 -37.20 66.47
CA THR A 206 25.58 -37.45 65.97
C THR A 206 25.61 -38.64 65.02
N LYS A 207 26.11 -38.41 63.80
CA LYS A 207 26.32 -39.50 62.84
C LYS A 207 27.79 -39.65 62.52
N SER A 208 28.33 -40.83 62.80
CA SER A 208 29.77 -41.06 62.68
C SER A 208 30.11 -42.31 61.88
N PHE A 209 31.41 -42.62 61.81
CA PHE A 209 31.89 -43.89 61.27
C PHE A 209 33.32 -44.20 61.76
N ASN A 210 33.75 -45.45 61.57
CA ASN A 210 35.10 -45.86 61.93
C ASN A 210 36.02 -46.01 60.73
N ARG A 211 37.19 -45.38 60.81
CA ARG A 211 38.19 -45.46 59.75
C ARG A 211 38.91 -46.80 59.76
N GLU B 1 5.02 -13.36 18.48
CA GLU B 1 5.99 -14.12 19.34
C GLU B 1 7.13 -13.22 19.81
N VAL B 2 6.82 -12.30 20.73
CA VAL B 2 7.79 -11.35 21.28
C VAL B 2 8.73 -11.99 22.32
N GLN B 3 10.04 -11.80 22.13
CA GLN B 3 11.05 -12.34 23.03
C GLN B 3 12.40 -11.64 22.90
N LEU B 4 13.18 -11.74 23.98
CA LEU B 4 14.52 -11.18 24.07
C LEU B 4 15.47 -12.33 24.40
N VAL B 5 16.40 -12.64 23.50
CA VAL B 5 17.34 -13.76 23.71
C VAL B 5 18.76 -13.25 23.76
N GLU B 6 19.45 -13.51 24.87
CA GLU B 6 20.84 -13.06 25.04
C GLU B 6 21.84 -14.17 24.83
N SER B 7 23.11 -13.78 24.69
CA SER B 7 24.23 -14.69 24.64
C SER B 7 25.50 -13.88 24.80
N GLY B 8 26.62 -14.57 25.00
CA GLY B 8 27.91 -13.91 25.10
C GLY B 8 28.57 -13.91 26.46
N GLY B 9 27.88 -14.38 27.48
CA GLY B 9 28.49 -14.46 28.80
C GLY B 9 29.57 -15.52 28.86
N GLY B 10 30.48 -15.39 29.83
CA GLY B 10 31.53 -16.38 30.00
C GLY B 10 32.60 -15.86 30.94
N LEU B 11 33.76 -16.52 30.89
CA LEU B 11 34.88 -16.20 31.74
C LEU B 11 35.79 -15.21 31.06
N VAL B 12 36.16 -14.15 31.76
CA VAL B 12 37.19 -13.24 31.28
C VAL B 12 38.15 -12.92 32.40
N GLN B 13 39.37 -12.59 32.02
CA GLN B 13 40.35 -12.11 32.98
C GLN B 13 40.04 -10.67 33.39
N PRO B 14 40.45 -10.25 34.59
CA PRO B 14 40.34 -8.86 35.02
C PRO B 14 41.09 -7.98 34.05
N GLY B 15 40.46 -6.89 33.62
CA GLY B 15 41.02 -6.04 32.60
C GLY B 15 40.65 -6.49 31.20
N GLY B 16 40.05 -7.68 31.08
CA GLY B 16 39.65 -8.18 29.79
C GLY B 16 38.39 -7.53 29.25
N SER B 17 37.83 -8.14 28.21
CA SER B 17 36.72 -7.60 27.42
C SER B 17 35.71 -8.69 27.06
N LEU B 18 34.44 -8.30 26.96
CA LEU B 18 33.36 -9.23 26.61
C LEU B 18 32.26 -8.45 25.94
N ARG B 19 31.60 -9.05 24.97
CA ARG B 19 30.40 -8.44 24.43
C ARG B 19 29.17 -9.33 24.57
N LEU B 20 28.17 -8.79 25.24
CA LEU B 20 26.89 -9.48 25.41
C LEU B 20 25.91 -8.99 24.34
N SER B 21 25.15 -9.92 23.77
CA SER B 21 24.16 -9.51 22.79
C SER B 21 22.74 -9.86 23.24
N CYS B 22 21.76 -9.13 22.70
CA CYS B 22 20.37 -9.24 23.11
C CYS B 22 19.47 -9.19 21.88
N ALA B 23 19.14 -10.36 21.34
CA ALA B 23 18.36 -10.44 20.11
C ALA B 23 16.85 -10.33 20.34
N ALA B 24 16.21 -9.35 19.72
CA ALA B 24 14.76 -9.20 19.80
C ALA B 24 14.09 -10.01 18.70
N SER B 25 12.96 -10.64 19.02
CA SER B 25 12.11 -11.28 18.01
C SER B 25 10.70 -10.70 18.08
N GLY B 26 10.11 -10.45 16.93
CA GLY B 26 8.70 -10.05 16.88
C GLY B 26 8.37 -8.64 17.34
N PHE B 27 9.39 -7.79 17.41
CA PHE B 27 9.23 -6.35 17.60
C PHE B 27 10.57 -5.71 17.20
N THR B 28 10.58 -4.39 17.00
CA THR B 28 11.77 -3.69 16.54
C THR B 28 12.53 -3.09 17.74
N ILE B 29 13.76 -3.53 18.01
CA ILE B 29 14.49 -3.04 19.19
C ILE B 29 14.49 -1.52 19.20
N SER B 30 14.56 -0.92 18.02
CA SER B 30 14.80 0.52 17.91
C SER B 30 13.59 1.36 18.30
N ASP B 31 12.47 0.69 18.56
CA ASP B 31 11.23 1.33 19.03
C ASP B 31 11.22 1.45 20.55
N TYR B 32 12.19 0.85 21.22
CA TYR B 32 12.21 0.77 22.69
C TYR B 32 13.54 1.17 23.25
N TRP B 33 13.58 1.60 24.52
CA TRP B 33 14.84 1.60 25.24
C TRP B 33 15.20 0.13 25.38
N ILE B 34 16.49 -0.15 25.41
CA ILE B 34 16.98 -1.40 25.99
C ILE B 34 17.81 -1.03 27.22
N HIS B 35 17.52 -1.69 28.34
CA HIS B 35 18.30 -1.55 29.57
C HIS B 35 19.07 -2.84 29.82
N TRP B 36 20.29 -2.73 30.33
CA TRP B 36 20.97 -3.89 30.89
C TRP B 36 20.90 -3.77 32.39
N VAL B 37 20.51 -4.86 33.05
CA VAL B 37 20.35 -4.91 34.50
C VAL B 37 21.07 -6.16 34.92
N ARG B 38 21.86 -6.06 36.00
CA ARG B 38 22.69 -7.18 36.42
C ARG B 38 22.40 -7.65 37.83
N GLN B 39 22.75 -8.89 38.11
CA GLN B 39 22.45 -9.50 39.41
C GLN B 39 23.64 -10.31 39.89
N ALA B 40 24.45 -9.68 40.73
CA ALA B 40 25.58 -10.36 41.33
C ALA B 40 25.05 -11.50 42.19
N PRO B 41 25.78 -12.62 42.17
CA PRO B 41 25.35 -13.84 42.88
C PRO B 41 24.78 -13.53 44.28
N GLY B 42 23.50 -13.84 44.48
CA GLY B 42 22.86 -13.60 45.76
C GLY B 42 22.32 -12.19 46.00
N LYS B 43 22.70 -11.23 45.15
CA LYS B 43 22.37 -9.82 45.37
C LYS B 43 21.08 -9.38 44.66
N GLY B 44 20.76 -8.09 44.71
CA GLY B 44 19.56 -7.57 44.07
C GLY B 44 19.71 -7.31 42.57
N LEU B 45 18.89 -6.40 42.02
CA LEU B 45 18.94 -6.02 40.61
C LEU B 45 19.54 -4.62 40.43
N GLU B 46 20.71 -4.54 39.81
CA GLU B 46 21.39 -3.26 39.56
C GLU B 46 21.33 -2.82 38.09
N TRP B 47 20.65 -1.72 37.80
CA TRP B 47 20.68 -1.14 36.45
C TRP B 47 22.10 -0.73 36.08
N VAL B 48 22.49 -0.98 34.84
CA VAL B 48 23.87 -0.79 34.39
C VAL B 48 23.96 0.24 33.27
N ALA B 49 23.08 0.11 32.28
CA ALA B 49 23.12 0.94 31.08
C ALA B 49 21.79 0.95 30.36
N GLY B 50 21.53 2.03 29.64
CA GLY B 50 20.31 2.17 28.87
C GLY B 50 20.60 2.91 27.58
N ILE B 51 19.95 2.45 26.50
CA ILE B 51 19.98 3.15 25.23
C ILE B 51 18.56 3.50 24.85
N THR B 52 18.41 4.67 24.28
CA THR B 52 17.13 5.30 23.98
C THR B 52 16.49 4.77 22.68
N PRO B 53 15.19 4.96 22.44
CA PRO B 53 14.61 4.60 21.14
C PRO B 53 15.35 5.28 20.00
N ALA B 54 15.50 4.59 18.87
CA ALA B 54 16.20 5.13 17.70
C ALA B 54 17.70 5.36 17.90
N GLY B 55 18.22 5.05 19.09
CA GLY B 55 19.63 5.29 19.40
C GLY B 55 19.94 6.75 19.62
N GLY B 56 18.97 7.48 20.19
CA GLY B 56 19.10 8.90 20.41
C GLY B 56 20.09 9.28 21.50
N TYR B 57 20.13 8.49 22.56
CA TYR B 57 20.97 8.80 23.72
C TYR B 57 21.32 7.54 24.51
N THR B 58 22.26 7.71 25.42
CA THR B 58 22.89 6.60 26.09
C THR B 58 23.23 6.98 27.54
N TYR B 59 22.93 6.10 28.48
CA TYR B 59 23.17 6.36 29.90
C TYR B 59 23.81 5.17 30.57
N TYR B 60 24.67 5.45 31.56
CA TYR B 60 25.42 4.43 32.30
C TYR B 60 25.43 4.67 33.80
N ALA B 61 25.42 3.59 34.57
CA ALA B 61 25.67 3.67 36.01
C ALA B 61 27.13 4.12 36.25
N ASP B 62 27.39 4.81 37.35
CA ASP B 62 28.72 5.33 37.65
C ASP B 62 29.74 4.24 37.83
N SER B 63 29.30 3.03 38.18
CA SER B 63 30.20 1.92 38.46
C SER B 63 30.76 1.31 37.18
N VAL B 64 30.27 1.82 36.06
CA VAL B 64 30.41 1.16 34.77
C VAL B 64 30.76 2.19 33.67
N LYS B 65 30.48 3.46 33.95
CA LYS B 65 30.75 4.58 33.05
C LYS B 65 32.20 4.62 32.61
N GLY B 66 32.42 4.80 31.31
CA GLY B 66 33.76 4.87 30.75
C GLY B 66 34.41 3.52 30.49
N ARG B 67 33.72 2.46 30.89
CA ARG B 67 34.21 1.07 30.71
C ARG B 67 33.31 0.27 29.78
N PHE B 68 31.99 0.54 29.84
CA PHE B 68 31.01 -0.20 29.07
C PHE B 68 30.41 0.69 28.01
N THR B 69 30.03 0.10 26.88
CA THR B 69 29.27 0.79 25.85
C THR B 69 28.00 0.00 25.60
N ILE B 70 26.89 0.72 25.53
CA ILE B 70 25.64 0.12 25.06
C ILE B 70 25.36 0.60 23.63
N SER B 71 25.02 -0.34 22.75
CA SER B 71 24.38 0.00 21.47
C SER B 71 23.55 -1.13 20.90
N ALA B 72 23.36 -1.08 19.59
CA ALA B 72 22.57 -2.06 18.88
C ALA B 72 22.93 -2.00 17.41
N ASP B 73 22.65 -3.09 16.71
CA ASP B 73 22.76 -3.15 15.28
C ASP B 73 21.37 -3.44 14.79
N THR B 74 20.73 -2.43 14.20
CA THR B 74 19.34 -2.55 13.82
C THR B 74 19.09 -3.57 12.71
N SER B 75 20.05 -3.73 11.80
CA SER B 75 19.87 -4.69 10.74
C SER B 75 19.82 -6.10 11.33
N LYS B 76 20.38 -6.24 12.53
CA LYS B 76 20.41 -7.51 13.25
C LYS B 76 19.32 -7.56 14.32
N ASN B 77 18.57 -6.47 14.47
CA ASN B 77 17.56 -6.34 15.54
C ASN B 77 18.10 -6.80 16.90
N THR B 78 19.34 -6.43 17.19
CA THR B 78 20.04 -6.94 18.35
C THR B 78 20.72 -5.80 19.10
N ALA B 79 20.55 -5.75 20.41
CA ALA B 79 21.25 -4.79 21.26
C ALA B 79 22.50 -5.43 21.85
N TYR B 80 23.45 -4.59 22.27
CA TYR B 80 24.75 -5.04 22.79
C TYR B 80 25.18 -4.28 24.03
N LEU B 81 25.89 -4.99 24.90
CA LEU B 81 26.68 -4.37 25.96
C LEU B 81 28.14 -4.76 25.73
N GLN B 82 28.97 -3.79 25.34
CA GLN B 82 30.37 -4.06 25.22
C GLN B 82 31.04 -3.71 26.55
N MET B 83 31.70 -4.70 27.13
CA MET B 83 32.31 -4.57 28.43
C MET B 83 33.81 -4.58 28.32
N ASN B 84 34.43 -3.44 28.60
CA ASN B 84 35.89 -3.33 28.66
C ASN B 84 36.40 -3.12 30.10
N SER B 85 37.71 -3.32 30.31
CA SER B 85 38.34 -3.12 31.62
C SER B 85 37.55 -3.76 32.77
N LEU B 86 37.08 -5.00 32.56
CA LEU B 86 36.25 -5.72 33.53
C LEU B 86 36.96 -5.99 34.83
N ARG B 87 36.23 -5.90 35.93
CA ARG B 87 36.78 -6.22 37.24
C ARG B 87 35.98 -7.31 37.91
N ALA B 88 36.61 -7.98 38.87
CA ALA B 88 35.95 -8.98 39.71
C ALA B 88 34.51 -8.61 40.03
N GLU B 89 34.28 -7.40 40.51
CA GLU B 89 32.95 -6.97 40.95
C GLU B 89 31.93 -6.82 39.83
N ASP B 90 32.32 -7.08 38.59
CA ASP B 90 31.38 -7.09 37.47
C ASP B 90 30.74 -8.46 37.29
N THR B 91 31.23 -9.45 38.03
CA THR B 91 30.66 -10.79 38.00
C THR B 91 29.21 -10.74 38.47
N ALA B 92 28.32 -11.12 37.56
CA ALA B 92 26.88 -11.09 37.79
C ALA B 92 26.21 -11.82 36.64
N VAL B 93 24.93 -12.12 36.81
CA VAL B 93 24.11 -12.46 35.66
C VAL B 93 23.61 -11.15 35.08
N TYR B 94 23.67 -11.04 33.74
CA TYR B 94 23.28 -9.83 33.05
C TYR B 94 22.00 -10.04 32.25
N TYR B 95 21.03 -9.15 32.47
CA TYR B 95 19.73 -9.21 31.79
C TYR B 95 19.58 -8.02 30.86
N CYS B 96 18.93 -8.22 29.72
CA CYS B 96 18.43 -7.08 28.98
C CYS B 96 16.93 -7.06 29.12
N ALA B 97 16.35 -5.86 29.07
CA ALA B 97 14.91 -5.64 29.22
C ALA B 97 14.49 -4.44 28.40
N ARG B 98 13.31 -4.51 27.78
CA ARG B 98 12.83 -3.38 26.98
C ARG B 98 11.99 -2.47 27.85
N PHE B 99 11.87 -1.21 27.42
CA PHE B 99 11.19 -0.20 28.20
C PHE B 99 10.89 1.02 27.33
N VAL B 100 9.80 1.69 27.65
CA VAL B 100 9.41 2.90 26.96
C VAL B 100 8.64 3.72 28.01
N PHE B 101 8.59 5.05 27.88
CA PHE B 101 7.77 5.83 28.80
C PHE B 101 6.27 5.82 28.50
N PHE B 102 5.90 5.17 27.40
CA PHE B 102 4.49 4.85 27.09
C PHE B 102 4.08 3.70 27.98
N LEU B 103 2.77 3.55 28.18
CA LEU B 103 2.26 2.50 29.05
C LEU B 103 2.80 1.16 28.55
N PRO B 104 3.17 0.22 29.44
CA PRO B 104 3.06 0.32 30.89
C PRO B 104 4.26 0.99 31.61
N TYR B 105 5.14 1.64 30.87
CA TYR B 105 6.41 2.16 31.43
C TYR B 105 6.98 1.29 32.56
N ALA B 106 7.17 0.02 32.26
CA ALA B 106 7.78 -0.95 33.16
C ALA B 106 8.48 -1.92 32.25
N MET B 107 9.29 -2.81 32.82
CA MET B 107 10.08 -3.73 32.00
C MET B 107 9.29 -5.02 31.79
N ASP B 108 8.56 -5.04 30.67
CA ASP B 108 7.61 -6.11 30.38
C ASP B 108 8.25 -7.36 29.80
N TYR B 109 9.23 -7.20 28.90
CA TYR B 109 9.94 -8.34 28.31
C TYR B 109 11.42 -8.33 28.68
N TRP B 110 11.92 -9.48 29.13
CA TRP B 110 13.31 -9.65 29.57
C TRP B 110 14.05 -10.76 28.82
N GLY B 111 15.37 -10.62 28.69
CA GLY B 111 16.21 -11.74 28.28
C GLY B 111 16.40 -12.72 29.43
N GLN B 112 16.88 -13.92 29.13
CA GLN B 112 17.07 -14.95 30.16
C GLN B 112 18.28 -14.76 31.08
N GLY B 113 19.24 -13.93 30.67
CA GLY B 113 20.47 -13.74 31.44
C GLY B 113 21.63 -14.54 30.87
N THR B 114 22.85 -14.01 31.02
CA THR B 114 24.07 -14.79 30.84
C THR B 114 24.98 -14.48 32.00
N LEU B 115 25.74 -15.51 32.39
CA LEU B 115 26.72 -15.41 33.45
C LEU B 115 27.97 -14.76 32.90
N VAL B 116 28.38 -13.65 33.51
CA VAL B 116 29.69 -13.14 33.23
C VAL B 116 30.51 -13.35 34.48
N THR B 117 31.57 -14.13 34.37
CA THR B 117 32.46 -14.26 35.52
C THR B 117 33.86 -13.72 35.21
N VAL B 118 34.31 -12.84 36.09
CA VAL B 118 35.57 -12.15 35.90
C VAL B 118 36.55 -12.67 36.93
N SER B 119 37.55 -13.40 36.44
CA SER B 119 38.48 -14.07 37.33
C SER B 119 39.83 -14.26 36.67
N SER B 120 40.88 -14.44 37.46
CA SER B 120 42.18 -14.77 36.92
C SER B 120 42.44 -16.29 36.89
N ALA B 121 41.45 -17.05 37.35
CA ALA B 121 41.53 -18.51 37.33
C ALA B 121 41.18 -19.03 35.94
N SER B 122 41.87 -20.10 35.54
CA SER B 122 41.61 -20.82 34.32
C SER B 122 40.36 -21.70 34.46
N THR B 123 39.79 -22.08 33.31
CA THR B 123 38.72 -23.08 33.24
C THR B 123 39.24 -24.41 33.77
N LYS B 124 38.39 -25.11 34.52
CA LYS B 124 38.77 -26.36 35.13
C LYS B 124 37.53 -27.22 35.31
N GLY B 125 37.58 -28.44 34.80
CA GLY B 125 36.47 -29.37 34.97
C GLY B 125 36.57 -30.06 36.32
N PRO B 126 35.43 -30.50 36.84
CA PRO B 126 35.40 -31.09 38.18
C PRO B 126 35.96 -32.49 38.19
N SER B 127 36.38 -32.94 39.36
CA SER B 127 36.53 -34.35 39.61
C SER B 127 35.21 -34.79 40.25
N VAL B 128 34.75 -35.97 39.91
CA VAL B 128 33.50 -36.51 40.42
C VAL B 128 33.80 -37.75 41.25
N PHE B 129 33.42 -37.69 42.53
CA PHE B 129 33.65 -38.78 43.47
C PHE B 129 32.32 -39.24 44.05
N PRO B 130 32.10 -40.56 44.17
CA PRO B 130 30.88 -41.08 44.79
C PRO B 130 30.82 -40.83 46.30
N LEU B 131 29.61 -40.62 46.79
CA LEU B 131 29.35 -40.62 48.20
C LEU B 131 28.70 -41.96 48.44
N ALA B 132 29.48 -42.91 48.96
CA ALA B 132 29.02 -44.28 49.16
C ALA B 132 28.15 -44.36 50.40
N PRO B 133 26.98 -44.99 50.27
CA PRO B 133 26.05 -45.17 51.41
C PRO B 133 26.69 -45.89 52.59
N SER B 134 26.57 -45.30 53.79
CA SER B 134 27.09 -45.88 55.02
C SER B 134 26.26 -47.11 55.44
N SER B 135 26.69 -47.75 56.54
CA SER B 135 26.05 -48.95 57.07
C SER B 135 26.11 -50.12 56.07
N GLY B 141 15.74 -49.71 56.72
CA GLY B 141 14.86 -48.59 56.50
C GLY B 141 15.00 -48.03 55.09
N THR B 142 15.54 -46.82 54.99
CA THR B 142 15.82 -46.14 53.72
C THR B 142 17.10 -45.30 53.85
N ALA B 143 18.00 -45.42 52.87
CA ALA B 143 19.34 -44.79 52.95
C ALA B 143 19.63 -43.78 51.85
N ALA B 144 20.77 -43.09 52.00
CA ALA B 144 21.18 -42.05 51.07
C ALA B 144 22.56 -42.29 50.41
N LEU B 145 22.69 -41.76 49.20
CA LEU B 145 23.94 -41.77 48.44
C LEU B 145 23.99 -40.51 47.57
N GLY B 146 25.11 -40.29 46.89
CA GLY B 146 25.24 -39.14 46.04
C GLY B 146 26.57 -39.02 45.34
N CYS B 147 26.84 -37.81 44.87
CA CYS B 147 28.04 -37.49 44.11
C CYS B 147 28.63 -36.20 44.60
N LEU B 148 29.94 -36.18 44.79
CA LEU B 148 30.65 -34.97 45.14
C LEU B 148 31.32 -34.50 43.87
N VAL B 149 31.02 -33.25 43.50
CA VAL B 149 31.54 -32.65 42.27
C VAL B 149 32.51 -31.53 42.66
N LYS B 150 33.79 -31.88 42.69
CA LYS B 150 34.79 -31.06 43.36
C LYS B 150 35.75 -30.40 42.40
N ASP B 151 36.04 -29.13 42.70
CA ASP B 151 37.14 -28.36 42.11
C ASP B 151 36.93 -27.98 40.65
N TYR B 152 35.93 -27.13 40.40
CA TYR B 152 35.68 -26.72 39.02
C TYR B 152 35.55 -25.22 38.86
N PHE B 153 35.74 -24.75 37.64
CA PHE B 153 35.65 -23.33 37.36
C PHE B 153 35.42 -23.09 35.87
N PRO B 154 34.55 -22.14 35.51
CA PRO B 154 33.68 -21.44 36.45
C PRO B 154 32.32 -22.15 36.56
N GLU B 155 31.30 -21.45 37.05
CA GLU B 155 29.94 -21.97 37.07
C GLU B 155 29.40 -21.98 35.65
N PRO B 156 28.33 -22.71 35.35
CA PRO B 156 27.61 -23.59 36.28
C PRO B 156 27.86 -25.07 36.04
N VAL B 157 27.32 -25.90 36.93
CA VAL B 157 27.31 -27.35 36.76
C VAL B 157 25.88 -27.89 36.84
N THR B 158 25.60 -28.86 35.97
CA THR B 158 24.34 -29.59 35.86
C THR B 158 24.55 -30.95 36.50
N VAL B 159 23.58 -31.41 37.28
CA VAL B 159 23.57 -32.81 37.75
C VAL B 159 22.21 -33.44 37.54
N SER B 160 22.23 -34.69 37.13
CA SER B 160 21.03 -35.50 36.99
C SER B 160 21.37 -36.95 37.30
N TRP B 161 20.34 -37.75 37.59
CA TRP B 161 20.53 -39.12 38.07
C TRP B 161 19.91 -40.15 37.15
N ASN B 162 20.55 -41.32 37.07
CA ASN B 162 20.17 -42.40 36.16
C ASN B 162 19.70 -41.88 34.80
N SER B 163 20.53 -41.03 34.21
CA SER B 163 20.26 -40.37 32.93
C SER B 163 18.86 -39.77 32.85
N GLY B 164 18.39 -39.21 33.96
CA GLY B 164 17.12 -38.49 34.01
C GLY B 164 15.91 -39.33 34.33
N ALA B 165 16.11 -40.64 34.52
CA ALA B 165 15.02 -41.57 34.86
C ALA B 165 14.77 -41.66 36.37
N LEU B 166 15.46 -40.81 37.13
CA LEU B 166 15.26 -40.67 38.58
C LEU B 166 15.35 -39.20 38.96
N THR B 167 14.30 -38.69 39.61
CA THR B 167 14.23 -37.29 40.04
C THR B 167 13.76 -37.15 41.50
N SER B 168 12.70 -37.85 41.87
CA SER B 168 12.16 -37.78 43.23
C SER B 168 13.26 -37.98 44.29
N GLY B 169 13.29 -37.12 45.29
CA GLY B 169 14.22 -37.25 46.39
C GLY B 169 15.65 -36.80 46.10
N VAL B 170 15.86 -36.14 44.96
CA VAL B 170 17.19 -35.66 44.57
C VAL B 170 17.39 -34.21 44.97
N HIS B 171 18.51 -33.96 45.63
CA HIS B 171 18.91 -32.60 46.00
C HIS B 171 20.29 -32.28 45.49
N THR B 172 20.35 -31.48 44.44
CA THR B 172 21.63 -30.94 43.98
C THR B 172 21.88 -29.61 44.67
N PHE B 173 22.96 -29.54 45.41
CA PHE B 173 23.23 -28.40 46.27
C PHE B 173 23.83 -27.23 45.52
N PRO B 174 23.53 -26.01 45.97
CA PRO B 174 24.23 -24.83 45.46
C PRO B 174 25.74 -24.98 45.66
N ALA B 175 26.49 -24.72 44.59
CA ALA B 175 27.94 -24.73 44.66
C ALA B 175 28.44 -23.83 45.76
N VAL B 176 29.62 -24.16 46.29
CA VAL B 176 30.25 -23.38 47.33
C VAL B 176 31.65 -23.00 46.83
N LEU B 177 32.03 -21.73 46.96
CA LEU B 177 33.35 -21.28 46.50
C LEU B 177 34.41 -21.61 47.55
N GLN B 178 35.26 -22.59 47.25
CA GLN B 178 36.29 -22.97 48.21
C GLN B 178 37.39 -21.91 48.29
N SER B 179 38.07 -21.86 49.43
CA SER B 179 39.16 -20.91 49.61
C SER B 179 40.37 -21.23 48.73
N SER B 180 40.21 -22.19 47.82
CA SER B 180 41.21 -22.42 46.77
C SER B 180 40.85 -21.60 45.54
N GLY B 181 39.62 -21.09 45.50
CA GLY B 181 39.12 -20.34 44.36
C GLY B 181 38.28 -21.19 43.41
N LEU B 182 38.27 -22.50 43.61
CA LEU B 182 37.51 -23.42 42.79
C LEU B 182 36.17 -23.75 43.45
N TYR B 183 35.15 -23.95 42.63
CA TYR B 183 33.82 -24.36 43.12
C TYR B 183 33.77 -25.85 43.43
N SER B 184 32.87 -26.17 44.35
CA SER B 184 32.54 -27.55 44.63
C SER B 184 31.08 -27.64 44.96
N LEU B 185 30.46 -28.78 44.64
CA LEU B 185 29.07 -29.07 45.02
C LEU B 185 28.86 -30.57 45.13
N SER B 186 27.74 -30.95 45.73
CA SER B 186 27.39 -32.34 45.85
C SER B 186 25.92 -32.50 45.50
N SER B 187 25.61 -33.57 44.76
CA SER B 187 24.23 -33.94 44.47
C SER B 187 23.90 -35.23 45.18
N VAL B 188 22.71 -35.27 45.77
CA VAL B 188 22.37 -36.33 46.70
C VAL B 188 20.96 -36.88 46.45
N VAL B 189 20.74 -38.14 46.81
CA VAL B 189 19.42 -38.80 46.67
C VAL B 189 19.18 -39.81 47.79
N THR B 190 17.93 -39.91 48.23
CA THR B 190 17.50 -40.94 49.17
C THR B 190 16.78 -42.05 48.40
N VAL B 191 17.10 -43.30 48.72
CA VAL B 191 16.50 -44.45 48.07
C VAL B 191 15.98 -45.48 49.07
N PRO B 192 15.03 -46.33 48.64
CA PRO B 192 14.69 -47.54 49.41
C PRO B 192 15.90 -48.47 49.54
N SER B 193 16.22 -48.87 50.76
CA SER B 193 17.38 -49.73 51.04
C SER B 193 17.21 -51.16 50.49
N SER B 194 16.00 -51.50 50.05
CA SER B 194 15.71 -52.77 49.41
C SER B 194 16.03 -52.77 47.90
N SER B 195 16.00 -51.59 47.29
CA SER B 195 16.28 -51.45 45.85
C SER B 195 17.72 -51.04 45.52
N LEU B 196 18.56 -50.94 46.54
CA LEU B 196 20.00 -50.69 46.37
C LEU B 196 20.74 -52.03 46.42
N GLY B 197 21.72 -52.18 45.53
CA GLY B 197 22.36 -53.48 45.33
C GLY B 197 21.48 -54.39 44.48
N THR B 198 20.39 -53.80 43.96
CA THR B 198 19.50 -54.46 43.01
C THR B 198 19.16 -53.48 41.88
N GLN B 199 19.64 -52.25 42.00
CA GLN B 199 19.48 -51.23 40.97
C GLN B 199 20.70 -50.31 40.91
N THR B 200 21.17 -50.05 39.70
CA THR B 200 22.39 -49.28 39.48
C THR B 200 22.10 -47.77 39.45
N TYR B 201 22.96 -46.99 40.13
CA TYR B 201 22.76 -45.54 40.24
C TYR B 201 23.92 -44.72 39.67
N ILE B 202 23.64 -44.08 38.54
CA ILE B 202 24.62 -43.21 37.90
C ILE B 202 24.21 -41.75 37.96
N CYS B 203 25.08 -40.89 38.48
CA CYS B 203 24.86 -39.45 38.40
C CYS B 203 25.52 -38.88 37.16
N ASN B 204 24.84 -37.95 36.49
CA ASN B 204 25.32 -37.39 35.24
C ASN B 204 25.68 -35.91 35.39
N VAL B 205 26.97 -35.69 35.61
CA VAL B 205 27.52 -34.36 35.83
C VAL B 205 27.92 -33.74 34.51
N ASN B 206 27.51 -32.49 34.31
CA ASN B 206 27.92 -31.72 33.14
C ASN B 206 28.60 -30.42 33.55
N HIS B 207 29.72 -30.12 32.92
CA HIS B 207 30.36 -28.83 33.12
C HIS B 207 30.64 -28.24 31.73
N LYS B 208 29.69 -27.47 31.22
CA LYS B 208 29.76 -26.97 29.85
C LYS B 208 31.00 -26.11 29.64
N PRO B 209 31.30 -25.19 30.56
CA PRO B 209 32.47 -24.32 30.38
C PRO B 209 33.76 -25.07 30.09
N SER B 210 33.94 -26.28 30.62
CA SER B 210 35.17 -27.04 30.38
C SER B 210 34.95 -28.22 29.46
N ASN B 211 33.77 -28.31 28.86
CA ASN B 211 33.38 -29.46 28.04
C ASN B 211 33.55 -30.80 28.76
N THR B 212 33.22 -30.83 30.04
CA THR B 212 33.40 -32.02 30.86
C THR B 212 32.06 -32.66 31.13
N LYS B 213 31.96 -33.94 30.80
CA LYS B 213 30.78 -34.73 31.06
C LYS B 213 31.22 -36.05 31.72
N VAL B 214 30.96 -36.18 33.02
CA VAL B 214 31.25 -37.42 33.75
C VAL B 214 29.96 -38.13 34.17
N ASP B 215 29.90 -39.44 33.95
CA ASP B 215 28.85 -40.29 34.53
C ASP B 215 29.50 -41.18 35.60
N LYS B 216 28.85 -41.34 36.75
CA LYS B 216 29.44 -42.09 37.88
C LYS B 216 28.54 -43.16 38.51
N LYS B 217 29.07 -44.38 38.61
CA LYS B 217 28.36 -45.50 39.25
C LYS B 217 28.55 -45.48 40.77
N VAL B 218 27.50 -45.11 41.49
CA VAL B 218 27.56 -45.05 42.94
C VAL B 218 27.15 -46.39 43.54
N GLU B 219 28.11 -47.02 44.23
CA GLU B 219 27.90 -48.32 44.87
C GLU B 219 28.50 -48.32 46.28
N PRO B 220 28.09 -49.28 47.14
CA PRO B 220 28.61 -49.38 48.51
C PRO B 220 30.12 -49.60 48.65
N LYS B 221 30.65 -49.39 49.87
CA LYS B 221 32.10 -49.44 50.14
C LYS B 221 32.63 -50.85 50.50
N SER B 222 33.94 -50.93 50.77
CA SER B 222 34.65 -52.21 50.99
C SER B 222 34.48 -52.84 52.37
N CYS B 223 34.56 -52.04 53.44
CA CYS B 223 34.53 -52.59 54.80
C CYS B 223 33.49 -51.99 55.75
N ASP C 1 -49.79 -5.02 -0.56
CA ASP C 1 -50.59 -6.14 -1.14
C ASP C 1 -51.13 -5.74 -2.52
N ILE C 2 -50.22 -5.25 -3.36
CA ILE C 2 -50.57 -4.84 -4.71
C ILE C 2 -50.60 -6.07 -5.60
N GLN C 3 -51.77 -6.41 -6.10
CA GLN C 3 -51.87 -7.56 -6.98
C GLN C 3 -51.65 -7.19 -8.43
N MET C 4 -50.86 -8.03 -9.09
CA MET C 4 -50.63 -7.93 -10.51
C MET C 4 -51.40 -9.03 -11.21
N THR C 5 -52.18 -8.66 -12.22
CA THR C 5 -52.95 -9.60 -13.02
C THR C 5 -52.41 -9.57 -14.45
N GLN C 6 -52.04 -10.74 -14.95
CA GLN C 6 -51.53 -10.85 -16.31
C GLN C 6 -52.62 -11.30 -17.27
N SER C 7 -52.41 -11.01 -18.55
CA SER C 7 -53.37 -11.40 -19.57
C SER C 7 -52.67 -11.56 -20.92
N PRO C 8 -52.92 -12.66 -21.64
CA PRO C 8 -53.79 -13.75 -21.17
C PRO C 8 -53.00 -14.70 -20.26
N SER C 9 -53.64 -15.72 -19.70
CA SER C 9 -52.91 -16.68 -18.87
C SER C 9 -51.97 -17.58 -19.66
N SER C 10 -52.35 -17.92 -20.89
CA SER C 10 -51.44 -18.60 -21.81
C SER C 10 -51.80 -18.33 -23.27
N LEU C 11 -50.81 -18.44 -24.15
CA LEU C 11 -51.02 -18.25 -25.58
C LEU C 11 -50.13 -19.11 -26.47
N SER C 12 -50.54 -19.25 -27.73
CA SER C 12 -49.72 -19.91 -28.74
C SER C 12 -49.48 -18.98 -29.90
N ALA C 13 -48.22 -18.84 -30.28
CA ALA C 13 -47.86 -18.08 -31.48
C ALA C 13 -46.70 -18.74 -32.22
N SER C 14 -46.60 -18.45 -33.51
CA SER C 14 -45.58 -19.08 -34.37
C SER C 14 -44.32 -18.23 -34.48
N VAL C 15 -43.19 -18.88 -34.76
CA VAL C 15 -41.89 -18.21 -34.94
C VAL C 15 -42.02 -16.98 -35.87
N GLY C 16 -41.68 -15.80 -35.35
CA GLY C 16 -41.75 -14.57 -36.14
C GLY C 16 -42.92 -13.65 -35.80
N ASP C 17 -43.94 -14.19 -35.14
CA ASP C 17 -45.12 -13.44 -34.73
C ASP C 17 -44.80 -12.35 -33.68
N ARG C 18 -45.65 -11.34 -33.63
CA ARG C 18 -45.59 -10.33 -32.58
C ARG C 18 -46.48 -10.75 -31.43
N VAL C 19 -45.87 -10.96 -30.27
CA VAL C 19 -46.59 -11.39 -29.08
C VAL C 19 -46.60 -10.26 -28.05
N THR C 20 -47.80 -9.80 -27.68
CA THR C 20 -47.94 -8.80 -26.62
C THR C 20 -48.64 -9.42 -25.42
N ILE C 21 -48.00 -9.29 -24.24
CA ILE C 21 -48.58 -9.69 -22.97
C ILE C 21 -48.93 -8.46 -22.14
N THR C 22 -50.03 -8.57 -21.40
CA THR C 22 -50.56 -7.49 -20.60
C THR C 22 -50.38 -7.77 -19.12
N CYS C 23 -50.21 -6.70 -18.36
CA CYS C 23 -50.11 -6.75 -16.91
C CYS C 23 -50.86 -5.54 -16.33
N ARG C 24 -51.77 -5.79 -15.39
CA ARG C 24 -52.53 -4.76 -14.69
C ARG C 24 -52.26 -4.80 -13.18
N ALA C 25 -51.88 -3.65 -12.62
CA ALA C 25 -51.67 -3.53 -11.17
C ALA C 25 -52.96 -3.05 -10.51
N SER C 26 -53.17 -3.46 -9.27
CA SER C 26 -54.34 -3.04 -8.49
C SER C 26 -54.27 -1.57 -8.04
N GLN C 27 -53.08 -0.99 -8.15
CA GLN C 27 -52.82 0.38 -7.75
C GLN C 27 -51.77 0.94 -8.67
N ASP C 28 -51.69 2.26 -8.76
CA ASP C 28 -50.62 2.92 -9.50
C ASP C 28 -49.23 2.57 -8.96
N VAL C 29 -48.34 2.24 -9.89
CA VAL C 29 -46.98 1.85 -9.53
C VAL C 29 -45.88 2.56 -10.35
N SER C 30 -46.20 3.72 -10.92
CA SER C 30 -45.23 4.51 -11.68
C SER C 30 -44.80 3.73 -12.91
N THR C 31 -43.50 3.72 -13.20
CA THR C 31 -42.94 2.78 -14.19
C THR C 31 -42.13 1.67 -13.53
N ALA C 32 -42.36 1.44 -12.24
CA ALA C 32 -41.55 0.48 -11.49
C ALA C 32 -42.07 -0.96 -11.63
N VAL C 33 -41.99 -1.44 -12.87
CA VAL C 33 -42.46 -2.78 -13.23
C VAL C 33 -41.33 -3.48 -13.99
N ALA C 34 -41.07 -4.72 -13.60
CA ALA C 34 -40.08 -5.56 -14.25
C ALA C 34 -40.72 -6.76 -14.93
N TRP C 35 -40.08 -7.25 -15.99
CA TRP C 35 -40.56 -8.43 -16.69
C TRP C 35 -39.51 -9.54 -16.64
N TYR C 36 -39.98 -10.75 -16.36
CA TYR C 36 -39.11 -11.91 -16.23
C TYR C 36 -39.54 -13.01 -17.16
N GLN C 37 -38.57 -13.80 -17.62
CA GLN C 37 -38.81 -14.99 -18.40
C GLN C 37 -38.39 -16.20 -17.57
N GLN C 38 -39.32 -17.11 -17.28
CA GLN C 38 -38.98 -18.35 -16.57
C GLN C 38 -39.13 -19.59 -17.42
N LYS C 39 -38.02 -20.32 -17.56
CA LYS C 39 -38.00 -21.57 -18.28
C LYS C 39 -38.16 -22.73 -17.28
N PRO C 40 -38.84 -23.81 -17.69
CA PRO C 40 -39.13 -24.93 -16.78
C PRO C 40 -37.92 -25.40 -15.97
N GLY C 41 -38.07 -25.39 -14.64
CA GLY C 41 -37.02 -25.85 -13.74
C GLY C 41 -35.86 -24.88 -13.59
N LYS C 42 -36.12 -23.59 -13.88
CA LYS C 42 -35.08 -22.57 -13.85
C LYS C 42 -35.53 -21.31 -13.11
N ALA C 43 -34.57 -20.55 -12.58
CA ALA C 43 -34.85 -19.24 -11.99
C ALA C 43 -35.34 -18.27 -13.05
N PRO C 44 -36.23 -17.34 -12.70
CA PRO C 44 -36.59 -16.25 -13.61
C PRO C 44 -35.37 -15.46 -14.03
N LYS C 45 -35.45 -14.85 -15.21
CA LYS C 45 -34.39 -14.03 -15.75
C LYS C 45 -34.97 -12.66 -16.10
N LEU C 46 -34.33 -11.60 -15.60
CA LEU C 46 -34.76 -10.24 -15.87
C LEU C 46 -34.61 -9.88 -17.36
N LEU C 47 -35.68 -9.33 -17.93
CA LEU C 47 -35.71 -8.90 -19.32
C LEU C 47 -35.79 -7.39 -19.37
N ILE C 48 -36.83 -6.85 -18.74
CA ILE C 48 -37.13 -5.43 -18.78
C ILE C 48 -37.29 -4.90 -17.37
N TYR C 49 -36.75 -3.72 -17.16
CA TYR C 49 -36.86 -3.04 -15.88
C TYR C 49 -37.35 -1.61 -16.13
N SER C 50 -37.83 -0.97 -15.05
CA SER C 50 -38.40 0.36 -15.13
C SER C 50 -39.36 0.45 -16.31
N ALA C 51 -40.30 -0.50 -16.37
CA ALA C 51 -41.34 -0.58 -17.42
C ALA C 51 -40.91 -0.77 -18.88
N SER C 52 -39.85 -0.08 -19.30
CA SER C 52 -39.54 0.01 -20.73
C SER C 52 -38.06 -0.20 -21.07
N PHE C 53 -37.24 -0.33 -20.03
CA PHE C 53 -35.80 -0.40 -20.24
C PHE C 53 -35.28 -1.83 -20.33
N LEU C 54 -34.60 -2.09 -21.44
CA LEU C 54 -34.01 -3.38 -21.74
C LEU C 54 -32.81 -3.68 -20.83
N TYR C 55 -32.93 -4.72 -20.00
CA TYR C 55 -31.81 -5.17 -19.19
C TYR C 55 -30.65 -5.59 -20.08
N SER C 56 -29.43 -5.27 -19.67
CA SER C 56 -28.26 -5.54 -20.50
C SER C 56 -28.12 -7.03 -20.84
N GLY C 57 -27.66 -7.31 -22.06
CA GLY C 57 -27.50 -8.68 -22.51
C GLY C 57 -28.78 -9.36 -22.96
N VAL C 58 -29.91 -8.66 -22.83
CA VAL C 58 -31.20 -9.15 -23.32
C VAL C 58 -31.41 -8.64 -24.74
N PRO C 59 -31.80 -9.53 -25.66
CA PRO C 59 -31.91 -9.19 -27.09
C PRO C 59 -33.01 -8.16 -27.38
N SER C 60 -32.77 -7.32 -28.39
CA SER C 60 -33.61 -6.16 -28.68
C SER C 60 -35.06 -6.47 -29.05
N ARG C 61 -35.37 -7.74 -29.30
CA ARG C 61 -36.72 -8.17 -29.67
C ARG C 61 -37.69 -8.15 -28.47
N PHE C 62 -37.17 -7.87 -27.28
CA PHE C 62 -38.00 -7.67 -26.10
C PHE C 62 -38.15 -6.16 -25.87
N SER C 63 -39.36 -5.72 -25.57
CA SER C 63 -39.59 -4.32 -25.26
C SER C 63 -40.73 -4.20 -24.25
N GLY C 64 -40.79 -3.06 -23.57
CA GLY C 64 -41.78 -2.82 -22.55
C GLY C 64 -42.41 -1.45 -22.68
N SER C 65 -43.61 -1.31 -22.12
CA SER C 65 -44.32 -0.04 -22.18
C SER C 65 -45.36 0.02 -21.06
N GLY C 66 -45.84 1.23 -20.79
CA GLY C 66 -46.86 1.42 -19.78
C GLY C 66 -46.39 2.20 -18.57
N SER C 67 -47.37 2.62 -17.78
CA SER C 67 -47.15 3.26 -16.48
C SER C 67 -48.46 3.29 -15.71
N GLY C 68 -48.37 3.40 -14.39
CA GLY C 68 -49.54 3.48 -13.53
C GLY C 68 -50.07 2.11 -13.17
N THR C 69 -51.15 1.70 -13.83
CA THR C 69 -51.74 0.40 -13.58
C THR C 69 -51.60 -0.55 -14.77
N ASP C 70 -51.26 -0.01 -15.96
CA ASP C 70 -51.30 -0.80 -17.19
C ASP C 70 -49.97 -0.93 -17.93
N PHE C 71 -49.47 -2.15 -18.07
CA PHE C 71 -48.15 -2.42 -18.63
C PHE C 71 -48.15 -3.48 -19.73
N THR C 72 -47.09 -3.48 -20.55
CA THR C 72 -47.06 -4.29 -21.77
C THR C 72 -45.68 -4.89 -22.06
N LEU C 73 -45.68 -6.21 -22.28
CA LEU C 73 -44.51 -6.94 -22.75
C LEU C 73 -44.70 -7.36 -24.21
N THR C 74 -43.81 -6.87 -25.07
CA THR C 74 -43.88 -7.15 -26.50
C THR C 74 -42.65 -7.94 -26.95
N ILE C 75 -42.89 -9.06 -27.64
CA ILE C 75 -41.83 -9.75 -28.35
C ILE C 75 -42.04 -9.55 -29.84
N SER C 76 -41.17 -8.76 -30.45
CA SER C 76 -41.35 -8.35 -31.84
C SER C 76 -41.27 -9.51 -32.83
N SER C 77 -40.26 -10.36 -32.67
CA SER C 77 -40.08 -11.53 -33.56
C SER C 77 -39.79 -12.77 -32.74
N LEU C 78 -40.83 -13.57 -32.53
CA LEU C 78 -40.76 -14.71 -31.63
C LEU C 78 -39.80 -15.78 -32.15
N GLN C 79 -38.96 -16.29 -31.24
CA GLN C 79 -38.03 -17.38 -31.55
C GLN C 79 -38.53 -18.71 -30.95
N PRO C 80 -37.98 -19.86 -31.36
CA PRO C 80 -38.36 -21.15 -30.74
C PRO C 80 -37.92 -21.23 -29.28
N GLU C 81 -36.72 -20.73 -28.99
CA GLU C 81 -36.18 -20.71 -27.63
C GLU C 81 -37.00 -19.85 -26.67
N ASP C 82 -37.86 -19.00 -27.22
CA ASP C 82 -38.61 -18.01 -26.45
C ASP C 82 -39.79 -18.59 -25.66
N PHE C 83 -40.09 -19.87 -25.86
CA PHE C 83 -41.09 -20.57 -25.05
C PHE C 83 -40.69 -20.44 -23.59
N ALA C 84 -41.64 -20.03 -22.75
CA ALA C 84 -41.40 -19.77 -21.33
C ALA C 84 -42.69 -19.34 -20.65
N THR C 85 -42.68 -19.24 -19.33
CA THR C 85 -43.72 -18.51 -18.62
C THR C 85 -43.14 -17.13 -18.36
N TYR C 86 -43.89 -16.09 -18.75
CA TYR C 86 -43.45 -14.71 -18.57
C TYR C 86 -44.15 -14.04 -17.38
N TYR C 87 -43.37 -13.36 -16.55
CA TYR C 87 -43.91 -12.75 -15.33
C TYR C 87 -43.67 -11.26 -15.31
N CYS C 88 -44.66 -10.51 -14.86
CA CYS C 88 -44.47 -9.10 -14.51
C CYS C 88 -44.35 -8.92 -12.99
N GLN C 89 -43.65 -7.89 -12.57
CA GLN C 89 -43.42 -7.68 -11.14
C GLN C 89 -43.46 -6.20 -10.77
N GLN C 90 -44.30 -5.90 -9.78
CA GLN C 90 -44.43 -4.59 -9.17
C GLN C 90 -43.23 -4.35 -8.27
N SER C 91 -42.49 -3.29 -8.53
CA SER C 91 -41.27 -3.02 -7.78
C SER C 91 -41.33 -1.71 -6.99
N TYR C 92 -42.53 -1.14 -6.88
CA TYR C 92 -42.74 0.20 -6.33
C TYR C 92 -42.77 0.20 -4.80
N THR C 93 -43.49 -0.75 -4.20
CA THR C 93 -43.42 -0.95 -2.76
C THR C 93 -43.04 -2.35 -2.36
N THR C 94 -42.88 -2.49 -1.04
CA THR C 94 -42.66 -3.72 -0.32
C THR C 94 -44.01 -4.19 0.19
N PRO C 95 -44.34 -5.48 0.00
CA PRO C 95 -43.49 -6.44 -0.70
C PRO C 95 -43.63 -6.40 -2.21
N PRO C 96 -42.58 -6.85 -2.88
CA PRO C 96 -42.63 -7.00 -4.34
C PRO C 96 -43.63 -8.10 -4.69
N THR C 97 -44.49 -7.86 -5.69
CA THR C 97 -45.48 -8.86 -6.08
C THR C 97 -45.41 -9.12 -7.56
N PHE C 98 -45.72 -10.37 -7.94
CA PHE C 98 -45.72 -10.79 -9.34
C PHE C 98 -47.12 -11.03 -9.83
N GLY C 99 -47.27 -11.02 -11.14
CA GLY C 99 -48.49 -11.51 -11.77
C GLY C 99 -48.47 -13.03 -11.73
N GLN C 100 -49.58 -13.63 -12.14
CA GLN C 100 -49.74 -15.08 -12.12
C GLN C 100 -48.95 -15.77 -13.22
N GLY C 101 -48.44 -15.01 -14.18
CA GLY C 101 -47.64 -15.55 -15.28
C GLY C 101 -48.42 -15.83 -16.54
N THR C 102 -47.73 -15.80 -17.68
CA THR C 102 -48.35 -16.08 -18.99
C THR C 102 -47.51 -17.09 -19.74
N LYS C 103 -48.03 -18.31 -19.87
CA LYS C 103 -47.34 -19.39 -20.58
C LYS C 103 -47.35 -19.11 -22.07
N VAL C 104 -46.16 -19.15 -22.69
CA VAL C 104 -46.06 -18.99 -24.14
C VAL C 104 -45.54 -20.29 -24.75
N GLU C 105 -46.37 -20.90 -25.59
CA GLU C 105 -45.95 -22.07 -26.38
C GLU C 105 -45.92 -21.76 -27.88
N ILE C 106 -45.00 -22.42 -28.58
CA ILE C 106 -44.72 -22.13 -29.99
C ILE C 106 -45.68 -22.88 -30.92
N LYS C 107 -46.43 -22.13 -31.71
CA LYS C 107 -47.30 -22.73 -32.73
C LYS C 107 -46.50 -23.14 -33.96
N ARG C 108 -46.58 -24.41 -34.30
CA ARG C 108 -45.93 -24.95 -35.47
C ARG C 108 -46.93 -25.77 -36.30
N THR C 109 -46.46 -26.33 -37.42
CA THR C 109 -47.31 -27.18 -38.24
C THR C 109 -47.71 -28.43 -37.48
N VAL C 110 -48.95 -28.85 -37.66
CA VAL C 110 -49.50 -30.03 -37.01
C VAL C 110 -48.64 -31.27 -37.26
N ALA C 111 -48.43 -32.06 -36.22
CA ALA C 111 -47.74 -33.34 -36.36
C ALA C 111 -48.52 -34.44 -35.66
N ALA C 112 -48.77 -35.54 -36.38
CA ALA C 112 -49.43 -36.71 -35.82
C ALA C 112 -48.45 -37.47 -34.91
N PRO C 113 -48.94 -37.99 -33.79
CA PRO C 113 -48.08 -38.75 -32.87
C PRO C 113 -47.77 -40.15 -33.36
N SER C 114 -46.53 -40.60 -33.21
CA SER C 114 -46.21 -42.02 -33.29
C SER C 114 -46.69 -42.63 -31.99
N VAL C 115 -47.49 -43.67 -32.10
CA VAL C 115 -48.07 -44.34 -30.96
C VAL C 115 -47.38 -45.69 -30.74
N PHE C 116 -46.96 -45.95 -29.50
CA PHE C 116 -46.30 -47.19 -29.13
C PHE C 116 -47.00 -47.77 -27.91
N ILE C 117 -46.99 -49.10 -27.77
CA ILE C 117 -47.48 -49.74 -26.56
C ILE C 117 -46.42 -50.60 -25.87
N PHE C 118 -46.48 -50.61 -24.54
CA PHE C 118 -45.54 -51.36 -23.74
C PHE C 118 -46.28 -52.20 -22.73
N PRO C 119 -46.08 -53.52 -22.80
CA PRO C 119 -46.61 -54.45 -21.80
C PRO C 119 -45.88 -54.32 -20.45
N PRO C 120 -46.52 -54.74 -19.35
CA PRO C 120 -45.83 -54.85 -18.06
C PRO C 120 -44.63 -55.77 -18.17
N SER C 121 -43.55 -55.41 -17.49
CA SER C 121 -42.37 -56.26 -17.40
C SER C 121 -42.68 -57.49 -16.56
N ASP C 122 -41.82 -58.50 -16.67
CA ASP C 122 -41.97 -59.73 -15.91
C ASP C 122 -41.63 -59.53 -14.42
N GLU C 123 -40.71 -58.60 -14.15
CA GLU C 123 -40.27 -58.32 -12.78
C GLU C 123 -41.35 -57.61 -11.96
N GLN C 124 -42.12 -56.76 -12.64
CA GLN C 124 -43.25 -56.06 -12.01
C GLN C 124 -44.41 -57.00 -11.73
N LEU C 125 -44.69 -57.90 -12.68
CA LEU C 125 -45.70 -58.93 -12.51
C LEU C 125 -45.35 -59.90 -11.37
N LYS C 126 -44.08 -59.94 -10.97
CA LYS C 126 -43.65 -60.67 -9.77
C LYS C 126 -44.04 -59.91 -8.49
N SER C 127 -44.03 -58.58 -8.56
CA SER C 127 -44.39 -57.73 -7.43
C SER C 127 -45.88 -57.73 -7.15
N GLY C 128 -46.68 -58.07 -8.16
CA GLY C 128 -48.12 -58.14 -8.01
C GLY C 128 -48.86 -56.87 -8.43
N THR C 129 -48.30 -56.14 -9.40
CA THR C 129 -48.96 -54.98 -10.01
C THR C 129 -48.62 -54.91 -11.49
N ALA C 130 -49.56 -54.40 -12.28
CA ALA C 130 -49.39 -54.31 -13.73
C ALA C 130 -49.44 -52.87 -14.24
N SER C 131 -48.45 -52.52 -15.05
CA SER C 131 -48.35 -51.19 -15.65
C SER C 131 -48.18 -51.26 -17.17
N VAL C 132 -49.25 -50.91 -17.88
CA VAL C 132 -49.25 -50.85 -19.34
C VAL C 132 -49.07 -49.37 -19.71
N VAL C 133 -48.07 -49.11 -20.54
CA VAL C 133 -47.71 -47.75 -20.90
C VAL C 133 -47.94 -47.51 -22.36
N CYS C 134 -48.68 -46.45 -22.66
CA CYS C 134 -48.90 -46.00 -24.03
C CYS C 134 -48.11 -44.70 -24.27
N LEU C 135 -47.39 -44.63 -25.39
CA LEU C 135 -46.53 -43.50 -25.73
C LEU C 135 -47.00 -42.80 -27.00
N LEU C 136 -47.28 -41.51 -26.88
CA LEU C 136 -47.61 -40.67 -28.02
C LEU C 136 -46.38 -39.79 -28.20
N ASN C 137 -45.67 -40.01 -29.30
CA ASN C 137 -44.35 -39.40 -29.45
C ASN C 137 -44.24 -38.29 -30.50
N ASN C 138 -43.66 -37.17 -30.11
CA ASN C 138 -43.39 -36.02 -31.00
C ASN C 138 -44.57 -35.54 -31.84
N PHE C 139 -45.50 -34.83 -31.21
CA PHE C 139 -46.70 -34.38 -31.91
C PHE C 139 -47.08 -32.94 -31.58
N TYR C 140 -47.92 -32.34 -32.42
CA TYR C 140 -48.49 -31.02 -32.15
C TYR C 140 -49.85 -30.90 -32.87
N PRO C 141 -50.88 -30.31 -32.24
CA PRO C 141 -50.80 -29.64 -30.94
C PRO C 141 -50.91 -30.54 -29.72
N ARG C 142 -50.82 -29.93 -28.54
CA ARG C 142 -50.75 -30.60 -27.25
C ARG C 142 -51.95 -31.48 -26.90
N GLU C 143 -53.15 -31.03 -27.26
CA GLU C 143 -54.38 -31.74 -26.91
C GLU C 143 -54.45 -33.08 -27.64
N ALA C 144 -54.73 -34.13 -26.87
CA ALA C 144 -54.89 -35.48 -27.42
C ALA C 144 -55.79 -36.31 -26.53
N LYS C 145 -56.61 -37.16 -27.15
CA LYS C 145 -57.49 -38.08 -26.42
C LYS C 145 -56.92 -39.51 -26.46
N VAL C 146 -56.54 -40.01 -25.29
CA VAL C 146 -56.04 -41.37 -25.15
C VAL C 146 -57.06 -42.23 -24.43
N GLN C 147 -57.48 -43.31 -25.10
CA GLN C 147 -58.47 -44.25 -24.58
C GLN C 147 -57.86 -45.61 -24.30
N TRP C 148 -58.18 -46.18 -23.14
CA TRP C 148 -57.67 -47.48 -22.76
C TRP C 148 -58.74 -48.54 -22.94
N LYS C 149 -58.40 -49.60 -23.67
CA LYS C 149 -59.31 -50.71 -23.91
C LYS C 149 -58.73 -52.04 -23.39
N VAL C 150 -59.51 -52.71 -22.54
CA VAL C 150 -59.14 -53.98 -21.94
C VAL C 150 -60.20 -55.01 -22.32
N ASP C 151 -59.81 -55.94 -23.20
CA ASP C 151 -60.74 -56.90 -23.80
C ASP C 151 -61.98 -56.21 -24.36
N ASN C 152 -61.76 -55.06 -24.99
CA ASN C 152 -62.81 -54.22 -25.58
C ASN C 152 -63.73 -53.49 -24.60
N ALA C 153 -63.29 -53.37 -23.35
CA ALA C 153 -63.99 -52.56 -22.36
C ALA C 153 -63.22 -51.27 -22.10
N LEU C 154 -63.89 -50.14 -22.25
CA LEU C 154 -63.28 -48.83 -21.97
C LEU C 154 -62.96 -48.70 -20.49
N GLN C 155 -61.78 -48.15 -20.20
CA GLN C 155 -61.35 -47.97 -18.83
C GLN C 155 -61.52 -46.52 -18.42
N SER C 156 -62.02 -46.31 -17.19
CA SER C 156 -62.25 -44.96 -16.68
C SER C 156 -61.64 -44.73 -15.30
N GLY C 157 -60.71 -43.78 -15.22
CA GLY C 157 -60.14 -43.31 -13.97
C GLY C 157 -59.06 -44.18 -13.32
N ASN C 158 -58.50 -45.12 -14.09
CA ASN C 158 -57.52 -46.08 -13.59
C ASN C 158 -56.17 -45.93 -14.31
N SER C 159 -56.02 -44.81 -15.00
CA SER C 159 -54.80 -44.50 -15.72
C SER C 159 -54.41 -43.05 -15.44
N GLN C 160 -53.17 -42.70 -15.77
CA GLN C 160 -52.67 -41.34 -15.55
C GLN C 160 -51.79 -40.83 -16.68
N GLU C 161 -51.89 -39.53 -16.95
CA GLU C 161 -51.19 -38.91 -18.06
C GLU C 161 -50.05 -38.00 -17.61
N SER C 162 -48.94 -38.04 -18.36
CA SER C 162 -47.85 -37.08 -18.20
C SER C 162 -47.47 -36.54 -19.57
N VAL C 163 -47.34 -35.23 -19.66
CA VAL C 163 -46.95 -34.60 -20.91
C VAL C 163 -45.57 -34.00 -20.78
N THR C 164 -44.75 -34.26 -21.78
CA THR C 164 -43.42 -33.73 -21.90
C THR C 164 -43.48 -32.21 -22.14
N GLU C 165 -42.42 -31.49 -21.78
CA GLU C 165 -42.34 -30.06 -22.08
C GLU C 165 -41.99 -29.85 -23.56
N GLN C 166 -42.43 -28.73 -24.14
CA GLN C 166 -42.26 -28.50 -25.58
C GLN C 166 -40.77 -28.51 -26.01
N ASP C 167 -40.51 -29.12 -27.18
CA ASP C 167 -39.15 -29.25 -27.70
C ASP C 167 -38.55 -27.94 -28.21
N SER C 168 -37.42 -27.54 -27.62
CA SER C 168 -36.64 -26.36 -28.06
C SER C 168 -36.15 -26.53 -29.50
N LYS C 169 -35.93 -27.79 -29.87
CA LYS C 169 -35.49 -28.18 -31.21
C LYS C 169 -36.65 -28.11 -32.23
N ASP C 170 -37.62 -29.01 -32.12
CA ASP C 170 -38.65 -29.17 -33.14
C ASP C 170 -40.09 -28.83 -32.70
N SER C 171 -40.23 -28.16 -31.55
CA SER C 171 -41.52 -27.65 -31.06
C SER C 171 -42.65 -28.69 -30.83
N THR C 172 -42.32 -29.97 -30.74
CA THR C 172 -43.35 -30.99 -30.49
C THR C 172 -43.49 -31.34 -29.01
N TYR C 173 -44.53 -32.12 -28.71
CA TYR C 173 -44.72 -32.71 -27.39
C TYR C 173 -44.61 -34.24 -27.48
N SER C 174 -44.45 -34.89 -26.34
CA SER C 174 -44.72 -36.33 -26.21
C SER C 174 -45.60 -36.55 -24.99
N LEU C 175 -46.36 -37.64 -24.99
CA LEU C 175 -47.31 -37.92 -23.91
C LEU C 175 -47.31 -39.40 -23.52
N SER C 176 -47.41 -39.67 -22.22
CA SER C 176 -47.55 -41.03 -21.72
C SER C 176 -48.91 -41.25 -21.06
N SER C 177 -49.51 -42.41 -21.29
CA SER C 177 -50.67 -42.86 -20.54
C SER C 177 -50.40 -44.21 -19.89
N THR C 178 -50.64 -44.29 -18.58
CA THR C 178 -50.26 -45.45 -17.80
C THR C 178 -51.48 -46.09 -17.19
N LEU C 179 -51.74 -47.33 -17.60
CA LEU C 179 -52.80 -48.13 -17.04
C LEU C 179 -52.25 -48.98 -15.90
N THR C 180 -52.71 -48.71 -14.69
CA THR C 180 -52.34 -49.48 -13.51
C THR C 180 -53.53 -50.33 -13.04
N LEU C 181 -53.28 -51.62 -12.86
CA LEU C 181 -54.20 -52.52 -12.16
C LEU C 181 -53.42 -53.67 -11.52
N SER C 182 -54.10 -54.44 -10.66
CA SER C 182 -53.50 -55.59 -9.97
C SER C 182 -53.05 -56.69 -10.95
N LYS C 183 -52.23 -57.62 -10.45
CA LYS C 183 -51.79 -58.77 -11.25
C LYS C 183 -52.99 -59.68 -11.59
N ALA C 184 -53.84 -59.94 -10.58
CA ALA C 184 -55.04 -60.74 -10.76
C ALA C 184 -55.95 -60.18 -11.85
N ASP C 185 -56.17 -58.87 -11.84
CA ASP C 185 -57.01 -58.19 -12.83
C ASP C 185 -56.39 -58.16 -14.22
N TYR C 186 -55.07 -58.18 -14.28
CA TYR C 186 -54.34 -58.24 -15.56
C TYR C 186 -54.38 -59.64 -16.19
N GLU C 187 -54.38 -60.67 -15.34
CA GLU C 187 -54.34 -62.06 -15.82
C GLU C 187 -55.63 -62.52 -16.50
N LYS C 188 -56.77 -61.96 -16.11
CA LYS C 188 -58.07 -62.38 -16.67
C LYS C 188 -58.27 -61.93 -18.12
N HIS C 189 -57.64 -60.81 -18.49
CA HIS C 189 -57.86 -60.19 -19.80
C HIS C 189 -56.67 -60.35 -20.75
N LYS C 190 -56.97 -60.48 -22.04
CA LYS C 190 -55.97 -60.75 -23.07
C LYS C 190 -55.67 -59.56 -24.01
N VAL C 191 -56.72 -58.90 -24.50
CA VAL C 191 -56.57 -57.78 -25.44
C VAL C 191 -56.34 -56.45 -24.70
N TYR C 192 -55.22 -55.81 -25.00
CA TYR C 192 -54.85 -54.54 -24.37
C TYR C 192 -54.55 -53.48 -25.40
N ALA C 193 -55.50 -52.58 -25.61
CA ALA C 193 -55.39 -51.56 -26.64
C ALA C 193 -55.31 -50.15 -26.08
N CYS C 194 -54.65 -49.28 -26.83
CA CYS C 194 -54.58 -47.87 -26.50
C CYS C 194 -55.03 -47.10 -27.73
N GLU C 195 -56.07 -46.28 -27.56
CA GLU C 195 -56.77 -45.65 -28.69
C GLU C 195 -56.59 -44.13 -28.71
N VAL C 196 -55.99 -43.63 -29.78
CA VAL C 196 -55.50 -42.25 -29.80
C VAL C 196 -56.25 -41.35 -30.80
N THR C 197 -56.86 -40.29 -30.27
CA THR C 197 -57.49 -39.26 -31.11
C THR C 197 -56.64 -37.98 -31.12
N HIS C 198 -56.35 -37.48 -32.32
CA HIS C 198 -55.51 -36.30 -32.49
C HIS C 198 -55.81 -35.58 -33.81
N GLN C 199 -55.56 -34.27 -33.81
CA GLN C 199 -55.86 -33.41 -34.96
C GLN C 199 -55.15 -33.84 -36.23
N GLY C 200 -54.00 -34.48 -36.09
CA GLY C 200 -53.25 -34.97 -37.22
C GLY C 200 -53.66 -36.35 -37.70
N LEU C 201 -54.60 -36.97 -36.98
CA LEU C 201 -55.09 -38.31 -37.28
C LEU C 201 -56.51 -38.22 -37.83
N SER C 202 -56.70 -38.52 -39.11
CA SER C 202 -58.02 -38.49 -39.74
C SER C 202 -58.97 -39.56 -39.19
N SER C 203 -58.39 -40.65 -38.68
CA SER C 203 -59.13 -41.65 -37.92
C SER C 203 -58.29 -42.09 -36.72
N PRO C 204 -58.94 -42.31 -35.57
CA PRO C 204 -58.25 -42.75 -34.35
C PRO C 204 -57.30 -43.94 -34.57
N VAL C 205 -56.20 -43.94 -33.82
CA VAL C 205 -55.17 -44.96 -33.96
C VAL C 205 -55.14 -45.87 -32.74
N THR C 206 -55.20 -47.19 -33.00
CA THR C 206 -55.14 -48.19 -31.95
C THR C 206 -53.81 -48.91 -32.03
N LYS C 207 -53.06 -48.88 -30.93
CA LYS C 207 -51.93 -49.77 -30.75
C LYS C 207 -52.32 -50.81 -29.71
N SER C 208 -52.20 -52.08 -30.06
CA SER C 208 -52.53 -53.16 -29.14
C SER C 208 -51.47 -54.28 -29.10
N PHE C 209 -51.57 -55.15 -28.10
CA PHE C 209 -50.75 -56.35 -28.03
C PHE C 209 -51.53 -57.47 -27.36
N ASN C 210 -51.15 -58.71 -27.65
CA ASN C 210 -51.77 -59.88 -27.05
C ASN C 210 -50.89 -60.54 -25.97
N ARG C 211 -51.38 -60.51 -24.73
CA ARG C 211 -50.74 -61.16 -23.59
C ARG C 211 -50.51 -62.66 -23.83
N GLU D 1 -17.80 -12.27 -10.96
CA GLU D 1 -18.66 -13.38 -11.46
C GLU D 1 -19.80 -13.53 -10.48
N VAL D 2 -20.73 -12.58 -10.52
CA VAL D 2 -21.83 -12.51 -9.58
C VAL D 2 -22.73 -13.74 -9.71
N GLN D 3 -22.94 -14.42 -8.59
CA GLN D 3 -23.94 -15.51 -8.50
C GLN D 3 -24.44 -15.78 -7.08
N LEU D 4 -25.70 -16.21 -6.98
CA LEU D 4 -26.28 -16.71 -5.74
C LEU D 4 -26.38 -18.23 -5.86
N VAL D 5 -25.79 -18.96 -4.93
CA VAL D 5 -25.89 -20.42 -4.91
C VAL D 5 -26.60 -20.92 -3.64
N GLU D 6 -27.74 -21.56 -3.82
CA GLU D 6 -28.53 -22.05 -2.71
C GLU D 6 -28.25 -23.51 -2.35
N SER D 7 -28.52 -23.84 -1.10
CA SER D 7 -28.61 -25.21 -0.61
C SER D 7 -29.58 -25.23 0.58
N GLY D 8 -29.81 -26.42 1.13
CA GLY D 8 -30.56 -26.53 2.36
C GLY D 8 -31.91 -27.20 2.21
N GLY D 9 -32.40 -27.30 0.98
CA GLY D 9 -33.70 -27.88 0.73
C GLY D 9 -33.74 -29.35 1.10
N GLY D 10 -34.93 -29.86 1.39
CA GLY D 10 -35.11 -31.26 1.71
C GLY D 10 -36.53 -31.60 2.09
N LEU D 11 -36.71 -32.82 2.60
CA LEU D 11 -37.99 -33.36 3.05
C LEU D 11 -38.09 -33.36 4.57
N VAL D 12 -39.09 -32.67 5.11
CA VAL D 12 -39.36 -32.69 6.55
C VAL D 12 -40.82 -33.00 6.84
N GLN D 13 -41.08 -33.37 8.10
CA GLN D 13 -42.42 -33.56 8.62
C GLN D 13 -43.07 -32.21 8.85
N PRO D 14 -44.41 -32.15 8.85
CA PRO D 14 -45.12 -30.92 9.23
C PRO D 14 -44.76 -30.57 10.68
N GLY D 15 -44.49 -29.30 10.95
CA GLY D 15 -44.04 -28.91 12.26
C GLY D 15 -42.54 -29.08 12.44
N GLY D 16 -41.87 -29.58 11.40
CA GLY D 16 -40.42 -29.69 11.42
C GLY D 16 -39.73 -28.38 11.06
N SER D 17 -38.42 -28.47 10.79
CA SER D 17 -37.55 -27.31 10.62
C SER D 17 -36.56 -27.52 9.50
N LEU D 18 -36.25 -26.44 8.77
CA LEU D 18 -35.21 -26.45 7.74
C LEU D 18 -34.51 -25.13 7.71
N ARG D 19 -33.29 -25.11 7.20
CA ARG D 19 -32.54 -23.87 7.04
C ARG D 19 -31.99 -23.76 5.65
N LEU D 20 -32.40 -22.72 4.94
CA LEU D 20 -31.95 -22.50 3.55
C LEU D 20 -30.78 -21.52 3.54
N SER D 21 -29.83 -21.74 2.65
CA SER D 21 -28.68 -20.86 2.54
C SER D 21 -28.65 -20.27 1.16
N CYS D 22 -28.08 -19.08 1.07
CA CYS D 22 -27.96 -18.37 -0.18
C CYS D 22 -26.62 -17.69 -0.15
N ALA D 23 -25.64 -18.36 -0.75
CA ALA D 23 -24.24 -17.94 -0.70
C ALA D 23 -23.93 -17.02 -1.88
N ALA D 24 -23.61 -15.76 -1.58
CA ALA D 24 -23.25 -14.81 -2.63
C ALA D 24 -21.78 -14.89 -2.96
N SER D 25 -21.43 -14.61 -4.20
CA SER D 25 -20.05 -14.37 -4.59
C SER D 25 -20.09 -13.35 -5.71
N GLY D 26 -18.99 -12.63 -5.89
CA GLY D 26 -18.96 -11.58 -6.89
C GLY D 26 -19.55 -10.27 -6.42
N PHE D 27 -20.14 -10.26 -5.22
CA PHE D 27 -20.59 -9.05 -4.55
C PHE D 27 -20.81 -9.26 -3.05
N THR D 28 -21.32 -8.24 -2.36
CA THR D 28 -21.51 -8.25 -0.92
C THR D 28 -22.99 -8.22 -0.57
N ILE D 29 -23.52 -9.31 -0.01
CA ILE D 29 -24.95 -9.38 0.35
C ILE D 29 -25.39 -8.13 1.12
N SER D 30 -24.53 -7.61 2.00
CA SER D 30 -24.92 -6.51 2.87
C SER D 30 -25.22 -5.20 2.11
N ASP D 31 -24.88 -5.17 0.82
CA ASP D 31 -25.18 -4.03 -0.03
C ASP D 31 -26.60 -4.10 -0.62
N TYR D 32 -27.28 -5.23 -0.44
CA TYR D 32 -28.55 -5.49 -1.11
C TYR D 32 -29.61 -5.99 -0.17
N TRP D 33 -30.87 -5.87 -0.57
CA TRP D 33 -31.90 -6.70 0.03
C TRP D 33 -31.62 -8.09 -0.49
N ILE D 34 -31.99 -9.07 0.31
CA ILE D 34 -32.11 -10.43 -0.19
C ILE D 34 -33.57 -10.80 0.03
N HIS D 35 -34.26 -11.16 -1.06
CA HIS D 35 -35.63 -11.67 -0.96
C HIS D 35 -35.66 -13.18 -1.08
N TRP D 36 -36.57 -13.81 -0.35
CA TRP D 36 -36.91 -15.20 -0.62
C TRP D 36 -38.29 -15.22 -1.28
N VAL D 37 -38.34 -15.82 -2.47
CA VAL D 37 -39.54 -15.99 -3.26
C VAL D 37 -39.70 -17.48 -3.47
N ARG D 38 -40.92 -18.00 -3.28
CA ARG D 38 -41.17 -19.42 -3.45
C ARG D 38 -42.16 -19.72 -4.57
N GLN D 39 -42.01 -20.91 -5.15
CA GLN D 39 -42.83 -21.35 -6.28
C GLN D 39 -43.32 -22.77 -6.00
N ALA D 40 -44.58 -22.88 -5.61
CA ALA D 40 -45.22 -24.17 -5.39
C ALA D 40 -45.39 -24.91 -6.73
N PRO D 41 -45.50 -26.25 -6.71
CA PRO D 41 -45.59 -27.01 -7.96
C PRO D 41 -46.81 -26.57 -8.78
N GLY D 42 -46.56 -25.99 -9.96
CA GLY D 42 -47.62 -25.55 -10.85
C GLY D 42 -48.14 -24.14 -10.65
N LYS D 43 -47.79 -23.50 -9.54
CA LYS D 43 -48.31 -22.17 -9.23
C LYS D 43 -47.31 -21.03 -9.55
N GLY D 44 -47.66 -19.81 -9.13
CA GLY D 44 -46.86 -18.63 -9.44
C GLY D 44 -45.67 -18.38 -8.52
N LEU D 45 -45.13 -17.16 -8.59
CA LEU D 45 -44.03 -16.75 -7.75
C LEU D 45 -44.55 -15.95 -6.55
N GLU D 46 -44.37 -16.48 -5.35
CA GLU D 46 -44.85 -15.85 -4.13
C GLU D 46 -43.68 -15.41 -3.27
N TRP D 47 -43.60 -14.11 -3.02
CA TRP D 47 -42.59 -13.54 -2.12
C TRP D 47 -42.90 -13.99 -0.70
N VAL D 48 -41.85 -14.23 0.06
CA VAL D 48 -41.99 -14.79 1.39
C VAL D 48 -41.32 -13.94 2.50
N ALA D 49 -40.16 -13.33 2.21
CA ALA D 49 -39.38 -12.57 3.21
C ALA D 49 -38.29 -11.74 2.56
N GLY D 50 -37.84 -10.68 3.25
CA GLY D 50 -36.71 -9.86 2.82
C GLY D 50 -35.94 -9.18 3.95
N ILE D 51 -34.62 -9.05 3.78
CA ILE D 51 -33.77 -8.21 4.65
C ILE D 51 -33.23 -7.04 3.85
N THR D 52 -33.18 -5.91 4.52
CA THR D 52 -32.68 -4.64 4.04
C THR D 52 -31.15 -4.67 3.91
N PRO D 53 -30.57 -3.80 3.07
CA PRO D 53 -29.12 -3.60 3.08
C PRO D 53 -28.61 -3.35 4.50
N ALA D 54 -27.39 -3.79 4.79
CA ALA D 54 -26.81 -3.71 6.14
C ALA D 54 -27.60 -4.43 7.24
N GLY D 55 -28.60 -5.21 6.84
CA GLY D 55 -29.50 -5.86 7.79
C GLY D 55 -30.28 -4.93 8.69
N GLY D 56 -30.64 -3.76 8.17
CA GLY D 56 -31.37 -2.77 8.94
C GLY D 56 -32.81 -3.15 9.26
N TYR D 57 -33.43 -3.99 8.44
CA TYR D 57 -34.83 -4.33 8.65
C TYR D 57 -35.24 -5.65 8.01
N THR D 58 -36.36 -6.17 8.50
CA THR D 58 -36.84 -7.49 8.16
C THR D 58 -38.36 -7.46 7.84
N TYR D 59 -38.78 -8.15 6.79
CA TYR D 59 -40.20 -8.20 6.38
C TYR D 59 -40.63 -9.62 6.02
N TYR D 60 -41.89 -9.94 6.32
CA TYR D 60 -42.42 -11.29 6.13
C TYR D 60 -43.82 -11.31 5.55
N ALA D 61 -44.07 -12.25 4.63
CA ALA D 61 -45.43 -12.49 4.17
C ALA D 61 -46.25 -13.02 5.32
N ASP D 62 -47.50 -12.58 5.44
CA ASP D 62 -48.37 -13.09 6.51
C ASP D 62 -48.43 -14.60 6.64
N SER D 63 -48.30 -15.31 5.51
CA SER D 63 -48.36 -16.78 5.48
C SER D 63 -47.17 -17.42 6.19
N VAL D 64 -46.28 -16.58 6.69
CA VAL D 64 -44.97 -17.01 7.13
C VAL D 64 -44.57 -16.28 8.43
N LYS D 65 -45.19 -15.13 8.70
CA LYS D 65 -44.93 -14.35 9.91
C LYS D 65 -44.90 -15.20 11.19
N GLY D 66 -43.76 -15.26 11.87
CA GLY D 66 -43.69 -15.90 13.17
C GLY D 66 -43.26 -17.34 13.07
N ARG D 67 -43.07 -17.80 11.83
CA ARG D 67 -42.56 -19.14 11.59
C ARG D 67 -41.19 -19.12 10.92
N PHE D 68 -40.97 -18.15 10.01
CA PHE D 68 -39.69 -18.07 9.33
C PHE D 68 -38.89 -16.91 9.88
N THR D 69 -37.57 -17.00 9.75
CA THR D 69 -36.65 -15.89 10.03
C THR D 69 -35.69 -15.73 8.87
N ILE D 70 -35.56 -14.52 8.35
CA ILE D 70 -34.55 -14.23 7.34
C ILE D 70 -33.37 -13.53 8.00
N SER D 71 -32.17 -13.97 7.67
CA SER D 71 -30.96 -13.37 8.20
C SER D 71 -29.82 -13.56 7.23
N ALA D 72 -28.62 -13.21 7.69
CA ALA D 72 -27.40 -13.41 6.93
C ALA D 72 -26.20 -13.48 7.86
N ASP D 73 -25.10 -14.01 7.35
CA ASP D 73 -23.84 -14.03 8.09
C ASP D 73 -22.81 -13.36 7.20
N THR D 74 -22.52 -12.10 7.50
CA THR D 74 -21.65 -11.27 6.66
C THR D 74 -20.30 -11.91 6.50
N SER D 75 -19.81 -12.54 7.55
CA SER D 75 -18.51 -13.17 7.50
C SER D 75 -18.47 -14.27 6.44
N LYS D 76 -19.62 -14.84 6.11
CA LYS D 76 -19.68 -15.88 5.09
C LYS D 76 -20.38 -15.38 3.84
N ASN D 77 -20.71 -14.09 3.80
CA ASN D 77 -21.41 -13.51 2.67
C ASN D 77 -22.55 -14.42 2.23
N THR D 78 -23.30 -14.92 3.20
CA THR D 78 -24.36 -15.89 2.98
C THR D 78 -25.63 -15.51 3.71
N ALA D 79 -26.75 -15.49 2.99
CA ALA D 79 -28.06 -15.19 3.59
C ALA D 79 -28.78 -16.48 3.90
N TYR D 80 -29.74 -16.43 4.81
CA TYR D 80 -30.44 -17.62 5.28
C TYR D 80 -31.94 -17.39 5.38
N LEU D 81 -32.69 -18.49 5.34
CA LEU D 81 -34.10 -18.50 5.72
C LEU D 81 -34.30 -19.65 6.67
N GLN D 82 -34.44 -19.35 7.97
CA GLN D 82 -34.74 -20.38 8.95
C GLN D 82 -36.24 -20.61 8.91
N MET D 83 -36.60 -21.86 8.73
CA MET D 83 -38.00 -22.23 8.58
C MET D 83 -38.47 -23.15 9.71
N ASN D 84 -39.28 -22.62 10.60
CA ASN D 84 -39.83 -23.39 11.71
C ASN D 84 -41.32 -23.69 11.54
N SER D 85 -41.79 -24.73 12.20
CA SER D 85 -43.21 -25.09 12.18
C SER D 85 -43.69 -25.16 10.75
N LEU D 86 -42.98 -25.95 9.96
CA LEU D 86 -43.29 -26.08 8.56
C LEU D 86 -44.66 -26.73 8.40
N ARG D 87 -45.44 -26.17 7.49
CA ARG D 87 -46.76 -26.65 7.19
C ARG D 87 -46.69 -27.27 5.81
N ALA D 88 -47.60 -28.22 5.53
CA ALA D 88 -47.72 -28.81 4.21
C ALA D 88 -47.67 -27.80 3.06
N GLU D 89 -48.45 -26.73 3.15
CA GLU D 89 -48.50 -25.71 2.08
C GLU D 89 -47.20 -24.94 1.82
N ASP D 90 -46.18 -25.19 2.63
CA ASP D 90 -44.87 -24.56 2.44
C ASP D 90 -44.05 -25.29 1.37
N THR D 91 -44.53 -26.46 0.97
CA THR D 91 -43.92 -27.22 -0.11
C THR D 91 -43.76 -26.37 -1.37
N ALA D 92 -42.52 -26.14 -1.78
CA ALA D 92 -42.21 -25.32 -2.96
C ALA D 92 -40.73 -25.40 -3.34
N VAL D 93 -40.39 -24.86 -4.51
CA VAL D 93 -39.00 -24.52 -4.83
C VAL D 93 -38.78 -23.11 -4.30
N TYR D 94 -37.73 -22.93 -3.49
CA TYR D 94 -37.42 -21.64 -2.91
C TYR D 94 -36.23 -20.98 -3.60
N TYR D 95 -36.43 -19.73 -4.02
CA TYR D 95 -35.39 -18.92 -4.64
C TYR D 95 -35.00 -17.78 -3.71
N CYS D 96 -33.71 -17.42 -3.71
CA CYS D 96 -33.31 -16.11 -3.21
C CYS D 96 -32.97 -15.22 -4.40
N ALA D 97 -33.04 -13.90 -4.17
CA ALA D 97 -32.75 -12.88 -5.20
C ALA D 97 -32.30 -11.60 -4.53
N ARG D 98 -31.54 -10.78 -5.26
CA ARG D 98 -31.07 -9.52 -4.69
C ARG D 98 -31.84 -8.36 -5.28
N PHE D 99 -32.10 -7.37 -4.44
CA PHE D 99 -32.86 -6.22 -4.85
C PHE D 99 -32.37 -4.99 -4.13
N VAL D 100 -32.40 -3.87 -4.83
CA VAL D 100 -32.11 -2.59 -4.23
C VAL D 100 -33.04 -1.59 -4.88
N PHE D 101 -33.32 -0.46 -4.24
CA PHE D 101 -34.21 0.53 -4.87
C PHE D 101 -33.51 1.43 -5.89
N PHE D 102 -32.19 1.35 -5.95
CA PHE D 102 -31.39 1.97 -7.00
C PHE D 102 -31.62 1.19 -8.28
N LEU D 103 -31.42 1.84 -9.43
CA LEU D 103 -31.48 1.16 -10.73
C LEU D 103 -30.71 -0.16 -10.67
N PRO D 104 -31.27 -1.26 -11.18
CA PRO D 104 -32.53 -1.29 -11.94
C PRO D 104 -33.80 -1.49 -11.12
N TYR D 105 -33.72 -1.42 -9.80
CA TYR D 105 -34.84 -1.76 -8.93
C TYR D 105 -35.68 -2.92 -9.45
N ALA D 106 -34.99 -4.03 -9.72
CA ALA D 106 -35.60 -5.30 -10.08
C ALA D 106 -34.72 -6.41 -9.50
N MET D 107 -35.12 -7.66 -9.68
CA MET D 107 -34.33 -8.77 -9.16
C MET D 107 -33.44 -9.33 -10.25
N ASP D 108 -32.21 -8.81 -10.30
CA ASP D 108 -31.29 -9.10 -11.40
C ASP D 108 -30.62 -10.45 -11.27
N TYR D 109 -30.30 -10.85 -10.04
CA TYR D 109 -29.68 -12.15 -9.79
C TYR D 109 -30.47 -13.03 -8.82
N TRP D 110 -30.65 -14.28 -9.23
CA TRP D 110 -31.41 -15.26 -8.46
C TRP D 110 -30.53 -16.46 -8.15
N GLY D 111 -30.88 -17.22 -7.10
CA GLY D 111 -30.29 -18.54 -6.91
C GLY D 111 -30.96 -19.52 -7.85
N GLN D 112 -30.51 -20.76 -7.87
CA GLN D 112 -31.12 -21.78 -8.73
C GLN D 112 -32.42 -22.38 -8.17
N GLY D 113 -32.68 -22.14 -6.89
CA GLY D 113 -33.80 -22.76 -6.19
C GLY D 113 -33.38 -24.01 -5.45
N THR D 114 -33.97 -24.29 -4.28
CA THR D 114 -33.90 -25.61 -3.64
C THR D 114 -35.30 -26.09 -3.30
N LEU D 115 -35.52 -27.40 -3.42
CA LEU D 115 -36.82 -28.01 -3.19
C LEU D 115 -37.05 -28.27 -1.71
N VAL D 116 -38.13 -27.70 -1.20
CA VAL D 116 -38.57 -28.00 0.15
C VAL D 116 -39.91 -28.70 0.01
N THR D 117 -39.97 -29.90 0.57
CA THR D 117 -41.21 -30.65 0.55
C THR D 117 -41.58 -31.07 1.97
N VAL D 118 -42.80 -30.75 2.37
CA VAL D 118 -43.26 -30.94 3.74
C VAL D 118 -44.38 -31.96 3.72
N SER D 119 -44.11 -33.14 4.23
CA SER D 119 -45.07 -34.21 4.21
C SER D 119 -44.71 -35.14 5.33
N SER D 120 -45.68 -35.94 5.75
CA SER D 120 -45.46 -36.88 6.81
C SER D 120 -45.09 -38.26 6.29
N ALA D 121 -44.98 -38.40 4.97
CA ALA D 121 -44.61 -39.69 4.36
C ALA D 121 -43.11 -39.88 4.34
N SER D 122 -42.67 -41.12 4.49
CA SER D 122 -41.25 -41.43 4.55
C SER D 122 -40.60 -41.49 3.17
N THR D 123 -39.28 -41.38 3.16
CA THR D 123 -38.49 -41.58 1.98
C THR D 123 -38.76 -42.97 1.42
N LYS D 124 -38.64 -43.11 0.10
CA LYS D 124 -38.80 -44.41 -0.54
C LYS D 124 -38.15 -44.38 -1.90
N GLY D 125 -37.29 -45.37 -2.16
CA GLY D 125 -36.70 -45.54 -3.47
C GLY D 125 -37.69 -46.09 -4.49
N PRO D 126 -37.41 -45.87 -5.78
CA PRO D 126 -38.25 -46.44 -6.82
C PRO D 126 -37.85 -47.87 -7.16
N SER D 127 -38.82 -48.66 -7.63
CA SER D 127 -38.51 -49.88 -8.36
C SER D 127 -38.41 -49.44 -9.82
N VAL D 128 -37.44 -49.97 -10.56
CA VAL D 128 -37.25 -49.62 -11.96
C VAL D 128 -37.55 -50.80 -12.86
N PHE D 129 -38.40 -50.58 -13.86
CA PHE D 129 -38.81 -51.63 -14.78
C PHE D 129 -38.51 -51.27 -16.24
N PRO D 130 -38.17 -52.27 -17.06
CA PRO D 130 -37.94 -52.02 -18.49
C PRO D 130 -39.25 -51.82 -19.27
N LEU D 131 -39.16 -50.99 -20.31
CA LEU D 131 -40.21 -50.89 -21.32
C LEU D 131 -39.58 -51.33 -22.63
N ALA D 132 -39.78 -52.61 -22.93
CA ALA D 132 -39.06 -53.29 -24.00
C ALA D 132 -39.73 -53.08 -25.34
N PRO D 133 -38.93 -52.86 -26.38
CA PRO D 133 -39.42 -52.75 -27.77
C PRO D 133 -40.15 -54.01 -28.22
N SER D 134 -41.33 -53.85 -28.80
CA SER D 134 -42.14 -54.98 -29.27
C SER D 134 -41.86 -55.30 -30.73
N SER D 135 -42.74 -56.12 -31.34
CA SER D 135 -42.68 -56.51 -32.77
C SER D 135 -41.36 -57.14 -33.19
N GLY D 141 -38.20 -49.14 -39.11
CA GLY D 141 -37.76 -47.76 -39.17
C GLY D 141 -37.09 -47.37 -37.88
N THR D 142 -37.88 -46.87 -36.94
CA THR D 142 -37.41 -46.58 -35.58
C THR D 142 -38.21 -47.37 -34.54
N ALA D 143 -37.54 -47.79 -33.48
CA ALA D 143 -38.17 -48.52 -32.37
C ALA D 143 -38.14 -47.68 -31.11
N ALA D 144 -39.15 -47.86 -30.25
CA ALA D 144 -39.20 -47.11 -29.01
C ALA D 144 -38.96 -48.02 -27.80
N LEU D 145 -38.11 -47.57 -26.90
CA LEU D 145 -37.84 -48.27 -25.63
C LEU D 145 -37.67 -47.30 -24.47
N GLY D 146 -37.89 -47.80 -23.26
CA GLY D 146 -37.79 -46.95 -22.09
C GLY D 146 -37.51 -47.64 -20.76
N CYS D 147 -37.83 -46.94 -19.68
CA CYS D 147 -37.73 -47.43 -18.32
C CYS D 147 -38.88 -46.83 -17.52
N LEU D 148 -39.67 -47.66 -16.85
CA LEU D 148 -40.65 -47.16 -15.90
C LEU D 148 -40.00 -47.01 -14.52
N VAL D 149 -40.14 -45.83 -13.92
CA VAL D 149 -39.56 -45.54 -12.61
C VAL D 149 -40.69 -45.27 -11.60
N LYS D 150 -40.95 -46.26 -10.74
CA LYS D 150 -42.23 -46.38 -10.07
C LYS D 150 -42.14 -46.37 -8.54
N ASP D 151 -43.10 -45.69 -7.91
CA ASP D 151 -43.29 -45.66 -6.43
C ASP D 151 -42.11 -45.08 -5.63
N TYR D 152 -41.91 -43.77 -5.72
CA TYR D 152 -40.82 -43.17 -4.99
C TYR D 152 -41.23 -41.89 -4.29
N PHE D 153 -40.47 -41.52 -3.26
CA PHE D 153 -40.73 -40.32 -2.50
C PHE D 153 -39.48 -39.89 -1.73
N PRO D 154 -39.16 -38.59 -1.71
CA PRO D 154 -39.87 -37.56 -2.48
C PRO D 154 -39.22 -37.37 -3.84
N GLU D 155 -39.60 -36.33 -4.57
CA GLU D 155 -38.86 -35.91 -5.75
C GLU D 155 -37.52 -35.40 -5.26
N PRO D 156 -36.52 -35.24 -6.14
CA PRO D 156 -36.62 -35.60 -7.55
C PRO D 156 -35.98 -36.95 -7.84
N VAL D 157 -36.29 -37.51 -9.00
CA VAL D 157 -35.53 -38.64 -9.51
C VAL D 157 -34.75 -38.19 -10.74
N THR D 158 -33.61 -38.83 -10.98
CA THR D 158 -32.73 -38.49 -12.09
C THR D 158 -32.65 -39.67 -13.05
N VAL D 159 -32.82 -39.41 -14.34
CA VAL D 159 -32.60 -40.45 -15.35
C VAL D 159 -31.62 -40.01 -16.44
N SER D 160 -30.76 -40.94 -16.84
CA SER D 160 -29.93 -40.77 -18.02
C SER D 160 -29.89 -42.11 -18.76
N TRP D 161 -29.44 -42.08 -20.01
CA TRP D 161 -29.23 -43.30 -20.77
C TRP D 161 -27.76 -43.42 -21.12
N ASN D 162 -27.24 -44.64 -21.01
CA ASN D 162 -25.83 -44.95 -21.29
C ASN D 162 -24.87 -43.95 -20.64
N SER D 163 -25.14 -43.63 -19.38
CA SER D 163 -24.35 -42.69 -18.57
C SER D 163 -24.04 -41.36 -19.27
N GLY D 164 -25.03 -40.83 -19.99
CA GLY D 164 -24.90 -39.53 -20.65
C GLY D 164 -24.58 -39.60 -22.13
N ALA D 165 -24.00 -40.73 -22.56
CA ALA D 165 -23.62 -40.93 -23.97
C ALA D 165 -24.81 -40.96 -24.94
N LEU D 166 -26.01 -41.23 -24.43
CA LEU D 166 -27.24 -41.22 -25.23
C LEU D 166 -28.19 -40.13 -24.73
N THR D 167 -28.37 -39.09 -25.55
CA THR D 167 -29.23 -37.96 -25.21
C THR D 167 -30.32 -37.75 -26.27
N SER D 168 -30.01 -38.09 -27.52
CA SER D 168 -30.91 -37.85 -28.66
C SER D 168 -32.15 -38.74 -28.71
N GLY D 169 -33.33 -38.12 -28.72
CA GLY D 169 -34.59 -38.84 -28.82
C GLY D 169 -35.20 -39.26 -27.50
N VAL D 170 -34.52 -38.95 -26.39
CA VAL D 170 -34.96 -39.28 -25.05
C VAL D 170 -36.04 -38.34 -24.53
N HIS D 171 -37.06 -38.91 -23.89
CA HIS D 171 -38.12 -38.12 -23.27
C HIS D 171 -38.35 -38.68 -21.87
N THR D 172 -37.88 -37.94 -20.87
CA THR D 172 -38.08 -38.34 -19.48
C THR D 172 -39.28 -37.56 -18.97
N PHE D 173 -40.36 -38.27 -18.68
CA PHE D 173 -41.63 -37.63 -18.35
C PHE D 173 -41.63 -37.05 -16.95
N PRO D 174 -42.15 -35.83 -16.78
CA PRO D 174 -42.39 -35.29 -15.44
C PRO D 174 -43.16 -36.31 -14.61
N ALA D 175 -42.78 -36.41 -13.34
CA ALA D 175 -43.40 -37.36 -12.44
C ALA D 175 -44.86 -37.02 -12.23
N VAL D 176 -45.66 -38.06 -12.03
CA VAL D 176 -47.06 -37.92 -11.70
C VAL D 176 -47.24 -38.42 -10.27
N LEU D 177 -48.10 -37.75 -9.50
CA LEU D 177 -48.35 -38.17 -8.14
C LEU D 177 -49.45 -39.23 -8.16
N GLN D 178 -49.12 -40.44 -7.69
CA GLN D 178 -50.09 -41.52 -7.68
C GLN D 178 -51.09 -41.38 -6.54
N SER D 179 -52.19 -42.13 -6.63
CA SER D 179 -53.20 -42.17 -5.57
C SER D 179 -52.63 -42.66 -4.24
N SER D 180 -51.64 -43.55 -4.31
CA SER D 180 -50.90 -44.02 -3.14
C SER D 180 -50.05 -42.92 -2.47
N GLY D 181 -49.91 -41.78 -3.15
CA GLY D 181 -49.11 -40.67 -2.65
C GLY D 181 -47.63 -40.83 -2.94
N LEU D 182 -47.31 -41.84 -3.75
CA LEU D 182 -45.95 -42.08 -4.20
C LEU D 182 -45.86 -41.64 -5.65
N TYR D 183 -44.69 -41.15 -6.05
CA TYR D 183 -44.46 -40.68 -7.42
C TYR D 183 -44.08 -41.82 -8.36
N SER D 184 -44.50 -41.69 -9.61
CA SER D 184 -44.00 -42.54 -10.68
C SER D 184 -43.72 -41.71 -11.93
N LEU D 185 -42.76 -42.15 -12.74
CA LEU D 185 -42.51 -41.57 -14.06
C LEU D 185 -42.00 -42.63 -15.05
N SER D 186 -41.81 -42.23 -16.30
CA SER D 186 -41.17 -43.07 -17.31
C SER D 186 -40.18 -42.25 -18.11
N SER D 187 -39.04 -42.87 -18.43
CA SER D 187 -38.10 -42.29 -19.36
C SER D 187 -38.05 -43.16 -20.59
N VAL D 188 -38.05 -42.54 -21.77
CA VAL D 188 -38.22 -43.27 -23.02
C VAL D 188 -37.29 -42.72 -24.10
N VAL D 189 -36.88 -43.58 -25.02
CA VAL D 189 -36.01 -43.17 -26.12
C VAL D 189 -36.35 -43.90 -27.42
N THR D 190 -36.27 -43.18 -28.54
CA THR D 190 -36.38 -43.80 -29.87
C THR D 190 -34.99 -43.93 -30.49
N VAL D 191 -34.77 -45.05 -31.18
CA VAL D 191 -33.52 -45.31 -31.88
C VAL D 191 -33.77 -46.17 -33.13
N PRO D 192 -32.76 -46.30 -33.99
CA PRO D 192 -32.82 -47.24 -35.12
C PRO D 192 -33.23 -48.67 -34.72
N SER D 193 -34.08 -49.30 -35.54
CA SER D 193 -34.59 -50.64 -35.30
C SER D 193 -33.53 -51.76 -35.37
N SER D 194 -32.58 -51.62 -36.29
CA SER D 194 -31.55 -52.64 -36.49
C SER D 194 -30.49 -52.69 -35.38
N SER D 195 -30.56 -51.76 -34.44
CA SER D 195 -29.57 -51.67 -33.36
C SER D 195 -29.90 -52.53 -32.12
N LEU D 196 -31.04 -53.23 -32.15
CA LEU D 196 -31.42 -54.14 -31.07
C LEU D 196 -30.70 -55.48 -31.23
N GLY D 197 -29.83 -55.80 -30.28
CA GLY D 197 -29.02 -57.00 -30.36
C GLY D 197 -27.61 -56.73 -30.85
N THR D 198 -27.33 -55.48 -31.21
CA THR D 198 -25.98 -55.03 -31.56
C THR D 198 -25.56 -53.84 -30.69
N GLN D 199 -26.51 -53.29 -29.94
CA GLN D 199 -26.26 -52.20 -29.01
C GLN D 199 -27.12 -52.35 -27.74
N THR D 200 -26.44 -52.50 -26.61
CA THR D 200 -27.11 -52.52 -25.31
C THR D 200 -27.53 -51.10 -24.93
N TYR D 201 -28.70 -51.00 -24.30
CA TYR D 201 -29.21 -49.72 -23.82
C TYR D 201 -29.46 -49.80 -22.33
N ILE D 202 -28.69 -49.02 -21.57
CA ILE D 202 -28.80 -49.00 -20.11
C ILE D 202 -29.44 -47.68 -19.68
N CYS D 203 -30.49 -47.76 -18.84
CA CYS D 203 -31.04 -46.58 -18.20
C CYS D 203 -30.46 -46.40 -16.79
N ASN D 204 -29.99 -45.19 -16.50
CA ASN D 204 -29.34 -44.92 -15.21
C ASN D 204 -30.19 -44.04 -14.31
N VAL D 205 -30.83 -44.67 -13.34
CA VAL D 205 -31.78 -44.02 -12.43
C VAL D 205 -31.16 -43.71 -11.06
N ASN D 206 -31.24 -42.44 -10.65
CA ASN D 206 -30.81 -42.03 -9.32
C ASN D 206 -31.90 -41.31 -8.55
N HIS D 207 -32.00 -41.69 -7.27
CA HIS D 207 -32.87 -41.07 -6.30
C HIS D 207 -32.03 -40.79 -5.06
N LYS D 208 -31.59 -39.54 -4.92
CA LYS D 208 -30.67 -39.19 -3.82
C LYS D 208 -31.26 -39.41 -2.44
N PRO D 209 -32.47 -38.92 -2.18
CA PRO D 209 -33.13 -39.07 -0.87
C PRO D 209 -33.12 -40.48 -0.28
N SER D 210 -33.21 -41.51 -1.12
CA SER D 210 -33.18 -42.89 -0.63
C SER D 210 -31.85 -43.61 -0.85
N ASN D 211 -30.82 -42.90 -1.32
CA ASN D 211 -29.54 -43.50 -1.71
C ASN D 211 -29.68 -44.66 -2.70
N THR D 212 -30.64 -44.52 -3.61
CA THR D 212 -30.95 -45.54 -4.61
C THR D 212 -30.28 -45.22 -5.92
N LYS D 213 -29.53 -46.18 -6.44
CA LYS D 213 -28.95 -46.09 -7.76
C LYS D 213 -29.25 -47.39 -8.50
N VAL D 214 -29.95 -47.26 -9.62
CA VAL D 214 -30.29 -48.40 -10.46
C VAL D 214 -29.80 -48.16 -11.89
N ASP D 215 -29.21 -49.20 -12.46
CA ASP D 215 -28.88 -49.22 -13.88
C ASP D 215 -29.53 -50.45 -14.48
N LYS D 216 -30.36 -50.23 -15.49
CA LYS D 216 -31.16 -51.31 -16.08
C LYS D 216 -30.95 -51.45 -17.59
N LYS D 217 -30.42 -52.60 -17.99
CA LYS D 217 -30.34 -52.97 -19.39
C LYS D 217 -31.77 -53.16 -19.88
N VAL D 218 -32.11 -52.48 -20.96
CA VAL D 218 -33.41 -52.64 -21.60
C VAL D 218 -33.18 -53.32 -22.95
N GLU D 219 -33.80 -54.48 -23.12
CA GLU D 219 -33.58 -55.30 -24.31
C GLU D 219 -34.88 -56.00 -24.73
N PRO D 220 -34.96 -56.41 -26.00
CA PRO D 220 -36.10 -57.21 -26.49
C PRO D 220 -36.27 -58.50 -25.68
N LYS D 221 -37.50 -58.88 -25.36
CA LYS D 221 -37.77 -60.07 -24.53
C LYS D 221 -37.76 -61.39 -25.32
N SER D 222 -38.18 -62.48 -24.67
CA SER D 222 -38.05 -63.82 -25.23
C SER D 222 -38.96 -64.17 -26.42
N CYS D 223 -40.25 -63.83 -26.33
CA CYS D 223 -41.23 -64.33 -27.31
C CYS D 223 -42.28 -63.33 -27.79
N ASP E 1 6.99 -45.78 -14.29
CA ASP E 1 6.60 -45.03 -15.52
C ASP E 1 5.30 -45.54 -16.16
N ILE E 2 4.38 -44.64 -16.48
CA ILE E 2 3.04 -45.04 -16.94
C ILE E 2 2.93 -45.02 -18.47
N GLN E 3 2.57 -46.17 -19.05
CA GLN E 3 2.36 -46.29 -20.48
C GLN E 3 0.88 -46.06 -20.82
N MET E 4 0.64 -45.24 -21.85
CA MET E 4 -0.70 -44.99 -22.34
C MET E 4 -0.86 -45.53 -23.77
N THR E 5 -1.81 -46.44 -23.96
CA THR E 5 -2.03 -47.02 -25.28
C THR E 5 -3.42 -46.65 -25.83
N GLN E 6 -3.44 -46.05 -27.01
CA GLN E 6 -4.66 -45.55 -27.64
C GLN E 6 -5.28 -46.51 -28.67
N SER E 7 -6.60 -46.45 -28.79
CA SER E 7 -7.34 -47.23 -29.79
C SER E 7 -8.37 -46.35 -30.49
N PRO E 8 -8.41 -46.37 -31.82
CA PRO E 8 -7.47 -47.13 -32.64
C PRO E 8 -6.25 -46.28 -32.99
N SER E 9 -5.36 -46.81 -33.82
CA SER E 9 -4.23 -46.05 -34.35
C SER E 9 -4.74 -44.95 -35.27
N SER E 10 -5.68 -45.34 -36.14
CA SER E 10 -6.22 -44.48 -37.17
C SER E 10 -7.68 -44.82 -37.44
N LEU E 11 -8.47 -43.81 -37.81
CA LEU E 11 -9.87 -44.00 -38.21
C LEU E 11 -10.31 -42.98 -39.25
N SER E 12 -11.32 -43.37 -40.03
CA SER E 12 -12.00 -42.46 -40.94
C SER E 12 -13.48 -42.46 -40.60
N ALA E 13 -14.04 -41.26 -40.47
CA ALA E 13 -15.47 -41.08 -40.25
C ALA E 13 -15.97 -39.89 -41.04
N SER E 14 -17.26 -39.90 -41.37
CA SER E 14 -17.86 -38.82 -42.16
C SER E 14 -18.36 -37.69 -41.26
N VAL E 15 -18.54 -36.50 -41.84
CA VAL E 15 -19.09 -35.34 -41.12
C VAL E 15 -20.43 -35.71 -40.48
N GLY E 16 -20.56 -35.49 -39.18
CA GLY E 16 -21.77 -35.84 -38.45
C GLY E 16 -21.68 -37.13 -37.65
N ASP E 17 -20.75 -38.01 -38.05
CA ASP E 17 -20.48 -39.29 -37.37
C ASP E 17 -20.11 -39.08 -35.91
N ARG E 18 -20.19 -40.15 -35.13
CA ARG E 18 -19.78 -40.11 -33.73
C ARG E 18 -18.46 -40.85 -33.60
N VAL E 19 -17.42 -40.12 -33.25
CA VAL E 19 -16.08 -40.68 -33.11
C VAL E 19 -15.75 -40.82 -31.63
N THR E 20 -15.30 -42.01 -31.25
CA THR E 20 -14.73 -42.21 -29.91
C THR E 20 -13.39 -42.95 -29.98
N ILE E 21 -12.41 -42.35 -29.31
CA ILE E 21 -11.08 -42.90 -29.13
C ILE E 21 -10.95 -43.33 -27.67
N THR E 22 -10.47 -44.54 -27.45
CA THR E 22 -10.19 -45.00 -26.10
C THR E 22 -8.70 -44.84 -25.77
N CYS E 23 -8.40 -44.71 -24.48
CA CYS E 23 -7.04 -44.62 -23.99
C CYS E 23 -6.95 -45.44 -22.70
N ARG E 24 -5.91 -46.25 -22.60
CA ARG E 24 -5.77 -47.19 -21.49
C ARG E 24 -4.42 -47.06 -20.77
N ALA E 25 -4.45 -46.55 -19.55
CA ALA E 25 -3.26 -46.41 -18.74
C ALA E 25 -2.82 -47.76 -18.20
N SER E 26 -1.53 -47.94 -18.00
CA SER E 26 -1.03 -49.22 -17.49
C SER E 26 -1.17 -49.27 -15.97
N GLN E 27 -1.64 -48.17 -15.40
CA GLN E 27 -1.76 -47.98 -13.98
C GLN E 27 -2.93 -47.05 -13.74
N ASP E 28 -3.67 -47.29 -12.66
CA ASP E 28 -4.76 -46.40 -12.27
C ASP E 28 -4.23 -44.97 -12.16
N VAL E 29 -4.92 -44.03 -12.81
CA VAL E 29 -4.49 -42.63 -12.78
C VAL E 29 -5.63 -41.69 -12.39
N SER E 30 -6.49 -42.11 -11.47
CA SER E 30 -7.64 -41.30 -11.04
C SER E 30 -8.39 -40.77 -12.27
N THR E 31 -8.68 -39.47 -12.30
CA THR E 31 -9.23 -38.83 -13.48
C THR E 31 -8.22 -37.83 -14.04
N ALA E 32 -6.95 -38.03 -13.70
CA ALA E 32 -5.88 -37.12 -14.08
C ALA E 32 -5.38 -37.43 -15.49
N VAL E 33 -6.26 -37.23 -16.46
CA VAL E 33 -5.98 -37.48 -17.87
C VAL E 33 -6.44 -36.29 -18.70
N ALA E 34 -5.60 -35.90 -19.67
CA ALA E 34 -5.93 -34.81 -20.59
C ALA E 34 -5.95 -35.30 -22.04
N TRP E 35 -6.79 -34.65 -22.85
CA TRP E 35 -6.88 -34.94 -24.29
C TRP E 35 -6.41 -33.74 -25.10
N TYR E 36 -5.65 -34.03 -26.15
CA TYR E 36 -5.04 -33.00 -26.99
C TYR E 36 -5.38 -33.26 -28.45
N GLN E 37 -5.54 -32.17 -29.21
CA GLN E 37 -5.67 -32.24 -30.66
C GLN E 37 -4.47 -31.53 -31.25
N GLN E 38 -3.81 -32.18 -32.21
CA GLN E 38 -2.64 -31.62 -32.88
C GLN E 38 -2.82 -31.60 -34.39
N LYS E 39 -2.78 -30.40 -34.96
CA LYS E 39 -2.91 -30.23 -36.39
C LYS E 39 -1.53 -30.34 -37.01
N PRO E 40 -1.45 -30.73 -38.28
CA PRO E 40 -0.16 -30.86 -38.98
C PRO E 40 0.75 -29.63 -38.77
N GLY E 41 1.96 -29.89 -38.27
CA GLY E 41 2.96 -28.86 -38.06
C GLY E 41 2.59 -27.81 -37.02
N LYS E 42 1.88 -28.25 -35.98
CA LYS E 42 1.40 -27.31 -34.97
C LYS E 42 1.54 -27.83 -33.53
N ALA E 43 1.72 -26.90 -32.60
CA ALA E 43 1.71 -27.20 -31.18
C ALA E 43 0.34 -27.79 -30.79
N PRO E 44 0.34 -28.89 -30.05
CA PRO E 44 -0.90 -29.55 -29.59
C PRO E 44 -1.84 -28.64 -28.78
N LYS E 45 -3.14 -28.85 -28.93
CA LYS E 45 -4.19 -28.02 -28.34
C LYS E 45 -4.94 -28.79 -27.26
N LEU E 46 -4.89 -28.28 -26.04
CA LEU E 46 -5.63 -28.90 -24.94
C LEU E 46 -7.16 -28.86 -25.16
N LEU E 47 -7.77 -30.05 -25.21
CA LEU E 47 -9.20 -30.16 -25.46
C LEU E 47 -9.96 -30.41 -24.17
N ILE E 48 -9.54 -31.43 -23.44
CA ILE E 48 -10.20 -31.84 -22.22
C ILE E 48 -9.19 -32.02 -21.13
N TYR E 49 -9.54 -31.59 -19.92
CA TYR E 49 -8.72 -31.89 -18.74
C TYR E 49 -9.49 -32.62 -17.65
N SER E 50 -8.74 -33.22 -16.72
CA SER E 50 -9.33 -34.01 -15.64
C SER E 50 -10.35 -35.03 -16.16
N ALA E 51 -9.93 -35.75 -17.22
CA ALA E 51 -10.72 -36.79 -17.89
C ALA E 51 -11.95 -36.30 -18.64
N SER E 52 -12.71 -35.38 -18.05
CA SER E 52 -14.03 -35.04 -18.59
C SER E 52 -14.44 -33.55 -18.60
N PHE E 53 -13.56 -32.64 -18.20
CA PHE E 53 -13.91 -31.22 -18.21
C PHE E 53 -13.43 -30.52 -19.46
N LEU E 54 -14.34 -29.79 -20.09
CA LEU E 54 -14.09 -29.09 -21.32
C LEU E 54 -13.23 -27.88 -21.04
N TYR E 55 -12.08 -27.82 -21.69
CA TYR E 55 -11.19 -26.68 -21.57
C TYR E 55 -11.83 -25.45 -22.19
N SER E 56 -11.57 -24.29 -21.60
CA SER E 56 -12.11 -23.01 -22.05
C SER E 56 -12.04 -22.82 -23.57
N GLY E 57 -13.15 -22.43 -24.16
CA GLY E 57 -13.19 -22.12 -25.58
C GLY E 57 -13.14 -23.30 -26.53
N VAL E 58 -13.10 -24.53 -26.01
CA VAL E 58 -13.20 -25.72 -26.86
C VAL E 58 -14.69 -25.97 -27.17
N PRO E 59 -15.04 -26.30 -28.43
CA PRO E 59 -16.43 -26.57 -28.80
C PRO E 59 -17.03 -27.75 -28.05
N SER E 60 -18.34 -27.72 -27.78
CA SER E 60 -18.95 -28.71 -26.90
C SER E 60 -19.18 -30.09 -27.53
N ARG E 61 -18.84 -30.25 -28.81
CA ARG E 61 -18.88 -31.57 -29.45
C ARG E 61 -17.76 -32.50 -28.97
N PHE E 62 -16.69 -31.93 -28.41
CA PHE E 62 -15.65 -32.71 -27.72
C PHE E 62 -16.06 -32.90 -26.27
N SER E 63 -15.98 -34.14 -25.82
CA SER E 63 -16.26 -34.46 -24.43
C SER E 63 -15.43 -35.68 -24.06
N GLY E 64 -15.19 -35.86 -22.77
CA GLY E 64 -14.37 -36.97 -22.30
C GLY E 64 -15.00 -37.72 -21.14
N SER E 65 -14.54 -38.94 -20.93
CA SER E 65 -15.02 -39.75 -19.82
C SER E 65 -13.99 -40.80 -19.46
N GLY E 66 -14.23 -41.47 -18.32
CA GLY E 66 -13.36 -42.51 -17.79
C GLY E 66 -12.75 -42.14 -16.46
N SER E 67 -12.27 -43.16 -15.76
CA SER E 67 -11.48 -43.00 -14.54
C SER E 67 -10.69 -44.27 -14.29
N GLY E 68 -9.54 -44.15 -13.64
CA GLY E 68 -8.73 -45.33 -13.33
C GLY E 68 -7.77 -45.66 -14.46
N THR E 69 -8.09 -46.67 -15.27
CA THR E 69 -7.24 -47.03 -16.41
C THR E 69 -7.89 -46.76 -17.76
N ASP E 70 -9.20 -46.94 -17.88
CA ASP E 70 -9.88 -46.81 -19.18
C ASP E 70 -10.52 -45.44 -19.41
N PHE E 71 -10.08 -44.75 -20.47
CA PHE E 71 -10.54 -43.39 -20.77
C PHE E 71 -11.04 -43.25 -22.22
N THR E 72 -11.93 -42.28 -22.45
CA THR E 72 -12.54 -42.11 -23.77
C THR E 72 -12.72 -40.64 -24.16
N LEU E 73 -12.39 -40.33 -25.41
CA LEU E 73 -12.69 -39.03 -26.01
C LEU E 73 -13.81 -39.21 -27.02
N THR E 74 -14.82 -38.35 -26.93
CA THR E 74 -15.95 -38.40 -27.85
C THR E 74 -16.10 -37.11 -28.63
N ILE E 75 -16.19 -37.26 -29.95
CA ILE E 75 -16.60 -36.19 -30.84
C ILE E 75 -17.97 -36.59 -31.34
N SER E 76 -19.00 -35.90 -30.84
CA SER E 76 -20.38 -36.31 -31.08
C SER E 76 -20.81 -36.06 -32.52
N SER E 77 -20.41 -34.91 -33.07
CA SER E 77 -20.71 -34.59 -34.46
C SER E 77 -19.45 -34.04 -35.15
N LEU E 78 -18.72 -34.95 -35.79
CA LEU E 78 -17.44 -34.67 -36.43
C LEU E 78 -17.58 -33.59 -37.49
N GLN E 79 -16.75 -32.55 -37.39
CA GLN E 79 -16.74 -31.47 -38.36
C GLN E 79 -15.53 -31.66 -39.29
N PRO E 80 -15.54 -31.04 -40.48
CA PRO E 80 -14.44 -31.23 -41.44
C PRO E 80 -13.09 -30.74 -40.89
N GLU E 81 -13.13 -29.83 -39.93
CA GLU E 81 -11.93 -29.24 -39.36
C GLU E 81 -11.41 -29.99 -38.14
N ASP E 82 -12.05 -31.11 -37.83
CA ASP E 82 -11.68 -31.93 -36.67
C ASP E 82 -10.62 -32.96 -37.03
N PHE E 83 -10.22 -32.99 -38.30
CA PHE E 83 -9.11 -33.82 -38.73
C PHE E 83 -7.86 -33.35 -38.01
N ALA E 84 -7.22 -34.29 -37.32
CA ALA E 84 -6.01 -34.04 -36.54
C ALA E 84 -5.46 -35.37 -36.01
N THR E 85 -4.30 -35.34 -35.36
CA THR E 85 -3.84 -36.50 -34.59
C THR E 85 -4.16 -36.22 -33.13
N TYR E 86 -4.91 -37.11 -32.48
CA TYR E 86 -5.35 -36.89 -31.10
C TYR E 86 -4.53 -37.70 -30.09
N TYR E 87 -4.23 -37.06 -28.96
CA TYR E 87 -3.37 -37.63 -27.93
C TYR E 87 -4.05 -37.57 -26.56
N CYS E 88 -3.99 -38.68 -25.84
CA CYS E 88 -4.28 -38.66 -24.41
C CYS E 88 -2.97 -38.49 -23.66
N GLN E 89 -3.05 -37.90 -22.48
CA GLN E 89 -1.89 -37.73 -21.61
C GLN E 89 -2.30 -37.91 -20.16
N GLN E 90 -1.52 -38.70 -19.44
CA GLN E 90 -1.65 -38.91 -18.01
C GLN E 90 -0.91 -37.81 -17.26
N SER E 91 -1.62 -37.08 -16.40
CA SER E 91 -0.95 -36.10 -15.53
C SER E 91 -0.98 -36.47 -14.04
N TYR E 92 -1.05 -37.77 -13.74
CA TYR E 92 -1.10 -38.25 -12.36
C TYR E 92 0.27 -38.27 -11.71
N THR E 93 1.26 -38.80 -12.43
CA THR E 93 2.65 -38.79 -11.97
C THR E 93 3.50 -37.96 -12.88
N THR E 94 4.74 -37.78 -12.43
CA THR E 94 5.78 -37.18 -13.23
C THR E 94 6.77 -38.31 -13.53
N PRO E 95 7.19 -38.43 -14.80
CA PRO E 95 6.87 -37.47 -15.87
C PRO E 95 5.53 -37.75 -16.51
N PRO E 96 4.89 -36.73 -17.08
CA PRO E 96 3.61 -36.94 -17.75
C PRO E 96 3.90 -37.61 -19.08
N THR E 97 3.18 -38.70 -19.35
CA THR E 97 3.40 -39.50 -20.53
C THR E 97 2.20 -39.42 -21.45
N PHE E 98 2.45 -39.58 -22.75
CA PHE E 98 1.43 -39.45 -23.78
C PHE E 98 0.99 -40.80 -24.31
N GLY E 99 -0.18 -40.84 -24.93
CA GLY E 99 -0.55 -41.96 -25.77
C GLY E 99 0.20 -41.85 -27.07
N GLN E 100 0.20 -42.91 -27.87
CA GLN E 100 0.93 -42.93 -29.14
C GLN E 100 0.22 -42.13 -30.25
N GLY E 101 -1.06 -41.80 -30.01
CA GLY E 101 -1.80 -40.90 -30.88
C GLY E 101 -2.75 -41.61 -31.81
N THR E 102 -3.93 -41.00 -32.01
CA THR E 102 -4.91 -41.50 -32.98
C THR E 102 -5.14 -40.51 -34.12
N LYS E 103 -4.81 -40.94 -35.34
CA LYS E 103 -5.03 -40.16 -36.56
C LYS E 103 -6.50 -40.23 -37.00
N VAL E 104 -7.13 -39.07 -37.12
CA VAL E 104 -8.51 -39.00 -37.59
C VAL E 104 -8.56 -38.26 -38.92
N GLU E 105 -9.04 -38.94 -39.96
CA GLU E 105 -9.35 -38.33 -41.25
C GLU E 105 -10.87 -38.33 -41.52
N ILE E 106 -11.31 -37.41 -42.37
CA ILE E 106 -12.72 -37.21 -42.66
C ILE E 106 -13.13 -38.00 -43.89
N LYS E 107 -14.31 -38.60 -43.86
CA LYS E 107 -14.88 -39.26 -45.03
C LYS E 107 -15.87 -38.34 -45.71
N ARG E 108 -15.63 -38.10 -47.00
CA ARG E 108 -16.55 -37.37 -47.87
C ARG E 108 -16.81 -38.21 -49.11
N THR E 109 -17.66 -37.74 -50.02
CA THR E 109 -18.08 -38.51 -51.21
C THR E 109 -16.89 -39.10 -52.01
N VAL E 110 -16.70 -38.68 -53.25
CA VAL E 110 -15.54 -39.05 -54.04
C VAL E 110 -15.30 -37.92 -55.01
N ALA E 111 -14.08 -37.38 -54.98
CA ALA E 111 -13.69 -36.35 -55.93
C ALA E 111 -12.64 -36.89 -56.88
N ALA E 112 -12.85 -36.66 -58.17
CA ALA E 112 -11.85 -36.93 -59.19
C ALA E 112 -10.77 -35.85 -59.09
N PRO E 113 -9.51 -36.25 -59.25
CA PRO E 113 -8.43 -35.26 -59.28
C PRO E 113 -8.48 -34.46 -60.58
N SER E 114 -8.22 -33.16 -60.50
CA SER E 114 -7.94 -32.38 -61.70
C SER E 114 -6.44 -32.49 -61.92
N VAL E 115 -6.05 -33.02 -63.07
CA VAL E 115 -4.64 -33.33 -63.34
C VAL E 115 -3.97 -32.27 -64.22
N PHE E 116 -2.76 -31.89 -63.83
CA PHE E 116 -1.95 -30.92 -64.57
C PHE E 116 -0.52 -31.40 -64.72
N ILE E 117 0.10 -31.06 -65.85
CA ILE E 117 1.51 -31.35 -66.06
C ILE E 117 2.27 -30.04 -66.30
N PHE E 118 3.42 -29.91 -65.64
CA PHE E 118 4.32 -28.78 -65.84
C PHE E 118 5.67 -29.27 -66.37
N PRO E 119 6.11 -28.74 -67.51
CA PRO E 119 7.43 -29.05 -68.04
C PRO E 119 8.52 -28.30 -67.26
N PRO E 120 9.79 -28.72 -67.33
CA PRO E 120 10.86 -27.97 -66.66
C PRO E 120 10.97 -26.55 -67.20
N SER E 121 11.37 -25.61 -66.36
CA SER E 121 11.56 -24.23 -66.76
C SER E 121 12.82 -24.11 -67.60
N ASP E 122 12.88 -23.07 -68.44
CA ASP E 122 14.08 -22.79 -69.22
C ASP E 122 15.24 -22.54 -68.25
N GLU E 123 14.93 -21.86 -67.16
CA GLU E 123 15.87 -21.57 -66.08
C GLU E 123 16.56 -22.80 -65.50
N GLN E 124 15.80 -23.86 -65.27
CA GLN E 124 16.33 -25.08 -64.66
C GLN E 124 17.29 -25.83 -65.58
N LEU E 125 16.89 -25.99 -66.83
CA LEU E 125 17.71 -26.67 -67.84
C LEU E 125 19.09 -26.04 -68.02
N LYS E 126 19.18 -24.73 -67.79
CA LYS E 126 20.45 -24.00 -67.81
C LYS E 126 21.43 -24.57 -66.78
N SER E 127 20.90 -25.11 -65.68
CA SER E 127 21.73 -25.64 -64.61
C SER E 127 22.12 -27.11 -64.83
N GLY E 128 21.41 -27.79 -65.74
CA GLY E 128 21.78 -29.13 -66.12
C GLY E 128 20.83 -30.27 -65.77
N THR E 129 19.75 -29.99 -65.05
CA THR E 129 18.74 -31.00 -64.76
C THR E 129 17.35 -30.53 -65.15
N ALA E 130 16.45 -31.48 -65.37
CA ALA E 130 15.05 -31.18 -65.65
C ALA E 130 14.16 -31.84 -64.60
N SER E 131 13.26 -31.07 -64.02
CA SER E 131 12.26 -31.60 -63.11
C SER E 131 10.90 -31.48 -63.79
N VAL E 132 10.29 -32.63 -64.08
CA VAL E 132 8.95 -32.65 -64.64
C VAL E 132 7.95 -32.92 -63.53
N VAL E 133 6.95 -32.04 -63.44
CA VAL E 133 5.99 -32.11 -62.35
C VAL E 133 4.57 -32.40 -62.82
N CYS E 134 3.95 -33.36 -62.15
CA CYS E 134 2.55 -33.69 -62.35
C CYS E 134 1.72 -33.37 -61.09
N LEU E 135 0.60 -32.68 -61.30
CA LEU E 135 -0.28 -32.27 -60.22
C LEU E 135 -1.61 -32.98 -60.28
N LEU E 136 -1.93 -33.67 -59.20
CA LEU E 136 -3.25 -34.24 -59.00
C LEU E 136 -3.88 -33.37 -57.92
N ASN E 137 -4.91 -32.62 -58.32
CA ASN E 137 -5.50 -31.63 -57.42
C ASN E 137 -6.89 -32.02 -56.91
N ASN E 138 -7.07 -31.89 -55.58
CA ASN E 138 -8.35 -32.09 -54.89
C ASN E 138 -9.15 -33.36 -55.23
N PHE E 139 -8.77 -34.46 -54.57
CA PHE E 139 -9.42 -35.74 -54.79
C PHE E 139 -9.66 -36.49 -53.47
N TYR E 140 -10.45 -37.55 -53.53
CA TYR E 140 -10.70 -38.42 -52.38
C TYR E 140 -11.15 -39.81 -52.85
N PRO E 141 -10.54 -40.89 -52.35
CA PRO E 141 -9.57 -40.89 -51.24
C PRO E 141 -8.12 -40.56 -51.57
N ARG E 142 -7.23 -40.92 -50.64
CA ARG E 142 -5.80 -40.62 -50.73
C ARG E 142 -5.08 -41.49 -51.75
N GLU E 143 -5.52 -42.74 -51.87
CA GLU E 143 -4.93 -43.69 -52.81
C GLU E 143 -5.09 -43.22 -54.24
N ALA E 144 -3.96 -43.08 -54.92
CA ALA E 144 -3.89 -42.73 -56.34
C ALA E 144 -2.54 -43.18 -56.86
N LYS E 145 -2.54 -43.71 -58.08
CA LYS E 145 -1.32 -44.19 -58.70
C LYS E 145 -0.95 -43.29 -59.88
N VAL E 146 0.31 -42.88 -59.92
CA VAL E 146 0.83 -42.03 -60.98
C VAL E 146 1.99 -42.75 -61.66
N GLN E 147 1.92 -42.86 -62.98
CA GLN E 147 3.00 -43.47 -63.74
C GLN E 147 3.58 -42.50 -64.77
N TRP E 148 4.91 -42.39 -64.77
CA TRP E 148 5.63 -41.58 -65.75
C TRP E 148 6.11 -42.42 -66.95
N LYS E 149 5.82 -41.94 -68.15
CA LYS E 149 6.31 -42.58 -69.38
C LYS E 149 7.05 -41.55 -70.25
N VAL E 150 8.29 -41.86 -70.60
CA VAL E 150 9.08 -40.98 -71.44
C VAL E 150 9.27 -41.69 -72.78
N ASP E 151 8.45 -41.29 -73.75
CA ASP E 151 8.34 -41.98 -75.05
C ASP E 151 7.84 -43.41 -74.86
N ASN E 152 6.84 -43.56 -74.00
CA ASN E 152 6.24 -44.86 -73.65
C ASN E 152 7.19 -45.83 -72.92
N ALA E 153 8.31 -45.32 -72.45
CA ALA E 153 9.23 -46.12 -71.64
C ALA E 153 8.94 -45.84 -70.16
N LEU E 154 8.80 -46.92 -69.38
CA LEU E 154 8.48 -46.83 -67.96
C LEU E 154 9.62 -46.21 -67.17
N GLN E 155 9.27 -45.26 -66.30
CA GLN E 155 10.21 -44.67 -65.37
C GLN E 155 10.04 -45.34 -64.01
N SER E 156 11.13 -45.94 -63.52
CA SER E 156 11.13 -46.65 -62.25
C SER E 156 12.29 -46.17 -61.38
N GLY E 157 11.97 -45.62 -60.21
CA GLY E 157 12.96 -45.21 -59.24
C GLY E 157 13.63 -43.87 -59.50
N ASN E 158 12.93 -42.99 -60.22
CA ASN E 158 13.45 -41.65 -60.53
C ASN E 158 12.41 -40.54 -60.37
N SER E 159 11.39 -40.81 -59.55
CA SER E 159 10.32 -39.87 -59.27
C SER E 159 9.92 -40.00 -57.82
N GLN E 160 9.42 -38.91 -57.24
CA GLN E 160 8.91 -38.93 -55.86
C GLN E 160 7.56 -38.23 -55.78
N GLU E 161 6.67 -38.79 -54.96
CA GLU E 161 5.35 -38.22 -54.74
C GLU E 161 5.31 -37.45 -53.42
N SER E 162 4.59 -36.34 -53.41
CA SER E 162 4.27 -35.67 -52.16
C SER E 162 2.78 -35.54 -52.07
N VAL E 163 2.24 -35.70 -50.86
CA VAL E 163 0.80 -35.61 -50.68
C VAL E 163 0.44 -34.59 -49.63
N THR E 164 -0.59 -33.81 -49.94
CA THR E 164 -1.02 -32.71 -49.10
C THR E 164 -1.81 -33.22 -47.90
N GLU E 165 -1.83 -32.44 -46.82
CA GLU E 165 -2.67 -32.76 -45.69
C GLU E 165 -4.12 -32.48 -46.05
N GLN E 166 -5.03 -33.25 -45.45
CA GLN E 166 -6.46 -33.11 -45.72
C GLN E 166 -6.95 -31.68 -45.49
N ASP E 167 -7.66 -31.14 -46.47
CA ASP E 167 -8.15 -29.77 -46.40
C ASP E 167 -9.19 -29.57 -45.30
N SER E 168 -9.11 -28.44 -44.59
CA SER E 168 -9.99 -28.17 -43.45
C SER E 168 -11.43 -27.79 -43.81
N LYS E 169 -11.69 -27.53 -45.09
CA LYS E 169 -13.04 -27.21 -45.57
C LYS E 169 -13.70 -28.36 -46.34
N ASP E 170 -13.04 -28.82 -47.39
CA ASP E 170 -13.63 -29.78 -48.33
C ASP E 170 -13.07 -31.19 -48.23
N SER E 171 -12.17 -31.40 -47.27
CA SER E 171 -11.62 -32.72 -46.94
C SER E 171 -10.92 -33.49 -48.08
N THR E 172 -10.44 -32.77 -49.09
CA THR E 172 -9.75 -33.37 -50.22
C THR E 172 -8.25 -33.51 -49.97
N TYR E 173 -7.54 -34.03 -50.96
CA TYR E 173 -6.08 -34.17 -50.94
C TYR E 173 -5.51 -33.67 -52.26
N SER E 174 -4.24 -33.28 -52.25
CA SER E 174 -3.54 -32.98 -53.49
C SER E 174 -2.20 -33.71 -53.54
N LEU E 175 -1.83 -34.17 -54.73
CA LEU E 175 -0.60 -34.93 -54.91
C LEU E 175 0.26 -34.35 -56.00
N SER E 176 1.56 -34.33 -55.75
CA SER E 176 2.55 -34.00 -56.74
C SER E 176 3.44 -35.22 -57.00
N SER E 177 3.77 -35.44 -58.27
CA SER E 177 4.78 -36.43 -58.64
C SER E 177 5.84 -35.73 -59.46
N THR E 178 7.09 -35.88 -59.05
CA THR E 178 8.20 -35.15 -59.65
C THR E 178 9.22 -36.09 -60.25
N LEU E 179 9.31 -36.07 -61.58
CA LEU E 179 10.28 -36.85 -62.32
C LEU E 179 11.57 -36.06 -62.53
N THR E 180 12.69 -36.65 -62.13
CA THR E 180 14.00 -36.02 -62.21
C THR E 180 14.88 -36.69 -63.29
N LEU E 181 15.43 -35.86 -64.16
CA LEU E 181 16.27 -36.30 -65.26
C LEU E 181 17.46 -35.37 -65.47
N SER E 182 18.49 -35.87 -66.15
CA SER E 182 19.59 -35.03 -66.59
C SER E 182 19.09 -34.15 -67.73
N LYS E 183 19.76 -33.03 -67.96
CA LYS E 183 19.47 -32.20 -69.14
C LYS E 183 19.63 -33.07 -70.38
N ALA E 184 20.70 -33.86 -70.41
CA ALA E 184 21.01 -34.75 -71.54
C ALA E 184 19.87 -35.69 -71.87
N ASP E 185 19.41 -36.45 -70.87
CA ASP E 185 18.35 -37.44 -71.06
C ASP E 185 16.98 -36.81 -71.34
N TYR E 186 16.79 -35.58 -70.86
CA TYR E 186 15.59 -34.80 -71.20
C TYR E 186 15.58 -34.34 -72.66
N GLU E 187 16.77 -34.11 -73.23
CA GLU E 187 16.88 -33.63 -74.63
C GLU E 187 16.51 -34.68 -75.68
N LYS E 188 16.96 -35.92 -75.47
CA LYS E 188 16.79 -36.98 -76.46
C LYS E 188 15.32 -37.30 -76.76
N HIS E 189 14.47 -37.17 -75.75
CA HIS E 189 13.10 -37.65 -75.82
C HIS E 189 12.07 -36.57 -76.07
N LYS E 190 10.91 -36.98 -76.59
CA LYS E 190 9.87 -36.05 -77.04
C LYS E 190 8.60 -36.07 -76.19
N VAL E 191 7.96 -37.24 -76.05
CA VAL E 191 6.68 -37.35 -75.33
C VAL E 191 6.82 -37.57 -73.81
N TYR E 192 6.43 -36.57 -73.04
CA TYR E 192 6.46 -36.67 -71.59
C TYR E 192 5.04 -36.76 -71.04
N ALA E 193 4.69 -37.93 -70.50
CA ALA E 193 3.32 -38.26 -70.14
C ALA E 193 3.15 -38.70 -68.68
N CYS E 194 2.24 -38.02 -68.00
CA CYS E 194 1.86 -38.35 -66.64
C CYS E 194 0.54 -39.13 -66.68
N GLU E 195 0.55 -40.32 -66.06
CA GLU E 195 -0.59 -41.25 -66.14
C GLU E 195 -1.23 -41.51 -64.78
N VAL E 196 -2.53 -41.26 -64.68
CA VAL E 196 -3.19 -41.23 -63.37
C VAL E 196 -4.37 -42.19 -63.22
N THR E 197 -4.31 -43.03 -62.18
CA THR E 197 -5.42 -43.90 -61.78
C THR E 197 -5.98 -43.46 -60.43
N HIS E 198 -7.31 -43.42 -60.32
CA HIS E 198 -8.01 -43.07 -59.09
C HIS E 198 -9.36 -43.75 -59.02
N GLN E 199 -9.95 -43.77 -57.82
CA GLN E 199 -11.28 -44.31 -57.60
C GLN E 199 -12.34 -43.53 -58.38
N GLY E 200 -12.27 -42.20 -58.34
CA GLY E 200 -13.23 -41.33 -59.00
C GLY E 200 -13.04 -41.16 -60.50
N LEU E 201 -11.98 -41.78 -61.03
CA LEU E 201 -11.65 -41.71 -62.45
C LEU E 201 -12.18 -42.94 -63.18
N SER E 202 -13.05 -42.71 -64.16
CA SER E 202 -13.66 -43.77 -64.94
C SER E 202 -12.62 -44.54 -65.76
N SER E 203 -11.70 -43.80 -66.38
CA SER E 203 -10.61 -44.37 -67.18
C SER E 203 -9.32 -43.63 -66.88
N PRO E 204 -8.21 -44.38 -66.74
CA PRO E 204 -6.90 -43.79 -66.43
C PRO E 204 -6.58 -42.57 -67.30
N VAL E 205 -6.20 -41.45 -66.67
CA VAL E 205 -5.98 -40.20 -67.40
C VAL E 205 -4.51 -39.93 -67.69
N THR E 206 -4.21 -39.84 -68.99
CA THR E 206 -2.90 -39.43 -69.47
C THR E 206 -2.90 -37.92 -69.63
N LYS E 207 -1.92 -37.27 -69.02
CA LYS E 207 -1.68 -35.85 -69.21
C LYS E 207 -0.27 -35.68 -69.72
N SER E 208 -0.13 -35.09 -70.90
CA SER E 208 1.16 -35.06 -71.57
C SER E 208 1.49 -33.73 -72.25
N PHE E 209 2.74 -33.66 -72.72
CA PHE E 209 3.20 -32.60 -73.60
C PHE E 209 4.40 -33.14 -74.39
N ASN E 210 4.64 -32.58 -75.57
CA ASN E 210 5.95 -32.70 -76.20
C ASN E 210 6.62 -31.34 -76.18
N ARG E 211 7.95 -31.34 -76.06
CA ARG E 211 8.70 -30.09 -75.94
C ARG E 211 8.82 -29.33 -77.26
N GLU F 1 -2.26 -11.89 -22.45
CA GLU F 1 -1.70 -12.48 -23.69
C GLU F 1 -0.58 -13.45 -23.35
N VAL F 2 -0.98 -14.53 -22.69
CA VAL F 2 -0.08 -15.61 -22.30
C VAL F 2 0.51 -16.32 -23.51
N GLN F 3 1.83 -16.49 -23.52
CA GLN F 3 2.49 -17.21 -24.61
C GLN F 3 3.87 -17.72 -24.26
N LEU F 4 4.26 -18.78 -24.99
CA LEU F 4 5.58 -19.40 -24.90
C LEU F 4 6.16 -19.36 -26.31
N VAL F 5 7.24 -18.58 -26.50
CA VAL F 5 7.90 -18.44 -27.80
C VAL F 5 9.32 -19.00 -27.78
N GLU F 6 9.54 -20.09 -28.51
CA GLU F 6 10.84 -20.74 -28.52
C GLU F 6 11.72 -20.20 -29.63
N SER F 7 13.03 -20.44 -29.50
CA SER F 7 14.00 -20.18 -30.54
C SER F 7 15.22 -21.06 -30.24
N GLY F 8 16.21 -20.98 -31.12
CA GLY F 8 17.46 -21.67 -30.88
C GLY F 8 17.71 -22.90 -31.73
N GLY F 9 16.65 -23.49 -32.26
CA GLY F 9 16.78 -24.68 -33.10
C GLY F 9 17.56 -24.43 -34.39
N GLY F 10 18.34 -25.43 -34.81
CA GLY F 10 19.09 -25.36 -36.04
C GLY F 10 19.77 -26.67 -36.41
N LEU F 11 20.83 -26.57 -37.22
CA LEU F 11 21.59 -27.71 -37.72
C LEU F 11 22.95 -27.81 -37.05
N VAL F 12 23.23 -28.96 -36.46
CA VAL F 12 24.53 -29.21 -35.85
C VAL F 12 25.07 -30.59 -36.23
N GLN F 13 26.39 -30.72 -36.26
CA GLN F 13 27.06 -32.00 -36.39
C GLN F 13 26.64 -32.95 -35.26
N PRO F 14 26.64 -34.25 -35.53
CA PRO F 14 26.60 -35.25 -34.45
C PRO F 14 27.75 -35.00 -33.47
N GLY F 15 27.47 -35.05 -32.17
CA GLY F 15 28.45 -34.69 -31.17
C GLY F 15 28.49 -33.20 -30.84
N GLY F 16 27.81 -32.36 -31.63
CA GLY F 16 27.77 -30.93 -31.39
C GLY F 16 26.81 -30.55 -30.27
N SER F 17 26.53 -29.24 -30.16
CA SER F 17 25.71 -28.70 -29.08
C SER F 17 24.78 -27.62 -29.56
N LEU F 18 23.60 -27.54 -28.93
CA LEU F 18 22.60 -26.52 -29.21
C LEU F 18 21.99 -26.09 -27.90
N ARG F 19 21.60 -24.82 -27.82
CA ARG F 19 20.78 -24.35 -26.72
C ARG F 19 19.49 -23.75 -27.22
N LEU F 20 18.40 -24.40 -26.82
CA LEU F 20 17.05 -24.02 -27.14
C LEU F 20 16.46 -23.09 -26.09
N SER F 21 15.76 -22.05 -26.54
CA SER F 21 15.15 -21.08 -25.62
C SER F 21 13.64 -21.25 -25.59
N CYS F 22 13.02 -20.70 -24.54
CA CYS F 22 11.56 -20.75 -24.38
C CYS F 22 11.14 -19.54 -23.54
N ALA F 23 10.82 -18.44 -24.23
CA ALA F 23 10.52 -17.16 -23.59
C ALA F 23 9.06 -17.10 -23.22
N ALA F 24 8.74 -16.60 -22.03
CA ALA F 24 7.35 -16.52 -21.60
C ALA F 24 6.83 -15.10 -21.55
N SER F 25 5.55 -14.91 -21.85
CA SER F 25 4.93 -13.61 -21.70
C SER F 25 3.62 -13.71 -20.97
N GLY F 26 3.28 -12.65 -20.25
CA GLY F 26 2.00 -12.58 -19.55
C GLY F 26 1.88 -13.52 -18.37
N PHE F 27 2.98 -14.17 -18.01
CA PHE F 27 3.07 -14.99 -16.78
C PHE F 27 4.54 -15.25 -16.41
N THR F 28 4.77 -15.80 -15.21
CA THR F 28 6.11 -16.03 -14.67
C THR F 28 6.48 -17.52 -14.77
N ILE F 29 7.50 -17.84 -15.58
CA ILE F 29 7.93 -19.24 -15.75
C ILE F 29 8.14 -19.96 -14.43
N SER F 30 8.76 -19.29 -13.46
CA SER F 30 9.16 -19.91 -12.21
C SER F 30 7.99 -20.29 -11.32
N ASP F 31 6.79 -19.83 -11.71
CA ASP F 31 5.54 -20.30 -11.12
C ASP F 31 5.14 -21.69 -11.63
N TYR F 32 5.80 -22.20 -12.68
CA TYR F 32 5.38 -23.45 -13.34
C TYR F 32 6.48 -24.48 -13.51
N TRP F 33 6.07 -25.70 -13.87
CA TRP F 33 6.98 -26.66 -14.48
C TRP F 33 7.11 -26.23 -15.92
N ILE F 34 8.32 -26.27 -16.46
CA ILE F 34 8.47 -26.26 -17.91
C ILE F 34 8.94 -27.65 -18.36
N HIS F 35 8.15 -28.24 -19.24
CA HIS F 35 8.57 -29.46 -19.90
C HIS F 35 9.11 -29.18 -21.30
N TRP F 36 10.08 -29.99 -21.70
CA TRP F 36 10.49 -30.04 -23.10
C TRP F 36 9.96 -31.35 -23.64
N VAL F 37 9.19 -31.25 -24.72
CA VAL F 37 8.56 -32.40 -25.35
C VAL F 37 8.96 -32.36 -26.80
N ARG F 38 9.52 -33.46 -27.30
CA ARG F 38 9.96 -33.51 -28.68
C ARG F 38 9.10 -34.47 -29.51
N GLN F 39 9.14 -34.28 -30.82
CA GLN F 39 8.36 -35.06 -31.77
C GLN F 39 9.21 -35.24 -33.01
N ALA F 40 9.68 -36.48 -33.20
CA ALA F 40 10.48 -36.82 -34.36
C ALA F 40 9.57 -36.93 -35.59
N PRO F 41 10.12 -36.73 -36.79
CA PRO F 41 9.30 -36.68 -38.00
C PRO F 41 8.36 -37.88 -38.13
N GLY F 42 7.06 -37.60 -38.18
CA GLY F 42 6.06 -38.64 -38.32
C GLY F 42 5.76 -39.46 -37.07
N LYS F 43 6.50 -39.22 -35.97
CA LYS F 43 6.29 -40.00 -34.73
C LYS F 43 5.44 -39.25 -33.70
N GLY F 44 5.28 -39.83 -32.52
CA GLY F 44 4.44 -39.25 -31.49
C GLY F 44 5.18 -38.27 -30.60
N LEU F 45 4.57 -37.91 -29.48
CA LEU F 45 5.16 -36.94 -28.55
C LEU F 45 5.94 -37.60 -27.42
N GLU F 46 7.25 -37.35 -27.42
CA GLU F 46 8.15 -37.90 -26.39
C GLU F 46 8.54 -36.78 -25.42
N TRP F 47 8.28 -37.00 -24.13
CA TRP F 47 8.72 -36.11 -23.07
C TRP F 47 10.23 -36.26 -22.89
N VAL F 48 10.94 -35.13 -22.77
CA VAL F 48 12.41 -35.13 -22.73
C VAL F 48 12.99 -34.71 -21.37
N ALA F 49 12.53 -33.57 -20.85
CA ALA F 49 12.98 -33.06 -19.56
C ALA F 49 11.96 -32.11 -18.93
N GLY F 50 12.03 -31.96 -17.62
CA GLY F 50 11.16 -31.04 -16.89
C GLY F 50 11.84 -30.35 -15.73
N ILE F 51 11.44 -29.11 -15.48
CA ILE F 51 11.95 -28.33 -14.35
C ILE F 51 10.78 -27.82 -13.47
N THR F 52 10.85 -28.17 -12.20
CA THR F 52 9.99 -27.70 -11.09
C THR F 52 9.81 -26.17 -10.98
N PRO F 53 8.67 -25.72 -10.45
CA PRO F 53 8.54 -24.32 -10.02
C PRO F 53 9.72 -23.91 -9.12
N ALA F 54 10.09 -22.63 -9.17
CA ALA F 54 11.17 -22.09 -8.35
C ALA F 54 12.54 -22.67 -8.64
N GLY F 55 12.60 -23.68 -9.52
CA GLY F 55 13.84 -24.35 -9.87
C GLY F 55 14.28 -25.37 -8.84
N GLY F 56 13.34 -26.04 -8.19
CA GLY F 56 13.63 -26.99 -7.13
C GLY F 56 14.31 -28.25 -7.61
N TYR F 57 13.86 -28.76 -8.75
CA TYR F 57 14.28 -30.07 -9.22
C TYR F 57 14.17 -30.16 -10.73
N THR F 58 15.02 -31.00 -11.31
CA THR F 58 14.97 -31.32 -12.74
C THR F 58 14.91 -32.84 -12.95
N TYR F 59 14.26 -33.24 -14.05
CA TYR F 59 14.11 -34.64 -14.40
C TYR F 59 14.36 -34.79 -15.89
N TYR F 60 14.92 -35.95 -16.27
CA TYR F 60 15.30 -36.21 -17.66
C TYR F 60 14.89 -37.60 -18.10
N ALA F 61 14.40 -37.71 -19.32
CA ALA F 61 14.17 -39.01 -19.95
C ALA F 61 15.50 -39.74 -19.99
N ASP F 62 15.45 -41.05 -19.78
CA ASP F 62 16.62 -41.92 -19.88
C ASP F 62 17.46 -41.72 -21.14
N SER F 63 16.81 -41.52 -22.29
CA SER F 63 17.54 -41.43 -23.57
C SER F 63 18.43 -40.19 -23.64
N VAL F 64 18.27 -39.32 -22.65
CA VAL F 64 18.78 -37.96 -22.73
C VAL F 64 19.60 -37.59 -21.46
N LYS F 65 19.47 -38.40 -20.42
CA LYS F 65 20.12 -38.16 -19.14
C LYS F 65 21.65 -38.15 -19.27
N GLY F 66 22.28 -37.12 -18.69
CA GLY F 66 23.73 -36.98 -18.69
C GLY F 66 24.25 -36.25 -19.92
N ARG F 67 23.32 -35.88 -20.80
CA ARG F 67 23.63 -35.25 -22.08
C ARG F 67 22.94 -33.90 -22.21
N PHE F 68 21.78 -33.78 -21.58
CA PHE F 68 20.96 -32.58 -21.68
C PHE F 68 20.87 -31.92 -20.31
N THR F 69 20.79 -30.60 -20.29
CA THR F 69 20.47 -29.85 -19.07
C THR F 69 19.24 -28.98 -19.32
N ILE F 70 18.25 -29.06 -18.42
CA ILE F 70 17.13 -28.13 -18.45
C ILE F 70 17.32 -27.09 -17.37
N SER F 71 17.05 -25.83 -17.71
CA SER F 71 17.26 -24.72 -16.79
C SER F 71 16.37 -23.57 -17.18
N ALA F 72 16.59 -22.43 -16.55
CA ALA F 72 15.92 -21.19 -16.91
C ALA F 72 16.71 -20.03 -16.35
N ASP F 73 16.41 -18.84 -16.85
CA ASP F 73 16.94 -17.57 -16.32
C ASP F 73 15.71 -16.77 -15.97
N THR F 74 15.53 -16.49 -14.69
CA THR F 74 14.33 -15.79 -14.24
C THR F 74 14.34 -14.31 -14.65
N SER F 75 15.53 -13.70 -14.71
CA SER F 75 15.65 -12.29 -15.09
C SER F 75 15.17 -12.05 -16.51
N LYS F 76 15.21 -13.10 -17.34
CA LYS F 76 14.75 -13.03 -18.71
C LYS F 76 13.44 -13.82 -18.88
N ASN F 77 12.90 -14.31 -17.77
CA ASN F 77 11.65 -15.06 -17.82
C ASN F 77 11.63 -16.09 -18.94
N THR F 78 12.75 -16.79 -19.12
CA THR F 78 12.98 -17.70 -20.24
C THR F 78 13.53 -19.02 -19.74
N ALA F 79 13.04 -20.12 -20.32
CA ALA F 79 13.52 -21.46 -19.98
C ALA F 79 14.46 -21.99 -21.07
N TYR F 80 15.40 -22.85 -20.70
CA TYR F 80 16.37 -23.35 -21.66
C TYR F 80 16.52 -24.87 -21.64
N LEU F 81 16.99 -25.43 -22.76
CA LEU F 81 17.36 -26.83 -22.81
C LEU F 81 18.70 -26.96 -23.52
N GLN F 82 19.75 -27.14 -22.73
CA GLN F 82 21.09 -27.28 -23.27
C GLN F 82 21.31 -28.72 -23.68
N MET F 83 21.57 -28.92 -24.96
CA MET F 83 21.75 -30.23 -25.52
C MET F 83 23.20 -30.46 -25.90
N ASN F 84 23.84 -31.41 -25.26
CA ASN F 84 25.22 -31.78 -25.58
C ASN F 84 25.27 -33.15 -26.25
N SER F 85 26.39 -33.47 -26.89
CA SER F 85 26.58 -34.79 -27.49
C SER F 85 25.37 -35.26 -28.32
N LEU F 86 24.89 -34.39 -29.20
CA LEU F 86 23.73 -34.69 -30.02
C LEU F 86 23.95 -35.85 -31.00
N ARG F 87 22.94 -36.68 -31.16
CA ARG F 87 22.98 -37.77 -32.13
C ARG F 87 21.97 -37.50 -33.21
N ALA F 88 22.08 -38.22 -34.32
CA ALA F 88 21.08 -38.18 -35.37
C ALA F 88 19.67 -38.37 -34.80
N GLU F 89 19.52 -39.32 -33.87
CA GLU F 89 18.20 -39.67 -33.32
C GLU F 89 17.54 -38.55 -32.51
N ASP F 90 18.29 -37.49 -32.21
CA ASP F 90 17.77 -36.32 -31.51
C ASP F 90 17.04 -35.37 -32.46
N THR F 91 17.17 -35.63 -33.76
CA THR F 91 16.49 -34.86 -34.80
C THR F 91 14.98 -34.89 -34.57
N ALA F 92 14.42 -33.74 -34.23
CA ALA F 92 12.99 -33.62 -33.92
C ALA F 92 12.59 -32.16 -33.80
N VAL F 93 11.28 -31.90 -33.83
CA VAL F 93 10.75 -30.60 -33.47
C VAL F 93 10.61 -30.64 -31.96
N TYR F 94 11.16 -29.63 -31.28
CA TYR F 94 11.13 -29.54 -29.82
C TYR F 94 10.14 -28.49 -29.34
N TYR F 95 9.19 -28.90 -28.49
CA TYR F 95 8.23 -28.00 -27.88
C TYR F 95 8.55 -27.80 -26.41
N CYS F 96 8.26 -26.61 -25.89
CA CYS F 96 8.15 -26.44 -24.44
C CYS F 96 6.69 -26.21 -24.05
N ALA F 97 6.30 -26.71 -22.87
CA ALA F 97 4.95 -26.51 -22.33
C ALA F 97 5.04 -26.18 -20.86
N ARG F 98 4.04 -25.46 -20.36
CA ARG F 98 3.92 -25.21 -18.93
C ARG F 98 2.97 -26.22 -18.29
N PHE F 99 3.20 -26.52 -17.02
CA PHE F 99 2.39 -27.47 -16.27
C PHE F 99 2.52 -27.22 -14.77
N VAL F 100 1.45 -27.50 -14.05
CA VAL F 100 1.44 -27.36 -12.62
C VAL F 100 0.40 -28.35 -12.13
N PHE F 101 0.54 -28.84 -10.90
CA PHE F 101 -0.40 -29.84 -10.37
C PHE F 101 -1.74 -29.24 -9.93
N PHE F 102 -1.79 -27.90 -9.88
CA PHE F 102 -3.02 -27.17 -9.71
C PHE F 102 -3.85 -27.31 -10.97
N LEU F 103 -5.16 -27.10 -10.86
CA LEU F 103 -6.03 -27.12 -12.03
C LEU F 103 -5.54 -26.12 -13.10
N PRO F 104 -5.58 -26.50 -14.38
CA PRO F 104 -6.19 -27.75 -14.86
C PRO F 104 -5.26 -28.96 -14.93
N TYR F 105 -4.12 -28.92 -14.24
CA TYR F 105 -3.08 -29.95 -14.38
C TYR F 105 -3.05 -30.63 -15.77
N ALA F 106 -2.86 -29.79 -16.78
CA ALA F 106 -2.64 -30.22 -18.15
C ALA F 106 -1.70 -29.19 -18.74
N MET F 107 -1.18 -29.44 -19.93
CA MET F 107 -0.32 -28.50 -20.61
C MET F 107 -1.19 -27.60 -21.46
N ASP F 108 -1.54 -26.44 -20.90
CA ASP F 108 -2.50 -25.53 -21.53
C ASP F 108 -1.84 -24.57 -22.51
N TYR F 109 -0.57 -24.26 -22.26
CA TYR F 109 0.20 -23.41 -23.17
C TYR F 109 1.46 -24.08 -23.64
N TRP F 110 1.63 -24.08 -24.97
CA TRP F 110 2.81 -24.65 -25.60
C TRP F 110 3.53 -23.59 -26.39
N GLY F 111 4.81 -23.84 -26.67
CA GLY F 111 5.54 -23.08 -27.67
C GLY F 111 5.18 -23.57 -29.06
N GLN F 112 5.68 -22.89 -30.10
CA GLN F 112 5.35 -23.25 -31.48
C GLN F 112 6.23 -24.36 -32.04
N GLY F 113 7.37 -24.61 -31.37
CA GLY F 113 8.33 -25.61 -31.79
C GLY F 113 9.54 -25.02 -32.49
N THR F 114 10.73 -25.57 -32.24
CA THR F 114 11.90 -25.32 -33.10
C THR F 114 12.39 -26.64 -33.67
N LEU F 115 12.87 -26.60 -34.92
CA LEU F 115 13.46 -27.77 -35.54
C LEU F 115 14.91 -27.92 -35.11
N VAL F 116 15.23 -29.06 -34.51
CA VAL F 116 16.61 -29.44 -34.29
C VAL F 116 16.90 -30.55 -35.31
N THR F 117 17.97 -30.37 -36.08
CA THR F 117 18.40 -31.41 -36.99
C THR F 117 19.91 -31.69 -36.86
N VAL F 118 20.21 -32.92 -36.48
CA VAL F 118 21.57 -33.33 -36.22
C VAL F 118 22.08 -34.11 -37.42
N SER F 119 23.01 -33.51 -38.14
CA SER F 119 23.49 -34.04 -39.42
C SER F 119 24.88 -33.50 -39.69
N SER F 120 25.64 -34.20 -40.53
CA SER F 120 26.97 -33.74 -40.88
C SER F 120 26.99 -32.99 -42.22
N ALA F 121 25.89 -33.02 -42.94
CA ALA F 121 25.72 -32.23 -44.16
C ALA F 121 25.62 -30.74 -43.83
N SER F 122 26.03 -29.91 -44.78
CA SER F 122 26.10 -28.47 -44.57
C SER F 122 24.87 -27.76 -45.10
N THR F 123 24.78 -26.46 -44.78
CA THR F 123 23.64 -25.65 -45.15
C THR F 123 23.66 -25.35 -46.62
N LYS F 124 22.53 -25.59 -47.29
CA LYS F 124 22.36 -25.26 -48.69
C LYS F 124 21.04 -24.54 -48.92
N GLY F 125 21.08 -23.37 -49.54
CA GLY F 125 19.88 -22.67 -49.96
C GLY F 125 19.28 -23.26 -51.23
N PRO F 126 17.97 -23.14 -51.42
CA PRO F 126 17.31 -23.71 -52.60
C PRO F 126 17.38 -22.87 -53.86
N SER F 127 17.05 -23.50 -54.98
CA SER F 127 16.84 -22.82 -56.26
C SER F 127 15.33 -22.74 -56.50
N VAL F 128 14.87 -21.67 -57.14
CA VAL F 128 13.43 -21.53 -57.37
C VAL F 128 13.09 -21.39 -58.84
N PHE F 129 12.30 -22.34 -59.34
CA PHE F 129 11.88 -22.33 -60.73
C PHE F 129 10.38 -22.22 -60.83
N PRO F 130 9.90 -21.48 -61.84
CA PRO F 130 8.46 -21.31 -62.02
C PRO F 130 7.86 -22.60 -62.57
N LEU F 131 6.64 -22.92 -62.14
CA LEU F 131 5.85 -23.95 -62.78
C LEU F 131 4.77 -23.21 -63.57
N ALA F 132 5.08 -23.00 -64.85
CA ALA F 132 4.31 -22.11 -65.71
C ALA F 132 3.00 -22.73 -66.17
N PRO F 133 1.92 -21.92 -66.16
CA PRO F 133 0.63 -22.35 -66.73
C PRO F 133 0.72 -22.64 -68.24
N SER F 134 -0.04 -23.61 -68.71
CA SER F 134 0.08 -24.09 -70.09
C SER F 134 -1.18 -23.94 -70.93
N SER F 135 -1.04 -24.20 -72.24
CA SER F 135 -2.15 -24.22 -73.19
C SER F 135 -3.06 -23.00 -73.10
N GLY F 141 -11.82 -23.93 -67.45
CA GLY F 141 -12.46 -23.20 -66.37
C GLY F 141 -11.45 -22.54 -65.46
N THR F 142 -10.47 -23.32 -64.99
CA THR F 142 -9.42 -22.83 -64.10
C THR F 142 -8.05 -23.41 -64.47
N ALA F 143 -7.00 -22.63 -64.27
CA ALA F 143 -5.63 -23.07 -64.57
C ALA F 143 -4.79 -23.23 -63.31
N ALA F 144 -3.71 -24.00 -63.42
CA ALA F 144 -2.80 -24.24 -62.32
C ALA F 144 -1.42 -23.69 -62.64
N LEU F 145 -0.74 -23.19 -61.61
CA LEU F 145 0.64 -22.74 -61.73
C LEU F 145 1.34 -22.90 -60.39
N GLY F 146 2.64 -22.67 -60.35
CA GLY F 146 3.37 -22.80 -59.10
C GLY F 146 4.84 -22.47 -59.11
N CYS F 147 5.52 -22.97 -58.10
CA CYS F 147 6.96 -22.76 -57.96
C CYS F 147 7.60 -24.05 -57.47
N LEU F 148 8.71 -24.41 -58.10
CA LEU F 148 9.54 -25.50 -57.63
C LEU F 148 10.66 -24.93 -56.74
N VAL F 149 10.77 -25.46 -55.54
CA VAL F 149 11.81 -25.03 -54.59
C VAL F 149 12.70 -26.23 -54.38
N LYS F 150 13.86 -26.20 -55.04
CA LYS F 150 14.67 -27.38 -55.23
C LYS F 150 16.05 -27.29 -54.56
N ASP F 151 16.45 -28.39 -53.91
CA ASP F 151 17.82 -28.62 -53.41
C ASP F 151 18.27 -27.74 -52.23
N TYR F 152 17.67 -27.96 -51.06
CA TYR F 152 18.04 -27.18 -49.89
C TYR F 152 18.23 -28.06 -48.66
N PHE F 153 18.96 -27.54 -47.69
CA PHE F 153 19.19 -28.20 -46.41
C PHE F 153 19.59 -27.16 -45.38
N PRO F 154 19.07 -27.27 -44.15
CA PRO F 154 18.05 -28.26 -43.79
C PRO F 154 16.64 -27.70 -43.99
N GLU F 155 15.63 -28.37 -43.43
CA GLU F 155 14.28 -27.80 -43.36
C GLU F 155 14.32 -26.62 -42.38
N PRO F 156 13.34 -25.71 -42.41
CA PRO F 156 12.23 -25.71 -43.36
C PRO F 156 12.23 -24.57 -44.39
N VAL F 157 11.28 -24.67 -45.32
CA VAL F 157 11.02 -23.62 -46.30
C VAL F 157 9.62 -23.01 -46.08
N THR F 158 9.50 -21.75 -46.49
CA THR F 158 8.31 -20.97 -46.34
C THR F 158 7.87 -20.58 -47.74
N VAL F 159 6.58 -20.69 -48.04
CA VAL F 159 6.05 -20.14 -49.29
C VAL F 159 4.73 -19.42 -49.08
N SER F 160 4.72 -18.16 -49.52
CA SER F 160 3.48 -17.39 -49.62
C SER F 160 3.31 -16.99 -51.08
N TRP F 161 2.13 -16.48 -51.43
CA TRP F 161 1.85 -16.06 -52.80
C TRP F 161 1.35 -14.62 -52.83
N ASN F 162 1.93 -13.83 -53.74
CA ASN F 162 1.71 -12.39 -53.81
C ASN F 162 1.74 -11.78 -52.42
N SER F 163 2.87 -11.98 -51.74
CA SER F 163 3.11 -11.52 -50.36
C SER F 163 1.93 -11.75 -49.40
N GLY F 164 1.29 -12.90 -49.53
CA GLY F 164 0.21 -13.27 -48.63
C GLY F 164 -1.16 -12.84 -49.10
N ALA F 165 -1.20 -11.97 -50.11
CA ALA F 165 -2.47 -11.48 -50.66
C ALA F 165 -3.28 -12.58 -51.37
N LEU F 166 -2.61 -13.68 -51.73
CA LEU F 166 -3.29 -14.83 -52.31
C LEU F 166 -3.15 -16.08 -51.44
N THR F 167 -4.24 -16.44 -50.77
CA THR F 167 -4.27 -17.58 -49.87
C THR F 167 -5.15 -18.70 -50.40
N SER F 168 -6.17 -18.32 -51.17
CA SER F 168 -7.21 -19.25 -51.61
C SER F 168 -6.76 -20.22 -52.72
N GLY F 169 -6.88 -21.52 -52.44
CA GLY F 169 -6.57 -22.56 -53.41
C GLY F 169 -5.08 -22.87 -53.55
N VAL F 170 -4.28 -22.40 -52.61
CA VAL F 170 -2.84 -22.62 -52.59
C VAL F 170 -2.51 -23.98 -51.99
N HIS F 171 -1.61 -24.72 -52.62
CA HIS F 171 -1.13 -25.99 -52.08
C HIS F 171 0.39 -26.04 -52.04
N THR F 172 0.96 -25.83 -50.86
CA THR F 172 2.38 -26.03 -50.63
C THR F 172 2.60 -27.44 -50.08
N PHE F 173 3.35 -28.25 -50.85
CA PHE F 173 3.50 -29.65 -50.53
C PHE F 173 4.57 -29.83 -49.48
N PRO F 174 4.40 -30.84 -48.61
CA PRO F 174 5.45 -31.24 -47.66
C PRO F 174 6.74 -31.58 -48.39
N ALA F 175 7.86 -31.05 -47.91
CA ALA F 175 9.16 -31.33 -48.51
C ALA F 175 9.41 -32.83 -48.63
N VAL F 176 10.04 -33.23 -49.73
CA VAL F 176 10.40 -34.63 -49.94
C VAL F 176 11.94 -34.72 -49.89
N LEU F 177 12.47 -35.82 -49.33
CA LEU F 177 13.93 -35.95 -49.24
C LEU F 177 14.51 -36.68 -50.44
N GLN F 178 15.22 -35.94 -51.29
CA GLN F 178 15.78 -36.50 -52.52
C GLN F 178 16.94 -37.43 -52.21
N SER F 179 17.18 -38.41 -53.08
CA SER F 179 18.26 -39.36 -52.85
C SER F 179 19.65 -38.69 -52.87
N SER F 180 19.67 -37.36 -53.04
CA SER F 180 20.90 -36.58 -52.98
C SER F 180 21.20 -36.10 -51.55
N GLY F 181 20.21 -36.23 -50.67
CA GLY F 181 20.34 -35.78 -49.29
C GLY F 181 19.79 -34.37 -49.08
N LEU F 182 19.39 -33.74 -50.18
CA LEU F 182 18.85 -32.39 -50.21
C LEU F 182 17.34 -32.47 -50.30
N TYR F 183 16.64 -31.48 -49.75
CA TYR F 183 15.18 -31.41 -49.83
C TYR F 183 14.71 -30.64 -51.06
N SER F 184 13.46 -30.86 -51.43
CA SER F 184 12.78 -30.06 -52.44
C SER F 184 11.26 -30.19 -52.29
N LEU F 185 10.55 -29.10 -52.56
CA LEU F 185 9.09 -29.10 -52.60
C LEU F 185 8.56 -28.21 -53.71
N SER F 186 7.26 -28.31 -53.93
CA SER F 186 6.54 -27.44 -54.85
C SER F 186 5.42 -26.72 -54.11
N SER F 187 5.16 -25.49 -54.53
CA SER F 187 3.95 -24.80 -54.15
C SER F 187 3.15 -24.49 -55.40
N VAL F 188 1.85 -24.76 -55.31
CA VAL F 188 0.95 -24.81 -56.46
C VAL F 188 -0.29 -23.97 -56.17
N VAL F 189 -0.84 -23.33 -57.19
CA VAL F 189 -2.06 -22.53 -57.04
C VAL F 189 -3.02 -22.59 -58.24
N THR F 190 -4.32 -22.67 -57.96
CA THR F 190 -5.35 -22.60 -59.00
C THR F 190 -5.95 -21.21 -59.04
N VAL F 191 -6.09 -20.71 -60.26
CA VAL F 191 -6.72 -19.41 -60.52
C VAL F 191 -7.67 -19.54 -61.71
N PRO F 192 -8.64 -18.63 -61.81
CA PRO F 192 -9.40 -18.49 -63.06
C PRO F 192 -8.45 -18.33 -64.24
N SER F 193 -8.67 -19.08 -65.31
CA SER F 193 -7.84 -18.98 -66.52
C SER F 193 -7.94 -17.61 -67.16
N SER F 194 -9.05 -16.92 -66.91
CA SER F 194 -9.30 -15.58 -67.43
C SER F 194 -8.55 -14.48 -66.67
N SER F 195 -7.87 -14.84 -65.59
CA SER F 195 -7.17 -13.86 -64.76
C SER F 195 -5.65 -13.75 -65.01
N LEU F 196 -5.14 -14.49 -66.00
CA LEU F 196 -3.73 -14.39 -66.40
C LEU F 196 -3.54 -13.14 -67.25
N GLY F 197 -2.35 -12.54 -67.17
CA GLY F 197 -2.03 -11.35 -67.94
C GLY F 197 -2.56 -10.05 -67.36
N THR F 198 -3.41 -10.16 -66.33
CA THR F 198 -3.80 -9.01 -65.51
C THR F 198 -3.09 -9.18 -64.18
N GLN F 199 -3.47 -10.22 -63.45
CA GLN F 199 -2.82 -10.58 -62.21
C GLN F 199 -1.44 -11.20 -62.47
N THR F 200 -0.41 -10.52 -62.01
CA THR F 200 0.95 -11.05 -62.08
C THR F 200 1.16 -11.84 -60.80
N TYR F 201 1.55 -13.10 -60.95
CA TYR F 201 1.69 -13.99 -59.81
C TYR F 201 3.15 -14.17 -59.39
N ILE F 202 3.41 -13.92 -58.11
CA ILE F 202 4.74 -14.02 -57.54
C ILE F 202 4.72 -14.98 -56.35
N CYS F 203 5.63 -15.94 -56.32
CA CYS F 203 5.75 -16.78 -55.13
C CYS F 203 6.91 -16.32 -54.27
N ASN F 204 6.65 -16.20 -52.97
CA ASN F 204 7.64 -15.75 -52.01
C ASN F 204 8.17 -16.95 -51.26
N VAL F 205 9.47 -17.18 -51.41
CA VAL F 205 10.13 -18.35 -50.86
C VAL F 205 11.23 -17.92 -49.89
N ASN F 206 11.21 -18.52 -48.70
CA ASN F 206 12.19 -18.23 -47.66
C ASN F 206 12.84 -19.49 -47.14
N HIS F 207 14.18 -19.46 -47.13
CA HIS F 207 14.94 -20.50 -46.50
C HIS F 207 15.86 -19.79 -45.51
N LYS F 208 15.27 -19.47 -44.36
CA LYS F 208 15.93 -18.72 -43.30
C LYS F 208 17.26 -19.32 -42.81
N PRO F 209 17.36 -20.65 -42.66
CA PRO F 209 18.62 -21.29 -42.31
C PRO F 209 19.80 -20.95 -43.23
N SER F 210 19.54 -20.60 -44.48
CA SER F 210 20.61 -20.18 -45.40
C SER F 210 20.50 -18.72 -45.82
N ASN F 211 19.58 -17.98 -45.19
CA ASN F 211 19.29 -16.60 -45.55
C ASN F 211 18.91 -16.42 -47.02
N THR F 212 18.11 -17.34 -47.55
CA THR F 212 17.72 -17.31 -48.96
C THR F 212 16.28 -16.87 -49.10
N LYS F 213 16.08 -15.74 -49.78
CA LYS F 213 14.74 -15.24 -50.11
C LYS F 213 14.63 -15.09 -51.61
N VAL F 214 13.65 -15.75 -52.20
CA VAL F 214 13.38 -15.60 -53.63
C VAL F 214 11.91 -15.26 -53.86
N ASP F 215 11.70 -14.14 -54.55
CA ASP F 215 10.38 -13.76 -55.05
C ASP F 215 10.33 -14.09 -56.53
N LYS F 216 9.52 -15.08 -56.90
CA LYS F 216 9.47 -15.53 -58.29
C LYS F 216 8.19 -15.20 -59.03
N LYS F 217 8.33 -14.40 -60.09
CA LYS F 217 7.21 -14.09 -60.98
C LYS F 217 6.93 -15.31 -61.85
N VAL F 218 5.72 -15.84 -61.75
CA VAL F 218 5.31 -17.00 -62.57
C VAL F 218 4.35 -16.56 -63.67
N GLU F 219 4.76 -16.74 -64.92
CA GLU F 219 3.99 -16.29 -66.08
C GLU F 219 4.09 -17.31 -67.23
N PRO F 220 3.19 -17.21 -68.23
CA PRO F 220 3.22 -18.11 -69.40
C PRO F 220 4.41 -17.88 -70.33
N LYS F 221 5.01 -18.97 -70.82
CA LYS F 221 6.23 -18.91 -71.63
C LYS F 221 5.96 -18.44 -73.06
N SER F 222 6.81 -18.88 -73.99
CA SER F 222 6.74 -18.46 -75.40
C SER F 222 5.43 -18.87 -76.10
N CYS F 223 5.26 -20.19 -76.33
CA CYS F 223 4.10 -20.74 -77.06
C CYS F 223 4.00 -22.28 -76.97
N ASP G 1 -49.00 13.21 9.45
CA ASP G 1 -48.03 14.22 8.93
C ASP G 1 -47.93 15.47 9.81
N ILE G 2 -46.80 15.62 10.51
CA ILE G 2 -46.55 16.76 11.39
C ILE G 2 -46.62 18.13 10.68
N GLN G 3 -47.56 18.96 11.14
CA GLN G 3 -47.75 20.33 10.64
C GLN G 3 -46.87 21.35 11.39
N MET G 4 -46.22 22.22 10.63
CA MET G 4 -45.32 23.23 11.18
C MET G 4 -45.83 24.61 10.81
N THR G 5 -46.19 25.41 11.81
CA THR G 5 -46.82 26.71 11.56
C THR G 5 -45.95 27.84 12.08
N GLN G 6 -45.51 28.71 11.18
CA GLN G 6 -44.67 29.84 11.54
C GLN G 6 -45.43 31.14 11.83
N SER G 7 -44.82 32.02 12.61
CA SER G 7 -45.42 33.31 12.96
C SER G 7 -44.33 34.38 13.14
N PRO G 8 -44.51 35.57 12.57
CA PRO G 8 -45.64 35.87 11.69
C PRO G 8 -45.39 35.38 10.26
N SER G 9 -46.30 35.67 9.34
CA SER G 9 -46.15 35.30 7.93
C SER G 9 -45.09 36.16 7.25
N SER G 10 -45.10 37.45 7.57
CA SER G 10 -44.10 38.41 7.09
C SER G 10 -43.82 39.45 8.15
N LEU G 11 -42.62 40.03 8.12
CA LEU G 11 -42.27 41.12 9.03
C LEU G 11 -41.29 42.10 8.38
N SER G 12 -41.30 43.32 8.88
CA SER G 12 -40.36 44.35 8.44
C SER G 12 -39.57 44.84 9.64
N ALA G 13 -38.25 44.97 9.50
CA ALA G 13 -37.37 45.42 10.58
C ALA G 13 -36.10 46.08 10.08
N SER G 14 -35.60 47.05 10.85
CA SER G 14 -34.44 47.86 10.46
C SER G 14 -33.11 47.26 10.91
N VAL G 15 -32.02 47.71 10.30
CA VAL G 15 -30.67 47.25 10.63
C VAL G 15 -30.39 47.39 12.13
N GLY G 16 -29.97 46.29 12.75
CA GLY G 16 -29.65 46.26 14.16
C GLY G 16 -30.78 45.82 15.08
N ASP G 17 -31.95 45.57 14.52
CA ASP G 17 -33.11 45.12 15.29
C ASP G 17 -32.98 43.66 15.70
N ARG G 18 -33.68 43.30 16.77
CA ARG G 18 -33.83 41.92 17.22
C ARG G 18 -35.14 41.34 16.66
N VAL G 19 -35.01 40.34 15.80
CA VAL G 19 -36.14 39.76 15.08
C VAL G 19 -36.37 38.34 15.56
N THR G 20 -37.60 38.01 15.95
CA THR G 20 -37.90 36.62 16.30
C THR G 20 -39.13 36.03 15.59
N ILE G 21 -38.88 34.89 14.96
CA ILE G 21 -39.87 34.10 14.26
C ILE G 21 -40.14 32.87 15.11
N THR G 22 -41.42 32.57 15.36
CA THR G 22 -41.78 31.34 16.03
C THR G 22 -42.21 30.28 15.01
N CYS G 23 -42.29 29.05 15.49
CA CYS G 23 -42.65 27.91 14.67
C CYS G 23 -43.26 26.83 15.55
N ARG G 24 -44.57 26.66 15.47
CA ARG G 24 -45.26 25.67 16.30
C ARG G 24 -45.52 24.36 15.55
N ALA G 25 -45.20 23.24 16.20
CA ALA G 25 -45.45 21.92 15.66
C ALA G 25 -46.73 21.34 16.24
N SER G 26 -47.39 20.49 15.46
CA SER G 26 -48.68 19.92 15.84
C SER G 26 -48.48 18.73 16.76
N GLN G 27 -47.21 18.38 16.92
CA GLN G 27 -46.82 17.21 17.66
C GLN G 27 -45.48 17.52 18.27
N ASP G 28 -45.20 16.92 19.42
CA ASP G 28 -43.86 17.01 20.00
C ASP G 28 -42.84 16.43 19.01
N VAL G 29 -41.78 17.19 18.76
CA VAL G 29 -40.71 16.76 17.86
C VAL G 29 -39.34 16.89 18.54
N SER G 30 -39.32 16.76 19.86
CA SER G 30 -38.08 16.78 20.64
C SER G 30 -37.37 18.12 20.42
N THR G 31 -36.11 18.07 20.00
CA THR G 31 -35.44 19.27 19.50
C THR G 31 -34.98 19.06 18.05
N ALA G 32 -35.65 18.16 17.34
CA ALA G 32 -35.23 17.83 15.99
C ALA G 32 -35.85 18.79 14.98
N VAL G 33 -35.39 20.03 15.02
CA VAL G 33 -35.91 21.08 14.13
C VAL G 33 -34.77 21.91 13.57
N ALA G 34 -34.82 22.15 12.26
CA ALA G 34 -33.80 22.97 11.60
C ALA G 34 -34.37 24.27 11.07
N TRP G 35 -33.52 25.29 10.97
CA TRP G 35 -33.93 26.56 10.38
C TRP G 35 -33.12 26.82 9.12
N TYR G 36 -33.84 27.20 8.08
CA TYR G 36 -33.26 27.45 6.76
C TYR G 36 -33.50 28.89 6.31
N GLN G 37 -32.60 29.39 5.46
CA GLN G 37 -32.74 30.71 4.85
C GLN G 37 -32.75 30.60 3.33
N GLN G 38 -33.78 31.17 2.69
CA GLN G 38 -33.85 31.13 1.23
C GLN G 38 -34.01 32.51 0.61
N LYS G 39 -33.03 32.90 -0.19
CA LYS G 39 -33.07 34.15 -0.94
C LYS G 39 -33.66 33.88 -2.33
N PRO G 40 -34.21 34.91 -2.98
CA PRO G 40 -34.81 34.72 -4.32
C PRO G 40 -33.89 33.95 -5.29
N GLY G 41 -34.45 32.95 -5.97
CA GLY G 41 -33.71 32.18 -6.96
C GLY G 41 -32.78 31.10 -6.44
N LYS G 42 -32.49 31.10 -5.15
CA LYS G 42 -31.52 30.17 -4.60
C LYS G 42 -32.16 29.05 -3.76
N ALA G 43 -31.42 27.97 -3.58
CA ALA G 43 -31.81 26.89 -2.66
C ALA G 43 -31.78 27.39 -1.22
N PRO G 44 -32.61 26.81 -0.35
CA PRO G 44 -32.53 27.12 1.09
C PRO G 44 -31.15 26.83 1.67
N LYS G 45 -30.71 27.68 2.61
CA LYS G 45 -29.41 27.52 3.24
C LYS G 45 -29.67 27.11 4.66
N LEU G 46 -28.94 26.10 5.14
CA LEU G 46 -29.05 25.66 6.53
C LEU G 46 -28.40 26.66 7.51
N LEU G 47 -29.15 26.99 8.57
CA LEU G 47 -28.72 27.99 9.55
C LEU G 47 -28.54 27.42 10.95
N ILE G 48 -29.62 26.84 11.48
CA ILE G 48 -29.61 26.22 12.79
C ILE G 48 -30.07 24.78 12.66
N TYR G 49 -29.51 23.90 13.47
CA TYR G 49 -29.92 22.52 13.48
C TYR G 49 -30.06 22.02 14.92
N SER G 50 -30.88 21.00 15.10
CA SER G 50 -31.14 20.45 16.42
C SER G 50 -31.62 21.57 17.35
N ALA G 51 -32.49 22.42 16.80
CA ALA G 51 -33.18 23.53 17.50
C ALA G 51 -32.32 24.70 17.95
N SER G 52 -31.13 24.44 18.50
CA SER G 52 -30.31 25.48 19.12
C SER G 52 -28.87 25.56 18.63
N PHE G 53 -28.47 24.68 17.73
CA PHE G 53 -27.07 24.66 17.29
C PHE G 53 -26.81 25.44 16.02
N LEU G 54 -25.77 26.26 16.06
CA LEU G 54 -25.34 27.04 14.91
C LEU G 54 -24.60 26.14 13.95
N TYR G 55 -24.93 26.25 12.67
CA TYR G 55 -24.34 25.42 11.64
C TYR G 55 -23.02 26.00 11.12
N SER G 56 -22.05 25.10 10.92
CA SER G 56 -20.71 25.45 10.44
C SER G 56 -20.71 26.62 9.47
N GLY G 57 -19.98 27.67 9.84
CA GLY G 57 -19.76 28.82 8.96
C GLY G 57 -20.89 29.82 8.87
N VAL G 58 -21.98 29.60 9.61
CA VAL G 58 -23.10 30.55 9.65
C VAL G 58 -22.78 31.69 10.63
N PRO G 59 -23.12 32.94 10.29
CA PRO G 59 -22.90 34.08 11.17
C PRO G 59 -23.56 33.87 12.52
N SER G 60 -22.85 34.23 13.59
CA SER G 60 -23.31 33.99 14.95
C SER G 60 -24.46 34.87 15.44
N ARG G 61 -24.95 35.79 14.60
CA ARG G 61 -26.11 36.59 14.96
C ARG G 61 -27.40 35.77 14.92
N PHE G 62 -27.38 34.68 14.17
CA PHE G 62 -28.48 33.70 14.14
C PHE G 62 -28.42 32.75 15.31
N SER G 63 -29.57 32.48 15.92
CA SER G 63 -29.66 31.50 17.00
C SER G 63 -31.05 30.88 17.05
N GLY G 64 -31.14 29.69 17.65
CA GLY G 64 -32.40 28.99 17.77
C GLY G 64 -32.61 28.51 19.17
N SER G 65 -33.88 28.30 19.55
CA SER G 65 -34.23 27.77 20.86
C SER G 65 -35.58 27.09 20.84
N GLY G 66 -35.93 26.46 21.96
CA GLY G 66 -37.18 25.73 22.08
C GLY G 66 -37.01 24.23 22.02
N SER G 67 -38.11 23.53 22.28
CA SER G 67 -38.20 22.08 22.19
C SER G 67 -39.65 21.69 22.43
N GLY G 68 -40.02 20.52 21.91
CA GLY G 68 -41.39 20.05 22.03
C GLY G 68 -42.18 20.46 20.81
N THR G 69 -43.01 21.48 20.96
CA THR G 69 -43.83 21.97 19.86
C THR G 69 -43.56 23.44 19.51
N ASP G 70 -42.87 24.17 20.38
CA ASP G 70 -42.64 25.60 20.19
C ASP G 70 -41.16 25.93 20.02
N PHE G 71 -40.86 26.61 18.91
CA PHE G 71 -39.48 26.90 18.52
C PHE G 71 -39.32 28.37 18.08
N THR G 72 -38.09 28.86 18.15
CA THR G 72 -37.81 30.27 17.89
C THR G 72 -36.47 30.47 17.18
N LEU G 73 -36.50 31.24 16.10
CA LEU G 73 -35.28 31.68 15.42
C LEU G 73 -35.10 33.14 15.77
N THR G 74 -33.88 33.51 16.15
CA THR G 74 -33.56 34.90 16.47
C THR G 74 -32.37 35.38 15.65
N ILE G 75 -32.52 36.59 15.09
CA ILE G 75 -31.41 37.31 14.50
C ILE G 75 -31.19 38.50 15.42
N SER G 76 -30.06 38.52 16.11
CA SER G 76 -29.82 39.47 17.19
C SER G 76 -29.63 40.90 16.70
N SER G 77 -29.07 41.07 15.50
CA SER G 77 -28.89 42.39 14.92
C SER G 77 -28.93 42.30 13.41
N LEU G 78 -30.14 42.53 12.87
CA LEU G 78 -30.43 42.36 11.45
C LEU G 78 -29.47 43.14 10.53
N GLN G 79 -29.03 42.48 9.46
CA GLN G 79 -28.15 43.08 8.45
C GLN G 79 -28.87 43.20 7.11
N PRO G 80 -28.40 44.09 6.22
CA PRO G 80 -29.01 44.25 4.89
C PRO G 80 -29.12 42.96 4.06
N GLU G 81 -28.10 42.10 4.14
CA GLU G 81 -28.09 40.82 3.42
C GLU G 81 -29.00 39.77 4.06
N ASP G 82 -29.61 40.11 5.20
CA ASP G 82 -30.50 39.18 5.89
C ASP G 82 -31.91 39.12 5.30
N PHE G 83 -32.20 39.99 4.34
CA PHE G 83 -33.46 39.91 3.60
C PHE G 83 -33.63 38.53 2.95
N ALA G 84 -34.70 37.84 3.35
CA ALA G 84 -35.00 36.49 2.88
C ALA G 84 -36.30 35.94 3.46
N THR G 85 -36.70 34.78 2.97
CA THR G 85 -37.74 33.97 3.59
C THR G 85 -37.10 32.88 4.45
N TYR G 86 -37.57 32.76 5.69
CA TYR G 86 -37.03 31.82 6.64
C TYR G 86 -38.02 30.68 6.88
N TYR G 87 -37.51 29.45 6.87
CA TYR G 87 -38.33 28.25 7.03
C TYR G 87 -37.83 27.43 8.17
N CYS G 88 -38.75 26.99 9.02
CA CYS G 88 -38.46 25.96 9.99
C CYS G 88 -38.83 24.60 9.40
N GLN G 89 -38.24 23.55 9.98
CA GLN G 89 -38.47 22.21 9.46
C GLN G 89 -38.24 21.15 10.51
N GLN G 90 -39.18 20.21 10.54
CA GLN G 90 -39.22 19.12 11.49
C GLN G 90 -38.48 17.93 10.86
N SER G 91 -37.45 17.43 11.52
CA SER G 91 -36.82 16.17 11.06
C SER G 91 -36.83 15.07 12.11
N TYR G 92 -37.80 15.11 13.03
CA TYR G 92 -38.01 14.02 13.97
C TYR G 92 -38.60 12.75 13.31
N THR G 93 -39.49 12.95 12.34
CA THR G 93 -40.14 11.85 11.65
C THR G 93 -40.06 12.03 10.16
N THR G 94 -40.36 10.94 9.46
CA THR G 94 -40.52 11.01 8.03
C THR G 94 -42.02 10.90 7.76
N PRO G 95 -42.53 11.70 6.83
CA PRO G 95 -41.71 12.62 6.02
C PRO G 95 -41.36 13.91 6.74
N PRO G 96 -40.25 14.53 6.35
CA PRO G 96 -39.83 15.79 6.96
C PRO G 96 -40.75 16.90 6.44
N THR G 97 -41.12 17.85 7.29
CA THR G 97 -42.04 18.89 6.87
C THR G 97 -41.55 20.28 7.29
N PHE G 98 -41.83 21.27 6.43
CA PHE G 98 -41.45 22.66 6.65
C PHE G 98 -42.64 23.49 7.13
N GLY G 99 -42.33 24.62 7.76
CA GLY G 99 -43.32 25.67 7.95
C GLY G 99 -43.56 26.42 6.67
N GLN G 100 -44.60 27.25 6.64
CA GLN G 100 -44.97 27.95 5.41
C GLN G 100 -43.97 29.05 4.97
N GLY G 101 -43.06 29.41 5.87
CA GLY G 101 -42.09 30.46 5.62
C GLY G 101 -42.45 31.80 6.26
N THR G 102 -41.44 32.61 6.53
CA THR G 102 -41.65 33.97 7.04
C THR G 102 -40.82 34.91 6.18
N LYS G 103 -41.48 35.87 5.53
CA LYS G 103 -40.77 36.88 4.74
C LYS G 103 -40.21 37.94 5.67
N VAL G 104 -38.90 38.17 5.58
CA VAL G 104 -38.23 39.21 6.36
C VAL G 104 -37.71 40.29 5.41
N GLU G 105 -38.25 41.50 5.54
CA GLU G 105 -37.76 42.64 4.77
C GLU G 105 -37.06 43.67 5.67
N ILE G 106 -36.05 44.34 5.12
CA ILE G 106 -35.30 45.36 5.85
C ILE G 106 -36.02 46.70 5.76
N LYS G 107 -36.11 47.40 6.88
CA LYS G 107 -36.73 48.71 6.93
C LYS G 107 -35.65 49.80 6.94
N ARG G 108 -35.84 50.84 6.14
CA ARG G 108 -34.90 51.97 6.14
C ARG G 108 -35.61 53.30 5.93
N THR G 109 -34.84 54.38 6.00
CA THR G 109 -35.36 55.73 5.78
C THR G 109 -35.94 55.84 4.37
N VAL G 110 -37.07 56.53 4.24
CA VAL G 110 -37.75 56.65 2.95
C VAL G 110 -36.76 57.09 1.87
N ALA G 111 -36.89 56.49 0.69
CA ALA G 111 -36.06 56.84 -0.45
C ALA G 111 -36.94 57.17 -1.64
N ALA G 112 -36.70 58.33 -2.24
CA ALA G 112 -37.41 58.74 -3.44
C ALA G 112 -36.97 57.86 -4.62
N PRO G 113 -37.91 57.45 -5.46
CA PRO G 113 -37.57 56.76 -6.71
C PRO G 113 -37.10 57.75 -7.76
N SER G 114 -36.20 57.33 -8.64
CA SER G 114 -35.88 58.12 -9.82
C SER G 114 -36.72 57.56 -10.95
N VAL G 115 -37.53 58.42 -11.57
CA VAL G 115 -38.53 58.00 -12.55
C VAL G 115 -38.06 58.23 -13.98
N PHE G 116 -38.37 57.28 -14.87
CA PHE G 116 -37.98 57.36 -16.27
C PHE G 116 -39.06 56.81 -17.20
N ILE G 117 -39.19 57.41 -18.37
CA ILE G 117 -40.15 56.91 -19.36
C ILE G 117 -39.47 56.56 -20.67
N PHE G 118 -39.87 55.42 -21.24
CA PHE G 118 -39.34 54.95 -22.51
C PHE G 118 -40.46 54.80 -23.52
N PRO G 119 -40.30 55.44 -24.68
CA PRO G 119 -41.24 55.27 -25.78
C PRO G 119 -41.07 53.87 -26.42
N PRO G 120 -42.11 53.33 -27.05
CA PRO G 120 -41.95 52.11 -27.84
C PRO G 120 -40.83 52.26 -28.86
N SER G 121 -40.07 51.20 -29.06
CA SER G 121 -39.00 51.18 -30.04
C SER G 121 -39.57 51.26 -31.44
N ASP G 122 -38.77 51.78 -32.37
CA ASP G 122 -39.17 51.79 -33.76
C ASP G 122 -39.45 50.37 -34.21
N GLU G 123 -38.49 49.48 -33.96
CA GLU G 123 -38.58 48.08 -34.38
C GLU G 123 -39.93 47.45 -34.05
N GLN G 124 -40.38 47.66 -32.81
CA GLN G 124 -41.62 47.08 -32.30
C GLN G 124 -42.86 47.60 -33.00
N LEU G 125 -42.87 48.92 -33.20
CA LEU G 125 -43.96 49.59 -33.90
C LEU G 125 -44.28 48.95 -35.25
N LYS G 126 -43.22 48.63 -36.01
CA LYS G 126 -43.32 47.90 -37.27
C LYS G 126 -44.29 46.70 -37.20
N SER G 127 -44.33 46.04 -36.05
CA SER G 127 -45.09 44.79 -35.92
C SER G 127 -46.41 44.89 -35.11
N GLY G 128 -47.02 46.08 -35.08
CA GLY G 128 -48.40 46.22 -34.65
C GLY G 128 -48.78 46.54 -33.20
N THR G 129 -47.86 46.30 -32.26
CA THR G 129 -48.12 46.67 -30.86
C THR G 129 -47.05 47.60 -30.29
N ALA G 130 -47.42 48.40 -29.29
CA ALA G 130 -46.53 49.37 -28.65
C ALA G 130 -46.44 49.21 -27.14
N SER G 131 -45.22 49.27 -26.60
CA SER G 131 -44.95 49.09 -25.18
C SER G 131 -44.29 50.32 -24.56
N VAL G 132 -45.08 51.10 -23.85
CA VAL G 132 -44.58 52.26 -23.10
C VAL G 132 -44.17 51.79 -21.71
N VAL G 133 -42.93 52.04 -21.35
CA VAL G 133 -42.36 51.52 -20.12
C VAL G 133 -42.01 52.63 -19.15
N CYS G 134 -42.43 52.46 -17.90
CA CYS G 134 -42.08 53.40 -16.84
C CYS G 134 -41.21 52.72 -15.78
N LEU G 135 -40.07 53.35 -15.51
CA LEU G 135 -39.10 52.86 -14.53
C LEU G 135 -39.15 53.70 -13.25
N LEU G 136 -39.34 53.03 -12.11
CA LEU G 136 -39.24 53.65 -10.79
C LEU G 136 -38.02 53.03 -10.12
N ASN G 137 -36.98 53.83 -9.89
CA ASN G 137 -35.68 53.29 -9.51
C ASN G 137 -35.22 53.53 -8.06
N ASN G 138 -34.74 52.46 -7.44
CA ASN G 138 -34.14 52.46 -6.11
C ASN G 138 -34.87 53.29 -5.05
N PHE G 139 -36.00 52.77 -4.57
CA PHE G 139 -36.83 53.47 -3.61
C PHE G 139 -37.22 52.60 -2.40
N TYR G 140 -37.78 53.23 -1.36
CA TYR G 140 -38.38 52.52 -0.22
C TYR G 140 -39.39 53.46 0.43
N PRO G 141 -40.58 52.99 0.84
CA PRO G 141 -40.98 51.57 0.83
C PRO G 141 -41.60 51.07 -0.47
N ARG G 142 -41.96 49.78 -0.47
CA ARG G 142 -42.43 49.08 -1.67
C ARG G 142 -43.71 49.66 -2.27
N GLU G 143 -44.57 50.23 -1.43
CA GLU G 143 -45.88 50.72 -1.88
C GLU G 143 -45.75 52.02 -2.67
N ALA G 144 -46.13 51.94 -3.95
CA ALA G 144 -46.02 53.06 -4.88
C ALA G 144 -47.26 53.09 -5.78
N LYS G 145 -47.62 54.26 -6.28
CA LYS G 145 -48.74 54.38 -7.21
C LYS G 145 -48.24 54.91 -8.53
N VAL G 146 -48.44 54.12 -9.58
CA VAL G 146 -48.04 54.51 -10.93
C VAL G 146 -49.31 54.54 -11.79
N GLN G 147 -49.55 55.66 -12.46
CA GLN G 147 -50.73 55.80 -13.30
C GLN G 147 -50.37 56.33 -14.67
N TRP G 148 -50.98 55.75 -15.70
CA TRP G 148 -50.73 56.18 -17.07
C TRP G 148 -51.76 57.21 -17.52
N LYS G 149 -51.25 58.24 -18.20
CA LYS G 149 -52.10 59.27 -18.77
C LYS G 149 -51.73 59.45 -20.25
N VAL G 150 -52.57 58.90 -21.13
CA VAL G 150 -52.39 59.11 -22.57
C VAL G 150 -53.27 60.27 -22.98
N ASP G 151 -52.63 61.39 -23.29
CA ASP G 151 -53.30 62.67 -23.50
C ASP G 151 -54.18 63.00 -22.30
N ASN G 152 -53.60 62.86 -21.11
CA ASN G 152 -54.24 63.18 -19.82
C ASN G 152 -55.43 62.31 -19.39
N ALA G 153 -55.83 61.38 -20.26
CA ALA G 153 -56.86 60.40 -19.92
C ALA G 153 -56.26 59.27 -19.09
N LEU G 154 -56.80 59.06 -17.89
CA LEU G 154 -56.31 58.05 -16.96
C LEU G 154 -56.53 56.66 -17.53
N GLN G 155 -55.44 55.91 -17.69
CA GLN G 155 -55.50 54.55 -18.22
C GLN G 155 -55.71 53.51 -17.12
N SER G 156 -56.33 52.40 -17.52
CA SER G 156 -56.58 51.25 -16.64
C SER G 156 -56.87 49.99 -17.45
N GLY G 157 -56.41 48.85 -16.95
CA GLY G 157 -56.67 47.57 -17.59
C GLY G 157 -55.79 47.21 -18.77
N ASN G 158 -54.76 48.02 -19.03
CA ASN G 158 -53.83 47.77 -20.14
C ASN G 158 -52.35 47.98 -19.79
N SER G 159 -52.05 47.90 -18.50
CA SER G 159 -50.68 48.05 -18.01
C SER G 159 -50.30 46.96 -16.99
N GLN G 160 -49.00 46.74 -16.84
CA GLN G 160 -48.52 45.67 -15.96
C GLN G 160 -47.26 46.05 -15.21
N GLU G 161 -47.33 45.94 -13.89
CA GLU G 161 -46.20 46.23 -13.05
C GLU G 161 -45.38 44.98 -12.73
N SER G 162 -44.10 45.20 -12.44
CA SER G 162 -43.22 44.15 -11.94
C SER G 162 -42.27 44.80 -10.95
N VAL G 163 -42.07 44.14 -9.82
CA VAL G 163 -41.18 44.67 -8.78
C VAL G 163 -39.96 43.79 -8.58
N THR G 164 -38.81 44.45 -8.60
CA THR G 164 -37.54 43.86 -8.20
C THR G 164 -37.60 43.47 -6.71
N GLU G 165 -36.98 42.37 -6.35
CA GLU G 165 -36.91 41.97 -4.94
C GLU G 165 -35.92 42.87 -4.19
N GLN G 166 -36.11 43.02 -2.88
CA GLN G 166 -35.30 43.95 -2.07
C GLN G 166 -33.81 43.77 -2.33
N ASP G 167 -33.12 44.89 -2.55
CA ASP G 167 -31.68 44.83 -2.77
C ASP G 167 -30.95 44.55 -1.46
N SER G 168 -29.91 43.72 -1.54
CA SER G 168 -29.17 43.28 -0.36
C SER G 168 -28.07 44.24 0.14
N LYS G 169 -27.82 45.31 -0.60
CA LYS G 169 -26.80 46.29 -0.23
C LYS G 169 -27.41 47.63 0.21
N ASP G 170 -28.34 48.16 -0.58
CA ASP G 170 -28.99 49.44 -0.26
C ASP G 170 -30.43 49.32 0.26
N SER G 171 -30.97 48.09 0.25
CA SER G 171 -32.32 47.78 0.75
C SER G 171 -33.48 48.44 -0.02
N THR G 172 -33.23 48.81 -1.28
CA THR G 172 -34.22 49.47 -2.12
C THR G 172 -34.90 48.50 -3.10
N TYR G 173 -36.05 48.93 -3.61
CA TYR G 173 -36.76 48.23 -4.67
C TYR G 173 -36.69 49.08 -5.94
N SER G 174 -36.90 48.43 -7.09
CA SER G 174 -37.18 49.11 -8.36
C SER G 174 -38.41 48.48 -8.99
N LEU G 175 -39.19 49.28 -9.72
CA LEU G 175 -40.46 48.84 -10.28
C LEU G 175 -40.59 49.26 -11.74
N SER G 176 -41.08 48.35 -12.58
CA SER G 176 -41.43 48.68 -13.96
C SER G 176 -42.93 48.58 -14.16
N SER G 177 -43.46 49.52 -14.95
CA SER G 177 -44.85 49.51 -15.36
C SER G 177 -44.89 49.56 -16.89
N THR G 178 -45.45 48.52 -17.50
CA THR G 178 -45.51 48.42 -18.96
C THR G 178 -46.92 48.65 -19.50
N LEU G 179 -47.08 49.76 -20.23
CA LEU G 179 -48.32 50.04 -20.94
C LEU G 179 -48.30 49.46 -22.34
N THR G 180 -49.31 48.69 -22.69
CA THR G 180 -49.35 48.05 -23.99
C THR G 180 -50.61 48.45 -24.78
N LEU G 181 -50.42 49.15 -25.89
CA LEU G 181 -51.53 49.46 -26.79
C LEU G 181 -51.22 48.99 -28.21
N SER G 182 -52.26 48.95 -29.05
CA SER G 182 -52.07 48.59 -30.45
C SER G 182 -51.36 49.74 -31.16
N LYS G 183 -50.67 49.45 -32.26
CA LYS G 183 -50.03 50.50 -33.06
C LYS G 183 -51.03 51.62 -33.37
N ALA G 184 -52.19 51.26 -33.93
CA ALA G 184 -53.24 52.22 -34.28
C ALA G 184 -53.64 53.16 -33.15
N ASP G 185 -53.73 52.63 -31.92
CA ASP G 185 -54.11 53.43 -30.76
C ASP G 185 -53.00 54.41 -30.37
N TYR G 186 -51.77 53.90 -30.29
CA TYR G 186 -50.59 54.73 -30.08
C TYR G 186 -50.44 55.80 -31.18
N GLU G 187 -50.78 55.42 -32.41
CA GLU G 187 -50.65 56.28 -33.58
C GLU G 187 -51.52 57.52 -33.49
N LYS G 188 -52.56 57.47 -32.66
CA LYS G 188 -53.55 58.56 -32.65
C LYS G 188 -53.32 59.61 -31.55
N HIS G 189 -52.40 59.33 -30.64
CA HIS G 189 -52.14 60.22 -29.51
C HIS G 189 -50.72 60.76 -29.46
N LYS G 190 -50.59 61.96 -28.89
CA LYS G 190 -49.30 62.66 -28.79
C LYS G 190 -48.65 62.52 -27.40
N VAL G 191 -49.43 62.76 -26.35
CA VAL G 191 -48.89 62.85 -25.00
C VAL G 191 -48.97 61.53 -24.21
N TYR G 192 -47.80 60.96 -23.91
CA TYR G 192 -47.72 59.78 -23.07
C TYR G 192 -46.95 60.13 -21.82
N ALA G 193 -47.56 59.86 -20.67
CA ALA G 193 -46.98 60.22 -19.38
C ALA G 193 -47.28 59.20 -18.30
N CYS G 194 -46.37 59.13 -17.34
CA CYS G 194 -46.45 58.20 -16.24
C CYS G 194 -46.38 59.00 -14.94
N GLU G 195 -47.38 58.83 -14.08
CA GLU G 195 -47.49 59.63 -12.86
C GLU G 195 -47.37 58.79 -11.59
N VAL G 196 -46.52 59.23 -10.68
CA VAL G 196 -46.08 58.42 -9.56
C VAL G 196 -46.50 59.03 -8.23
N THR G 197 -47.08 58.20 -7.36
CA THR G 197 -47.30 58.60 -5.97
C THR G 197 -46.47 57.70 -5.07
N HIS G 198 -45.81 58.30 -4.10
CA HIS G 198 -44.89 57.61 -3.19
C HIS G 198 -44.75 58.40 -1.89
N GLN G 199 -44.22 57.75 -0.86
CA GLN G 199 -44.00 58.38 0.44
C GLN G 199 -42.80 59.33 0.42
N GLY G 200 -41.76 58.94 -0.29
CA GLY G 200 -40.54 59.72 -0.37
C GLY G 200 -40.70 60.93 -1.29
N LEU G 201 -41.80 60.96 -2.03
CA LEU G 201 -42.08 62.05 -2.97
C LEU G 201 -43.06 63.05 -2.38
N SER G 202 -42.60 64.29 -2.26
CA SER G 202 -43.39 65.39 -1.71
C SER G 202 -44.49 65.83 -2.66
N SER G 203 -44.27 65.60 -3.95
CA SER G 203 -45.24 65.91 -5.00
C SER G 203 -45.17 64.83 -6.06
N PRO G 204 -46.33 64.38 -6.55
CA PRO G 204 -46.38 63.35 -7.60
C PRO G 204 -45.53 63.69 -8.82
N VAL G 205 -44.48 62.90 -9.07
CA VAL G 205 -43.59 63.10 -10.21
C VAL G 205 -44.20 62.53 -11.51
N THR G 206 -44.24 63.36 -12.55
CA THR G 206 -44.80 62.99 -13.84
C THR G 206 -43.71 63.00 -14.90
N LYS G 207 -43.43 61.83 -15.47
CA LYS G 207 -42.50 61.74 -16.59
C LYS G 207 -43.26 61.49 -17.89
N SER G 208 -43.02 62.35 -18.87
CA SER G 208 -43.78 62.39 -20.10
C SER G 208 -42.88 62.49 -21.33
N PHE G 209 -43.39 62.00 -22.46
CA PHE G 209 -42.78 62.27 -23.77
C PHE G 209 -43.85 62.65 -24.79
N ASN G 210 -43.47 63.43 -25.79
CA ASN G 210 -44.36 63.74 -26.91
C ASN G 210 -43.95 62.99 -28.16
N ARG G 211 -44.82 62.09 -28.61
CA ARG G 211 -44.61 61.29 -29.82
C ARG G 211 -44.46 62.16 -31.07
N GLU H 1 -14.92 19.48 -2.21
CA GLU H 1 -16.01 20.34 -2.77
C GLU H 1 -17.31 19.56 -2.86
N VAL H 2 -17.90 19.29 -1.70
CA VAL H 2 -19.20 18.63 -1.61
C VAL H 2 -20.24 19.45 -2.39
N GLN H 3 -20.99 18.80 -3.28
CA GLN H 3 -22.06 19.51 -3.98
C GLN H 3 -23.04 18.61 -4.70
N LEU H 4 -24.24 19.14 -4.91
CA LEU H 4 -25.37 18.41 -5.47
C LEU H 4 -25.81 19.22 -6.67
N VAL H 5 -25.81 18.61 -7.86
CA VAL H 5 -26.01 19.37 -9.11
C VAL H 5 -27.15 18.79 -9.93
N GLU H 6 -28.22 19.56 -10.08
CA GLU H 6 -29.41 19.04 -10.75
C GLU H 6 -29.49 19.37 -12.24
N SER H 7 -30.27 18.55 -12.97
CA SER H 7 -30.57 18.79 -14.36
C SER H 7 -31.90 18.14 -14.66
N GLY H 8 -32.39 18.27 -15.89
CA GLY H 8 -33.56 17.51 -16.33
C GLY H 8 -34.86 18.26 -16.54
N GLY H 9 -35.08 19.35 -15.82
CA GLY H 9 -36.34 20.09 -15.88
C GLY H 9 -36.65 20.70 -17.24
N GLY H 10 -37.92 21.02 -17.48
CA GLY H 10 -38.35 21.65 -18.72
C GLY H 10 -39.86 21.67 -18.88
N LEU H 11 -40.31 21.85 -20.11
CA LEU H 11 -41.72 22.03 -20.44
C LEU H 11 -42.34 20.70 -20.87
N VAL H 12 -43.40 20.28 -20.20
CA VAL H 12 -44.10 19.06 -20.63
C VAL H 12 -45.61 19.22 -20.67
N GLN H 13 -46.24 18.48 -21.57
CA GLN H 13 -47.69 18.38 -21.65
C GLN H 13 -48.25 17.72 -20.40
N PRO H 14 -49.42 18.16 -19.92
CA PRO H 14 -50.13 17.42 -18.88
C PRO H 14 -50.25 15.99 -19.36
N GLY H 15 -49.97 15.02 -18.48
CA GLY H 15 -50.01 13.63 -18.86
C GLY H 15 -48.68 13.10 -19.37
N GLY H 16 -47.69 13.97 -19.51
CA GLY H 16 -46.37 13.60 -19.99
C GLY H 16 -45.41 13.16 -18.90
N SER H 17 -44.16 12.90 -19.29
CA SER H 17 -43.14 12.44 -18.36
C SER H 17 -41.80 13.19 -18.48
N LEU H 18 -41.02 13.13 -17.41
CA LEU H 18 -39.75 13.80 -17.30
C LEU H 18 -38.89 13.07 -16.31
N ARG H 19 -37.57 13.20 -16.45
CA ARG H 19 -36.67 12.66 -15.44
C ARG H 19 -35.70 13.70 -14.95
N LEU H 20 -35.80 13.96 -13.65
CA LEU H 20 -34.93 14.91 -12.98
C LEU H 20 -33.72 14.15 -12.48
N SER H 21 -32.54 14.70 -12.69
CA SER H 21 -31.33 14.09 -12.17
C SER H 21 -30.61 15.00 -11.17
N CYS H 22 -29.92 14.37 -10.22
CA CYS H 22 -29.27 15.06 -9.12
C CYS H 22 -27.90 14.43 -8.84
N ALA H 23 -26.87 14.93 -9.51
CA ALA H 23 -25.54 14.34 -9.42
C ALA H 23 -24.74 14.88 -8.24
N ALA H 24 -24.23 13.97 -7.43
CA ALA H 24 -23.43 14.32 -6.25
C ALA H 24 -21.92 14.32 -6.52
N SER H 25 -21.21 15.29 -5.93
CA SER H 25 -19.74 15.32 -5.98
C SER H 25 -19.20 15.36 -4.58
N GLY H 26 -17.98 14.86 -4.39
CA GLY H 26 -17.28 14.96 -3.12
C GLY H 26 -17.92 14.24 -1.94
N PHE H 27 -18.81 13.29 -2.24
CA PHE H 27 -19.40 12.38 -1.26
C PHE H 27 -20.19 11.35 -2.04
N THR H 28 -20.58 10.25 -1.40
CA THR H 28 -21.31 9.21 -2.12
C THR H 28 -22.79 9.15 -1.73
N ILE H 29 -23.68 9.28 -2.72
CA ILE H 29 -25.13 9.33 -2.49
C ILE H 29 -25.67 8.19 -1.62
N SER H 30 -25.18 6.97 -1.84
CA SER H 30 -25.72 5.80 -1.15
C SER H 30 -25.51 5.84 0.37
N ASP H 31 -24.70 6.78 0.85
CA ASP H 31 -24.48 6.97 2.29
C ASP H 31 -25.59 7.79 2.93
N TYR H 32 -26.38 8.46 2.10
CA TYR H 32 -27.34 9.46 2.56
C TYR H 32 -28.75 9.14 2.07
N TRP H 33 -29.76 9.76 2.66
CA TRP H 33 -31.06 9.85 1.99
C TRP H 33 -30.89 10.93 0.93
N ILE H 34 -31.65 10.81 -0.15
CA ILE H 34 -31.87 11.95 -1.02
C ILE H 34 -33.36 12.24 -1.02
N HIS H 35 -33.70 13.50 -0.76
CA HIS H 35 -35.07 13.96 -0.80
C HIS H 35 -35.28 14.88 -1.99
N TRP H 36 -36.45 14.78 -2.62
CA TRP H 36 -36.87 15.81 -3.54
C TRP H 36 -37.89 16.65 -2.82
N VAL H 37 -37.66 17.96 -2.88
CA VAL H 37 -38.53 18.95 -2.27
C VAL H 37 -38.84 19.93 -3.38
N ARG H 38 -40.08 20.36 -3.46
CA ARG H 38 -40.44 21.24 -4.56
C ARG H 38 -41.10 22.52 -4.08
N GLN H 39 -40.99 23.54 -4.93
CA GLN H 39 -41.52 24.84 -4.63
C GLN H 39 -42.33 25.40 -5.80
N ALA H 40 -43.63 25.49 -5.63
CA ALA H 40 -44.51 26.03 -6.66
C ALA H 40 -44.32 27.54 -6.68
N PRO H 41 -44.39 28.15 -7.86
CA PRO H 41 -44.10 29.59 -7.99
C PRO H 41 -44.70 30.43 -6.87
N GLY H 42 -43.83 30.95 -6.00
CA GLY H 42 -44.27 31.85 -4.94
C GLY H 42 -44.86 31.16 -3.72
N LYS H 43 -44.74 29.83 -3.65
CA LYS H 43 -45.30 29.07 -2.53
C LYS H 43 -44.16 28.52 -1.68
N GLY H 44 -44.50 27.69 -0.68
CA GLY H 44 -43.51 27.17 0.25
C GLY H 44 -42.74 25.95 -0.23
N LEU H 45 -42.17 25.20 0.70
CA LEU H 45 -41.42 24.00 0.36
C LEU H 45 -42.21 22.75 0.72
N GLU H 46 -42.36 21.87 -0.26
CA GLU H 46 -43.21 20.69 -0.16
C GLU H 46 -42.36 19.46 -0.42
N TRP H 47 -42.16 18.63 0.59
CA TRP H 47 -41.47 17.35 0.41
C TRP H 47 -42.22 16.48 -0.59
N VAL H 48 -41.47 15.87 -1.50
CA VAL H 48 -42.04 15.05 -2.59
C VAL H 48 -41.66 13.55 -2.54
N ALA H 49 -40.38 13.23 -2.32
CA ALA H 49 -39.95 11.84 -2.21
C ALA H 49 -38.59 11.68 -1.50
N GLY H 50 -38.34 10.50 -0.92
CA GLY H 50 -37.02 10.17 -0.41
C GLY H 50 -36.63 8.71 -0.60
N ILE H 51 -35.37 8.46 -0.96
CA ILE H 51 -34.79 7.14 -0.88
C ILE H 51 -33.87 7.14 0.32
N THR H 52 -33.72 5.95 0.88
CA THR H 52 -32.98 5.63 2.08
C THR H 52 -31.52 5.35 1.71
N PRO H 53 -30.57 5.56 2.65
CA PRO H 53 -29.19 5.14 2.41
C PRO H 53 -29.12 3.68 1.95
N ALA H 54 -28.27 3.38 0.96
CA ALA H 54 -28.12 2.05 0.36
C ALA H 54 -29.32 1.58 -0.47
N GLY H 55 -30.29 2.48 -0.66
CA GLY H 55 -31.48 2.17 -1.43
C GLY H 55 -32.35 1.15 -0.73
N GLY H 56 -32.39 1.22 0.59
CA GLY H 56 -33.13 0.25 1.39
C GLY H 56 -34.64 0.45 1.28
N TYR H 57 -35.06 1.70 1.29
CA TYR H 57 -36.48 2.02 1.25
C TYR H 57 -36.81 3.28 0.49
N THR H 58 -38.11 3.48 0.27
CA THR H 58 -38.56 4.52 -0.62
C THR H 58 -39.90 5.15 -0.15
N TYR H 59 -40.00 6.47 -0.24
CA TYR H 59 -41.19 7.17 0.29
C TYR H 59 -41.69 8.31 -0.60
N TYR H 60 -43.01 8.47 -0.66
CA TYR H 60 -43.65 9.46 -1.55
C TYR H 60 -44.77 10.22 -0.89
N ALA H 61 -44.89 11.50 -1.25
CA ALA H 61 -46.03 12.30 -0.83
C ALA H 61 -47.26 11.75 -1.51
N ASP H 62 -48.39 11.90 -0.84
CA ASP H 62 -49.67 11.37 -1.30
C ASP H 62 -50.06 11.83 -2.70
N SER H 63 -49.69 13.07 -3.05
CA SER H 63 -50.07 13.65 -4.34
C SER H 63 -49.17 13.19 -5.48
N VAL H 64 -48.18 12.38 -5.16
CA VAL H 64 -47.18 11.98 -6.13
C VAL H 64 -47.03 10.45 -6.18
N LYS H 65 -47.44 9.78 -5.11
CA LYS H 65 -47.47 8.31 -5.01
C LYS H 65 -48.16 7.66 -6.21
N GLY H 66 -47.47 6.70 -6.83
CA GLY H 66 -48.02 5.97 -7.96
C GLY H 66 -47.71 6.63 -9.29
N ARG H 67 -47.22 7.86 -9.24
CA ARG H 67 -46.89 8.62 -10.44
C ARG H 67 -45.39 8.84 -10.60
N PHE H 68 -44.68 8.97 -9.48
CA PHE H 68 -43.25 9.28 -9.48
C PHE H 68 -42.44 8.14 -8.88
N THR H 69 -41.25 7.93 -9.41
CA THR H 69 -40.29 7.04 -8.75
C THR H 69 -39.06 7.82 -8.39
N ILE H 70 -38.56 7.62 -7.16
CA ILE H 70 -37.23 8.06 -6.78
C ILE H 70 -36.22 6.89 -6.77
N SER H 71 -35.02 7.15 -7.28
CA SER H 71 -34.02 6.12 -7.48
C SER H 71 -32.64 6.74 -7.64
N ALA H 72 -31.64 5.92 -7.90
CA ALA H 72 -30.27 6.38 -8.10
C ALA H 72 -29.47 5.36 -8.90
N ASP H 73 -28.37 5.82 -9.45
CA ASP H 73 -27.43 4.92 -10.09
C ASP H 73 -26.11 5.15 -9.39
N THR H 74 -25.77 4.25 -8.49
CA THR H 74 -24.55 4.35 -7.69
C THR H 74 -23.29 4.50 -8.54
N SER H 75 -23.28 3.87 -9.72
CA SER H 75 -22.13 3.91 -10.62
C SER H 75 -21.93 5.31 -11.21
N LYS H 76 -23.01 6.07 -11.24
CA LYS H 76 -23.00 7.43 -11.75
C LYS H 76 -23.04 8.43 -10.60
N ASN H 77 -23.14 7.94 -9.36
CA ASN H 77 -23.31 8.80 -8.18
C ASN H 77 -24.36 9.91 -8.40
N THR H 78 -25.53 9.51 -8.93
CA THR H 78 -26.58 10.43 -9.33
C THR H 78 -27.93 9.91 -8.86
N ALA H 79 -28.76 10.79 -8.32
CA ALA H 79 -30.14 10.43 -7.97
C ALA H 79 -31.12 10.89 -9.04
N TYR H 80 -32.32 10.31 -9.06
CA TYR H 80 -33.34 10.64 -10.06
C TYR H 80 -34.74 10.72 -9.48
N LEU H 81 -35.56 11.59 -10.09
CA LEU H 81 -37.01 11.59 -9.88
C LEU H 81 -37.66 11.34 -11.23
N GLN H 82 -38.21 10.14 -11.40
CA GLN H 82 -38.99 9.83 -12.58
C GLN H 82 -40.42 10.30 -12.37
N MET H 83 -40.87 11.17 -13.25
CA MET H 83 -42.16 11.82 -13.15
C MET H 83 -43.08 11.41 -14.29
N ASN H 84 -44.05 10.56 -13.98
CA ASN H 84 -45.06 10.10 -14.95
C ASN H 84 -46.40 10.77 -14.72
N SER H 85 -47.25 10.78 -15.76
CA SER H 85 -48.53 11.47 -15.71
C SER H 85 -48.42 12.79 -14.97
N LEU H 86 -47.68 13.72 -15.53
CA LEU H 86 -47.53 15.05 -14.94
C LEU H 86 -48.83 15.84 -15.05
N ARG H 87 -49.06 16.72 -14.09
CA ARG H 87 -50.27 17.52 -14.07
C ARG H 87 -49.86 18.97 -13.93
N ALA H 88 -50.74 19.89 -14.32
CA ALA H 88 -50.46 21.32 -14.18
C ALA H 88 -49.88 21.68 -12.79
N GLU H 89 -50.48 21.13 -11.74
CA GLU H 89 -50.05 21.42 -10.37
C GLU H 89 -48.71 20.80 -9.97
N ASP H 90 -48.03 20.13 -10.90
CA ASP H 90 -46.67 19.64 -10.64
C ASP H 90 -45.65 20.71 -10.95
N THR H 91 -46.12 21.82 -11.52
CA THR H 91 -45.30 22.96 -11.88
C THR H 91 -44.63 23.58 -10.63
N ALA H 92 -43.30 23.54 -10.62
CA ALA H 92 -42.50 23.97 -9.48
C ALA H 92 -41.01 23.91 -9.82
N VAL H 93 -40.21 24.53 -8.98
CA VAL H 93 -38.76 24.30 -8.99
C VAL H 93 -38.53 23.05 -8.14
N TYR H 94 -37.77 22.10 -8.66
CA TYR H 94 -37.52 20.87 -7.93
C TYR H 94 -36.13 20.84 -7.38
N TYR H 95 -36.04 20.73 -6.05
CA TYR H 95 -34.77 20.65 -5.33
C TYR H 95 -34.53 19.22 -4.89
N CYS H 96 -33.28 18.77 -5.00
CA CYS H 96 -32.85 17.59 -4.25
C CYS H 96 -31.96 18.04 -3.09
N ALA H 97 -31.99 17.27 -2.00
CA ALA H 97 -31.23 17.56 -0.80
C ALA H 97 -30.84 16.25 -0.14
N ARG H 98 -29.74 16.27 0.60
CA ARG H 98 -29.28 15.07 1.29
C ARG H 98 -29.64 15.19 2.76
N PHE H 99 -29.82 14.06 3.42
CA PHE H 99 -30.19 14.06 4.81
C PHE H 99 -29.80 12.71 5.38
N VAL H 100 -29.53 12.70 6.68
CA VAL H 100 -29.27 11.46 7.38
C VAL H 100 -29.72 11.68 8.83
N PHE H 101 -30.15 10.62 9.53
CA PHE H 101 -30.63 10.77 10.91
C PHE H 101 -29.50 10.96 11.92
N PHE H 102 -28.27 10.90 11.43
CA PHE H 102 -27.08 11.28 12.19
C PHE H 102 -27.01 12.80 12.26
N LEU H 103 -26.17 13.36 13.14
CA LEU H 103 -25.97 14.80 13.19
C LEU H 103 -25.57 15.28 11.79
N PRO H 104 -26.05 16.44 11.33
CA PRO H 104 -26.91 17.37 12.08
C PRO H 104 -28.40 17.12 11.85
N TYR H 105 -28.72 15.92 11.36
CA TYR H 105 -30.06 15.57 10.89
C TYR H 105 -30.86 16.74 10.35
N ALA H 106 -30.30 17.37 9.32
CA ALA H 106 -30.93 18.47 8.62
C ALA H 106 -30.46 18.37 7.17
N MET H 107 -31.05 19.15 6.28
CA MET H 107 -30.67 19.10 4.89
C MET H 107 -29.59 20.13 4.68
N ASP H 108 -28.36 19.64 4.73
CA ASP H 108 -27.19 20.52 4.77
C ASP H 108 -26.78 20.96 3.38
N TYR H 109 -26.90 20.05 2.41
CA TYR H 109 -26.57 20.33 1.02
C TYR H 109 -27.75 20.15 0.08
N TRP H 110 -27.93 21.12 -0.81
CA TRP H 110 -29.03 21.12 -1.76
C TRP H 110 -28.48 21.26 -3.17
N GLY H 111 -29.27 20.86 -4.17
CA GLY H 111 -29.02 21.26 -5.54
C GLY H 111 -29.58 22.66 -5.76
N GLN H 112 -29.39 23.19 -6.96
CA GLN H 112 -29.82 24.56 -7.28
C GLN H 112 -31.30 24.65 -7.70
N GLY H 113 -31.90 23.49 -7.99
CA GLY H 113 -33.26 23.39 -8.50
C GLY H 113 -33.30 23.32 -10.02
N THR H 114 -34.28 22.62 -10.59
CA THR H 114 -34.64 22.74 -12.01
C THR H 114 -36.09 23.11 -12.09
N LEU H 115 -36.43 23.90 -13.11
CA LEU H 115 -37.79 24.34 -13.29
C LEU H 115 -38.52 23.27 -14.07
N VAL H 116 -39.61 22.76 -13.49
CA VAL H 116 -40.55 21.89 -14.20
C VAL H 116 -41.85 22.66 -14.45
N THR H 117 -42.20 22.85 -15.71
CA THR H 117 -43.46 23.51 -16.03
C THR H 117 -44.31 22.61 -16.91
N VAL H 118 -45.52 22.33 -16.42
CA VAL H 118 -46.45 21.42 -17.05
C VAL H 118 -47.56 22.24 -17.69
N SER H 119 -47.52 22.33 -19.02
CA SER H 119 -48.45 23.14 -19.78
C SER H 119 -48.59 22.53 -21.16
N SER H 120 -49.71 22.79 -21.82
CA SER H 120 -49.90 22.27 -23.17
C SER H 120 -49.47 23.29 -24.23
N ALA H 121 -49.18 24.50 -23.77
CA ALA H 121 -48.75 25.59 -24.64
C ALA H 121 -47.37 25.34 -25.26
N SER H 122 -47.24 25.72 -26.52
CA SER H 122 -45.99 25.62 -27.27
C SER H 122 -44.88 26.52 -26.74
N THR H 123 -43.64 26.10 -26.96
CA THR H 123 -42.47 26.93 -26.74
C THR H 123 -42.52 28.14 -27.68
N LYS H 124 -42.17 29.32 -27.17
CA LYS H 124 -42.06 30.54 -27.99
C LYS H 124 -40.89 31.42 -27.54
N GLY H 125 -40.09 31.89 -28.49
CA GLY H 125 -38.96 32.75 -28.19
C GLY H 125 -39.30 34.24 -28.25
N PRO H 126 -38.60 35.06 -27.48
CA PRO H 126 -38.94 36.47 -27.37
C PRO H 126 -38.43 37.32 -28.54
N SER H 127 -39.10 38.44 -28.80
CA SER H 127 -38.50 39.53 -29.55
C SER H 127 -37.90 40.47 -28.51
N VAL H 128 -36.79 41.11 -28.84
CA VAL H 128 -36.14 42.05 -27.94
C VAL H 128 -36.17 43.45 -28.54
N PHE H 129 -36.56 44.42 -27.71
CA PHE H 129 -36.60 45.82 -28.12
C PHE H 129 -35.80 46.68 -27.16
N PRO H 130 -35.10 47.68 -27.68
CA PRO H 130 -34.30 48.57 -26.84
C PRO H 130 -35.16 49.59 -26.11
N LEU H 131 -34.87 49.78 -24.83
CA LEU H 131 -35.44 50.89 -24.06
C LEU H 131 -34.43 52.03 -24.15
N ALA H 132 -34.63 52.87 -25.17
CA ALA H 132 -33.70 53.94 -25.50
C ALA H 132 -33.93 55.21 -24.68
N PRO H 133 -32.85 55.83 -24.21
CA PRO H 133 -32.93 57.09 -23.45
C PRO H 133 -33.21 58.30 -24.33
N SER H 134 -33.61 59.41 -23.71
CA SER H 134 -33.85 60.66 -24.43
C SER H 134 -33.63 61.87 -23.54
N SER H 135 -33.55 63.05 -24.16
CA SER H 135 -33.38 64.31 -23.46
C SER H 135 -32.18 64.30 -22.50
N GLY H 141 -26.69 64.12 -14.21
CA GLY H 141 -25.91 63.27 -13.33
C GLY H 141 -25.89 61.82 -13.80
N THR H 142 -27.08 61.22 -13.85
CA THR H 142 -27.26 59.83 -14.28
C THR H 142 -28.50 59.67 -15.16
N ALA H 143 -28.41 58.78 -16.16
CA ALA H 143 -29.51 58.51 -17.09
C ALA H 143 -29.85 57.03 -17.13
N ALA H 144 -31.03 56.68 -17.64
CA ALA H 144 -31.48 55.27 -17.62
C ALA H 144 -31.88 54.70 -18.99
N LEU H 145 -31.52 53.44 -19.21
CA LEU H 145 -31.86 52.67 -20.42
C LEU H 145 -31.97 51.18 -20.15
N GLY H 146 -32.50 50.43 -21.13
CA GLY H 146 -32.59 48.98 -20.97
C GLY H 146 -33.03 48.18 -22.17
N CYS H 147 -33.49 46.94 -21.92
CA CYS H 147 -33.98 46.04 -22.97
C CYS H 147 -35.30 45.42 -22.58
N LEU H 148 -36.30 45.55 -23.46
CA LEU H 148 -37.58 44.89 -23.26
C LEU H 148 -37.58 43.52 -23.91
N VAL H 149 -37.88 42.48 -23.12
CA VAL H 149 -37.88 41.09 -23.57
C VAL H 149 -39.31 40.52 -23.56
N LYS H 150 -39.94 40.53 -24.73
CA LYS H 150 -41.40 40.37 -24.86
C LYS H 150 -41.88 39.07 -25.54
N ASP H 151 -42.93 38.46 -24.96
CA ASP H 151 -43.66 37.34 -25.57
C ASP H 151 -42.84 36.05 -25.72
N TYR H 152 -42.58 35.39 -24.61
CA TYR H 152 -41.88 34.11 -24.64
C TYR H 152 -42.55 33.07 -23.72
N PHE H 153 -42.24 31.80 -23.97
CA PHE H 153 -42.71 30.67 -23.16
C PHE H 153 -41.81 29.48 -23.45
N PRO H 154 -41.43 28.68 -22.44
CA PRO H 154 -41.69 28.95 -21.03
C PRO H 154 -40.60 29.81 -20.36
N GLU H 155 -40.44 29.68 -19.05
CA GLU H 155 -39.34 30.32 -18.37
C GLU H 155 -38.12 29.37 -18.34
N PRO H 156 -36.91 29.90 -18.16
CA PRO H 156 -36.64 31.32 -17.96
C PRO H 156 -35.96 32.02 -19.13
N VAL H 157 -35.77 33.33 -19.00
CA VAL H 157 -34.88 34.08 -19.88
C VAL H 157 -33.72 34.59 -19.04
N THR H 158 -32.54 34.69 -19.64
CA THR H 158 -31.36 35.23 -19.00
C THR H 158 -30.92 36.52 -19.71
N VAL H 159 -30.72 37.60 -18.97
CA VAL H 159 -30.19 38.85 -19.55
C VAL H 159 -28.90 39.30 -18.87
N SER H 160 -27.85 39.44 -19.67
CA SER H 160 -26.62 40.09 -19.21
C SER H 160 -26.44 41.40 -19.97
N TRP H 161 -25.61 42.30 -19.45
CA TRP H 161 -25.38 43.60 -20.08
C TRP H 161 -23.93 43.79 -20.47
N ASN H 162 -23.72 44.38 -21.64
CA ASN H 162 -22.38 44.57 -22.24
C ASN H 162 -21.50 43.32 -22.18
N SER H 163 -22.13 42.17 -22.43
CA SER H 163 -21.53 40.84 -22.27
C SER H 163 -21.10 40.54 -20.83
N GLY H 164 -21.97 40.85 -19.88
CA GLY H 164 -21.73 40.58 -18.47
C GLY H 164 -20.74 41.53 -17.81
N ALA H 165 -20.20 42.46 -18.58
CA ALA H 165 -19.21 43.41 -18.07
C ALA H 165 -19.82 44.49 -17.19
N LEU H 166 -21.09 44.83 -17.46
CA LEU H 166 -21.81 45.87 -16.71
C LEU H 166 -22.86 45.26 -15.76
N THR H 167 -22.61 45.37 -14.45
CA THR H 167 -23.48 44.74 -13.45
C THR H 167 -23.97 45.67 -12.34
N SER H 168 -23.23 46.75 -12.08
CA SER H 168 -23.61 47.70 -11.04
C SER H 168 -24.82 48.51 -11.50
N GLY H 169 -25.88 48.48 -10.69
CA GLY H 169 -27.09 49.26 -10.97
C GLY H 169 -27.92 48.72 -12.11
N VAL H 170 -27.74 47.43 -12.40
CA VAL H 170 -28.52 46.74 -13.41
C VAL H 170 -29.71 46.10 -12.70
N HIS H 171 -30.89 46.25 -13.28
CA HIS H 171 -32.10 45.65 -12.71
C HIS H 171 -32.92 44.86 -13.74
N THR H 172 -32.81 43.53 -13.69
CA THR H 172 -33.59 42.65 -14.53
C THR H 172 -34.86 42.26 -13.78
N PHE H 173 -36.01 42.56 -14.35
CA PHE H 173 -37.27 42.44 -13.65
C PHE H 173 -37.83 41.03 -13.74
N PRO H 174 -38.48 40.57 -12.67
CA PRO H 174 -39.16 39.28 -12.71
C PRO H 174 -40.23 39.31 -13.79
N ALA H 175 -40.22 38.30 -14.64
CA ALA H 175 -41.15 38.22 -15.77
C ALA H 175 -42.59 38.31 -15.31
N VAL H 176 -43.44 38.88 -16.14
CA VAL H 176 -44.87 38.96 -15.85
C VAL H 176 -45.61 38.14 -16.89
N LEU H 177 -46.64 37.41 -16.44
CA LEU H 177 -47.48 36.63 -17.34
C LEU H 177 -48.53 37.55 -17.97
N GLN H 178 -48.40 37.80 -19.27
CA GLN H 178 -49.38 38.59 -19.99
C GLN H 178 -50.64 37.76 -20.25
N SER H 179 -51.77 38.43 -20.36
CA SER H 179 -53.05 37.76 -20.59
C SER H 179 -53.12 37.03 -21.94
N SER H 180 -52.00 37.01 -22.67
CA SER H 180 -51.87 36.22 -23.89
C SER H 180 -51.33 34.81 -23.59
N GLY H 181 -50.90 34.59 -22.36
CA GLY H 181 -50.31 33.33 -21.96
C GLY H 181 -48.79 33.35 -22.05
N LEU H 182 -48.24 34.47 -22.52
CA LEU H 182 -46.81 34.60 -22.77
C LEU H 182 -46.15 35.46 -21.71
N TYR H 183 -44.88 35.21 -21.44
CA TYR H 183 -44.14 36.01 -20.46
C TYR H 183 -43.48 37.19 -21.11
N SER H 184 -43.10 38.15 -20.27
CA SER H 184 -42.43 39.37 -20.69
C SER H 184 -41.70 40.00 -19.48
N LEU H 185 -40.48 40.48 -19.71
CA LEU H 185 -39.72 41.19 -18.68
C LEU H 185 -38.97 42.33 -19.33
N SER H 186 -38.39 43.19 -18.50
CA SER H 186 -37.48 44.23 -18.98
C SER H 186 -36.20 44.17 -18.18
N SER H 187 -35.08 44.38 -18.86
CA SER H 187 -33.82 44.60 -18.17
C SER H 187 -33.49 46.07 -18.28
N VAL H 188 -33.03 46.65 -17.19
CA VAL H 188 -32.79 48.07 -17.13
C VAL H 188 -31.49 48.34 -16.38
N VAL H 189 -30.88 49.50 -16.64
CA VAL H 189 -29.63 49.90 -15.99
C VAL H 189 -29.43 51.41 -16.01
N THR H 190 -28.81 51.95 -14.96
CA THR H 190 -28.43 53.36 -14.92
C THR H 190 -26.94 53.56 -15.16
N VAL H 191 -26.62 54.56 -15.97
CA VAL H 191 -25.23 54.94 -16.25
C VAL H 191 -25.09 56.45 -16.28
N PRO H 192 -23.90 56.96 -16.01
CA PRO H 192 -23.60 58.39 -16.14
C PRO H 192 -24.04 58.97 -17.50
N SER H 193 -24.74 60.09 -17.48
CA SER H 193 -25.32 60.71 -18.68
C SER H 193 -24.28 61.10 -19.74
N SER H 194 -23.03 61.23 -19.32
CA SER H 194 -21.94 61.63 -20.21
C SER H 194 -21.26 60.45 -20.91
N SER H 195 -21.78 59.24 -20.69
CA SER H 195 -21.14 58.02 -21.21
C SER H 195 -21.60 57.60 -22.62
N LEU H 196 -22.86 57.86 -22.95
CA LEU H 196 -23.39 57.56 -24.28
C LEU H 196 -22.75 58.48 -25.33
N GLY H 197 -22.40 57.90 -26.48
CA GLY H 197 -21.69 58.64 -27.52
C GLY H 197 -20.22 58.24 -27.60
N THR H 198 -19.78 57.45 -26.62
CA THR H 198 -18.46 56.82 -26.64
C THR H 198 -18.54 55.41 -26.04
N GLN H 199 -19.67 55.12 -25.39
CA GLN H 199 -19.93 53.79 -24.85
C GLN H 199 -21.20 53.19 -25.45
N THR H 200 -21.03 52.19 -26.30
CA THR H 200 -22.16 51.47 -26.88
C THR H 200 -22.67 50.45 -25.87
N TYR H 201 -23.99 50.34 -25.76
CA TYR H 201 -24.60 49.49 -24.75
C TYR H 201 -25.40 48.32 -25.37
N ILE H 202 -25.01 47.10 -25.03
CA ILE H 202 -25.66 45.91 -25.56
C ILE H 202 -26.12 44.98 -24.45
N CYS H 203 -27.42 44.67 -24.45
CA CYS H 203 -27.92 43.62 -23.57
C CYS H 203 -27.85 42.30 -24.32
N ASN H 204 -27.63 41.23 -23.57
CA ASN H 204 -27.47 39.90 -24.15
C ASN H 204 -28.56 38.97 -23.65
N VAL H 205 -29.46 38.61 -24.56
CA VAL H 205 -30.68 37.92 -24.18
C VAL H 205 -30.62 36.46 -24.63
N ASN H 206 -30.96 35.57 -23.70
CA ASN H 206 -30.94 34.14 -23.94
C ASN H 206 -32.19 33.45 -23.40
N HIS H 207 -32.97 32.88 -24.31
CA HIS H 207 -34.12 32.05 -23.94
C HIS H 207 -33.84 30.63 -24.42
N LYS H 208 -33.14 29.86 -23.60
CA LYS H 208 -32.62 28.53 -23.97
C LYS H 208 -33.63 27.58 -24.64
N PRO H 209 -34.87 27.51 -24.12
CA PRO H 209 -35.87 26.60 -24.68
C PRO H 209 -36.12 26.76 -26.18
N SER H 210 -36.09 28.00 -26.67
CA SER H 210 -36.33 28.28 -28.09
C SER H 210 -35.06 28.46 -28.91
N ASN H 211 -33.91 28.38 -28.26
CA ASN H 211 -32.62 28.62 -28.90
C ASN H 211 -32.50 30.05 -29.41
N THR H 212 -33.14 30.98 -28.71
CA THR H 212 -33.12 32.39 -29.08
C THR H 212 -31.99 33.12 -28.38
N LYS H 213 -31.09 33.71 -29.17
CA LYS H 213 -30.05 34.58 -28.64
C LYS H 213 -30.02 35.88 -29.43
N VAL H 214 -30.41 36.97 -28.76
CA VAL H 214 -30.35 38.31 -29.35
C VAL H 214 -29.36 39.15 -28.55
N ASP H 215 -28.55 39.92 -29.28
CA ASP H 215 -27.69 40.94 -28.69
C ASP H 215 -28.09 42.30 -29.28
N LYS H 216 -28.84 43.08 -28.51
CA LYS H 216 -29.46 44.32 -29.00
C LYS H 216 -28.72 45.58 -28.57
N LYS H 217 -28.24 46.32 -29.56
CA LYS H 217 -27.58 47.60 -29.36
C LYS H 217 -28.58 48.66 -28.90
N VAL H 218 -28.18 49.46 -27.91
CA VAL H 218 -29.04 50.52 -27.40
C VAL H 218 -28.39 51.89 -27.57
N GLU H 219 -29.17 52.82 -28.12
CA GLU H 219 -28.71 54.17 -28.42
C GLU H 219 -29.88 55.14 -28.66
N PRO H 220 -29.69 56.43 -28.36
CA PRO H 220 -30.74 57.45 -28.55
C PRO H 220 -31.20 57.62 -30.01
N LYS H 221 -32.48 57.98 -30.19
CA LYS H 221 -33.15 57.97 -31.49
C LYS H 221 -32.72 59.09 -32.46
N SER H 222 -33.66 59.99 -32.76
CA SER H 222 -33.44 61.02 -33.78
C SER H 222 -34.10 62.39 -33.49
N CYS H 223 -35.15 62.41 -32.66
CA CYS H 223 -35.92 63.64 -32.36
C CYS H 223 -36.72 63.59 -31.05
N ASP I 1 15.58 28.62 33.41
CA ASP I 1 14.16 28.66 32.91
C ASP I 1 13.86 30.04 32.36
N ILE I 2 13.75 30.12 31.03
CA ILE I 2 13.70 31.38 30.32
C ILE I 2 12.39 32.11 30.54
N GLN I 3 12.50 33.34 31.01
CA GLN I 3 11.34 34.18 31.27
C GLN I 3 11.04 35.02 30.02
N MET I 4 9.76 35.07 29.65
CA MET I 4 9.31 35.83 28.49
C MET I 4 8.36 36.94 28.95
N THR I 5 8.68 38.18 28.60
CA THR I 5 7.94 39.33 29.07
C THR I 5 7.41 40.14 27.89
N GLN I 6 6.09 40.31 27.81
CA GLN I 6 5.48 41.04 26.71
C GLN I 6 5.19 42.49 27.11
N SER I 7 5.25 43.40 26.14
CA SER I 7 4.83 44.78 26.36
C SER I 7 4.05 45.29 25.14
N PRO I 8 2.94 46.00 25.36
CA PRO I 8 2.35 46.20 26.69
C PRO I 8 1.51 44.99 27.07
N SER I 9 0.87 45.02 28.23
CA SER I 9 0.01 43.92 28.60
C SER I 9 -1.37 44.08 27.98
N SER I 10 -1.72 45.32 27.66
CA SER I 10 -3.01 45.64 27.06
C SER I 10 -2.91 46.86 26.16
N LEU I 11 -3.65 46.86 25.06
CA LEU I 11 -3.71 48.01 24.15
C LEU I 11 -5.08 48.16 23.47
N SER I 12 -5.41 49.40 23.13
CA SER I 12 -6.65 49.70 22.44
C SER I 12 -6.36 50.24 21.04
N ALA I 13 -7.04 49.68 20.04
CA ALA I 13 -6.81 50.05 18.66
C ALA I 13 -8.10 49.94 17.85
N SER I 14 -8.13 50.62 16.70
CA SER I 14 -9.26 50.57 15.79
C SER I 14 -8.94 49.69 14.59
N VAL I 15 -9.97 49.29 13.85
CA VAL I 15 -9.77 48.55 12.61
C VAL I 15 -8.98 49.42 11.63
N GLY I 16 -7.96 48.83 11.00
CA GLY I 16 -7.11 49.55 10.07
C GLY I 16 -5.78 49.97 10.69
N ASP I 17 -5.73 50.00 12.02
CA ASP I 17 -4.53 50.37 12.76
C ASP I 17 -3.39 49.37 12.58
N ARG I 18 -2.16 49.89 12.61
CA ARG I 18 -0.95 49.07 12.71
C ARG I 18 -0.59 48.89 14.18
N VAL I 19 -0.73 47.67 14.68
CA VAL I 19 -0.40 47.38 16.08
C VAL I 19 0.87 46.54 16.16
N THR I 20 1.77 46.91 17.08
CA THR I 20 2.95 46.11 17.37
C THR I 20 3.05 45.79 18.85
N ILE I 21 3.42 44.54 19.12
CA ILE I 21 3.51 43.97 20.45
C ILE I 21 4.94 43.48 20.55
N THR I 22 5.62 43.83 21.63
CA THR I 22 6.97 43.31 21.85
C THR I 22 7.00 42.18 22.86
N CYS I 23 8.14 41.49 22.90
CA CYS I 23 8.37 40.37 23.79
C CYS I 23 9.87 40.28 24.07
N ARG I 24 10.22 40.13 25.34
CA ARG I 24 11.60 40.14 25.78
C ARG I 24 11.93 38.84 26.50
N ALA I 25 12.94 38.14 26.01
CA ALA I 25 13.40 36.91 26.65
C ALA I 25 14.51 37.21 27.67
N SER I 26 14.53 36.44 28.75
CA SER I 26 15.54 36.59 29.80
C SER I 26 16.94 36.12 29.36
N GLN I 27 16.99 35.32 28.30
CA GLN I 27 18.23 34.87 27.69
C GLN I 27 18.07 34.80 26.21
N ASP I 28 19.19 34.70 25.51
CA ASP I 28 19.20 34.51 24.08
C ASP I 28 18.51 33.22 23.69
N VAL I 29 17.56 33.35 22.77
CA VAL I 29 16.81 32.20 22.26
C VAL I 29 16.85 32.11 20.73
N SER I 30 17.92 32.65 20.13
CA SER I 30 18.08 32.63 18.68
C SER I 30 16.88 33.30 17.99
N THR I 31 16.27 32.60 17.04
CA THR I 31 14.99 33.01 16.47
C THR I 31 13.95 31.91 16.71
N ALA I 32 14.17 31.15 17.78
CA ALA I 32 13.26 30.08 18.13
C ALA I 32 12.09 30.62 18.98
N VAL I 33 11.28 31.47 18.35
CA VAL I 33 10.15 32.13 19.01
C VAL I 33 8.85 32.09 18.18
N ALA I 34 7.76 31.68 18.81
CA ALA I 34 6.45 31.58 18.16
C ALA I 34 5.45 32.56 18.76
N TRP I 35 4.50 33.03 17.94
CA TRP I 35 3.40 33.87 18.39
C TRP I 35 2.07 33.16 18.21
N TYR I 36 1.20 33.27 19.22
CA TYR I 36 -0.11 32.63 19.26
C TYR I 36 -1.21 33.63 19.55
N GLN I 37 -2.40 33.32 19.04
CA GLN I 37 -3.58 34.11 19.34
C GLN I 37 -4.54 33.25 20.14
N GLN I 38 -5.21 33.85 21.12
CA GLN I 38 -6.21 33.15 21.88
C GLN I 38 -7.43 34.05 22.04
N LYS I 39 -8.60 33.44 21.96
CA LYS I 39 -9.87 34.12 22.20
C LYS I 39 -10.52 33.41 23.38
N PRO I 40 -11.32 34.13 24.17
CA PRO I 40 -11.99 33.50 25.32
C PRO I 40 -12.65 32.17 24.98
N GLY I 41 -12.39 31.15 25.80
CA GLY I 41 -13.03 29.85 25.66
C GLY I 41 -12.44 28.97 24.58
N LYS I 42 -11.30 29.35 24.03
CA LYS I 42 -10.70 28.58 22.96
C LYS I 42 -9.21 28.36 23.14
N ALA I 43 -8.69 27.31 22.50
CA ALA I 43 -7.27 26.99 22.55
C ALA I 43 -6.45 27.98 21.72
N PRO I 44 -5.19 28.23 22.11
CA PRO I 44 -4.31 29.13 21.32
C PRO I 44 -4.11 28.67 19.88
N LYS I 45 -3.86 29.63 19.01
CA LYS I 45 -3.74 29.41 17.57
C LYS I 45 -2.38 29.91 17.12
N LEU I 46 -1.59 29.05 16.47
CA LEU I 46 -0.28 29.47 16.02
C LEU I 46 -0.39 30.47 14.88
N LEU I 47 0.39 31.55 14.98
CA LEU I 47 0.44 32.60 13.98
C LEU I 47 1.79 32.68 13.26
N ILE I 48 2.85 32.85 14.04
CA ILE I 48 4.22 32.98 13.52
C ILE I 48 5.12 31.98 14.23
N TYR I 49 6.06 31.41 13.49
CA TYR I 49 7.07 30.55 14.07
C TYR I 49 8.45 30.95 13.56
N SER I 50 9.47 30.44 14.23
CA SER I 50 10.86 30.78 13.92
C SER I 50 10.99 32.30 13.74
N ALA I 51 10.45 33.02 14.73
CA ALA I 51 10.46 34.48 14.82
C ALA I 51 9.77 35.28 13.70
N SER I 52 10.02 34.91 12.44
CA SER I 52 9.58 35.74 11.30
C SER I 52 8.71 35.04 10.25
N PHE I 53 8.51 33.74 10.37
CA PHE I 53 7.79 32.95 9.37
C PHE I 53 6.33 32.78 9.68
N LEU I 54 5.50 33.03 8.67
CA LEU I 54 4.04 32.97 8.77
C LEU I 54 3.53 31.54 8.66
N TYR I 55 2.79 31.08 9.66
CA TYR I 55 2.26 29.72 9.65
C TYR I 55 1.13 29.58 8.64
N SER I 56 1.04 28.40 8.04
CA SER I 56 0.03 28.06 7.04
C SER I 56 -1.36 28.59 7.36
N GLY I 57 -1.97 29.25 6.39
CA GLY I 57 -3.33 29.76 6.55
C GLY I 57 -3.51 31.02 7.38
N VAL I 58 -2.45 31.55 7.99
CA VAL I 58 -2.55 32.81 8.73
C VAL I 58 -2.49 33.99 7.74
N PRO I 59 -3.39 34.97 7.87
CA PRO I 59 -3.40 36.14 6.98
C PRO I 59 -2.08 36.89 7.02
N SER I 60 -1.66 37.40 5.86
CA SER I 60 -0.34 38.00 5.69
C SER I 60 -0.15 39.34 6.42
N ARG I 61 -1.24 39.91 6.93
CA ARG I 61 -1.18 41.13 7.74
C ARG I 61 -0.39 40.93 9.04
N PHE I 62 -0.31 39.67 9.48
CA PHE I 62 0.55 39.26 10.59
C PHE I 62 1.99 39.08 10.10
N SER I 63 2.92 39.70 10.80
CA SER I 63 4.34 39.52 10.53
C SER I 63 5.09 39.49 11.86
N GLY I 64 6.31 38.97 11.84
CA GLY I 64 7.12 38.88 13.05
C GLY I 64 8.58 39.17 12.77
N SER I 65 9.30 39.65 13.78
CA SER I 65 10.72 39.96 13.64
C SER I 65 11.44 39.82 14.97
N GLY I 66 12.77 39.83 14.92
CA GLY I 66 13.61 39.73 16.10
C GLY I 66 14.59 38.57 16.09
N SER I 67 15.56 38.66 16.99
CA SER I 67 16.58 37.64 17.20
C SER I 67 17.15 37.85 18.59
N GLY I 68 17.61 36.79 19.26
CA GLY I 68 18.29 36.93 20.54
C GLY I 68 17.37 37.03 21.74
N THR I 69 17.10 38.26 22.19
CA THR I 69 16.21 38.48 23.33
C THR I 69 15.01 39.37 22.99
N ASP I 70 15.04 40.06 21.85
CA ASP I 70 13.99 41.00 21.50
C ASP I 70 13.20 40.62 20.26
N PHE I 71 11.88 40.50 20.43
CA PHE I 71 11.00 39.99 19.38
C PHE I 71 9.74 40.87 19.23
N THR I 72 9.19 40.92 18.01
CA THR I 72 8.08 41.79 17.70
C THR I 72 7.03 41.12 16.83
N LEU I 73 5.76 41.31 17.21
CA LEU I 73 4.63 40.91 16.39
C LEU I 73 4.00 42.18 15.86
N THR I 74 3.79 42.25 14.56
CA THR I 74 3.10 43.37 13.93
C THR I 74 1.85 42.86 13.24
N ILE I 75 0.75 43.60 13.39
CA ILE I 75 -0.43 43.37 12.59
C ILE I 75 -0.60 44.64 11.78
N SER I 76 -0.23 44.56 10.51
CA SER I 76 -0.14 45.74 9.65
C SER I 76 -1.45 46.49 9.52
N SER I 77 -2.56 45.75 9.50
CA SER I 77 -3.89 46.36 9.41
C SER I 77 -4.94 45.57 10.19
N LEU I 78 -5.16 45.99 11.43
CA LEU I 78 -6.05 45.28 12.35
C LEU I 78 -7.44 45.05 11.74
N GLN I 79 -7.87 43.80 11.70
CA GLN I 79 -9.23 43.45 11.27
C GLN I 79 -10.08 43.18 12.51
N PRO I 80 -11.40 43.14 12.36
CA PRO I 80 -12.31 42.86 13.50
C PRO I 80 -12.14 41.47 14.13
N GLU I 81 -11.69 40.50 13.35
CA GLU I 81 -11.43 39.15 13.86
C GLU I 81 -10.17 39.09 14.72
N ASP I 82 -9.40 40.18 14.76
CA ASP I 82 -8.08 40.21 15.41
C ASP I 82 -8.11 40.71 16.86
N PHE I 83 -9.29 41.05 17.36
CA PHE I 83 -9.41 41.42 18.77
C PHE I 83 -9.40 40.15 19.61
N ALA I 84 -8.30 39.98 20.35
CA ALA I 84 -8.01 38.75 21.07
C ALA I 84 -6.80 39.01 21.97
N THR I 85 -6.27 37.94 22.57
CA THR I 85 -5.04 38.00 23.35
C THR I 85 -3.91 37.29 22.61
N TYR I 86 -2.74 37.92 22.57
CA TYR I 86 -1.59 37.39 21.83
C TYR I 86 -0.44 36.99 22.77
N TYR I 87 0.10 35.78 22.55
CA TYR I 87 1.18 35.23 23.39
C TYR I 87 2.45 34.96 22.59
N CYS I 88 3.59 35.27 23.19
CA CYS I 88 4.88 34.86 22.61
C CYS I 88 5.40 33.64 23.36
N GLN I 89 6.20 32.84 22.69
CA GLN I 89 6.65 31.59 23.24
C GLN I 89 8.04 31.33 22.74
N GLN I 90 8.87 30.78 23.61
CA GLN I 90 10.24 30.46 23.30
C GLN I 90 10.29 28.93 23.19
N SER I 91 10.81 28.42 22.09
CA SER I 91 10.93 26.97 21.93
C SER I 91 12.36 26.54 21.66
N TYR I 92 13.31 27.35 22.12
CA TYR I 92 14.74 27.10 21.92
C TYR I 92 15.24 25.98 22.82
N THR I 93 14.62 25.87 23.99
CA THR I 93 15.06 24.94 25.03
C THR I 93 13.86 24.43 25.84
N THR I 94 14.10 23.36 26.60
CA THR I 94 13.12 22.76 27.49
C THR I 94 13.29 23.36 28.87
N PRO I 95 12.21 23.72 29.56
CA PRO I 95 10.83 23.67 29.05
C PRO I 95 10.45 24.90 28.19
N PRO I 96 9.45 24.76 27.33
CA PRO I 96 8.97 25.93 26.58
C PRO I 96 8.24 26.89 27.53
N THR I 97 8.52 28.19 27.41
CA THR I 97 7.86 29.17 28.25
C THR I 97 7.16 30.21 27.39
N PHE I 98 6.15 30.84 27.96
CA PHE I 98 5.30 31.79 27.26
C PHE I 98 5.41 33.14 27.91
N GLY I 99 5.13 34.18 27.13
CA GLY I 99 4.91 35.52 27.66
C GLY I 99 3.57 35.58 28.37
N GLN I 100 3.38 36.61 29.18
CA GLN I 100 2.16 36.74 29.97
C GLN I 100 0.91 37.13 29.17
N GLY I 101 1.10 37.54 27.91
CA GLY I 101 -0.01 37.82 27.01
C GLY I 101 -0.24 39.30 26.84
N THR I 102 -0.70 39.68 25.64
CA THR I 102 -1.10 41.05 25.33
C THR I 102 -2.51 41.03 24.79
N LYS I 103 -3.43 41.73 25.46
CA LYS I 103 -4.80 41.80 25.00
C LYS I 103 -5.07 43.04 24.18
N VAL I 104 -5.45 42.81 22.92
CA VAL I 104 -5.80 43.88 21.97
C VAL I 104 -7.30 44.16 22.04
N GLU I 105 -7.65 45.42 22.33
CA GLU I 105 -9.03 45.80 22.61
C GLU I 105 -9.54 46.88 21.66
N ILE I 106 -10.87 47.03 21.61
CA ILE I 106 -11.49 47.98 20.68
C ILE I 106 -11.48 49.38 21.26
N LYS I 107 -10.91 50.31 20.50
CA LYS I 107 -10.88 51.72 20.82
C LYS I 107 -12.24 52.33 20.50
N ARG I 108 -12.66 53.29 21.32
CA ARG I 108 -13.81 54.14 21.02
C ARG I 108 -13.79 55.44 21.84
N THR I 109 -14.72 56.34 21.57
CA THR I 109 -14.74 57.61 22.30
C THR I 109 -15.08 57.33 23.76
N VAL I 110 -14.65 58.24 24.63
CA VAL I 110 -14.93 58.15 26.04
C VAL I 110 -16.43 58.11 26.30
N ALA I 111 -16.84 57.20 27.18
CA ALA I 111 -18.21 57.15 27.67
C ALA I 111 -18.23 57.00 29.19
N ALA I 112 -19.02 57.84 29.85
CA ALA I 112 -19.20 57.81 31.29
C ALA I 112 -20.19 56.72 31.69
N PRO I 113 -19.95 56.06 32.81
CA PRO I 113 -20.86 55.03 33.28
C PRO I 113 -22.13 55.68 33.83
N SER I 114 -23.26 55.00 33.79
CA SER I 114 -24.31 55.36 34.75
C SER I 114 -24.10 54.49 35.99
N VAL I 115 -24.16 55.12 37.14
CA VAL I 115 -23.83 54.50 38.41
C VAL I 115 -25.12 54.25 39.21
N PHE I 116 -25.23 53.05 39.79
CA PHE I 116 -26.37 52.67 40.61
C PHE I 116 -25.88 51.93 41.83
N ILE I 117 -26.54 52.15 42.95
CA ILE I 117 -26.23 51.45 44.19
C ILE I 117 -27.43 50.67 44.69
N PHE I 118 -27.17 49.45 45.18
CA PHE I 118 -28.19 48.56 45.70
C PHE I 118 -27.90 48.13 47.13
N PRO I 119 -28.83 48.42 48.04
CA PRO I 119 -28.75 47.93 49.42
C PRO I 119 -29.05 46.44 49.48
N PRO I 120 -28.62 45.78 50.54
CA PRO I 120 -28.99 44.37 50.72
C PRO I 120 -30.49 44.19 50.81
N SER I 121 -30.98 43.11 50.18
CA SER I 121 -32.37 42.69 50.29
C SER I 121 -32.72 42.34 51.74
N ASP I 122 -34.00 42.40 52.07
CA ASP I 122 -34.42 42.00 53.41
C ASP I 122 -34.27 40.50 53.58
N GLU I 123 -34.42 39.78 52.47
CA GLU I 123 -34.29 38.33 52.45
C GLU I 123 -32.88 37.89 52.84
N GLN I 124 -31.88 38.61 52.31
CA GLN I 124 -30.49 38.32 52.64
C GLN I 124 -30.18 38.62 54.11
N LEU I 125 -30.65 39.77 54.59
CA LEU I 125 -30.49 40.16 55.98
C LEU I 125 -30.97 39.08 56.92
N LYS I 126 -32.05 38.39 56.56
CA LYS I 126 -32.53 37.23 57.31
C LYS I 126 -31.40 36.27 57.65
N SER I 127 -30.51 36.05 56.69
CA SER I 127 -29.48 35.00 56.76
C SER I 127 -28.15 35.36 57.47
N GLY I 128 -27.95 36.63 57.83
CA GLY I 128 -26.79 36.99 58.63
C GLY I 128 -25.58 37.59 57.91
N THR I 129 -25.69 37.80 56.60
CA THR I 129 -24.70 38.61 55.87
C THR I 129 -25.46 39.66 55.06
N ALA I 130 -24.76 40.70 54.61
CA ALA I 130 -25.35 41.77 53.82
C ALA I 130 -24.40 42.17 52.69
N SER I 131 -24.89 42.12 51.45
CA SER I 131 -24.08 42.56 50.32
C SER I 131 -24.63 43.86 49.78
N VAL I 132 -23.75 44.84 49.67
CA VAL I 132 -24.09 46.10 49.00
C VAL I 132 -23.45 46.07 47.62
N VAL I 133 -24.21 46.44 46.59
CA VAL I 133 -23.74 46.32 45.22
C VAL I 133 -23.75 47.66 44.51
N CYS I 134 -22.64 47.97 43.84
CA CYS I 134 -22.51 49.18 43.06
C CYS I 134 -22.30 48.84 41.59
N LEU I 135 -23.07 49.49 40.72
CA LEU I 135 -23.08 49.19 39.30
C LEU I 135 -22.54 50.37 38.50
N LEU I 136 -21.52 50.08 37.68
CA LEU I 136 -21.07 51.01 36.64
C LEU I 136 -21.44 50.40 35.29
N ASN I 137 -22.32 51.09 34.58
CA ASN I 137 -22.99 50.54 33.40
C ASN I 137 -22.52 51.24 32.13
N ASN I 138 -22.01 50.45 31.18
CA ASN I 138 -21.71 50.89 29.83
C ASN I 138 -20.75 52.08 29.72
N PHE I 139 -19.51 51.89 30.14
CA PHE I 139 -18.50 52.95 30.12
C PHE I 139 -17.23 52.60 29.32
N TYR I 140 -16.46 53.63 28.96
CA TYR I 140 -15.17 53.45 28.28
C TYR I 140 -14.31 54.70 28.51
N PRO I 141 -13.02 54.54 28.81
CA PRO I 141 -12.31 53.25 28.86
C PRO I 141 -12.58 52.41 30.12
N ARG I 142 -11.76 51.37 30.30
CA ARG I 142 -11.96 50.44 31.38
C ARG I 142 -11.55 50.99 32.75
N GLU I 143 -10.46 51.76 32.81
CA GLU I 143 -9.93 52.23 34.08
C GLU I 143 -10.96 53.08 34.80
N ALA I 144 -11.29 52.65 36.00
CA ALA I 144 -12.31 53.26 36.81
C ALA I 144 -11.97 52.94 38.23
N LYS I 145 -12.07 53.92 39.10
CA LYS I 145 -11.89 53.71 40.53
C LYS I 145 -13.27 53.75 41.17
N VAL I 146 -13.57 52.75 42.01
CA VAL I 146 -14.78 52.71 42.83
C VAL I 146 -14.41 52.68 44.32
N GLN I 147 -14.96 53.60 45.11
CA GLN I 147 -14.67 53.62 46.53
C GLN I 147 -15.91 53.48 47.38
N TRP I 148 -15.83 52.58 48.37
CA TRP I 148 -16.91 52.34 49.32
C TRP I 148 -16.64 53.10 50.57
N LYS I 149 -17.70 53.64 51.13
CA LYS I 149 -17.60 54.30 52.40
C LYS I 149 -18.83 53.93 53.18
N VAL I 150 -18.60 53.56 54.43
CA VAL I 150 -19.66 53.22 55.37
C VAL I 150 -19.50 54.17 56.53
N ASP I 151 -20.45 55.09 56.66
CA ASP I 151 -20.38 56.19 57.60
C ASP I 151 -19.03 56.90 57.50
N ASN I 152 -18.62 57.11 56.26
CA ASN I 152 -17.36 57.77 55.90
C ASN I 152 -16.09 56.96 56.15
N ALA I 153 -16.27 55.69 56.50
CA ALA I 153 -15.12 54.82 56.68
C ALA I 153 -14.79 54.22 55.33
N LEU I 154 -13.62 54.57 54.80
CA LEU I 154 -13.13 54.04 53.55
C LEU I 154 -12.97 52.55 53.69
N GLN I 155 -13.75 51.80 52.93
CA GLN I 155 -13.76 50.34 53.05
C GLN I 155 -12.64 49.78 52.23
N SER I 156 -11.71 49.10 52.88
CA SER I 156 -10.51 48.61 52.24
C SER I 156 -10.29 47.12 52.44
N GLY I 157 -10.34 46.36 51.35
CA GLY I 157 -10.04 44.94 51.35
C GLY I 157 -11.22 44.01 51.49
N ASN I 158 -12.42 44.56 51.60
CA ASN I 158 -13.62 43.74 51.76
C ASN I 158 -14.66 43.90 50.65
N SER I 159 -14.20 44.28 49.46
CA SER I 159 -15.04 44.36 48.27
C SER I 159 -14.43 43.55 47.14
N GLN I 160 -15.22 43.19 46.16
CA GLN I 160 -14.72 42.48 44.98
C GLN I 160 -15.33 43.11 43.75
N GLU I 161 -14.55 43.20 42.68
CA GLU I 161 -15.06 43.75 41.42
C GLU I 161 -15.22 42.67 40.34
N SER I 162 -16.18 42.86 39.46
CA SER I 162 -16.28 42.02 38.27
C SER I 162 -16.50 42.93 37.07
N VAL I 163 -15.75 42.67 35.99
CA VAL I 163 -15.89 43.43 34.78
C VAL I 163 -16.36 42.57 33.62
N THR I 164 -17.33 43.11 32.93
CA THR I 164 -17.90 42.52 31.74
C THR I 164 -16.88 42.64 30.59
N GLU I 165 -17.01 41.83 29.56
CA GLU I 165 -16.17 41.98 28.38
C GLU I 165 -16.76 43.04 27.44
N GLN I 166 -15.96 43.60 26.54
CA GLN I 166 -16.42 44.69 25.65
C GLN I 166 -17.73 44.36 24.91
N ASP I 167 -18.75 45.20 25.13
CA ASP I 167 -20.08 44.98 24.57
C ASP I 167 -20.07 44.88 23.04
N SER I 168 -20.79 43.90 22.48
CA SER I 168 -20.73 43.69 21.03
C SER I 168 -21.40 44.78 20.21
N LYS I 169 -22.34 45.49 20.83
CA LYS I 169 -23.03 46.59 20.19
C LYS I 169 -22.25 47.91 20.26
N ASP I 170 -21.89 48.32 21.47
CA ASP I 170 -21.32 49.66 21.66
C ASP I 170 -19.89 49.70 22.22
N SER I 171 -19.22 48.54 22.29
CA SER I 171 -17.81 48.46 22.66
C SER I 171 -17.43 48.86 24.11
N THR I 172 -18.44 49.12 24.95
CA THR I 172 -18.17 49.56 26.32
C THR I 172 -17.95 48.42 27.32
N TYR I 173 -17.53 48.81 28.52
CA TYR I 173 -17.37 47.89 29.64
C TYR I 173 -18.46 48.17 30.67
N SER I 174 -18.79 47.15 31.45
CA SER I 174 -19.61 47.33 32.64
C SER I 174 -18.90 46.67 33.80
N LEU I 175 -19.12 47.20 35.01
CA LEU I 175 -18.43 46.72 36.19
C LEU I 175 -19.39 46.73 37.37
N SER I 176 -19.25 45.72 38.23
CA SER I 176 -19.91 45.75 39.53
C SER I 176 -18.89 45.71 40.65
N SER I 177 -19.20 46.37 41.76
CA SER I 177 -18.42 46.22 42.98
C SER I 177 -19.35 45.79 44.10
N THR I 178 -18.99 44.71 44.77
CA THR I 178 -19.78 44.15 45.84
C THR I 178 -19.06 44.33 47.16
N LEU I 179 -19.71 45.04 48.08
CA LEU I 179 -19.24 45.15 49.46
C LEU I 179 -19.93 44.11 50.35
N THR I 180 -19.15 43.37 51.13
CA THR I 180 -19.68 42.30 51.98
C THR I 180 -19.49 42.61 53.48
N LEU I 181 -20.60 42.76 54.19
CA LEU I 181 -20.58 43.03 55.62
C LEU I 181 -21.33 41.94 56.36
N SER I 182 -21.15 41.83 57.67
CA SER I 182 -22.02 40.98 58.47
C SER I 182 -23.35 41.70 58.70
N LYS I 183 -24.39 40.97 59.07
CA LYS I 183 -25.68 41.59 59.33
C LYS I 183 -25.54 42.59 60.46
N ALA I 184 -24.83 42.20 61.52
CA ALA I 184 -24.62 43.09 62.67
C ALA I 184 -23.92 44.39 62.23
N ASP I 185 -22.84 44.27 61.47
CA ASP I 185 -22.13 45.45 60.98
C ASP I 185 -23.00 46.35 60.14
N TYR I 186 -23.73 45.77 59.20
CA TYR I 186 -24.62 46.55 58.35
C TYR I 186 -25.65 47.31 59.18
N GLU I 187 -26.16 46.70 60.23
CA GLU I 187 -27.16 47.35 61.06
C GLU I 187 -26.55 48.40 61.98
N LYS I 188 -25.25 48.27 62.26
CA LYS I 188 -24.57 49.22 63.15
C LYS I 188 -24.34 50.58 62.49
N HIS I 189 -24.53 50.66 61.16
CA HIS I 189 -24.23 51.87 60.40
C HIS I 189 -25.35 52.29 59.45
N LYS I 190 -25.25 53.53 58.96
CA LYS I 190 -26.34 54.22 58.29
C LYS I 190 -26.06 54.65 56.85
N VAL I 191 -24.90 55.27 56.60
CA VAL I 191 -24.65 55.93 55.31
C VAL I 191 -23.76 55.09 54.42
N TYR I 192 -24.37 54.49 53.39
CA TYR I 192 -23.66 53.64 52.43
C TYR I 192 -23.49 54.35 51.10
N ALA I 193 -22.24 54.46 50.67
CA ALA I 193 -21.89 55.30 49.53
C ALA I 193 -20.87 54.61 48.64
N CYS I 194 -21.04 54.83 47.35
CA CYS I 194 -20.19 54.23 46.35
C CYS I 194 -19.71 55.39 45.47
N GLU I 195 -18.40 55.64 45.46
CA GLU I 195 -17.85 56.82 44.79
C GLU I 195 -17.04 56.42 43.58
N VAL I 196 -17.46 56.89 42.41
CA VAL I 196 -16.85 56.53 41.13
C VAL I 196 -16.03 57.68 40.53
N THR I 197 -14.80 57.35 40.14
CA THR I 197 -13.93 58.25 39.37
C THR I 197 -13.69 57.62 38.01
N HIS I 198 -13.93 58.38 36.96
CA HIS I 198 -13.74 57.91 35.58
C HIS I 198 -13.51 59.08 34.61
N GLN I 199 -12.66 58.84 33.61
CA GLN I 199 -12.32 59.83 32.59
C GLN I 199 -13.52 60.60 32.08
N GLY I 200 -14.59 59.87 31.79
CA GLY I 200 -15.82 60.45 31.26
C GLY I 200 -16.62 61.34 32.22
N LEU I 201 -16.28 61.30 33.50
CA LEU I 201 -16.97 62.08 34.52
C LEU I 201 -16.17 63.33 34.85
N SER I 202 -16.81 64.50 34.70
CA SER I 202 -16.09 65.75 34.94
C SER I 202 -15.70 65.90 36.42
N SER I 203 -16.51 65.32 37.28
CA SER I 203 -16.20 65.22 38.70
C SER I 203 -16.69 63.85 39.18
N PRO I 204 -15.99 63.22 40.12
CA PRO I 204 -16.36 61.88 40.63
C PRO I 204 -17.80 61.79 41.19
N VAL I 205 -18.52 60.73 40.81
CA VAL I 205 -19.94 60.56 41.12
C VAL I 205 -20.17 59.64 42.33
N THR I 206 -21.04 60.04 43.24
CA THR I 206 -21.32 59.29 44.46
C THR I 206 -22.76 58.85 44.46
N LYS I 207 -22.98 57.56 44.67
CA LYS I 207 -24.32 57.03 44.86
C LYS I 207 -24.38 56.53 46.29
N SER I 208 -25.37 57.00 47.03
CA SER I 208 -25.49 56.62 48.43
C SER I 208 -26.92 56.26 48.79
N PHE I 209 -27.08 55.64 49.95
CA PHE I 209 -28.40 55.44 50.53
C PHE I 209 -28.28 55.41 52.04
N ASN I 210 -29.40 55.60 52.71
CA ASN I 210 -29.44 55.46 54.16
C ASN I 210 -30.23 54.24 54.59
N ARG I 211 -29.59 53.32 55.28
CA ARG I 211 -30.25 52.19 55.90
C ARG I 211 -31.39 52.64 56.81
N GLU J 1 -7.74 15.29 8.47
CA GLU J 1 -8.00 16.29 9.53
C GLU J 1 -7.23 15.95 10.81
N VAL J 2 -6.03 16.51 10.91
CA VAL J 2 -5.26 16.43 12.14
C VAL J 2 -6.05 17.10 13.26
N GLN J 3 -6.10 16.45 14.41
CA GLN J 3 -6.65 17.08 15.62
C GLN J 3 -6.35 16.30 16.89
N LEU J 4 -6.42 17.00 18.03
CA LEU J 4 -6.18 16.41 19.33
C LEU J 4 -7.42 16.67 20.18
N VAL J 5 -8.07 15.61 20.69
CA VAL J 5 -9.31 15.75 21.47
C VAL J 5 -9.12 15.26 22.91
N GLU J 6 -9.33 16.17 23.85
CA GLU J 6 -9.14 15.90 25.27
C GLU J 6 -10.42 15.59 26.05
N SER J 7 -10.23 14.89 27.16
CA SER J 7 -11.30 14.56 28.10
C SER J 7 -10.66 14.24 29.43
N GLY J 8 -11.49 13.93 30.41
CA GLY J 8 -11.01 13.51 31.70
C GLY J 8 -11.02 14.55 32.81
N GLY J 9 -11.24 15.81 32.45
CA GLY J 9 -11.31 16.85 33.46
C GLY J 9 -12.48 16.66 34.41
N GLY J 10 -12.38 17.28 35.59
CA GLY J 10 -13.43 17.16 36.59
C GLY J 10 -13.14 17.88 37.88
N LEU J 11 -14.05 17.71 38.84
CA LEU J 11 -13.96 18.30 40.17
C LEU J 11 -13.45 17.27 41.15
N VAL J 12 -12.36 17.59 41.83
CA VAL J 12 -11.86 16.68 42.88
C VAL J 12 -11.51 17.41 44.13
N GLN J 13 -11.38 16.65 45.21
CA GLN J 13 -10.93 17.16 46.47
C GLN J 13 -9.41 17.24 46.48
N PRO J 14 -8.84 18.19 47.20
CA PRO J 14 -7.39 18.19 47.41
C PRO J 14 -6.96 16.79 47.83
N GLY J 15 -5.79 16.38 47.40
CA GLY J 15 -5.34 15.03 47.71
C GLY J 15 -5.86 13.99 46.74
N GLY J 16 -6.83 14.36 45.91
CA GLY J 16 -7.40 13.43 44.95
C GLY J 16 -6.59 13.26 43.70
N SER J 17 -7.12 12.50 42.77
CA SER J 17 -6.43 12.21 41.53
C SER J 17 -7.35 12.23 40.32
N LEU J 18 -6.76 12.47 39.15
CA LEU J 18 -7.51 12.48 37.90
C LEU J 18 -6.60 12.00 36.79
N ARG J 19 -7.18 11.51 35.71
CA ARG J 19 -6.41 11.19 34.52
C ARG J 19 -6.99 11.91 33.31
N LEU J 20 -6.17 12.76 32.72
CA LEU J 20 -6.57 13.45 31.51
C LEU J 20 -6.12 12.62 30.33
N SER J 21 -6.89 12.66 29.26
CA SER J 21 -6.49 12.01 28.04
C SER J 21 -6.49 12.98 26.86
N CYS J 22 -5.71 12.65 25.84
CA CYS J 22 -5.54 13.51 24.69
C CYS J 22 -5.44 12.63 23.46
N ALA J 23 -6.58 12.36 22.83
CA ALA J 23 -6.68 11.44 21.68
C ALA J 23 -6.31 12.12 20.37
N ALA J 24 -5.39 11.50 19.63
CA ALA J 24 -4.92 12.07 18.37
C ALA J 24 -5.60 11.43 17.16
N SER J 25 -5.85 12.22 16.12
CA SER J 25 -6.26 11.68 14.82
C SER J 25 -5.57 12.42 13.69
N GLY J 26 -5.31 11.71 12.60
CA GLY J 26 -4.73 12.30 11.41
C GLY J 26 -3.23 12.32 11.46
N PHE J 27 -2.67 11.84 12.58
CA PHE J 27 -1.22 11.64 12.75
C PHE J 27 -0.93 10.67 13.92
N THR J 28 0.35 10.33 14.10
CA THR J 28 0.78 9.37 15.12
C THR J 28 1.45 10.09 16.30
N ILE J 29 0.76 10.18 17.46
CA ILE J 29 1.35 10.85 18.64
C ILE J 29 2.84 10.52 18.87
N SER J 30 3.28 9.31 18.53
CA SER J 30 4.63 8.86 18.87
C SER J 30 5.71 9.48 17.97
N ASP J 31 5.27 10.10 16.87
CA ASP J 31 6.15 10.91 16.04
C ASP J 31 6.42 12.29 16.63
N TYR J 32 5.73 12.66 17.71
CA TYR J 32 5.85 14.01 18.28
C TYR J 32 6.09 14.04 19.77
N TRP J 33 6.59 15.14 20.29
CA TRP J 33 6.43 15.46 21.71
C TRP J 33 4.95 15.77 21.90
N ILE J 34 4.38 15.34 23.03
CA ILE J 34 3.15 15.94 23.53
C ILE J 34 3.46 16.67 24.82
N HIS J 35 3.21 17.98 24.83
CA HIS J 35 3.24 18.81 26.03
C HIS J 35 1.85 18.99 26.63
N TRP J 36 1.80 19.13 27.96
CA TRP J 36 0.60 19.56 28.65
C TRP J 36 0.86 20.96 29.19
N VAL J 37 0.00 21.89 28.82
CA VAL J 37 0.11 23.30 29.14
C VAL J 37 -1.20 23.68 29.80
N ARG J 38 -1.14 24.46 30.86
CA ARG J 38 -2.34 24.79 31.63
C ARG J 38 -2.55 26.29 31.81
N GLN J 39 -3.80 26.66 32.05
CA GLN J 39 -4.17 28.06 32.16
C GLN J 39 -5.14 28.23 33.33
N ALA J 40 -4.64 28.78 34.44
CA ALA J 40 -5.48 29.07 35.59
C ALA J 40 -6.46 30.17 35.21
N PRO J 41 -7.64 30.17 35.84
CA PRO J 41 -8.72 31.10 35.47
C PRO J 41 -8.18 32.51 35.49
N GLY J 42 -8.19 33.16 34.33
CA GLY J 42 -7.77 34.55 34.23
C GLY J 42 -6.27 34.72 34.04
N LYS J 43 -5.53 33.63 33.84
CA LYS J 43 -4.07 33.70 33.79
C LYS J 43 -3.51 33.25 32.45
N GLY J 44 -2.17 33.32 32.33
CA GLY J 44 -1.47 32.95 31.10
C GLY J 44 -1.27 31.45 30.96
N LEU J 45 -0.37 31.05 30.05
CA LEU J 45 -0.16 29.65 29.75
C LEU J 45 1.10 29.12 30.43
N GLU J 46 0.95 28.06 31.20
CA GLU J 46 2.07 27.47 31.93
C GLU J 46 2.26 26.03 31.52
N TRP J 47 3.48 25.71 31.08
CA TRP J 47 3.85 24.34 30.74
C TRP J 47 4.01 23.51 32.01
N VAL J 48 3.63 22.25 31.89
CA VAL J 48 3.49 21.38 33.03
C VAL J 48 4.28 20.07 32.86
N ALA J 49 4.14 19.41 31.71
CA ALA J 49 4.88 18.19 31.42
C ALA J 49 5.07 17.97 29.92
N GLY J 50 6.08 17.19 29.54
CA GLY J 50 6.33 16.85 28.15
C GLY J 50 6.82 15.41 28.00
N ILE J 51 6.40 14.75 26.91
CA ILE J 51 6.91 13.44 26.55
C ILE J 51 7.40 13.46 25.12
N THR J 52 8.56 12.87 24.94
CA THR J 52 9.34 12.90 23.73
C THR J 52 8.82 11.92 22.64
N PRO J 53 9.14 12.17 21.35
CA PRO J 53 8.85 11.17 20.31
C PRO J 53 9.29 9.77 20.73
N ALA J 54 8.52 8.76 20.39
CA ALA J 54 8.82 7.36 20.77
C ALA J 54 8.82 7.08 22.27
N GLY J 55 8.45 8.09 23.07
CA GLY J 55 8.40 7.95 24.53
C GLY J 55 9.77 7.69 25.13
N GLY J 56 10.79 8.36 24.59
CA GLY J 56 12.16 8.16 25.02
C GLY J 56 12.49 8.84 26.34
N TYR J 57 11.74 9.89 26.66
CA TYR J 57 12.02 10.67 27.86
C TYR J 57 10.85 11.54 28.27
N THR J 58 10.99 12.12 29.45
CA THR J 58 9.86 12.71 30.16
C THR J 58 10.33 13.90 31.04
N TYR J 59 9.60 15.01 30.98
CA TYR J 59 9.92 16.24 31.74
C TYR J 59 8.73 16.84 32.46
N TYR J 60 8.99 17.41 33.64
CA TYR J 60 7.96 17.96 34.52
C TYR J 60 8.37 19.31 35.09
N ALA J 61 7.39 20.19 35.27
CA ALA J 61 7.62 21.45 35.98
C ALA J 61 7.81 21.11 37.44
N ASP J 62 8.62 21.88 38.15
CA ASP J 62 8.83 21.62 39.57
C ASP J 62 7.54 21.58 40.38
N SER J 63 6.57 22.40 39.98
CA SER J 63 5.29 22.50 40.71
C SER J 63 4.54 21.20 40.66
N VAL J 64 5.00 20.30 39.81
CA VAL J 64 4.23 19.12 39.46
C VAL J 64 5.07 17.85 39.58
N LYS J 65 6.39 17.97 39.50
CA LYS J 65 7.32 16.86 39.66
C LYS J 65 6.97 15.98 40.87
N GLY J 66 6.79 14.68 40.64
CA GLY J 66 6.57 13.71 41.70
C GLY J 66 5.11 13.43 41.99
N ARG J 67 4.24 14.23 41.37
CA ARG J 67 2.80 14.12 41.57
C ARG J 67 2.08 13.69 40.30
N PHE J 68 2.54 14.18 39.15
CA PHE J 68 1.91 13.89 37.86
C PHE J 68 2.82 12.95 37.06
N THR J 69 2.20 12.07 36.27
CA THR J 69 2.93 11.30 35.27
C THR J 69 2.40 11.60 33.86
N ILE J 70 3.31 11.82 32.91
CA ILE J 70 2.92 11.93 31.52
C ILE J 70 3.23 10.61 30.80
N SER J 71 2.32 10.21 29.92
CA SER J 71 2.47 8.96 29.19
C SER J 71 1.59 8.98 27.94
N ALA J 72 1.54 7.84 27.25
CA ALA J 72 0.65 7.63 26.11
C ALA J 72 0.41 6.15 25.89
N ASP J 73 -0.65 5.82 25.16
CA ASP J 73 -0.90 4.45 24.75
C ASP J 73 -0.91 4.41 23.23
N THR J 74 0.12 3.84 22.64
CA THR J 74 0.27 3.90 21.17
C THR J 74 -0.82 3.14 20.42
N SER J 75 -1.30 2.02 20.97
CA SER J 75 -2.42 1.30 20.35
C SER J 75 -3.69 2.14 20.31
N LYS J 76 -3.85 3.02 21.31
CA LYS J 76 -4.93 3.98 21.35
C LYS J 76 -4.61 5.31 20.65
N ASN J 77 -3.35 5.52 20.26
CA ASN J 77 -2.90 6.82 19.73
C ASN J 77 -3.34 7.99 20.63
N THR J 78 -3.25 7.79 21.94
CA THR J 78 -3.76 8.73 22.94
C THR J 78 -2.69 8.99 23.99
N ALA J 79 -2.52 10.26 24.38
CA ALA J 79 -1.59 10.58 25.47
C ALA J 79 -2.36 10.89 26.74
N TYR J 80 -1.66 10.82 27.87
CA TYR J 80 -2.32 10.98 29.16
C TYR J 80 -1.57 11.87 30.10
N LEU J 81 -2.31 12.44 31.04
CA LEU J 81 -1.68 13.03 32.22
C LEU J 81 -2.32 12.46 33.48
N GLN J 82 -1.57 11.62 34.18
CA GLN J 82 -2.00 11.06 35.46
C GLN J 82 -1.62 12.07 36.55
N MET J 83 -2.64 12.60 37.21
CA MET J 83 -2.47 13.63 38.22
C MET J 83 -2.81 13.07 39.58
N ASN J 84 -1.78 12.87 40.40
CA ASN J 84 -1.95 12.43 41.78
C ASN J 84 -1.80 13.59 42.76
N SER J 85 -2.27 13.43 44.00
CA SER J 85 -2.10 14.44 45.05
C SER J 85 -2.41 15.84 44.54
N LEU J 86 -3.58 16.01 43.95
CA LEU J 86 -3.95 17.29 43.38
C LEU J 86 -4.15 18.31 44.50
N ARG J 87 -3.76 19.54 44.22
CA ARG J 87 -3.97 20.62 45.16
C ARG J 87 -4.75 21.72 44.49
N ALA J 88 -5.34 22.57 45.31
CA ALA J 88 -6.17 23.67 44.83
C ALA J 88 -5.51 24.42 43.68
N GLU J 89 -4.23 24.74 43.82
CA GLU J 89 -3.52 25.54 42.80
C GLU J 89 -3.23 24.80 41.50
N ASP J 90 -3.66 23.55 41.38
CA ASP J 90 -3.60 22.83 40.10
C ASP J 90 -4.84 23.11 39.26
N THR J 91 -5.76 23.89 39.80
CA THR J 91 -7.01 24.28 39.14
C THR J 91 -6.73 25.10 37.89
N ALA J 92 -7.14 24.61 36.74
CA ALA J 92 -6.88 25.26 35.46
C ALA J 92 -7.51 24.50 34.32
N VAL J 93 -7.56 25.13 33.14
CA VAL J 93 -7.81 24.41 31.89
C VAL J 93 -6.50 23.73 31.42
N TYR J 94 -6.56 22.45 31.11
CA TYR J 94 -5.37 21.74 30.67
C TYR J 94 -5.46 21.47 29.20
N TYR J 95 -4.44 21.94 28.47
CA TYR J 95 -4.32 21.74 27.05
C TYR J 95 -3.22 20.73 26.82
N CYS J 96 -3.40 19.88 25.82
CA CYS J 96 -2.26 19.18 25.25
C CYS J 96 -1.90 19.83 23.93
N ALA J 97 -0.62 19.77 23.57
CA ALA J 97 -0.13 20.32 22.31
C ALA J 97 1.01 19.47 21.74
N ARG J 98 1.07 19.37 20.41
CA ARG J 98 2.14 18.61 19.79
C ARG J 98 3.27 19.53 19.44
N PHE J 99 4.47 18.98 19.46
CA PHE J 99 5.66 19.77 19.21
C PHE J 99 6.75 18.85 18.75
N VAL J 100 7.66 19.39 17.96
CA VAL J 100 8.84 18.66 17.54
C VAL J 100 9.92 19.72 17.31
N PHE J 101 11.19 19.37 17.46
CA PHE J 101 12.24 20.36 17.25
C PHE J 101 12.47 20.65 15.76
N PHE J 102 11.90 19.83 14.87
CA PHE J 102 11.82 20.14 13.44
C PHE J 102 10.88 21.31 13.17
N LEU J 103 11.05 21.98 12.04
CA LEU J 103 10.12 23.04 11.62
C LEU J 103 8.68 22.54 11.79
N PRO J 104 7.74 23.36 12.29
CA PRO J 104 7.96 24.77 12.67
C PRO J 104 8.52 25.00 14.08
N TYR J 105 8.88 23.92 14.77
CA TYR J 105 9.23 23.94 16.19
C TYR J 105 8.44 24.92 17.05
N ALA J 106 7.12 24.85 16.84
CA ALA J 106 6.15 25.58 17.63
C ALA J 106 5.02 24.58 17.90
N MET J 107 4.05 24.94 18.74
CA MET J 107 2.92 24.06 19.03
C MET J 107 1.78 24.34 18.06
N ASP J 108 1.68 23.52 17.01
CA ASP J 108 0.81 23.85 15.88
C ASP J 108 -0.59 23.32 16.06
N TYR J 109 -0.72 22.24 16.81
CA TYR J 109 -2.03 21.65 17.10
C TYR J 109 -2.27 21.49 18.60
N TRP J 110 -3.40 22.01 19.06
CA TRP J 110 -3.79 21.97 20.47
C TRP J 110 -5.09 21.21 20.63
N GLY J 111 -5.25 20.57 21.78
CA GLY J 111 -6.58 20.09 22.15
C GLY J 111 -7.46 21.28 22.50
N GLN J 112 -8.72 21.01 22.82
CA GLN J 112 -9.65 22.07 23.19
C GLN J 112 -9.58 22.46 24.66
N GLY J 113 -8.94 21.62 25.48
CA GLY J 113 -8.88 21.82 26.93
C GLY J 113 -9.88 20.99 27.71
N THR J 114 -9.50 20.50 28.88
CA THR J 114 -10.46 20.09 29.91
C THR J 114 -10.20 20.88 31.19
N LEU J 115 -11.28 21.17 31.89
CA LEU J 115 -11.19 21.89 33.13
C LEU J 115 -10.89 20.93 34.27
N VAL J 116 -9.83 21.24 35.00
CA VAL J 116 -9.55 20.54 36.24
C VAL J 116 -9.72 21.55 37.34
N THR J 117 -10.71 21.31 38.21
CA THR J 117 -10.93 22.18 39.35
C THR J 117 -10.74 21.39 40.66
N VAL J 118 -9.84 21.87 41.52
CA VAL J 118 -9.52 21.18 42.77
C VAL J 118 -9.93 22.02 43.98
N SER J 119 -10.89 21.52 44.74
CA SER J 119 -11.45 22.26 45.88
C SER J 119 -12.04 21.32 46.92
N SER J 120 -12.03 21.72 48.19
CA SER J 120 -12.69 20.93 49.22
C SER J 120 -14.12 21.39 49.51
N ALA J 121 -14.57 22.41 48.79
CA ALA J 121 -15.93 22.92 48.91
C ALA J 121 -16.96 21.93 48.36
N SER J 122 -18.04 21.73 49.12
CA SER J 122 -19.16 20.93 48.66
C SER J 122 -19.95 21.68 47.60
N THR J 123 -20.58 20.92 46.71
CA THR J 123 -21.58 21.48 45.82
C THR J 123 -22.67 22.23 46.64
N LYS J 124 -22.92 23.48 46.26
CA LYS J 124 -23.94 24.31 46.91
C LYS J 124 -24.70 25.12 45.88
N GLY J 125 -26.03 25.12 45.97
CA GLY J 125 -26.84 25.96 45.12
C GLY J 125 -26.82 27.39 45.62
N PRO J 126 -27.01 28.35 44.74
CA PRO J 126 -26.90 29.76 45.12
C PRO J 126 -28.18 30.22 45.81
N SER J 127 -28.11 31.25 46.64
CA SER J 127 -29.30 31.95 47.08
C SER J 127 -29.42 33.11 46.12
N VAL J 128 -30.64 33.42 45.72
CA VAL J 128 -30.85 34.45 44.71
C VAL J 128 -31.59 35.61 45.35
N PHE J 129 -30.95 36.77 45.29
CA PHE J 129 -31.48 37.95 45.97
C PHE J 129 -31.80 39.06 44.98
N PRO J 130 -32.88 39.80 45.24
CA PRO J 130 -33.26 40.91 44.36
C PRO J 130 -32.33 42.09 44.57
N LEU J 131 -31.92 42.72 43.47
CA LEU J 131 -31.32 44.04 43.52
C LEU J 131 -32.43 44.97 43.01
N ALA J 132 -33.20 45.49 43.95
CA ALA J 132 -34.42 46.24 43.63
C ALA J 132 -34.11 47.60 43.00
N PRO J 133 -34.99 48.06 42.11
CA PRO J 133 -34.87 49.41 41.51
C PRO J 133 -35.04 50.50 42.57
N SER J 134 -34.19 51.51 42.49
CA SER J 134 -34.17 52.62 43.46
C SER J 134 -35.34 53.58 43.39
N SER J 135 -35.60 54.23 44.53
CA SER J 135 -36.45 55.42 44.67
C SER J 135 -37.58 55.54 43.65
N GLY J 141 -37.04 58.60 32.59
CA GLY J 141 -35.67 58.17 32.82
C GLY J 141 -35.45 56.67 32.65
N THR J 142 -34.25 56.21 32.97
CA THR J 142 -33.93 54.79 32.95
C THR J 142 -33.40 54.28 34.32
N ALA J 143 -33.74 53.02 34.63
CA ALA J 143 -33.50 52.45 35.94
C ALA J 143 -32.75 51.13 35.83
N ALA J 144 -32.04 50.76 36.88
CA ALA J 144 -31.33 49.48 36.96
C ALA J 144 -31.93 48.61 38.03
N LEU J 145 -32.00 47.31 37.74
CA LEU J 145 -32.38 46.29 38.70
C LEU J 145 -31.62 45.03 38.36
N GLY J 146 -31.66 44.03 39.23
CA GLY J 146 -30.99 42.79 38.95
C GLY J 146 -31.14 41.73 40.01
N CYS J 147 -30.29 40.72 39.92
CA CYS J 147 -30.25 39.61 40.89
C CYS J 147 -28.85 39.37 41.36
N LEU J 148 -28.71 39.25 42.67
CA LEU J 148 -27.48 38.76 43.26
C LEU J 148 -27.58 37.23 43.40
N VAL J 149 -26.66 36.52 42.75
CA VAL J 149 -26.59 35.07 42.79
C VAL J 149 -25.38 34.72 43.63
N LYS J 150 -25.64 34.35 44.89
CA LYS J 150 -24.61 34.31 45.92
C LYS J 150 -24.33 32.91 46.45
N ASP J 151 -23.04 32.61 46.60
CA ASP J 151 -22.54 31.47 47.36
C ASP J 151 -22.90 30.12 46.75
N TYR J 152 -22.51 29.90 45.50
CA TYR J 152 -22.71 28.62 44.84
C TYR J 152 -21.38 27.97 44.51
N PHE J 153 -21.39 26.66 44.30
CA PHE J 153 -20.19 25.91 43.89
C PHE J 153 -20.57 24.57 43.25
N PRO J 154 -19.85 24.17 42.19
CA PRO J 154 -18.89 25.01 41.48
C PRO J 154 -19.55 25.83 40.39
N GLU J 155 -18.74 26.32 39.47
CA GLU J 155 -19.21 27.00 38.28
C GLU J 155 -19.75 25.95 37.29
N PRO J 156 -20.61 26.34 36.35
CA PRO J 156 -21.11 27.71 36.21
C PRO J 156 -22.56 27.86 36.68
N VAL J 157 -23.02 29.10 36.64
CA VAL J 157 -24.45 29.39 36.79
C VAL J 157 -24.99 29.96 35.46
N THR J 158 -26.29 29.82 35.23
CA THR J 158 -26.95 30.43 34.07
C THR J 158 -28.02 31.41 34.56
N VAL J 159 -28.03 32.62 34.02
CA VAL J 159 -29.06 33.60 34.36
C VAL J 159 -29.76 34.11 33.10
N SER J 160 -31.07 34.13 33.15
CA SER J 160 -31.86 34.70 32.07
C SER J 160 -33.00 35.55 32.64
N TRP J 161 -33.59 36.41 31.82
CA TRP J 161 -34.59 37.36 32.28
C TRP J 161 -35.94 37.16 31.59
N ASN J 162 -36.99 37.08 32.41
CA ASN J 162 -38.37 36.84 31.96
C ASN J 162 -38.48 35.64 31.03
N SER J 163 -37.64 34.64 31.29
CA SER J 163 -37.50 33.45 30.46
C SER J 163 -36.98 33.74 29.07
N GLY J 164 -36.07 34.71 28.97
CA GLY J 164 -35.45 35.07 27.71
C GLY J 164 -36.23 36.10 26.92
N ALA J 165 -37.36 36.54 27.48
CA ALA J 165 -38.20 37.55 26.84
C ALA J 165 -37.53 38.89 26.95
N LEU J 166 -36.53 38.98 27.81
CA LEU J 166 -35.82 40.23 28.05
C LEU J 166 -34.30 40.00 27.93
N THR J 167 -33.71 40.59 26.90
CA THR J 167 -32.26 40.45 26.64
C THR J 167 -31.56 41.81 26.56
N SER J 168 -32.29 42.82 26.09
CA SER J 168 -31.72 44.14 25.90
C SER J 168 -31.34 44.77 27.24
N GLY J 169 -30.10 45.26 27.32
CA GLY J 169 -29.62 45.95 28.51
C GLY J 169 -29.12 45.07 29.64
N VAL J 170 -29.15 43.76 29.44
CA VAL J 170 -28.74 42.80 30.47
C VAL J 170 -27.21 42.65 30.52
N HIS J 171 -26.65 42.68 31.72
CA HIS J 171 -25.24 42.40 31.94
C HIS J 171 -25.17 41.38 33.07
N THR J 172 -24.78 40.16 32.74
CA THR J 172 -24.56 39.12 33.73
C THR J 172 -23.05 39.03 33.90
N PHE J 173 -22.58 39.36 35.10
CA PHE J 173 -21.15 39.48 35.34
C PHE J 173 -20.43 38.15 35.47
N PRO J 174 -19.16 38.11 35.06
CA PRO J 174 -18.34 36.92 35.32
C PRO J 174 -18.32 36.70 36.83
N ALA J 175 -18.38 35.45 37.25
CA ALA J 175 -18.39 35.13 38.67
C ALA J 175 -17.02 35.43 39.30
N VAL J 176 -17.03 35.64 40.60
CA VAL J 176 -15.83 35.95 41.37
C VAL J 176 -15.70 34.92 42.50
N LEU J 177 -14.48 34.48 42.79
CA LEU J 177 -14.24 33.50 43.85
C LEU J 177 -14.05 34.21 45.18
N GLN J 178 -14.87 33.86 46.17
CA GLN J 178 -14.77 34.48 47.49
C GLN J 178 -13.78 33.74 48.39
N SER J 179 -13.27 34.44 49.41
CA SER J 179 -12.29 33.83 50.34
C SER J 179 -12.86 32.58 51.01
N SER J 180 -14.14 32.31 50.75
CA SER J 180 -14.88 31.23 51.39
C SER J 180 -14.84 29.94 50.59
N GLY J 181 -14.31 30.03 49.36
CA GLY J 181 -14.28 28.90 48.44
C GLY J 181 -15.49 28.86 47.52
N LEU J 182 -16.37 29.86 47.64
CA LEU J 182 -17.67 29.85 46.98
C LEU J 182 -17.76 30.99 45.98
N TYR J 183 -18.45 30.75 44.88
CA TYR J 183 -18.59 31.72 43.81
C TYR J 183 -19.82 32.58 44.04
N SER J 184 -19.81 33.76 43.46
CA SER J 184 -20.91 34.68 43.53
C SER J 184 -20.89 35.52 42.25
N LEU J 185 -22.07 35.89 41.76
CA LEU J 185 -22.20 36.86 40.68
C LEU J 185 -23.48 37.67 40.74
N SER J 186 -23.52 38.74 39.96
CA SER J 186 -24.72 39.55 39.76
C SER J 186 -25.10 39.58 38.30
N SER J 187 -26.40 39.57 38.06
CA SER J 187 -26.92 39.88 36.74
C SER J 187 -27.82 41.08 36.90
N VAL J 188 -27.60 42.09 36.06
CA VAL J 188 -28.37 43.31 36.12
C VAL J 188 -28.98 43.67 34.76
N VAL J 189 -29.88 44.65 34.79
CA VAL J 189 -30.54 45.15 33.60
C VAL J 189 -30.97 46.63 33.77
N THR J 190 -30.88 47.40 32.69
CA THR J 190 -31.42 48.75 32.68
C THR J 190 -32.72 48.73 31.88
N VAL J 191 -33.74 49.36 32.46
CA VAL J 191 -35.06 49.36 31.90
C VAL J 191 -35.63 50.76 32.12
N PRO J 192 -36.53 51.23 31.26
CA PRO J 192 -37.19 52.52 31.47
C PRO J 192 -37.94 52.58 32.80
N SER J 193 -37.72 53.64 33.57
CA SER J 193 -38.41 53.83 34.84
C SER J 193 -39.93 53.79 34.73
N SER J 194 -40.45 54.20 33.58
CA SER J 194 -41.90 54.17 33.31
C SER J 194 -42.49 52.75 33.35
N SER J 195 -41.64 51.75 33.14
CA SER J 195 -42.07 50.36 33.11
C SER J 195 -42.05 49.65 34.49
N LEU J 196 -41.44 50.29 35.49
CA LEU J 196 -41.46 49.75 36.85
C LEU J 196 -42.83 49.95 37.47
N GLY J 197 -43.51 48.86 37.81
CA GLY J 197 -44.85 48.96 38.36
C GLY J 197 -45.99 48.58 37.42
N THR J 198 -45.68 48.37 36.14
CA THR J 198 -46.56 47.65 35.23
C THR J 198 -45.82 46.37 34.84
N GLN J 199 -44.62 46.54 34.28
CA GLN J 199 -43.81 45.43 33.82
C GLN J 199 -43.12 44.74 34.99
N THR J 200 -43.40 43.45 35.17
CA THR J 200 -42.75 42.67 36.21
C THR J 200 -41.50 41.99 35.66
N TYR J 201 -40.46 41.90 36.50
CA TYR J 201 -39.18 41.34 36.08
C TYR J 201 -38.76 40.16 36.95
N ILE J 202 -38.40 39.05 36.30
CA ILE J 202 -37.95 37.84 36.96
C ILE J 202 -36.62 37.33 36.39
N CYS J 203 -35.66 37.07 37.27
CA CYS J 203 -34.43 36.42 36.83
C CYS J 203 -34.50 34.92 37.05
N ASN J 204 -34.15 34.19 35.99
CA ASN J 204 -34.22 32.74 36.00
C ASN J 204 -32.81 32.21 36.17
N VAL J 205 -32.52 31.70 37.36
CA VAL J 205 -31.20 31.19 37.72
C VAL J 205 -31.14 29.66 37.67
N ASN J 206 -30.12 29.17 37.00
CA ASN J 206 -29.86 27.74 36.89
C ASN J 206 -28.50 27.37 37.42
N HIS J 207 -28.49 26.43 38.37
CA HIS J 207 -27.24 25.87 38.84
C HIS J 207 -27.27 24.37 38.66
N LYS J 208 -26.78 23.93 37.51
CA LYS J 208 -26.85 22.51 37.18
C LYS J 208 -26.15 21.58 38.19
N PRO J 209 -24.91 21.87 38.59
CA PRO J 209 -24.19 20.94 39.49
C PRO J 209 -24.90 20.61 40.79
N SER J 210 -25.62 21.56 41.42
CA SER J 210 -26.38 21.25 42.63
C SER J 210 -27.84 20.95 42.35
N ASN J 211 -28.20 20.93 41.05
CA ASN J 211 -29.58 20.70 40.59
C ASN J 211 -30.59 21.69 41.16
N THR J 212 -30.28 22.98 41.00
CA THR J 212 -31.05 24.06 41.59
C THR J 212 -31.63 24.95 40.52
N LYS J 213 -32.97 25.09 40.53
CA LYS J 213 -33.68 26.06 39.70
C LYS J 213 -34.31 27.16 40.57
N VAL J 214 -33.98 28.41 40.30
CA VAL J 214 -34.59 29.53 41.04
C VAL J 214 -35.15 30.63 40.13
N ASP J 215 -36.37 31.05 40.43
CA ASP J 215 -36.98 32.21 39.78
C ASP J 215 -37.25 33.28 40.83
N LYS J 216 -36.77 34.50 40.57
CA LYS J 216 -36.93 35.60 41.51
C LYS J 216 -37.56 36.85 40.91
N LYS J 217 -38.69 37.25 41.48
CA LYS J 217 -39.36 38.48 41.09
C LYS J 217 -38.64 39.66 41.73
N VAL J 218 -38.22 40.60 40.89
CA VAL J 218 -37.50 41.78 41.34
C VAL J 218 -38.39 43.01 41.18
N GLU J 219 -38.82 43.57 42.31
CA GLU J 219 -39.78 44.66 42.31
C GLU J 219 -39.33 45.77 43.26
N PRO J 220 -39.89 46.97 43.14
CA PRO J 220 -39.57 48.07 44.06
C PRO J 220 -39.98 47.75 45.48
N LYS J 221 -39.16 48.13 46.46
CA LYS J 221 -39.44 47.90 47.90
C LYS J 221 -40.57 48.79 48.42
N SER J 222 -40.79 48.80 49.73
CA SER J 222 -41.97 49.47 50.32
C SER J 222 -41.93 51.01 50.34
N CYS J 223 -40.78 51.59 50.69
CA CYS J 223 -40.66 53.05 50.91
C CYS J 223 -39.26 53.68 50.90
N ASP K 1 7.38 -46.44 5.43
CA ASP K 1 6.57 -45.45 6.22
C ASP K 1 6.90 -45.57 7.69
N ILE K 2 7.21 -44.43 8.30
CA ILE K 2 7.63 -44.37 9.70
C ILE K 2 6.43 -44.59 10.61
N GLN K 3 6.44 -45.70 11.34
CA GLN K 3 5.40 -45.99 12.31
C GLN K 3 5.63 -45.15 13.56
N MET K 4 4.56 -44.64 14.17
CA MET K 4 4.63 -43.94 15.45
C MET K 4 3.72 -44.61 16.48
N THR K 5 4.27 -44.94 17.65
CA THR K 5 3.56 -45.68 18.68
C THR K 5 3.57 -44.96 20.02
N GLN K 6 2.38 -44.68 20.54
CA GLN K 6 2.23 -43.98 21.80
C GLN K 6 1.97 -44.94 22.97
N SER K 7 2.39 -44.53 24.17
CA SER K 7 2.05 -45.24 25.40
C SER K 7 1.69 -44.22 26.45
N PRO K 8 0.67 -44.50 27.25
CA PRO K 8 -0.22 -45.65 27.05
C PRO K 8 -1.36 -45.31 26.07
N SER K 9 -2.24 -46.27 25.77
CA SER K 9 -3.34 -46.04 24.83
C SER K 9 -4.40 -45.13 25.40
N SER K 10 -4.59 -45.21 26.72
CA SER K 10 -5.40 -44.26 27.48
C SER K 10 -4.97 -44.23 28.94
N LEU K 11 -5.30 -43.13 29.62
CA LEU K 11 -4.94 -42.99 31.01
C LEU K 11 -5.97 -42.18 31.77
N SER K 12 -6.07 -42.45 33.07
CA SER K 12 -6.94 -41.68 33.95
C SER K 12 -6.13 -40.78 34.84
N ALA K 13 -6.55 -39.52 34.97
CA ALA K 13 -5.89 -38.57 35.86
C ALA K 13 -6.89 -37.59 36.50
N SER K 14 -6.47 -36.97 37.60
CA SER K 14 -7.26 -35.93 38.25
C SER K 14 -6.68 -34.55 37.92
N VAL K 15 -7.48 -33.51 38.07
CA VAL K 15 -7.01 -32.13 37.92
C VAL K 15 -5.85 -31.91 38.89
N GLY K 16 -4.79 -31.27 38.39
CA GLY K 16 -3.64 -30.97 39.21
C GLY K 16 -2.53 -31.99 39.06
N ASP K 17 -2.87 -33.15 38.50
CA ASP K 17 -1.89 -34.22 38.29
C ASP K 17 -0.85 -33.84 37.23
N ARG K 18 0.33 -34.46 37.34
CA ARG K 18 1.33 -34.41 36.28
C ARG K 18 1.08 -35.60 35.37
N VAL K 19 0.98 -35.35 34.08
CA VAL K 19 0.69 -36.40 33.11
C VAL K 19 1.79 -36.42 32.05
N THR K 20 2.28 -37.62 31.74
CA THR K 20 3.26 -37.78 30.65
C THR K 20 2.84 -38.91 29.73
N ILE K 21 2.84 -38.61 28.43
CA ILE K 21 2.51 -39.53 27.36
C ILE K 21 3.79 -39.69 26.56
N THR K 22 4.16 -40.93 26.25
CA THR K 22 5.36 -41.17 25.45
C THR K 22 5.01 -41.57 24.03
N CYS K 23 5.97 -41.38 23.13
CA CYS K 23 5.80 -41.67 21.72
C CYS K 23 7.11 -42.21 21.17
N ARG K 24 7.00 -43.16 20.25
CA ARG K 24 8.15 -43.89 19.75
C ARG K 24 8.15 -44.02 18.23
N ALA K 25 9.17 -43.49 17.59
CA ALA K 25 9.28 -43.58 16.15
C ALA K 25 9.92 -44.93 15.81
N SER K 26 9.68 -45.46 14.62
CA SER K 26 10.30 -46.72 14.22
C SER K 26 11.67 -46.49 13.57
N GLN K 27 11.96 -45.24 13.23
CA GLN K 27 13.24 -44.79 12.71
C GLN K 27 13.56 -43.48 13.40
N ASP K 28 14.85 -43.20 13.55
CA ASP K 28 15.28 -41.89 14.03
C ASP K 28 14.58 -40.78 13.26
N VAL K 29 14.01 -39.81 13.97
CA VAL K 29 13.40 -38.64 13.30
C VAL K 29 13.90 -37.29 13.82
N SER K 30 15.19 -37.22 14.18
CA SER K 30 15.78 -35.98 14.66
C SER K 30 14.88 -35.43 15.77
N THR K 31 14.57 -34.13 15.74
CA THR K 31 13.59 -33.59 16.68
C THR K 31 12.34 -33.15 15.97
N ALA K 32 12.10 -33.67 14.78
CA ALA K 32 10.96 -33.24 13.99
C ALA K 32 9.69 -33.98 14.43
N VAL K 33 9.21 -33.68 15.63
CA VAL K 33 8.01 -34.30 16.17
C VAL K 33 7.11 -33.23 16.74
N ALA K 34 5.80 -33.34 16.49
CA ALA K 34 4.79 -32.41 17.00
C ALA K 34 3.73 -33.13 17.83
N TRP K 35 3.09 -32.44 18.76
CA TRP K 35 1.98 -33.03 19.52
C TRP K 35 0.70 -32.25 19.31
N TYR K 36 -0.42 -32.98 19.21
CA TYR K 36 -1.72 -32.38 18.93
C TYR K 36 -2.72 -32.75 20.03
N GLN K 37 -3.73 -31.90 20.23
CA GLN K 37 -4.87 -32.25 21.07
C GLN K 37 -6.10 -32.35 20.19
N GLN K 38 -7.00 -33.29 20.49
CA GLN K 38 -8.26 -33.37 19.77
C GLN K 38 -9.40 -33.76 20.69
N LYS K 39 -10.49 -33.01 20.58
CA LYS K 39 -11.70 -33.28 21.35
C LYS K 39 -12.78 -33.83 20.41
N PRO K 40 -13.70 -34.64 20.92
CA PRO K 40 -14.77 -35.18 20.08
C PRO K 40 -15.37 -34.17 19.12
N GLY K 41 -15.27 -34.48 17.83
CA GLY K 41 -15.88 -33.69 16.80
C GLY K 41 -15.18 -32.38 16.51
N LYS K 42 -13.89 -32.30 16.80
CA LYS K 42 -13.14 -31.08 16.50
C LYS K 42 -11.86 -31.42 15.76
N ALA K 43 -11.37 -30.49 14.95
CA ALA K 43 -10.06 -30.66 14.33
C ALA K 43 -8.99 -30.73 15.42
N PRO K 44 -7.92 -31.47 15.18
CA PRO K 44 -6.77 -31.45 16.10
C PRO K 44 -6.14 -30.07 16.22
N LYS K 45 -5.48 -29.79 17.34
CA LYS K 45 -4.92 -28.46 17.63
C LYS K 45 -3.45 -28.62 17.99
N LEU K 46 -2.59 -27.83 17.39
CA LEU K 46 -1.14 -27.97 17.57
C LEU K 46 -0.77 -27.55 18.98
N LEU K 47 0.09 -28.33 19.63
CA LEU K 47 0.50 -28.01 20.98
C LEU K 47 1.99 -27.67 21.06
N ILE K 48 2.80 -28.52 20.45
CA ILE K 48 4.25 -28.53 20.57
C ILE K 48 4.82 -28.88 19.22
N TYR K 49 5.88 -28.20 18.84
CA TYR K 49 6.52 -28.48 17.57
C TYR K 49 8.02 -28.62 17.76
N SER K 50 8.65 -29.29 16.80
CA SER K 50 10.08 -29.56 16.84
C SER K 50 10.45 -30.16 18.20
N ALA K 51 9.64 -31.14 18.61
CA ALA K 51 9.81 -31.93 19.84
C ALA K 51 9.57 -31.21 21.15
N SER K 52 10.09 -29.99 21.30
CA SER K 52 10.15 -29.37 22.63
C SER K 52 9.67 -27.92 22.71
N PHE K 53 9.27 -27.35 21.59
CA PHE K 53 8.89 -25.96 21.60
C PHE K 53 7.39 -25.76 21.73
N LEU K 54 7.01 -24.73 22.48
CA LEU K 54 5.61 -24.41 22.72
C LEU K 54 5.07 -23.62 21.54
N TYR K 55 3.94 -24.09 21.00
CA TYR K 55 3.29 -23.38 19.90
C TYR K 55 2.56 -22.15 20.43
N SER K 56 2.62 -21.07 19.65
CA SER K 56 2.09 -19.78 20.08
C SER K 56 0.68 -19.93 20.61
N GLY K 57 0.47 -19.47 21.84
CA GLY K 57 -0.84 -19.42 22.46
C GLY K 57 -1.20 -20.63 23.28
N VAL K 58 -0.39 -21.68 23.21
CA VAL K 58 -0.65 -22.91 23.96
C VAL K 58 -0.19 -22.70 25.39
N PRO K 59 -0.99 -23.12 26.38
CA PRO K 59 -0.66 -22.96 27.79
C PRO K 59 0.69 -23.59 28.11
N SER K 60 1.42 -22.98 29.03
CA SER K 60 2.81 -23.32 29.30
C SER K 60 2.95 -24.56 30.17
N ARG K 61 1.82 -25.10 30.62
CA ARG K 61 1.84 -26.36 31.35
C ARG K 61 2.12 -27.55 30.42
N PHE K 62 2.06 -27.30 29.11
CA PHE K 62 2.44 -28.28 28.09
C PHE K 62 3.91 -28.14 27.72
N SER K 63 4.63 -29.26 27.78
CA SER K 63 6.01 -29.27 27.36
C SER K 63 6.30 -30.60 26.69
N GLY K 64 7.36 -30.62 25.89
CA GLY K 64 7.78 -31.81 25.20
C GLY K 64 9.28 -32.03 25.28
N SER K 65 9.69 -33.27 25.14
CA SER K 65 11.10 -33.60 25.08
C SER K 65 11.37 -34.80 24.19
N GLY K 66 12.65 -35.10 24.00
CA GLY K 66 13.09 -36.27 23.27
C GLY K 66 13.68 -35.91 21.94
N SER K 67 14.27 -36.91 21.30
CA SER K 67 14.84 -36.83 19.96
C SER K 67 15.32 -38.21 19.55
N GLY K 68 15.35 -38.49 18.25
CA GLY K 68 15.77 -39.80 17.79
C GLY K 68 14.52 -40.63 17.57
N THR K 69 14.29 -41.61 18.45
CA THR K 69 13.07 -42.43 18.40
C THR K 69 12.16 -42.29 19.62
N ASP K 70 12.65 -41.75 20.73
CA ASP K 70 11.82 -41.65 21.93
C ASP K 70 11.40 -40.20 22.25
N PHE K 71 10.10 -39.97 22.32
CA PHE K 71 9.55 -38.64 22.57
C PHE K 71 8.54 -38.64 23.72
N THR K 72 8.35 -37.47 24.34
CA THR K 72 7.54 -37.33 25.55
C THR K 72 6.71 -36.05 25.55
N LEU K 73 5.40 -36.20 25.73
CA LEU K 73 4.52 -35.08 26.04
C LEU K 73 4.29 -35.09 27.54
N THR K 74 4.32 -33.90 28.13
CA THR K 74 4.11 -33.73 29.56
C THR K 74 3.17 -32.57 29.79
N ILE K 75 2.13 -32.81 30.56
CA ILE K 75 1.26 -31.77 31.11
C ILE K 75 1.56 -31.67 32.61
N SER K 76 2.14 -30.55 33.04
CA SER K 76 2.60 -30.39 34.40
C SER K 76 1.47 -30.35 35.43
N SER K 77 0.42 -29.62 35.12
CA SER K 77 -0.71 -29.50 36.03
C SER K 77 -1.99 -29.58 35.27
N LEU K 78 -2.54 -30.79 35.21
CA LEU K 78 -3.72 -31.06 34.40
C LEU K 78 -4.90 -30.16 34.75
N GLN K 79 -5.38 -29.43 33.75
CA GLN K 79 -6.55 -28.58 33.90
C GLN K 79 -7.81 -29.32 33.43
N PRO K 80 -9.00 -28.85 33.82
CA PRO K 80 -10.25 -29.52 33.45
C PRO K 80 -10.51 -29.55 31.94
N GLU K 81 -9.95 -28.60 31.19
CA GLU K 81 -10.12 -28.58 29.73
C GLU K 81 -9.07 -29.44 29.00
N ASP K 82 -8.29 -30.21 29.77
CA ASP K 82 -7.22 -30.99 29.18
C ASP K 82 -7.60 -32.44 28.91
N PHE K 83 -8.82 -32.83 29.27
CA PHE K 83 -9.28 -34.17 28.98
C PHE K 83 -9.67 -34.26 27.51
N ALA K 84 -8.87 -35.03 26.77
CA ALA K 84 -8.92 -35.15 25.32
C ALA K 84 -8.06 -36.32 24.88
N THR K 85 -7.90 -36.47 23.56
CA THR K 85 -6.95 -37.42 22.99
C THR K 85 -5.73 -36.68 22.44
N TYR K 86 -4.54 -37.18 22.74
CA TYR K 86 -3.30 -36.58 22.23
C TYR K 86 -2.59 -37.46 21.21
N TYR K 87 -2.14 -36.83 20.14
CA TYR K 87 -1.46 -37.51 19.05
C TYR K 87 -0.07 -36.93 18.92
N CYS K 88 0.92 -37.81 18.76
CA CYS K 88 2.24 -37.38 18.32
C CYS K 88 2.34 -37.51 16.80
N GLN K 89 3.30 -36.82 16.20
CA GLN K 89 3.43 -36.80 14.75
C GLN K 89 4.86 -36.54 14.31
N GLN K 90 5.26 -37.30 13.31
CA GLN K 90 6.58 -37.27 12.71
C GLN K 90 6.52 -36.35 11.50
N SER K 91 7.37 -35.33 11.43
CA SER K 91 7.41 -34.48 10.23
C SER K 91 8.82 -34.37 9.65
N TYR K 92 9.59 -35.44 9.78
CA TYR K 92 10.96 -35.48 9.30
C TYR K 92 11.02 -35.85 7.81
N THR K 93 10.18 -36.80 7.39
CA THR K 93 9.95 -37.08 5.98
C THR K 93 8.48 -37.15 5.72
N THR K 94 8.19 -37.34 4.46
CA THR K 94 6.84 -37.50 3.97
C THR K 94 6.74 -38.99 3.62
N PRO K 95 5.59 -39.62 3.89
CA PRO K 95 4.40 -38.94 4.43
C PRO K 95 4.49 -38.66 5.93
N PRO K 96 3.76 -37.65 6.38
CA PRO K 96 3.63 -37.40 7.82
C PRO K 96 2.84 -38.56 8.44
N THR K 97 3.32 -39.07 9.56
CA THR K 97 2.64 -40.16 10.26
C THR K 97 2.34 -39.76 11.69
N PHE K 98 1.19 -40.23 12.18
CA PHE K 98 0.71 -39.92 13.52
C PHE K 98 0.78 -41.15 14.40
N GLY K 99 0.96 -40.94 15.71
CA GLY K 99 0.72 -41.98 16.69
C GLY K 99 -0.76 -42.34 16.69
N GLN K 100 -1.11 -43.44 17.36
CA GLN K 100 -2.49 -43.94 17.42
C GLN K 100 -3.40 -43.13 18.36
N GLY K 101 -2.80 -42.21 19.11
CA GLY K 101 -3.56 -41.42 20.06
C GLY K 101 -3.56 -42.00 21.45
N THR K 102 -3.59 -41.10 22.44
CA THR K 102 -3.68 -41.46 23.85
C THR K 102 -4.83 -40.67 24.46
N LYS K 103 -5.86 -41.37 24.95
CA LYS K 103 -7.00 -40.70 25.56
C LYS K 103 -6.74 -40.42 27.03
N VAL K 104 -6.84 -39.16 27.42
CA VAL K 104 -6.72 -38.74 28.83
C VAL K 104 -8.11 -38.55 29.46
N GLU K 105 -8.38 -39.37 30.47
CA GLU K 105 -9.72 -39.47 31.08
C GLU K 105 -9.71 -39.07 32.56
N ILE K 106 -10.90 -38.88 33.13
CA ILE K 106 -11.04 -38.38 34.50
C ILE K 106 -11.01 -39.48 35.55
N LYS K 107 -10.07 -39.38 36.49
CA LYS K 107 -9.98 -40.32 37.60
C LYS K 107 -11.13 -40.09 38.58
N ARG K 108 -11.54 -41.17 39.22
CA ARG K 108 -12.79 -41.28 39.92
C ARG K 108 -12.65 -42.56 40.73
N THR K 109 -13.36 -42.69 41.84
CA THR K 109 -13.31 -43.96 42.60
C THR K 109 -14.13 -45.04 41.90
N VAL K 110 -13.81 -46.29 42.20
CA VAL K 110 -14.48 -47.43 41.59
C VAL K 110 -15.99 -47.31 41.78
N ALA K 111 -16.74 -47.61 40.73
CA ALA K 111 -18.20 -47.70 40.81
C ALA K 111 -18.68 -48.93 40.06
N ALA K 112 -19.31 -49.84 40.79
CA ALA K 112 -19.91 -51.04 40.23
C ALA K 112 -21.10 -50.68 39.33
N PRO K 113 -21.34 -51.45 38.27
CA PRO K 113 -22.52 -51.23 37.42
C PRO K 113 -23.80 -51.79 38.03
N SER K 114 -24.91 -51.10 37.80
CA SER K 114 -26.24 -51.67 38.05
C SER K 114 -26.70 -52.34 36.76
N VAL K 115 -26.94 -53.64 36.82
CA VAL K 115 -27.14 -54.45 35.61
C VAL K 115 -28.61 -54.77 35.35
N PHE K 116 -29.01 -54.67 34.08
CA PHE K 116 -30.39 -54.95 33.66
C PHE K 116 -30.43 -55.82 32.41
N ILE K 117 -31.39 -56.73 32.35
CA ILE K 117 -31.62 -57.49 31.12
C ILE K 117 -33.03 -57.22 30.58
N PHE K 118 -33.15 -57.15 29.25
CA PHE K 118 -34.42 -56.89 28.56
C PHE K 118 -34.72 -57.94 27.50
N PRO K 119 -35.83 -58.67 27.64
CA PRO K 119 -36.25 -59.63 26.61
C PRO K 119 -36.64 -58.94 25.30
N PRO K 120 -36.60 -59.68 24.18
CA PRO K 120 -37.10 -59.18 22.89
C PRO K 120 -38.58 -58.86 22.93
N SER K 121 -38.96 -57.75 22.32
CA SER K 121 -40.36 -57.33 22.26
C SER K 121 -41.23 -58.33 21.50
N ASP K 122 -42.48 -58.45 21.92
CA ASP K 122 -43.47 -59.23 21.17
C ASP K 122 -43.66 -58.61 19.79
N GLU K 123 -43.54 -57.29 19.74
CA GLU K 123 -43.55 -56.53 18.49
C GLU K 123 -42.41 -56.98 17.57
N GLN K 124 -41.21 -57.10 18.15
CA GLN K 124 -40.04 -57.51 17.40
C GLN K 124 -40.17 -58.94 16.92
N LEU K 125 -40.58 -59.81 17.84
CA LEU K 125 -40.66 -61.24 17.57
C LEU K 125 -41.52 -61.56 16.35
N LYS K 126 -42.59 -60.79 16.16
CA LYS K 126 -43.49 -60.93 15.02
C LYS K 126 -42.75 -60.88 13.68
N SER K 127 -41.62 -60.17 13.67
CA SER K 127 -40.85 -59.90 12.44
C SER K 127 -39.72 -60.89 12.12
N GLY K 128 -39.40 -61.80 13.05
CA GLY K 128 -38.46 -62.86 12.76
C GLY K 128 -37.07 -62.75 13.39
N THR K 129 -36.79 -61.65 14.06
CA THR K 129 -35.54 -61.54 14.85
C THR K 129 -35.79 -61.23 16.31
N ALA K 130 -34.80 -61.55 17.13
CA ALA K 130 -34.86 -61.32 18.56
C ALA K 130 -33.58 -60.62 19.03
N SER K 131 -33.76 -59.46 19.67
CA SER K 131 -32.65 -58.71 20.25
C SER K 131 -32.81 -58.66 21.77
N VAL K 132 -31.93 -59.38 22.47
CA VAL K 132 -31.86 -59.31 23.93
C VAL K 132 -30.80 -58.30 24.34
N VAL K 133 -31.18 -57.37 25.21
CA VAL K 133 -30.28 -56.28 25.60
C VAL K 133 -29.89 -56.38 27.06
N CYS K 134 -28.59 -56.27 27.30
CA CYS K 134 -28.04 -56.15 28.65
C CYS K 134 -27.47 -54.76 28.90
N LEU K 135 -27.75 -54.21 30.08
CA LEU K 135 -27.34 -52.84 30.40
C LEU K 135 -26.45 -52.80 31.63
N LEU K 136 -25.31 -52.11 31.48
CA LEU K 136 -24.45 -51.78 32.62
C LEU K 136 -24.58 -50.28 32.81
N ASN K 137 -25.10 -49.86 33.94
CA ASN K 137 -25.42 -48.46 34.17
C ASN K 137 -24.47 -47.81 35.14
N ASN K 138 -23.82 -46.73 34.67
CA ASN K 138 -22.99 -45.86 35.51
C ASN K 138 -21.89 -46.55 36.31
N PHE K 139 -20.90 -47.10 35.61
CA PHE K 139 -19.78 -47.76 36.27
C PHE K 139 -18.43 -47.06 36.03
N TYR K 140 -17.43 -47.44 36.82
CA TYR K 140 -16.04 -46.99 36.65
C TYR K 140 -15.12 -48.04 37.29
N PRO K 141 -14.04 -48.47 36.63
CA PRO K 141 -13.56 -47.90 35.37
C PRO K 141 -14.20 -48.51 34.11
N ARG K 142 -13.83 -47.97 32.95
CA ARG K 142 -14.37 -48.38 31.67
C ARG K 142 -14.36 -49.90 31.45
N GLU K 143 -13.29 -50.55 31.89
CA GLU K 143 -13.06 -51.97 31.58
C GLU K 143 -14.12 -52.86 32.22
N ALA K 144 -14.87 -53.57 31.39
CA ALA K 144 -15.91 -54.47 31.85
C ALA K 144 -16.06 -55.65 30.88
N LYS K 145 -16.35 -56.83 31.45
CA LYS K 145 -16.54 -58.03 30.66
C LYS K 145 -17.98 -58.51 30.81
N VAL K 146 -18.75 -58.38 29.73
CA VAL K 146 -20.12 -58.91 29.71
C VAL K 146 -20.13 -60.18 28.88
N GLN K 147 -20.95 -61.14 29.29
CA GLN K 147 -20.97 -62.45 28.66
C GLN K 147 -22.38 -63.01 28.57
N TRP K 148 -22.69 -63.56 27.41
CA TRP K 148 -24.02 -64.09 27.19
C TRP K 148 -24.00 -65.59 27.38
N LYS K 149 -24.97 -66.07 28.16
CA LYS K 149 -25.20 -67.48 28.34
C LYS K 149 -26.65 -67.74 27.97
N VAL K 150 -26.86 -68.76 27.13
CA VAL K 150 -28.20 -69.16 26.72
C VAL K 150 -28.29 -70.67 26.93
N ASP K 151 -28.96 -71.06 28.00
CA ASP K 151 -28.98 -72.45 28.45
C ASP K 151 -27.58 -72.94 28.82
N ASN K 152 -26.75 -72.00 29.28
CA ASN K 152 -25.37 -72.29 29.75
C ASN K 152 -24.33 -72.44 28.65
N ALA K 153 -24.71 -72.16 27.41
CA ALA K 153 -23.75 -72.17 26.32
C ALA K 153 -23.17 -70.75 26.14
N LEU K 154 -21.84 -70.66 26.18
CA LEU K 154 -21.12 -69.42 25.93
C LEU K 154 -21.31 -69.03 24.46
N GLN K 155 -22.01 -67.92 24.24
CA GLN K 155 -22.28 -67.42 22.89
C GLN K 155 -21.07 -66.65 22.37
N SER K 156 -20.87 -66.66 21.05
CA SER K 156 -19.71 -66.01 20.44
C SER K 156 -20.04 -65.28 19.13
N GLY K 157 -19.58 -64.03 19.03
CA GLY K 157 -19.67 -63.25 17.80
C GLY K 157 -21.06 -62.94 17.29
N ASN K 158 -22.05 -63.01 18.18
CA ASN K 158 -23.42 -62.64 17.86
C ASN K 158 -23.90 -61.61 18.87
N SER K 159 -22.94 -60.94 19.49
CA SER K 159 -23.19 -59.82 20.37
C SER K 159 -22.38 -58.60 19.92
N GLN K 160 -22.86 -57.41 20.29
CA GLN K 160 -22.22 -56.16 19.93
C GLN K 160 -22.32 -55.23 21.10
N GLU K 161 -21.24 -54.51 21.38
CA GLU K 161 -21.23 -53.59 22.49
C GLU K 161 -21.15 -52.13 22.06
N SER K 162 -21.84 -51.28 22.83
CA SER K 162 -21.73 -49.83 22.68
C SER K 162 -21.41 -49.22 24.03
N VAL K 163 -20.49 -48.25 24.05
CA VAL K 163 -20.14 -47.54 25.28
C VAL K 163 -20.29 -46.04 25.18
N THR K 164 -20.79 -45.51 26.29
CA THR K 164 -21.00 -44.09 26.55
C THR K 164 -19.67 -43.41 26.91
N GLU K 165 -19.57 -42.11 26.63
CA GLU K 165 -18.44 -41.30 27.10
C GLU K 165 -18.65 -40.91 28.54
N GLN K 166 -17.58 -40.62 29.27
CA GLN K 166 -17.70 -40.30 30.70
C GLN K 166 -18.82 -39.31 30.98
N ASP K 167 -19.71 -39.66 31.90
CA ASP K 167 -20.83 -38.80 32.27
C ASP K 167 -20.32 -37.48 32.80
N SER K 168 -20.95 -36.39 32.38
CA SER K 168 -20.47 -35.06 32.76
C SER K 168 -20.67 -34.81 34.25
N LYS K 169 -21.72 -35.38 34.83
CA LYS K 169 -22.03 -35.16 36.24
C LYS K 169 -21.22 -36.00 37.21
N ASP K 170 -20.97 -37.25 36.85
CA ASP K 170 -20.35 -38.19 37.80
C ASP K 170 -19.28 -39.10 37.20
N SER K 171 -18.84 -38.77 36.00
CA SER K 171 -17.64 -39.36 35.38
C SER K 171 -17.65 -40.88 35.17
N THR K 172 -18.82 -41.50 35.24
CA THR K 172 -18.90 -42.92 34.98
C THR K 172 -19.23 -43.22 33.51
N TYR K 173 -19.19 -44.51 33.19
CA TYR K 173 -19.55 -45.03 31.87
C TYR K 173 -20.82 -45.86 31.98
N SER K 174 -21.52 -45.99 30.86
CA SER K 174 -22.56 -47.00 30.73
C SER K 174 -22.31 -47.79 29.46
N LEU K 175 -22.70 -49.05 29.47
CA LEU K 175 -22.44 -49.94 28.35
C LEU K 175 -23.68 -50.77 28.03
N SER K 176 -23.88 -51.02 26.73
CA SER K 176 -24.92 -51.93 26.28
C SER K 176 -24.31 -53.09 25.50
N SER K 177 -24.76 -54.30 25.82
CA SER K 177 -24.43 -55.49 25.04
C SER K 177 -25.73 -56.04 24.44
N THR K 178 -25.73 -56.29 23.13
CA THR K 178 -26.93 -56.71 22.42
C THR K 178 -26.72 -58.02 21.69
N LEU K 179 -27.42 -59.07 22.15
CA LEU K 179 -27.37 -60.39 21.55
C LEU K 179 -28.44 -60.55 20.47
N THR K 180 -28.01 -60.98 19.28
CA THR K 180 -28.87 -61.05 18.09
C THR K 180 -28.95 -62.47 17.52
N LEU K 181 -30.18 -63.00 17.45
CA LEU K 181 -30.45 -64.28 16.82
C LEU K 181 -31.83 -64.31 16.18
N SER K 182 -32.08 -65.32 15.37
CA SER K 182 -33.33 -65.46 14.64
C SER K 182 -34.47 -65.94 15.55
N LYS K 183 -35.70 -65.71 15.10
CA LYS K 183 -36.90 -66.19 15.78
C LYS K 183 -36.74 -67.66 16.17
N ALA K 184 -36.37 -68.49 15.20
CA ALA K 184 -36.16 -69.93 15.41
C ALA K 184 -35.09 -70.23 16.45
N ASP K 185 -33.95 -69.53 16.34
CA ASP K 185 -32.83 -69.68 17.25
C ASP K 185 -33.23 -69.35 18.70
N TYR K 186 -33.99 -68.28 18.84
CA TYR K 186 -34.53 -67.82 20.12
C TYR K 186 -35.54 -68.81 20.71
N GLU K 187 -36.47 -69.27 19.88
CA GLU K 187 -37.58 -70.08 20.38
C GLU K 187 -37.20 -71.53 20.70
N LYS K 188 -35.90 -71.84 20.58
CA LYS K 188 -35.41 -73.17 20.95
C LYS K 188 -34.53 -73.17 22.21
N HIS K 189 -34.67 -72.13 23.02
CA HIS K 189 -33.95 -72.04 24.31
C HIS K 189 -34.77 -71.29 25.36
N LYS K 190 -34.64 -71.73 26.61
CA LYS K 190 -35.44 -71.18 27.73
C LYS K 190 -34.77 -70.01 28.48
N VAL K 191 -33.64 -70.29 29.13
CA VAL K 191 -32.99 -69.33 30.03
C VAL K 191 -32.00 -68.43 29.29
N TYR K 192 -32.22 -67.12 29.42
CA TYR K 192 -31.36 -66.10 28.78
C TYR K 192 -30.66 -65.27 29.84
N ALA K 193 -29.36 -65.49 29.97
CA ALA K 193 -28.56 -64.87 31.04
C ALA K 193 -27.55 -63.86 30.51
N CYS K 194 -27.30 -62.84 31.34
CA CYS K 194 -26.29 -61.85 31.04
C CYS K 194 -25.30 -61.78 32.20
N GLU K 195 -24.08 -62.25 31.99
CA GLU K 195 -23.11 -62.32 33.08
C GLU K 195 -22.05 -61.25 33.01
N VAL K 196 -21.96 -60.45 34.08
CA VAL K 196 -21.10 -59.28 34.11
C VAL K 196 -19.97 -59.47 35.11
N THR K 197 -18.77 -59.06 34.71
CA THR K 197 -17.62 -59.05 35.58
C THR K 197 -16.97 -57.67 35.51
N HIS K 198 -16.75 -57.08 36.68
CA HIS K 198 -16.23 -55.72 36.79
C HIS K 198 -15.46 -55.61 38.11
N GLN K 199 -14.50 -54.69 38.14
CA GLN K 199 -13.65 -54.50 39.30
C GLN K 199 -14.39 -54.14 40.59
N GLY K 200 -15.51 -53.44 40.46
CA GLY K 200 -16.34 -53.04 41.59
C GLY K 200 -17.23 -54.18 42.07
N LEU K 201 -17.12 -55.32 41.40
CA LEU K 201 -17.85 -56.53 41.77
C LEU K 201 -16.89 -57.52 42.41
N SER K 202 -17.16 -57.90 43.66
CA SER K 202 -16.39 -58.96 44.30
C SER K 202 -16.74 -60.30 43.65
N SER K 203 -18.00 -60.40 43.19
CA SER K 203 -18.51 -61.57 42.48
C SER K 203 -19.33 -61.14 41.24
N PRO K 204 -19.38 -61.97 40.20
CA PRO K 204 -20.04 -61.61 38.93
C PRO K 204 -21.56 -61.61 39.01
N VAL K 205 -22.17 -60.70 38.25
CA VAL K 205 -23.62 -60.50 38.26
C VAL K 205 -24.28 -61.19 37.06
N THR K 206 -25.13 -62.18 37.35
CA THR K 206 -25.95 -62.79 36.32
C THR K 206 -27.37 -62.25 36.40
N LYS K 207 -27.83 -61.69 35.29
CA LYS K 207 -29.18 -61.16 35.20
C LYS K 207 -29.87 -61.90 34.07
N SER K 208 -30.72 -62.86 34.44
CA SER K 208 -31.38 -63.72 33.46
C SER K 208 -32.91 -63.57 33.45
N PHE K 209 -33.58 -64.26 32.52
CA PHE K 209 -35.06 -64.33 32.49
C PHE K 209 -35.61 -65.64 31.95
N ASN K 210 -36.80 -66.01 32.43
CA ASN K 210 -37.54 -67.15 31.91
C ASN K 210 -38.38 -66.76 30.68
N ARG K 211 -38.01 -67.27 29.51
CA ARG K 211 -38.79 -67.05 28.30
C ARG K 211 -40.06 -67.91 28.31
N GLU L 1 -6.10 -12.97 9.73
CA GLU L 1 -7.09 -13.88 10.39
C GLU L 1 -7.18 -15.26 9.67
N VAL L 2 -6.15 -16.10 9.89
CA VAL L 2 -5.95 -17.34 9.13
C VAL L 2 -6.95 -18.46 9.39
N GLN L 3 -7.40 -19.12 8.31
CA GLN L 3 -8.29 -20.28 8.41
C GLN L 3 -8.52 -21.09 7.13
N LEU L 4 -8.87 -22.37 7.29
CA LEU L 4 -9.20 -23.27 6.20
C LEU L 4 -10.61 -23.75 6.42
N VAL L 5 -11.46 -23.70 5.39
CA VAL L 5 -12.86 -24.09 5.51
C VAL L 5 -13.21 -25.13 4.46
N GLU L 6 -13.63 -26.32 4.92
CA GLU L 6 -13.98 -27.41 4.02
C GLU L 6 -15.48 -27.57 3.73
N SER L 7 -15.76 -28.29 2.64
CA SER L 7 -17.12 -28.61 2.22
C SER L 7 -17.06 -29.76 1.24
N GLY L 8 -18.23 -30.26 0.83
CA GLY L 8 -18.29 -31.26 -0.22
C GLY L 8 -18.55 -32.70 0.21
N GLY L 9 -18.42 -32.99 1.50
CA GLY L 9 -18.74 -34.31 2.01
C GLY L 9 -20.21 -34.69 1.85
N GLY L 10 -20.50 -36.00 1.88
CA GLY L 10 -21.86 -36.50 1.77
C GLY L 10 -21.92 -38.01 1.65
N LEU L 11 -23.12 -38.52 1.37
CA LEU L 11 -23.37 -39.94 1.17
C LEU L 11 -23.24 -40.29 -0.30
N VAL L 12 -22.38 -41.26 -0.60
CA VAL L 12 -22.21 -41.77 -1.96
C VAL L 12 -22.27 -43.29 -2.04
N GLN L 13 -22.74 -43.79 -3.17
CA GLN L 13 -22.68 -45.21 -3.47
C GLN L 13 -21.24 -45.63 -3.78
N PRO L 14 -20.82 -46.82 -3.35
CA PRO L 14 -19.48 -47.32 -3.66
C PRO L 14 -19.29 -47.39 -5.17
N GLY L 15 -18.14 -46.92 -5.65
CA GLY L 15 -17.94 -46.73 -7.07
C GLY L 15 -18.19 -45.28 -7.49
N GLY L 16 -18.82 -44.52 -6.61
CA GLY L 16 -19.17 -43.14 -6.92
C GLY L 16 -18.03 -42.15 -6.81
N SER L 17 -18.39 -40.88 -6.80
CA SER L 17 -17.46 -39.77 -6.90
C SER L 17 -17.81 -38.64 -5.94
N LEU L 18 -16.79 -38.00 -5.39
CA LEU L 18 -16.99 -36.80 -4.59
C LEU L 18 -15.81 -35.86 -4.80
N ARG L 19 -16.06 -34.56 -4.70
CA ARG L 19 -14.96 -33.63 -4.63
C ARG L 19 -15.03 -32.86 -3.32
N LEU L 20 -13.93 -32.89 -2.58
CA LEU L 20 -13.83 -32.17 -1.30
C LEU L 20 -13.13 -30.84 -1.53
N SER L 21 -13.53 -29.84 -0.76
CA SER L 21 -13.04 -28.49 -0.91
C SER L 21 -12.41 -28.00 0.36
N CYS L 22 -11.35 -27.23 0.21
CA CYS L 22 -10.64 -26.68 1.32
C CYS L 22 -10.28 -25.24 0.98
N ALA L 23 -11.10 -24.29 1.39
CA ALA L 23 -10.91 -22.88 1.05
C ALA L 23 -10.09 -22.13 2.10
N ALA L 24 -8.96 -21.57 1.66
CA ALA L 24 -8.09 -20.79 2.54
C ALA L 24 -8.49 -19.32 2.59
N SER L 25 -8.29 -18.69 3.74
CA SER L 25 -8.50 -17.27 3.88
C SER L 25 -7.47 -16.73 4.87
N GLY L 26 -6.99 -15.51 4.62
CA GLY L 26 -5.94 -14.93 5.45
C GLY L 26 -4.51 -15.39 5.11
N PHE L 27 -4.37 -16.17 4.05
CA PHE L 27 -3.07 -16.63 3.54
C PHE L 27 -3.21 -17.26 2.15
N THR L 28 -2.08 -17.57 1.51
CA THR L 28 -2.03 -18.07 0.14
C THR L 28 -1.67 -19.56 0.13
N ILE L 29 -2.59 -20.42 -0.34
CA ILE L 29 -2.41 -21.90 -0.31
C ILE L 29 -1.14 -22.30 -1.03
N SER L 30 -0.90 -21.61 -2.14
CA SER L 30 0.20 -21.95 -3.04
C SER L 30 1.56 -21.82 -2.37
N ASP L 31 1.57 -21.22 -1.18
CA ASP L 31 2.77 -21.09 -0.36
C ASP L 31 3.04 -22.35 0.47
N TYR L 32 2.01 -23.16 0.69
CA TYR L 32 2.12 -24.29 1.62
C TYR L 32 1.87 -25.65 0.96
N TRP L 33 2.31 -26.72 1.62
CA TRP L 33 1.75 -28.02 1.34
C TRP L 33 0.30 -27.95 1.80
N ILE L 34 -0.57 -28.65 1.09
CA ILE L 34 -1.86 -29.01 1.64
C ILE L 34 -1.96 -30.53 1.74
N HIS L 35 -2.22 -31.00 2.96
CA HIS L 35 -2.40 -32.41 3.26
C HIS L 35 -3.86 -32.68 3.51
N TRP L 36 -4.34 -33.81 3.00
CA TRP L 36 -5.63 -34.32 3.41
C TRP L 36 -5.36 -35.48 4.37
N VAL L 37 -5.98 -35.40 5.55
CA VAL L 37 -5.79 -36.39 6.63
C VAL L 37 -7.18 -36.82 7.10
N ARG L 38 -7.41 -38.12 7.21
CA ARG L 38 -8.76 -38.60 7.49
C ARG L 38 -8.85 -39.42 8.77
N GLN L 39 -10.05 -39.44 9.36
CA GLN L 39 -10.27 -40.10 10.63
C GLN L 39 -11.54 -40.94 10.54
N ALA L 40 -11.37 -42.25 10.41
CA ALA L 40 -12.50 -43.16 10.33
C ALA L 40 -13.18 -43.24 11.71
N PRO L 41 -14.47 -43.57 11.76
CA PRO L 41 -15.22 -43.52 13.02
C PRO L 41 -14.47 -44.23 14.14
N GLY L 42 -14.21 -43.52 15.23
CA GLY L 42 -13.55 -44.07 16.40
C GLY L 42 -12.09 -44.46 16.21
N LYS L 43 -11.46 -43.99 15.12
CA LYS L 43 -10.06 -44.33 14.83
C LYS L 43 -9.11 -43.13 14.89
N GLY L 44 -7.83 -43.37 14.60
CA GLY L 44 -6.81 -42.34 14.62
C GLY L 44 -6.77 -41.54 13.34
N LEU L 45 -5.66 -40.83 13.10
CA LEU L 45 -5.52 -39.94 11.95
C LEU L 45 -4.60 -40.54 10.89
N GLU L 46 -5.11 -40.64 9.67
CA GLU L 46 -4.41 -41.29 8.57
C GLU L 46 -4.19 -40.26 7.47
N TRP L 47 -2.94 -40.04 7.11
CA TRP L 47 -2.62 -39.17 5.99
C TRP L 47 -3.02 -39.87 4.69
N VAL L 48 -3.64 -39.10 3.80
CA VAL L 48 -4.22 -39.61 2.57
C VAL L 48 -3.50 -39.09 1.31
N ALA L 49 -3.29 -37.77 1.24
CA ALA L 49 -2.67 -37.14 0.07
C ALA L 49 -2.08 -35.77 0.42
N GLY L 50 -1.04 -35.38 -0.32
CA GLY L 50 -0.43 -34.06 -0.18
C GLY L 50 -0.02 -33.43 -1.49
N ILE L 51 -0.15 -32.10 -1.57
CA ILE L 51 0.30 -31.30 -2.70
C ILE L 51 1.31 -30.27 -2.20
N THR L 52 2.32 -30.06 -3.01
CA THR L 52 3.51 -29.31 -2.66
C THR L 52 3.28 -27.80 -2.85
N PRO L 53 4.04 -26.93 -2.19
CA PRO L 53 3.96 -25.50 -2.50
C PRO L 53 4.06 -25.25 -4.01
N ALA L 54 3.36 -24.24 -4.51
CA ALA L 54 3.36 -23.91 -5.93
C ALA L 54 2.79 -25.03 -6.82
N GLY L 55 2.41 -26.14 -6.21
CA GLY L 55 1.82 -27.25 -6.94
C GLY L 55 2.85 -27.95 -7.78
N GLY L 56 4.09 -27.92 -7.31
CA GLY L 56 5.19 -28.58 -7.98
C GLY L 56 5.09 -30.09 -7.97
N TYR L 57 4.43 -30.64 -6.95
CA TYR L 57 4.45 -32.07 -6.76
C TYR L 57 3.30 -32.59 -5.92
N THR L 58 3.02 -33.87 -6.07
CA THR L 58 1.83 -34.48 -5.52
C THR L 58 2.16 -35.87 -4.96
N TYR L 59 1.53 -36.25 -3.84
CA TYR L 59 1.84 -37.51 -3.14
C TYR L 59 0.59 -38.19 -2.59
N TYR L 60 0.53 -39.53 -2.65
CA TYR L 60 -0.67 -40.27 -2.24
C TYR L 60 -0.38 -41.47 -1.35
N ALA L 61 -1.33 -41.80 -0.48
CA ALA L 61 -1.20 -43.00 0.33
C ALA L 61 -1.50 -44.20 -0.58
N ASP L 62 -0.98 -45.37 -0.24
CA ASP L 62 -1.27 -46.56 -1.05
C ASP L 62 -2.74 -46.90 -1.10
N SER L 63 -3.46 -46.64 -0.01
CA SER L 63 -4.87 -46.99 0.11
C SER L 63 -5.73 -46.26 -0.92
N VAL L 64 -5.11 -45.30 -1.59
CA VAL L 64 -5.85 -44.23 -2.23
C VAL L 64 -5.25 -43.88 -3.60
N LYS L 65 -3.97 -44.23 -3.79
CA LYS L 65 -3.26 -44.01 -5.05
C LYS L 65 -4.02 -44.63 -6.23
N GLY L 66 -4.17 -43.86 -7.30
CA GLY L 66 -4.91 -44.29 -8.47
C GLY L 66 -6.37 -43.91 -8.45
N ARG L 67 -6.88 -43.51 -7.29
CA ARG L 67 -8.30 -43.26 -7.13
C ARG L 67 -8.58 -41.80 -6.80
N PHE L 68 -7.68 -41.17 -6.06
CA PHE L 68 -7.87 -39.80 -5.61
C PHE L 68 -6.90 -38.89 -6.31
N THR L 69 -7.32 -37.66 -6.58
CA THR L 69 -6.42 -36.61 -7.02
C THR L 69 -6.49 -35.45 -6.03
N ILE L 70 -5.33 -34.97 -5.61
CA ILE L 70 -5.27 -33.71 -4.89
C ILE L 70 -4.86 -32.60 -5.85
N SER L 71 -5.47 -31.43 -5.69
CA SER L 71 -5.18 -30.30 -6.54
C SER L 71 -5.57 -29.02 -5.82
N ALA L 72 -5.52 -27.91 -6.55
CA ALA L 72 -5.98 -26.64 -6.04
C ALA L 72 -6.31 -25.75 -7.21
N ASP L 73 -7.09 -24.71 -6.94
CA ASP L 73 -7.32 -23.64 -7.88
C ASP L 73 -6.81 -22.37 -7.23
N THR L 74 -5.71 -21.82 -7.73
CA THR L 74 -5.11 -20.67 -7.07
C THR L 74 -6.00 -19.43 -7.12
N SER L 75 -6.81 -19.30 -8.17
CA SER L 75 -7.67 -18.13 -8.32
C SER L 75 -8.75 -18.10 -7.26
N LYS L 76 -9.19 -19.29 -6.84
CA LYS L 76 -10.12 -19.46 -5.72
C LYS L 76 -9.44 -19.69 -4.36
N ASN L 77 -8.10 -19.69 -4.33
CA ASN L 77 -7.36 -19.99 -3.12
C ASN L 77 -7.97 -21.19 -2.37
N THR L 78 -8.20 -22.29 -3.10
CA THR L 78 -8.88 -23.45 -2.56
C THR L 78 -8.19 -24.73 -3.01
N ALA L 79 -8.01 -25.67 -2.09
CA ALA L 79 -7.50 -27.01 -2.44
C ALA L 79 -8.64 -28.02 -2.58
N TYR L 80 -8.40 -29.10 -3.30
CA TYR L 80 -9.43 -30.13 -3.56
C TYR L 80 -8.93 -31.55 -3.40
N LEU L 81 -9.84 -32.47 -3.08
CA LEU L 81 -9.57 -33.90 -3.18
C LEU L 81 -10.65 -34.47 -4.05
N GLN L 82 -10.30 -34.84 -5.28
CA GLN L 82 -11.23 -35.55 -6.14
C GLN L 82 -11.11 -37.01 -5.76
N MET L 83 -12.23 -37.58 -5.35
CA MET L 83 -12.29 -38.97 -4.93
C MET L 83 -13.10 -39.76 -5.94
N ASN L 84 -12.42 -40.65 -6.66
CA ASN L 84 -13.10 -41.54 -7.60
C ASN L 84 -13.14 -42.96 -7.08
N SER L 85 -14.10 -43.76 -7.56
CA SER L 85 -14.15 -45.18 -7.23
C SER L 85 -14.09 -45.39 -5.71
N LEU L 86 -15.07 -44.82 -5.03
CA LEU L 86 -15.05 -44.84 -3.58
C LEU L 86 -15.40 -46.23 -3.06
N ARG L 87 -14.77 -46.56 -1.95
CA ARG L 87 -14.97 -47.82 -1.25
C ARG L 87 -15.64 -47.52 0.08
N ALA L 88 -16.32 -48.51 0.63
CA ALA L 88 -16.96 -48.35 1.92
C ALA L 88 -15.97 -47.89 2.99
N GLU L 89 -14.74 -48.40 2.93
CA GLU L 89 -13.73 -48.06 3.94
C GLU L 89 -13.04 -46.71 3.73
N ASP L 90 -13.52 -45.93 2.77
CA ASP L 90 -13.11 -44.52 2.62
C ASP L 90 -13.99 -43.64 3.50
N THR L 91 -14.94 -44.25 4.20
CA THR L 91 -15.78 -43.54 5.14
C THR L 91 -14.89 -42.98 6.26
N ALA L 92 -14.93 -41.66 6.43
CA ALA L 92 -14.14 -40.99 7.44
C ALA L 92 -14.52 -39.52 7.44
N VAL L 93 -14.05 -38.77 8.44
CA VAL L 93 -14.06 -37.32 8.39
C VAL L 93 -12.77 -36.94 7.69
N TYR L 94 -12.85 -36.09 6.67
CA TYR L 94 -11.64 -35.65 5.99
C TYR L 94 -11.23 -34.26 6.45
N TYR L 95 -9.97 -34.13 6.83
CA TYR L 95 -9.37 -32.86 7.21
C TYR L 95 -8.36 -32.44 6.17
N CYS L 96 -8.32 -31.15 5.87
CA CYS L 96 -7.14 -30.56 5.23
C CYS L 96 -6.33 -29.81 6.28
N ALA L 97 -5.03 -29.69 6.01
CA ALA L 97 -4.11 -29.01 6.91
C ALA L 97 -2.94 -28.47 6.11
N ARG L 98 -2.35 -27.38 6.58
CA ARG L 98 -1.21 -26.81 5.89
C ARG L 98 0.06 -27.19 6.60
N PHE L 99 1.12 -27.34 5.83
CA PHE L 99 2.40 -27.74 6.34
C PHE L 99 3.48 -27.18 5.42
N VAL L 100 4.64 -26.94 6.02
CA VAL L 100 5.77 -26.43 5.28
C VAL L 100 7.00 -26.89 6.04
N PHE L 101 8.12 -27.13 5.36
CA PHE L 101 9.31 -27.60 6.09
C PHE L 101 10.03 -26.50 6.88
N PHE L 102 9.66 -25.25 6.61
CA PHE L 102 10.08 -24.11 7.42
C PHE L 102 9.36 -24.24 8.74
N LEU L 103 9.93 -23.64 9.79
CA LEU L 103 9.35 -23.75 11.12
C LEU L 103 7.93 -23.24 11.00
N PRO L 104 6.98 -23.78 11.77
CA PRO L 104 7.23 -24.81 12.79
C PRO L 104 7.25 -26.24 12.27
N TYR L 105 7.28 -26.44 10.96
CA TYR L 105 7.15 -27.77 10.34
C TYR L 105 6.19 -28.70 11.08
N ALA L 106 4.95 -28.24 11.17
CA ALA L 106 3.89 -28.97 11.85
C ALA L 106 2.61 -28.49 11.22
N MET L 107 1.52 -29.20 11.45
CA MET L 107 0.26 -28.79 10.84
C MET L 107 -0.45 -27.81 11.76
N ASP L 108 -0.15 -26.52 11.56
CA ASP L 108 -0.62 -25.46 12.46
C ASP L 108 -2.07 -25.04 12.24
N TYR L 109 -2.53 -25.13 10.99
CA TYR L 109 -3.91 -24.78 10.66
C TYR L 109 -4.60 -25.94 9.98
N TRP L 110 -5.79 -26.25 10.50
CA TRP L 110 -6.63 -27.36 10.06
C TRP L 110 -8.01 -26.82 9.68
N GLY L 111 -8.66 -27.47 8.73
CA GLY L 111 -10.06 -27.20 8.46
C GLY L 111 -10.91 -27.96 9.48
N GLN L 112 -12.24 -27.76 9.44
CA GLN L 112 -13.14 -28.42 10.40
C GLN L 112 -13.43 -29.88 10.12
N GLY L 113 -13.25 -30.32 8.88
CA GLY L 113 -13.65 -31.65 8.48
C GLY L 113 -14.95 -31.65 7.69
N THR L 114 -15.05 -32.52 6.68
CA THR L 114 -16.35 -32.96 6.14
C THR L 114 -16.44 -34.45 6.31
N LEU L 115 -17.63 -34.91 6.69
CA LEU L 115 -17.95 -36.32 6.69
C LEU L 115 -18.13 -36.80 5.27
N VAL L 116 -17.40 -37.85 4.92
CA VAL L 116 -17.61 -38.59 3.70
C VAL L 116 -18.06 -39.97 4.09
N THR L 117 -19.22 -40.36 3.61
CA THR L 117 -19.77 -41.65 3.99
C THR L 117 -20.19 -42.44 2.73
N VAL L 118 -19.57 -43.61 2.57
CA VAL L 118 -19.71 -44.43 1.37
C VAL L 118 -20.38 -45.76 1.72
N SER L 119 -21.60 -45.95 1.20
CA SER L 119 -22.35 -47.17 1.42
C SER L 119 -23.37 -47.36 0.32
N SER L 120 -23.67 -48.63 0.02
CA SER L 120 -24.72 -48.94 -0.96
C SER L 120 -26.09 -49.09 -0.33
N ALA L 121 -26.16 -49.03 1.00
CA ALA L 121 -27.43 -49.19 1.71
C ALA L 121 -28.41 -48.07 1.42
N SER L 122 -29.67 -48.44 1.17
CA SER L 122 -30.74 -47.48 0.95
C SER L 122 -31.13 -46.79 2.25
N THR L 123 -31.52 -45.52 2.17
CA THR L 123 -32.09 -44.82 3.31
C THR L 123 -33.21 -45.67 3.91
N LYS L 124 -33.17 -45.87 5.24
CA LYS L 124 -34.16 -46.69 5.94
C LYS L 124 -34.40 -46.18 7.36
N GLY L 125 -35.68 -46.06 7.72
CA GLY L 125 -36.08 -45.65 9.06
C GLY L 125 -35.96 -46.78 10.05
N PRO L 126 -35.79 -46.46 11.33
CA PRO L 126 -35.57 -47.50 12.34
C PRO L 126 -36.88 -48.10 12.85
N SER L 127 -36.83 -49.39 13.17
CA SER L 127 -37.88 -50.04 13.91
C SER L 127 -37.66 -49.71 15.37
N VAL L 128 -38.68 -49.20 16.05
CA VAL L 128 -38.55 -48.86 17.47
C VAL L 128 -39.30 -49.86 18.34
N PHE L 129 -38.55 -50.52 19.22
CA PHE L 129 -39.10 -51.55 20.07
C PHE L 129 -38.93 -51.18 21.54
N PRO L 130 -39.96 -51.39 22.36
CA PRO L 130 -39.88 -51.12 23.79
C PRO L 130 -38.85 -52.00 24.48
N LEU L 131 -38.14 -51.42 25.44
CA LEU L 131 -37.35 -52.18 26.39
C LEU L 131 -38.06 -52.04 27.73
N ALA L 132 -38.90 -53.04 28.01
CA ALA L 132 -39.84 -52.98 29.13
C ALA L 132 -39.18 -53.34 30.46
N PRO L 133 -39.43 -52.53 31.47
CA PRO L 133 -38.93 -52.80 32.82
C PRO L 133 -39.44 -54.16 33.32
N SER L 134 -38.56 -54.92 33.96
CA SER L 134 -38.85 -56.31 34.35
C SER L 134 -39.48 -56.45 35.74
N SER L 135 -39.51 -57.68 36.25
CA SER L 135 -39.98 -58.00 37.60
C SER L 135 -41.40 -57.49 37.84
N GLY L 141 -36.78 -50.33 44.41
CA GLY L 141 -35.64 -49.46 44.27
C GLY L 141 -35.69 -48.62 42.99
N THR L 142 -34.66 -48.76 42.15
CA THR L 142 -34.63 -48.08 40.86
C THR L 142 -34.81 -49.06 39.68
N ALA L 143 -35.67 -48.68 38.74
CA ALA L 143 -35.95 -49.50 37.57
C ALA L 143 -35.35 -48.90 36.29
N ALA L 144 -34.98 -49.77 35.36
CA ALA L 144 -34.50 -49.36 34.05
C ALA L 144 -35.52 -49.65 32.94
N LEU L 145 -35.64 -48.71 32.01
CA LEU L 145 -36.42 -48.93 30.79
C LEU L 145 -35.72 -48.29 29.59
N GLY L 146 -36.15 -48.61 28.39
CA GLY L 146 -35.54 -48.04 27.22
C GLY L 146 -36.28 -48.26 25.92
N CYS L 147 -35.65 -47.84 24.85
CA CYS L 147 -36.14 -48.05 23.51
C CYS L 147 -35.00 -48.60 22.68
N LEU L 148 -35.29 -49.66 21.92
CA LEU L 148 -34.32 -50.17 20.96
C LEU L 148 -34.60 -49.63 19.55
N VAL L 149 -33.64 -48.87 19.02
CA VAL L 149 -33.76 -48.24 17.71
C VAL L 149 -32.96 -49.05 16.70
N LYS L 150 -33.66 -49.91 15.97
CA LYS L 150 -33.03 -50.95 15.17
C LYS L 150 -33.10 -50.75 13.67
N ASP L 151 -31.97 -50.99 13.01
CA ASP L 151 -31.92 -51.10 11.55
C ASP L 151 -32.29 -49.80 10.81
N TYR L 152 -31.47 -48.76 10.98
CA TYR L 152 -31.65 -47.53 10.22
C TYR L 152 -30.40 -47.17 9.42
N PHE L 153 -30.58 -46.42 8.34
CA PHE L 153 -29.47 -45.90 7.57
C PHE L 153 -29.90 -44.60 6.89
N PRO L 154 -29.01 -43.59 6.82
CA PRO L 154 -27.73 -43.57 7.54
C PRO L 154 -27.86 -42.92 8.92
N GLU L 155 -26.72 -42.63 9.57
CA GLU L 155 -26.72 -41.75 10.72
C GLU L 155 -27.20 -40.35 10.31
N PRO L 156 -27.66 -39.55 11.26
CA PRO L 156 -27.88 -39.95 12.64
C PRO L 156 -29.35 -40.17 12.96
N VAL L 157 -29.57 -40.55 14.21
CA VAL L 157 -30.90 -40.65 14.77
C VAL L 157 -30.90 -39.84 16.09
N THR L 158 -32.07 -39.33 16.45
CA THR L 158 -32.22 -38.52 17.65
C THR L 158 -33.23 -39.22 18.58
N VAL L 159 -32.90 -39.34 19.86
CA VAL L 159 -33.87 -39.81 20.85
C VAL L 159 -34.04 -38.79 21.97
N SER L 160 -35.30 -38.50 22.30
CA SER L 160 -35.63 -37.77 23.51
C SER L 160 -36.66 -38.59 24.29
N TRP L 161 -36.87 -38.24 25.56
CA TRP L 161 -37.90 -38.90 26.37
C TRP L 161 -38.92 -37.90 26.86
N ASN L 162 -40.18 -38.34 26.87
CA ASN L 162 -41.31 -37.52 27.27
C ASN L 162 -41.25 -36.13 26.64
N SER L 163 -40.87 -36.11 25.36
CA SER L 163 -40.74 -34.89 24.58
C SER L 163 -39.77 -33.88 25.20
N GLY L 164 -38.72 -34.39 25.82
CA GLY L 164 -37.71 -33.53 26.41
C GLY L 164 -37.88 -33.27 27.89
N ALA L 165 -39.06 -33.57 28.43
CA ALA L 165 -39.36 -33.34 29.85
C ALA L 165 -38.60 -34.28 30.79
N LEU L 166 -38.14 -35.42 30.26
CA LEU L 166 -37.29 -36.34 31.02
C LEU L 166 -35.87 -36.43 30.43
N THR L 167 -34.87 -36.12 31.26
CA THR L 167 -33.46 -36.14 30.83
C THR L 167 -32.52 -36.80 31.82
N SER L 168 -32.82 -36.67 33.11
CA SER L 168 -32.01 -37.30 34.15
C SER L 168 -32.03 -38.83 34.05
N GLY L 169 -30.84 -39.44 34.13
CA GLY L 169 -30.70 -40.88 34.11
C GLY L 169 -30.65 -41.50 32.71
N VAL L 170 -30.78 -40.66 31.68
CA VAL L 170 -30.88 -41.15 30.31
C VAL L 170 -29.51 -41.43 29.70
N HIS L 171 -29.41 -42.54 28.98
CA HIS L 171 -28.23 -42.85 28.17
C HIS L 171 -28.69 -43.33 26.82
N THR L 172 -28.43 -42.50 25.80
CA THR L 172 -28.60 -42.91 24.42
C THR L 172 -27.22 -43.29 23.94
N PHE L 173 -27.08 -44.53 23.49
CA PHE L 173 -25.77 -45.06 23.14
C PHE L 173 -25.35 -44.67 21.73
N PRO L 174 -24.05 -44.57 21.50
CA PRO L 174 -23.53 -44.46 20.12
C PRO L 174 -24.06 -45.63 19.28
N ALA L 175 -24.45 -45.34 18.05
CA ALA L 175 -24.93 -46.37 17.13
C ALA L 175 -23.81 -47.36 16.87
N VAL L 176 -24.18 -48.59 16.50
CA VAL L 176 -23.21 -49.61 16.12
C VAL L 176 -23.53 -50.03 14.69
N LEU L 177 -22.52 -50.11 13.83
CA LEU L 177 -22.71 -50.54 12.45
C LEU L 177 -22.89 -52.05 12.45
N GLN L 178 -24.09 -52.51 12.11
CA GLN L 178 -24.36 -53.94 12.01
C GLN L 178 -23.75 -54.50 10.73
N SER L 179 -23.49 -55.80 10.72
CA SER L 179 -22.90 -56.45 9.55
C SER L 179 -23.77 -56.30 8.31
N SER L 180 -25.05 -55.97 8.50
CA SER L 180 -25.96 -55.74 7.39
C SER L 180 -25.80 -54.37 6.73
N GLY L 181 -24.94 -53.51 7.33
CA GLY L 181 -24.71 -52.17 6.82
C GLY L 181 -25.68 -51.13 7.34
N LEU L 182 -26.53 -51.59 8.25
CA LEU L 182 -27.52 -50.76 8.89
C LEU L 182 -27.01 -50.46 10.30
N TYR L 183 -27.49 -49.38 10.88
CA TYR L 183 -27.09 -49.01 12.23
C TYR L 183 -28.16 -49.36 13.24
N SER L 184 -27.73 -49.53 14.48
CA SER L 184 -28.62 -49.80 15.59
C SER L 184 -28.11 -49.22 16.89
N LEU L 185 -29.02 -48.70 17.71
CA LEU L 185 -28.68 -48.19 19.03
C LEU L 185 -29.86 -48.36 19.99
N SER L 186 -29.59 -48.17 21.27
CA SER L 186 -30.62 -48.18 22.31
C SER L 186 -30.50 -46.93 23.17
N SER L 187 -31.63 -46.32 23.48
CA SER L 187 -31.70 -45.25 24.46
C SER L 187 -32.37 -45.82 25.68
N VAL L 188 -31.82 -45.47 26.83
CA VAL L 188 -32.13 -46.16 28.07
C VAL L 188 -32.26 -45.13 29.21
N VAL L 189 -33.12 -45.40 30.18
CA VAL L 189 -33.29 -44.51 31.33
C VAL L 189 -33.63 -45.29 32.61
N THR L 190 -33.12 -44.82 33.74
CA THR L 190 -33.50 -45.36 35.02
C THR L 190 -34.42 -44.40 35.76
N VAL L 191 -35.47 -44.95 36.35
CA VAL L 191 -36.47 -44.18 37.04
C VAL L 191 -36.73 -44.85 38.39
N PRO L 192 -37.49 -44.22 39.30
CA PRO L 192 -37.95 -44.91 40.51
C PRO L 192 -38.96 -46.00 40.14
N SER L 193 -38.85 -47.17 40.78
CA SER L 193 -39.81 -48.27 40.56
C SER L 193 -41.23 -47.81 40.85
N SER L 194 -41.40 -47.11 41.96
CA SER L 194 -42.69 -46.58 42.41
C SER L 194 -43.38 -45.66 41.41
N SER L 195 -42.61 -45.01 40.56
CA SER L 195 -43.14 -44.06 39.58
C SER L 195 -43.47 -44.68 38.21
N LEU L 196 -43.76 -45.96 38.16
CA LEU L 196 -44.28 -46.58 36.94
C LEU L 196 -45.66 -47.21 37.18
N GLY L 197 -46.60 -46.89 36.31
CA GLY L 197 -48.01 -47.18 36.56
C GLY L 197 -48.75 -45.87 36.76
N THR L 198 -47.99 -44.82 37.07
CA THR L 198 -48.48 -43.44 37.07
C THR L 198 -47.81 -42.66 35.93
N GLN L 199 -46.49 -42.57 35.99
CA GLN L 199 -45.69 -41.92 34.96
C GLN L 199 -45.66 -42.78 33.70
N THR L 200 -46.20 -42.24 32.62
CA THR L 200 -46.13 -42.91 31.32
C THR L 200 -44.86 -42.46 30.61
N TYR L 201 -44.07 -43.43 30.13
CA TYR L 201 -42.78 -43.13 29.53
C TYR L 201 -42.80 -43.36 28.03
N ILE L 202 -42.45 -42.31 27.28
CA ILE L 202 -42.49 -42.32 25.82
C ILE L 202 -41.14 -41.85 25.28
N CYS L 203 -40.53 -42.64 24.40
CA CYS L 203 -39.30 -42.19 23.74
C CYS L 203 -39.62 -41.61 22.36
N ASN L 204 -38.99 -40.50 22.02
CA ASN L 204 -39.27 -39.80 20.77
C ASN L 204 -38.14 -39.99 19.77
N VAL L 205 -38.34 -40.90 18.82
CA VAL L 205 -37.30 -41.23 17.86
C VAL L 205 -37.49 -40.54 16.52
N ASN L 206 -36.50 -39.72 16.17
CA ASN L 206 -36.52 -38.95 14.95
C ASN L 206 -35.36 -39.42 14.07
N HIS L 207 -35.66 -39.74 12.81
CA HIS L 207 -34.64 -40.10 11.86
C HIS L 207 -34.89 -39.30 10.59
N LYS L 208 -34.15 -38.20 10.48
CA LYS L 208 -34.35 -37.26 9.39
C LYS L 208 -34.06 -37.78 7.98
N PRO L 209 -32.93 -38.47 7.75
CA PRO L 209 -32.65 -38.99 6.41
C PRO L 209 -33.84 -39.70 5.74
N SER L 210 -34.70 -40.36 6.53
CA SER L 210 -35.85 -41.10 5.98
C SER L 210 -37.19 -40.45 6.28
N ASN L 211 -37.17 -39.30 6.96
CA ASN L 211 -38.38 -38.56 7.29
C ASN L 211 -39.32 -39.34 8.21
N THR L 212 -38.71 -40.01 9.18
CA THR L 212 -39.41 -40.87 10.11
C THR L 212 -39.40 -40.30 11.52
N LYS L 213 -40.59 -40.19 12.09
CA LYS L 213 -40.75 -39.74 13.47
C LYS L 213 -41.59 -40.78 14.20
N VAL L 214 -41.01 -41.44 15.18
CA VAL L 214 -41.70 -42.49 15.92
C VAL L 214 -41.68 -42.20 17.41
N ASP L 215 -42.85 -42.18 18.03
CA ASP L 215 -42.97 -42.16 19.49
C ASP L 215 -43.48 -43.51 19.97
N LYS L 216 -42.83 -44.07 20.98
CA LYS L 216 -43.25 -45.36 21.53
C LYS L 216 -43.40 -45.38 23.04
N LYS L 217 -44.61 -45.67 23.49
CA LYS L 217 -44.92 -45.86 24.90
C LYS L 217 -44.23 -47.13 25.41
N VAL L 218 -43.51 -47.00 26.51
CA VAL L 218 -42.84 -48.14 27.11
C VAL L 218 -43.56 -48.51 28.41
N GLU L 219 -44.06 -49.74 28.45
CA GLU L 219 -44.95 -50.19 29.52
C GLU L 219 -44.45 -51.49 30.11
N PRO L 220 -44.76 -51.72 31.39
CA PRO L 220 -44.59 -53.06 31.99
C PRO L 220 -45.39 -54.09 31.19
N LYS L 221 -44.75 -55.21 30.85
CA LYS L 221 -45.26 -56.12 29.82
C LYS L 221 -46.33 -57.12 30.29
N SER L 222 -46.25 -58.33 29.74
CA SER L 222 -47.26 -59.37 29.90
C SER L 222 -47.23 -60.12 31.24
N CYS L 223 -46.09 -60.75 31.56
CA CYS L 223 -46.05 -61.74 32.66
C CYS L 223 -45.04 -61.45 33.78
N ASP M 1 -46.87 -4.24 20.65
CA ASP M 1 -45.53 -4.68 21.17
C ASP M 1 -45.64 -6.10 21.70
N ILE M 2 -44.68 -6.95 21.31
CA ILE M 2 -44.65 -8.33 21.76
C ILE M 2 -44.22 -8.39 23.23
N GLN M 3 -45.10 -8.92 24.08
CA GLN M 3 -44.84 -9.09 25.51
C GLN M 3 -44.11 -10.41 25.74
N MET M 4 -43.03 -10.38 26.53
CA MET M 4 -42.29 -11.60 26.90
C MET M 4 -42.43 -11.91 28.38
N THR M 5 -43.07 -13.03 28.71
CA THR M 5 -43.31 -13.43 30.10
C THR M 5 -42.41 -14.58 30.55
N GLN M 6 -41.69 -14.38 31.65
CA GLN M 6 -40.78 -15.40 32.17
C GLN M 6 -41.32 -16.09 33.43
N SER M 7 -41.00 -17.37 33.60
CA SER M 7 -41.31 -18.08 34.84
C SER M 7 -40.17 -19.03 35.23
N PRO M 8 -39.87 -19.14 36.53
CA PRO M 8 -40.53 -18.34 37.57
C PRO M 8 -39.88 -16.96 37.64
N SER M 9 -40.37 -16.10 38.55
CA SER M 9 -39.77 -14.79 38.75
C SER M 9 -38.43 -14.89 39.50
N SER M 10 -38.34 -15.89 40.38
CA SER M 10 -37.07 -16.23 41.04
C SER M 10 -37.03 -17.71 41.46
N LEU M 11 -35.83 -18.22 41.70
CA LEU M 11 -35.62 -19.59 42.17
C LEU M 11 -34.33 -19.70 42.94
N SER M 12 -34.30 -20.61 43.91
CA SER M 12 -33.05 -21.02 44.53
C SER M 12 -32.65 -22.39 44.04
N ALA M 13 -31.34 -22.57 43.82
CA ALA M 13 -30.79 -23.87 43.52
C ALA M 13 -29.34 -23.98 44.02
N SER M 14 -28.87 -25.21 44.19
CA SER M 14 -27.50 -25.47 44.63
C SER M 14 -26.55 -25.64 43.46
N VAL M 15 -25.26 -25.48 43.74
CA VAL M 15 -24.20 -25.76 42.78
C VAL M 15 -24.36 -27.18 42.21
N GLY M 16 -24.31 -27.29 40.89
CA GLY M 16 -24.46 -28.58 40.23
C GLY M 16 -25.89 -28.97 39.93
N ASP M 17 -26.86 -28.17 40.37
CA ASP M 17 -28.27 -28.44 40.12
C ASP M 17 -28.61 -28.13 38.67
N ARG M 18 -29.67 -28.78 38.17
CA ARG M 18 -30.20 -28.45 36.85
C ARG M 18 -31.27 -27.40 37.02
N VAL M 19 -31.10 -26.28 36.31
CA VAL M 19 -32.06 -25.18 36.35
C VAL M 19 -32.62 -24.95 34.95
N THR M 20 -33.94 -24.87 34.84
CA THR M 20 -34.56 -24.44 33.59
C THR M 20 -35.56 -23.31 33.85
N ILE M 21 -35.43 -22.25 33.05
CA ILE M 21 -36.30 -21.08 33.07
C ILE M 21 -37.10 -21.04 31.78
N THR M 22 -38.40 -20.77 31.86
CA THR M 22 -39.22 -20.62 30.65
C THR M 22 -39.47 -19.16 30.28
N CYS M 23 -39.95 -18.95 29.05
CA CYS M 23 -40.18 -17.62 28.47
C CYS M 23 -41.27 -17.74 27.40
N ARG M 24 -42.38 -17.05 27.62
CA ARG M 24 -43.54 -17.14 26.76
C ARG M 24 -43.76 -15.83 26.01
N ALA M 25 -43.83 -15.91 24.68
CA ALA M 25 -44.04 -14.71 23.89
C ALA M 25 -45.54 -14.55 23.66
N SER M 26 -45.98 -13.30 23.57
CA SER M 26 -47.40 -13.01 23.37
C SER M 26 -47.88 -13.35 21.95
N GLN M 27 -46.95 -13.42 21.00
CA GLN M 27 -47.24 -13.95 19.67
C GLN M 27 -45.99 -14.62 19.12
N ASP M 28 -46.13 -15.34 18.01
CA ASP M 28 -45.05 -16.16 17.47
C ASP M 28 -43.86 -15.32 17.04
N VAL M 29 -42.66 -15.76 17.41
CA VAL M 29 -41.43 -15.03 17.08
C VAL M 29 -40.36 -15.91 16.41
N SER M 30 -40.83 -16.96 15.72
CA SER M 30 -39.91 -17.88 15.05
C SER M 30 -38.89 -18.43 16.07
N THR M 31 -37.60 -18.44 15.74
CA THR M 31 -36.58 -18.77 16.73
C THR M 31 -35.72 -17.55 17.10
N ALA M 32 -36.23 -16.36 16.81
CA ALA M 32 -35.51 -15.12 17.05
C ALA M 32 -35.61 -14.70 18.51
N VAL M 33 -35.10 -15.55 19.41
CA VAL M 33 -35.01 -15.26 20.84
C VAL M 33 -33.57 -15.38 21.37
N ALA M 34 -33.20 -14.47 22.26
CA ALA M 34 -31.88 -14.44 22.87
C ALA M 34 -32.02 -14.46 24.37
N TRP M 35 -30.96 -14.89 25.05
CA TRP M 35 -30.93 -14.93 26.50
C TRP M 35 -29.70 -14.20 27.00
N TYR M 36 -29.88 -13.44 28.08
CA TYR M 36 -28.83 -12.62 28.68
C TYR M 36 -28.67 -12.91 30.15
N GLN M 37 -27.48 -12.62 30.66
CA GLN M 37 -27.19 -12.73 32.09
C GLN M 37 -26.78 -11.35 32.59
N GLN M 38 -27.35 -10.91 33.70
CA GLN M 38 -26.97 -9.65 34.30
C GLN M 38 -26.59 -9.86 35.75
N LYS M 39 -25.46 -9.30 36.13
CA LYS M 39 -25.04 -9.32 37.52
C LYS M 39 -25.11 -7.88 38.02
N PRO M 40 -25.34 -7.69 39.32
CA PRO M 40 -25.47 -6.34 39.88
C PRO M 40 -24.38 -5.40 39.41
N GLY M 41 -24.80 -4.24 38.90
CA GLY M 41 -23.87 -3.19 38.51
C GLY M 41 -23.23 -3.40 37.15
N LYS M 42 -23.70 -4.41 36.42
CA LYS M 42 -23.11 -4.74 35.12
C LYS M 42 -24.15 -4.79 34.01
N ALA M 43 -23.72 -4.51 32.78
CA ALA M 43 -24.60 -4.61 31.62
C ALA M 43 -24.91 -6.07 31.39
N PRO M 44 -26.09 -6.37 30.83
CA PRO M 44 -26.43 -7.74 30.44
C PRO M 44 -25.39 -8.37 29.50
N LYS M 45 -25.24 -9.69 29.58
CA LYS M 45 -24.25 -10.40 28.79
C LYS M 45 -24.96 -11.43 27.94
N LEU M 46 -24.72 -11.41 26.64
CA LEU M 46 -25.34 -12.38 25.72
C LEU M 46 -24.89 -13.82 26.00
N LEU M 47 -25.87 -14.74 26.05
CA LEU M 47 -25.62 -16.14 26.37
C LEU M 47 -25.96 -17.03 25.18
N ILE M 48 -27.18 -16.88 24.71
CA ILE M 48 -27.76 -17.72 23.67
C ILE M 48 -28.46 -16.82 22.68
N TYR M 49 -28.25 -17.06 21.40
CA TYR M 49 -28.96 -16.31 20.38
C TYR M 49 -29.66 -17.29 19.46
N SER M 50 -30.65 -16.79 18.72
CA SER M 50 -31.43 -17.60 17.80
C SER M 50 -32.00 -18.81 18.52
N ALA M 51 -32.51 -18.57 19.72
CA ALA M 51 -33.20 -19.56 20.53
C ALA M 51 -32.34 -20.68 21.16
N SER M 52 -31.48 -21.30 20.36
CA SER M 52 -30.77 -22.51 20.79
C SER M 52 -29.27 -22.48 20.54
N PHE M 53 -28.76 -21.35 20.07
CA PHE M 53 -27.36 -21.22 19.73
C PHE M 53 -26.54 -20.48 20.76
N LEU M 54 -25.43 -21.11 21.11
CA LEU M 54 -24.50 -20.70 22.14
C LEU M 54 -23.56 -19.65 21.62
N TYR M 55 -23.59 -18.48 22.26
CA TYR M 55 -22.77 -17.36 21.85
C TYR M 55 -21.29 -17.61 22.15
N SER M 56 -20.43 -17.08 21.29
CA SER M 56 -18.98 -17.23 21.40
C SER M 56 -18.48 -17.06 22.84
N GLY M 57 -17.72 -18.04 23.31
CA GLY M 57 -17.04 -17.95 24.60
C GLY M 57 -17.89 -18.26 25.82
N VAL M 58 -19.21 -18.32 25.63
CA VAL M 58 -20.13 -18.68 26.71
C VAL M 58 -19.96 -20.18 27.03
N PRO M 59 -20.00 -20.55 28.32
CA PRO M 59 -19.79 -21.95 28.73
C PRO M 59 -20.90 -22.91 28.27
N SER M 60 -20.50 -24.11 27.86
CA SER M 60 -21.39 -25.05 27.19
C SER M 60 -22.52 -25.63 28.07
N ARG M 61 -22.47 -25.35 29.37
CA ARG M 61 -23.54 -25.76 30.30
C ARG M 61 -24.84 -24.95 30.11
N PHE M 62 -24.76 -23.85 29.37
CA PHE M 62 -25.95 -23.11 28.97
C PHE M 62 -26.49 -23.65 27.65
N SER M 63 -27.78 -23.91 27.60
CA SER M 63 -28.41 -24.32 26.35
C SER M 63 -29.77 -23.69 26.26
N GLY M 64 -30.28 -23.62 25.03
CA GLY M 64 -31.58 -23.02 24.78
C GLY M 64 -32.39 -23.91 23.86
N SER M 65 -33.70 -23.78 23.95
CA SER M 65 -34.59 -24.51 23.05
C SER M 65 -35.90 -23.77 22.88
N GLY M 66 -36.66 -24.16 21.86
CA GLY M 66 -37.98 -23.59 21.60
C GLY M 66 -38.10 -22.88 20.27
N SER M 67 -39.34 -22.55 19.94
CA SER M 67 -39.70 -21.82 18.73
C SER M 67 -41.14 -21.36 18.90
N GLY M 68 -41.51 -20.26 18.25
CA GLY M 68 -42.89 -19.79 18.26
C GLY M 68 -43.20 -18.90 19.44
N THR M 69 -43.85 -19.46 20.46
CA THR M 69 -44.13 -18.69 21.69
C THR M 69 -43.48 -19.26 22.94
N ASP M 70 -43.14 -20.54 22.94
CA ASP M 70 -42.56 -21.15 24.14
C ASP M 70 -41.06 -21.42 24.00
N PHE M 71 -40.29 -20.87 24.94
CA PHE M 71 -38.83 -20.93 24.89
C PHE M 71 -38.26 -21.33 26.24
N THR M 72 -37.02 -21.82 26.26
CA THR M 72 -36.46 -22.44 27.45
C THR M 72 -34.94 -22.26 27.59
N LEU M 73 -34.50 -21.84 28.78
CA LEU M 73 -33.08 -21.69 29.12
C LEU M 73 -32.69 -22.71 30.18
N THR M 74 -31.69 -23.52 29.86
CA THR M 74 -31.27 -24.59 30.73
C THR M 74 -29.82 -24.37 31.13
N ILE M 75 -29.55 -24.46 32.43
CA ILE M 75 -28.20 -24.59 32.94
C ILE M 75 -28.13 -26.01 33.50
N SER M 76 -27.40 -26.87 32.81
CA SER M 76 -27.37 -28.28 33.15
C SER M 76 -26.80 -28.57 34.54
N SER M 77 -25.74 -27.85 34.91
CA SER M 77 -25.09 -28.00 36.21
C SER M 77 -24.58 -26.67 36.74
N LEU M 78 -25.40 -26.06 37.59
CA LEU M 78 -25.18 -24.72 38.13
C LEU M 78 -23.81 -24.54 38.78
N GLN M 79 -23.13 -23.45 38.40
CA GLN M 79 -21.80 -23.10 38.92
C GLN M 79 -21.89 -21.86 39.82
N PRO M 80 -20.88 -21.59 40.64
CA PRO M 80 -20.87 -20.42 41.53
C PRO M 80 -21.00 -19.10 40.76
N GLU M 81 -20.32 -19.01 39.62
CA GLU M 81 -20.31 -17.81 38.79
C GLU M 81 -21.64 -17.61 38.05
N ASP M 82 -22.57 -18.54 38.22
CA ASP M 82 -23.85 -18.49 37.50
C ASP M 82 -24.96 -17.79 38.29
N PHE M 83 -24.64 -17.34 39.50
CA PHE M 83 -25.60 -16.64 40.37
C PHE M 83 -25.95 -15.24 39.83
N ALA M 84 -27.14 -15.11 39.26
CA ALA M 84 -27.50 -13.89 38.52
C ALA M 84 -28.97 -13.79 38.11
N THR M 85 -29.32 -12.69 37.44
CA THR M 85 -30.63 -12.54 36.83
C THR M 85 -30.57 -12.85 35.32
N TYR M 86 -31.61 -13.53 34.83
CA TYR M 86 -31.63 -13.97 33.43
C TYR M 86 -32.83 -13.43 32.68
N TYR M 87 -32.56 -12.88 31.51
CA TYR M 87 -33.58 -12.26 30.68
C TYR M 87 -33.64 -12.98 29.35
N CYS M 88 -34.86 -13.19 28.86
CA CYS M 88 -35.03 -13.57 27.46
C CYS M 88 -35.46 -12.34 26.70
N GLN M 89 -35.14 -12.32 25.41
CA GLN M 89 -35.41 -11.15 24.57
C GLN M 89 -35.84 -11.60 23.18
N GLN M 90 -36.96 -11.06 22.75
CA GLN M 90 -37.48 -11.30 21.42
C GLN M 90 -36.81 -10.33 20.45
N SER M 91 -36.37 -10.84 19.31
CA SER M 91 -35.57 -10.09 18.34
C SER M 91 -36.14 -10.18 16.91
N TYR M 92 -37.40 -10.59 16.81
CA TYR M 92 -38.09 -10.80 15.55
C TYR M 92 -38.63 -9.52 14.91
N THR M 93 -39.25 -8.65 15.73
CA THR M 93 -39.68 -7.31 15.29
C THR M 93 -39.09 -6.20 16.10
N THR M 94 -39.28 -5.00 15.55
CA THR M 94 -39.05 -3.75 16.24
C THR M 94 -40.35 -3.40 16.97
N PRO M 95 -40.25 -2.92 18.21
CA PRO M 95 -38.99 -2.88 18.96
C PRO M 95 -38.71 -4.19 19.67
N PRO M 96 -37.44 -4.41 20.02
CA PRO M 96 -37.05 -5.60 20.80
C PRO M 96 -37.62 -5.47 22.22
N THR M 97 -38.11 -6.58 22.76
CA THR M 97 -38.69 -6.58 24.10
C THR M 97 -38.11 -7.71 24.92
N PHE M 98 -38.01 -7.47 26.22
CA PHE M 98 -37.36 -8.39 27.12
C PHE M 98 -38.40 -9.01 28.02
N GLY M 99 -38.09 -10.19 28.55
CA GLY M 99 -38.84 -10.72 29.69
C GLY M 99 -38.52 -9.92 30.95
N GLN M 100 -39.38 -10.02 31.95
CA GLN M 100 -39.20 -9.34 33.23
C GLN M 100 -37.95 -9.79 34.00
N GLY M 101 -37.51 -11.02 33.78
CA GLY M 101 -36.30 -11.52 34.40
C GLY M 101 -36.54 -12.61 35.42
N THR M 102 -35.53 -13.47 35.61
CA THR M 102 -35.56 -14.50 36.64
C THR M 102 -34.30 -14.46 37.51
N LYS M 103 -34.47 -14.19 38.81
CA LYS M 103 -33.33 -14.15 39.74
C LYS M 103 -32.96 -15.56 40.14
N VAL M 104 -31.73 -15.96 39.86
CA VAL M 104 -31.22 -17.25 40.31
C VAL M 104 -30.35 -17.04 41.55
N GLU M 105 -30.91 -17.32 42.73
CA GLU M 105 -30.13 -17.31 43.96
C GLU M 105 -29.63 -18.73 44.27
N ILE M 106 -28.63 -18.85 45.13
CA ILE M 106 -28.02 -20.16 45.38
C ILE M 106 -28.35 -20.73 46.75
N LYS M 107 -28.96 -21.92 46.74
CA LYS M 107 -29.42 -22.59 47.95
C LYS M 107 -28.27 -23.05 48.83
N ARG M 108 -28.45 -22.92 50.13
CA ARG M 108 -27.46 -23.39 51.09
C ARG M 108 -28.15 -23.83 52.39
N THR M 109 -27.38 -24.38 53.32
CA THR M 109 -27.91 -24.77 54.63
C THR M 109 -28.41 -23.52 55.38
N VAL M 110 -29.41 -23.71 56.23
CA VAL M 110 -30.04 -22.59 56.94
C VAL M 110 -29.06 -21.98 57.95
N ALA M 111 -28.92 -20.66 57.91
CA ALA M 111 -28.02 -19.95 58.80
C ALA M 111 -28.74 -18.95 59.70
N ALA M 112 -28.32 -18.92 60.97
CA ALA M 112 -28.87 -18.01 61.97
C ALA M 112 -28.29 -16.59 61.81
N PRO M 113 -29.13 -15.56 61.95
CA PRO M 113 -28.64 -14.18 61.93
C PRO M 113 -27.97 -13.79 63.25
N SER M 114 -26.73 -13.31 63.17
CA SER M 114 -26.08 -12.67 64.30
C SER M 114 -26.68 -11.29 64.41
N VAL M 115 -27.47 -11.06 65.46
CA VAL M 115 -28.20 -9.80 65.63
C VAL M 115 -27.45 -8.78 66.50
N PHE M 116 -27.32 -7.55 66.00
CA PHE M 116 -26.67 -6.48 66.74
C PHE M 116 -27.52 -5.21 66.73
N ILE M 117 -27.71 -4.60 67.88
CA ILE M 117 -28.48 -3.36 67.99
C ILE M 117 -27.58 -2.14 68.24
N PHE M 118 -27.86 -1.07 67.50
CA PHE M 118 -27.01 0.12 67.48
C PHE M 118 -27.72 1.38 67.98
N PRO M 119 -27.07 2.09 68.90
CA PRO M 119 -27.55 3.38 69.39
C PRO M 119 -27.04 4.59 68.56
N PRO M 120 -27.87 5.63 68.41
CA PRO M 120 -27.43 6.88 67.76
C PRO M 120 -26.25 7.50 68.48
N SER M 121 -25.30 8.04 67.71
CA SER M 121 -24.10 8.65 68.26
C SER M 121 -24.41 9.96 68.99
N ASP M 122 -23.40 10.54 69.62
CA ASP M 122 -23.53 11.87 70.21
C ASP M 122 -23.78 12.88 69.10
N GLU M 123 -23.02 12.74 68.00
CA GLU M 123 -23.11 13.61 66.84
C GLU M 123 -24.54 13.71 66.29
N GLN M 124 -25.18 12.56 66.18
CA GLN M 124 -26.53 12.44 65.63
C GLN M 124 -27.59 13.16 66.45
N LEU M 125 -27.50 12.97 67.77
CA LEU M 125 -28.39 13.60 68.74
C LEU M 125 -28.50 15.10 68.50
N LYS M 126 -27.35 15.76 68.46
CA LYS M 126 -27.28 17.21 68.26
C LYS M 126 -28.07 17.67 67.02
N SER M 127 -28.10 16.83 65.99
CA SER M 127 -28.72 17.18 64.71
C SER M 127 -30.19 17.56 64.81
N GLY M 128 -30.91 16.86 65.69
CA GLY M 128 -32.33 17.09 65.85
C GLY M 128 -33.12 15.79 65.94
N THR M 129 -32.78 14.83 65.06
CA THR M 129 -33.49 13.55 65.04
C THR M 129 -32.61 12.34 65.33
N ALA M 130 -33.25 11.22 65.67
CA ALA M 130 -32.59 9.99 66.10
C ALA M 130 -32.84 8.81 65.16
N SER M 131 -31.78 8.04 64.92
CA SER M 131 -31.82 6.84 64.09
C SER M 131 -31.28 5.66 64.87
N VAL M 132 -32.09 4.61 65.00
CA VAL M 132 -31.67 3.36 65.64
C VAL M 132 -31.65 2.21 64.63
N VAL M 133 -30.55 1.46 64.67
CA VAL M 133 -30.25 0.50 63.61
C VAL M 133 -29.98 -0.89 64.16
N CYS M 134 -30.72 -1.86 63.64
CA CYS M 134 -30.52 -3.26 63.94
C CYS M 134 -29.80 -3.97 62.80
N LEU M 135 -28.67 -4.59 63.11
CA LEU M 135 -27.93 -5.40 62.16
C LEU M 135 -28.22 -6.89 62.35
N LEU M 136 -28.36 -7.60 61.22
CA LEU M 136 -28.61 -9.03 61.20
C LEU M 136 -27.55 -9.65 60.30
N ASN M 137 -26.39 -9.94 60.88
CA ASN M 137 -25.25 -10.39 60.09
C ASN M 137 -25.38 -11.83 59.59
N ASN M 138 -25.10 -12.01 58.31
CA ASN M 138 -24.95 -13.32 57.65
C ASN M 138 -25.96 -14.43 58.00
N PHE M 139 -27.09 -14.44 57.28
CA PHE M 139 -28.11 -15.44 57.54
C PHE M 139 -28.74 -15.99 56.26
N TYR M 140 -29.43 -17.12 56.41
CA TYR M 140 -30.16 -17.75 55.32
C TYR M 140 -31.46 -18.37 55.86
N PRO M 141 -32.60 -18.19 55.18
CA PRO M 141 -32.72 -17.45 53.92
C PRO M 141 -33.09 -15.97 54.05
N ARG M 142 -33.43 -15.35 52.92
CA ARG M 142 -33.66 -13.89 52.83
C ARG M 142 -34.90 -13.40 53.59
N GLU M 143 -35.95 -14.24 53.64
CA GLU M 143 -37.18 -13.85 54.32
C GLU M 143 -36.99 -13.82 55.83
N ALA M 144 -37.32 -12.67 56.43
CA ALA M 144 -37.23 -12.45 57.88
C ALA M 144 -38.17 -11.33 58.33
N LYS M 145 -38.78 -11.51 59.51
CA LYS M 145 -39.65 -10.51 60.11
C LYS M 145 -38.98 -9.81 61.30
N VAL M 146 -38.68 -8.51 61.14
CA VAL M 146 -38.11 -7.69 62.21
C VAL M 146 -39.22 -6.78 62.79
N GLN M 147 -39.39 -6.81 64.12
CA GLN M 147 -40.35 -5.95 64.80
C GLN M 147 -39.69 -4.90 65.71
N TRP M 148 -39.91 -3.63 65.38
CA TRP M 148 -39.41 -2.53 66.19
C TRP M 148 -40.40 -2.20 67.31
N LYS M 149 -39.92 -2.34 68.55
CA LYS M 149 -40.73 -2.04 69.72
C LYS M 149 -40.07 -0.92 70.52
N VAL M 150 -40.85 0.12 70.80
CA VAL M 150 -40.39 1.26 71.60
C VAL M 150 -41.12 1.25 72.94
N ASP M 151 -40.39 0.83 73.98
CA ASP M 151 -40.95 0.56 75.30
C ASP M 151 -42.16 -0.39 75.18
N ASN M 152 -41.92 -1.51 74.48
CA ASN M 152 -42.93 -2.54 74.22
C ASN M 152 -44.19 -2.06 73.48
N ALA M 153 -44.04 -1.00 72.69
CA ALA M 153 -45.10 -0.56 71.79
C ALA M 153 -44.68 -0.88 70.35
N LEU M 154 -45.44 -1.77 69.71
CA LEU M 154 -45.17 -2.18 68.33
C LEU M 154 -45.25 -0.98 67.39
N GLN M 155 -44.20 -0.78 66.61
CA GLN M 155 -44.15 0.35 65.69
C GLN M 155 -44.57 -0.01 64.27
N SER M 156 -45.04 1.00 63.54
CA SER M 156 -45.58 0.79 62.20
C SER M 156 -45.40 2.04 61.34
N GLY M 157 -44.89 1.83 60.12
CA GLY M 157 -44.77 2.88 59.12
C GLY M 157 -43.76 3.97 59.45
N ASN M 158 -42.67 3.58 60.11
CA ASN M 158 -41.53 4.48 60.35
C ASN M 158 -40.22 3.70 60.17
N SER M 159 -40.37 2.39 59.98
CA SER M 159 -39.26 1.48 59.75
C SER M 159 -38.88 1.48 58.29
N GLN M 160 -37.59 1.33 58.02
CA GLN M 160 -37.07 1.17 56.67
C GLN M 160 -36.04 0.07 56.67
N GLU M 161 -36.05 -0.74 55.63
CA GLU M 161 -35.18 -1.91 55.59
C GLU M 161 -34.33 -2.00 54.33
N SER M 162 -33.12 -2.51 54.51
CA SER M 162 -32.22 -2.78 53.40
C SER M 162 -31.66 -4.19 53.52
N VAL M 163 -31.66 -4.91 52.39
CA VAL M 163 -31.08 -6.26 52.36
C VAL M 163 -29.87 -6.32 51.44
N THR M 164 -28.81 -6.93 51.95
CA THR M 164 -27.58 -7.16 51.21
C THR M 164 -27.78 -8.24 50.13
N GLU M 165 -26.93 -8.24 49.10
CA GLU M 165 -26.88 -9.31 48.11
C GLU M 165 -26.26 -10.58 48.68
N GLN M 166 -26.52 -11.72 48.04
CA GLN M 166 -25.99 -13.00 48.53
C GLN M 166 -24.47 -12.97 48.64
N ASP M 167 -23.97 -13.14 49.87
CA ASP M 167 -22.54 -13.04 50.20
C ASP M 167 -21.68 -13.94 49.31
N SER M 168 -20.51 -13.40 48.97
CA SER M 168 -19.57 -14.05 48.06
C SER M 168 -19.04 -15.38 48.59
N LYS M 169 -18.48 -15.36 49.81
CA LYS M 169 -17.90 -16.55 50.41
C LYS M 169 -18.94 -17.58 50.88
N ASP M 170 -19.98 -17.11 51.58
CA ASP M 170 -20.91 -18.02 52.25
C ASP M 170 -22.40 -17.76 51.99
N SER M 171 -22.73 -17.31 50.79
CA SER M 171 -24.13 -17.23 50.29
C SER M 171 -25.18 -16.75 51.29
N THR M 172 -24.77 -15.96 52.29
CA THR M 172 -25.69 -15.42 53.29
C THR M 172 -26.18 -14.03 52.91
N TYR M 173 -27.20 -13.58 53.63
CA TYR M 173 -27.70 -12.22 53.51
C TYR M 173 -27.48 -11.49 54.83
N SER M 174 -27.43 -10.16 54.77
CA SER M 174 -27.48 -9.33 55.98
C SER M 174 -28.51 -8.23 55.79
N LEU M 175 -29.04 -7.72 56.89
CA LEU M 175 -30.22 -6.84 56.83
C LEU M 175 -30.16 -5.64 57.78
N SER M 176 -30.68 -4.50 57.32
CA SER M 176 -30.72 -3.28 58.12
C SER M 176 -32.15 -2.86 58.46
N SER M 177 -32.31 -2.29 59.66
CA SER M 177 -33.60 -1.80 60.15
C SER M 177 -33.47 -0.38 60.73
N THR M 178 -34.02 0.61 60.03
CA THR M 178 -33.89 2.01 60.43
C THR M 178 -35.11 2.52 61.18
N LEU M 179 -34.92 2.68 62.49
CA LEU M 179 -35.94 3.32 63.31
C LEU M 179 -35.71 4.84 63.27
N THR M 180 -36.39 5.50 62.34
CA THR M 180 -36.23 6.93 62.09
C THR M 180 -37.38 7.73 62.72
N LEU M 181 -37.02 8.74 63.52
CA LEU M 181 -38.03 9.59 64.19
C LEU M 181 -37.55 11.02 64.51
N SER M 182 -38.06 11.57 65.62
CA SER M 182 -37.88 12.99 65.92
C SER M 182 -37.27 13.28 67.29
N LYS M 183 -37.31 14.57 67.66
CA LYS M 183 -36.68 15.09 68.88
C LYS M 183 -37.26 14.46 70.15
N ALA M 184 -38.37 15.00 70.65
CA ALA M 184 -38.90 14.64 71.96
C ALA M 184 -39.55 13.25 72.03
N ASP M 185 -39.66 12.57 70.90
CA ASP M 185 -40.20 11.21 70.85
C ASP M 185 -39.19 10.17 71.35
N TYR M 186 -37.91 10.42 71.05
CA TYR M 186 -36.80 9.63 71.61
C TYR M 186 -36.65 9.98 73.10
N GLU M 187 -36.94 11.23 73.44
CA GLU M 187 -36.70 11.77 74.77
C GLU M 187 -37.88 11.55 75.73
N LYS M 188 -38.57 10.42 75.57
CA LYS M 188 -39.66 10.05 76.47
C LYS M 188 -39.75 8.53 76.67
N HIS M 189 -38.85 7.80 75.99
CA HIS M 189 -38.83 6.34 76.06
C HIS M 189 -37.44 5.81 76.43
N LYS M 190 -37.41 4.73 77.21
CA LYS M 190 -36.19 4.28 77.89
C LYS M 190 -35.47 3.11 77.22
N VAL M 191 -36.12 1.95 77.19
CA VAL M 191 -35.50 0.70 76.73
C VAL M 191 -35.77 0.43 75.24
N TYR M 192 -34.73 0.02 74.52
CA TYR M 192 -34.83 -0.19 73.08
C TYR M 192 -34.70 -1.66 72.68
N ALA M 193 -35.75 -2.18 72.06
CA ALA M 193 -35.87 -3.60 71.74
C ALA M 193 -36.00 -3.85 70.25
N CYS M 194 -35.33 -4.92 69.79
CA CYS M 194 -35.37 -5.35 68.40
C CYS M 194 -35.46 -6.87 68.39
N GLU M 195 -36.65 -7.38 68.08
CA GLU M 195 -36.93 -8.82 68.08
C GLU M 195 -37.13 -9.36 66.66
N VAL M 196 -36.57 -10.53 66.39
CA VAL M 196 -36.51 -11.07 65.03
C VAL M 196 -37.06 -12.50 64.90
N THR M 197 -38.11 -12.64 64.08
CA THR M 197 -38.64 -13.96 63.72
C THR M 197 -37.98 -14.44 62.42
N HIS M 198 -37.31 -15.59 62.48
CA HIS M 198 -36.56 -16.13 61.36
C HIS M 198 -36.57 -17.66 61.41
N GLN M 199 -36.27 -18.28 60.28
CA GLN M 199 -36.24 -19.74 60.17
C GLN M 199 -35.08 -20.38 60.93
N GLY M 200 -34.09 -19.57 61.31
CA GLY M 200 -32.83 -20.07 61.81
C GLY M 200 -32.69 -20.16 63.32
N LEU M 201 -33.59 -19.49 64.02
CA LEU M 201 -33.60 -19.51 65.49
C LEU M 201 -34.83 -20.24 65.99
N SER M 202 -34.65 -21.09 67.00
CA SER M 202 -35.80 -21.70 67.67
C SER M 202 -36.54 -20.62 68.45
N SER M 203 -35.77 -19.79 69.17
CA SER M 203 -36.34 -18.66 69.92
C SER M 203 -36.11 -17.37 69.15
N PRO M 204 -37.18 -16.60 68.91
CA PRO M 204 -37.05 -15.24 68.37
C PRO M 204 -36.06 -14.38 69.18
N VAL M 205 -34.92 -14.05 68.56
CA VAL M 205 -33.81 -13.37 69.25
C VAL M 205 -34.07 -11.89 69.48
N THR M 206 -33.81 -11.45 70.71
CA THR M 206 -33.95 -10.05 71.10
C THR M 206 -32.60 -9.49 71.60
N LYS M 207 -32.19 -8.37 71.01
CA LYS M 207 -31.01 -7.66 71.46
C LYS M 207 -31.35 -6.22 71.85
N SER M 208 -30.79 -5.77 72.97
CA SER M 208 -31.15 -4.47 73.54
C SER M 208 -29.95 -3.72 74.14
N PHE M 209 -30.18 -2.44 74.48
CA PHE M 209 -29.22 -1.67 75.25
C PHE M 209 -29.92 -0.73 76.25
N ASN M 210 -29.17 -0.22 77.22
CA ASN M 210 -29.73 0.71 78.19
C ASN M 210 -29.21 2.14 78.03
N ARG M 211 -30.14 3.06 77.80
CA ARG M 211 -29.83 4.47 77.65
C ARG M 211 -29.32 5.07 78.96
N GLU N 1 -10.55 -4.98 19.54
CA GLU N 1 -10.95 -4.39 20.85
C GLU N 1 -12.32 -3.72 20.77
N VAL N 2 -13.37 -4.52 20.59
CA VAL N 2 -14.75 -4.01 20.54
C VAL N 2 -15.27 -3.55 21.90
N GLN N 3 -15.81 -2.33 21.93
CA GLN N 3 -16.52 -1.83 23.11
C GLN N 3 -17.33 -0.56 22.90
N LEU N 4 -18.34 -0.41 23.74
CA LEU N 4 -19.20 0.77 23.78
C LEU N 4 -18.93 1.40 25.13
N VAL N 5 -18.60 2.70 25.15
CA VAL N 5 -18.34 3.37 26.42
C VAL N 5 -19.31 4.54 26.57
N GLU N 6 -20.15 4.49 27.61
CA GLU N 6 -21.14 5.55 27.83
C GLU N 6 -20.68 6.69 28.74
N SER N 7 -21.24 7.88 28.55
CA SER N 7 -21.03 8.99 29.48
C SER N 7 -22.18 9.97 29.43
N GLY N 8 -22.24 10.88 30.41
CA GLY N 8 -23.15 12.01 30.34
C GLY N 8 -24.37 11.98 31.23
N GLY N 9 -24.52 10.93 32.03
CA GLY N 9 -25.65 10.86 32.93
C GLY N 9 -25.46 11.75 34.15
N GLY N 10 -26.57 12.23 34.70
CA GLY N 10 -26.53 12.97 35.95
C GLY N 10 -27.90 13.22 36.56
N LEU N 11 -27.99 14.27 37.38
CA LEU N 11 -29.23 14.67 38.05
C LEU N 11 -29.81 15.92 37.41
N VAL N 12 -31.10 15.87 37.08
CA VAL N 12 -31.77 16.99 36.41
C VAL N 12 -33.16 17.19 36.93
N GLN N 13 -33.63 18.43 36.85
CA GLN N 13 -34.98 18.79 37.25
C GLN N 13 -35.96 18.25 36.21
N PRO N 14 -37.19 17.92 36.60
CA PRO N 14 -38.21 17.53 35.62
C PRO N 14 -38.42 18.68 34.62
N GLY N 15 -38.63 18.34 33.35
CA GLY N 15 -38.72 19.34 32.31
C GLY N 15 -37.36 19.70 31.77
N GLY N 16 -36.31 19.31 32.49
CA GLY N 16 -34.95 19.54 32.07
C GLY N 16 -34.50 18.62 30.95
N SER N 17 -33.23 18.74 30.58
CA SER N 17 -32.67 17.93 29.51
C SER N 17 -31.25 17.41 29.83
N LEU N 18 -30.86 16.34 29.13
CA LEU N 18 -29.56 15.72 29.27
C LEU N 18 -29.21 15.06 27.94
N ARG N 19 -27.92 14.86 27.69
CA ARG N 19 -27.46 14.16 26.51
C ARG N 19 -26.50 13.04 26.88
N LEU N 20 -26.95 11.82 26.60
CA LEU N 20 -26.16 10.64 26.87
C LEU N 20 -25.30 10.35 25.65
N SER N 21 -24.11 9.82 25.88
CA SER N 21 -23.20 9.47 24.80
C SER N 21 -22.87 7.99 24.85
N CYS N 22 -22.47 7.45 23.70
CA CYS N 22 -22.14 6.03 23.58
C CYS N 22 -20.97 5.85 22.59
N ALA N 23 -19.74 5.90 23.10
CA ALA N 23 -18.56 5.89 22.24
C ALA N 23 -18.12 4.48 21.87
N ALA N 24 -18.02 4.23 20.57
CA ALA N 24 -17.62 2.92 20.05
C ALA N 24 -16.15 2.88 19.71
N SER N 25 -15.56 1.70 19.84
CA SER N 25 -14.20 1.44 19.38
C SER N 25 -14.10 0.01 18.87
N GLY N 26 -13.25 -0.18 17.87
CA GLY N 26 -13.06 -1.50 17.29
C GLY N 26 -14.16 -1.92 16.34
N PHE N 27 -15.09 -1.00 16.07
CA PHE N 27 -16.10 -1.19 15.02
C PHE N 27 -16.69 0.15 14.61
N THR N 28 -17.43 0.16 13.50
CA THR N 28 -18.04 1.40 13.01
C THR N 28 -19.51 1.45 13.43
N ILE N 29 -19.89 2.47 14.19
CA ILE N 29 -21.28 2.60 14.70
C ILE N 29 -22.30 2.53 13.58
N SER N 30 -21.98 3.13 12.44
CA SER N 30 -22.94 3.27 11.34
C SER N 30 -23.23 1.94 10.64
N ASP N 31 -22.47 0.91 11.00
CA ASP N 31 -22.68 -0.45 10.50
C ASP N 31 -23.81 -1.21 11.21
N TYR N 32 -24.26 -0.71 12.36
CA TYR N 32 -25.20 -1.41 13.22
C TYR N 32 -26.37 -0.53 13.57
N TRP N 33 -27.40 -1.12 14.17
CA TRP N 33 -28.38 -0.35 14.92
C TRP N 33 -27.70 0.03 16.22
N ILE N 34 -28.16 1.11 16.82
CA ILE N 34 -27.87 1.36 18.22
C ILE N 34 -29.18 1.55 18.95
N HIS N 35 -29.38 0.73 19.97
CA HIS N 35 -30.54 0.80 20.85
C HIS N 35 -30.16 1.47 22.15
N TRP N 36 -31.10 2.18 22.74
CA TRP N 36 -30.98 2.57 24.14
C TRP N 36 -31.97 1.76 24.94
N VAL N 37 -31.47 1.05 25.93
CA VAL N 37 -32.29 0.24 26.80
C VAL N 37 -32.07 0.81 28.18
N ARG N 38 -33.16 1.05 28.90
CA ARG N 38 -33.05 1.59 30.25
C ARG N 38 -33.59 0.62 31.29
N GLN N 39 -33.08 0.76 32.49
CA GLN N 39 -33.44 -0.11 33.59
C GLN N 39 -33.69 0.73 34.84
N ALA N 40 -34.97 0.92 35.17
CA ALA N 40 -35.37 1.59 36.40
C ALA N 40 -34.90 0.76 37.60
N PRO N 41 -34.55 1.42 38.71
CA PRO N 41 -34.07 0.74 39.92
C PRO N 41 -34.91 -0.48 40.32
N GLY N 42 -34.26 -1.64 40.32
CA GLY N 42 -34.89 -2.89 40.73
C GLY N 42 -35.89 -3.42 39.72
N LYS N 43 -35.92 -2.84 38.53
CA LYS N 43 -36.88 -3.26 37.50
C LYS N 43 -36.19 -3.89 36.29
N GLY N 44 -37.00 -4.30 35.31
CA GLY N 44 -36.51 -4.99 34.13
C GLY N 44 -35.84 -4.08 33.12
N LEU N 45 -35.65 -4.60 31.90
CA LEU N 45 -34.99 -3.85 30.83
C LEU N 45 -36.02 -3.35 29.82
N GLU N 46 -36.09 -2.04 29.66
CA GLU N 46 -37.07 -1.39 28.78
C GLU N 46 -36.39 -0.68 27.62
N TRP N 47 -36.67 -1.13 26.40
CA TRP N 47 -36.17 -0.47 25.17
C TRP N 47 -36.74 0.94 25.06
N VAL N 48 -35.93 1.85 24.52
CA VAL N 48 -36.28 3.28 24.51
C VAL N 48 -36.21 3.91 23.11
N ALA N 49 -35.17 3.58 22.36
CA ALA N 49 -34.91 4.16 21.05
C ALA N 49 -33.90 3.33 20.27
N GLY N 50 -34.11 3.26 18.96
CA GLY N 50 -33.18 2.60 18.07
C GLY N 50 -32.88 3.49 16.88
N ILE N 51 -31.61 3.55 16.50
CA ILE N 51 -31.23 4.15 15.23
C ILE N 51 -30.62 3.06 14.36
N THR N 52 -30.86 3.19 13.07
CA THR N 52 -30.64 2.16 12.07
C THR N 52 -29.26 2.31 11.40
N PRO N 53 -28.69 1.25 10.83
CA PRO N 53 -27.41 1.37 10.12
C PRO N 53 -27.45 2.55 9.15
N ALA N 54 -26.31 3.19 8.94
CA ALA N 54 -26.20 4.34 8.03
C ALA N 54 -27.04 5.57 8.42
N GLY N 55 -27.81 5.45 9.50
CA GLY N 55 -28.67 6.51 10.00
C GLY N 55 -29.94 6.61 9.18
N GLY N 56 -30.40 5.47 8.67
CA GLY N 56 -31.49 5.42 7.73
C GLY N 56 -32.84 5.78 8.33
N TYR N 57 -33.00 5.46 9.61
CA TYR N 57 -34.30 5.55 10.26
C TYR N 57 -34.18 5.45 11.75
N THR N 58 -35.25 5.83 12.43
CA THR N 58 -35.22 6.08 13.86
C THR N 58 -36.57 5.63 14.47
N TYR N 59 -36.52 5.01 15.65
CA TYR N 59 -37.72 4.50 16.33
C TYR N 59 -37.69 4.79 17.82
N TYR N 60 -38.83 5.21 18.37
CA TYR N 60 -38.96 5.57 19.79
C TYR N 60 -40.08 4.81 20.47
N ALA N 61 -39.89 4.56 21.76
CA ALA N 61 -40.95 3.98 22.58
C ALA N 61 -41.98 5.07 22.84
N ASP N 62 -43.23 4.66 23.01
CA ASP N 62 -44.33 5.59 23.23
C ASP N 62 -44.12 6.53 24.40
N SER N 63 -43.49 6.04 25.47
CA SER N 63 -43.27 6.84 26.68
C SER N 63 -42.23 7.95 26.49
N VAL N 64 -41.60 7.93 25.32
CA VAL N 64 -40.41 8.71 25.08
C VAL N 64 -40.56 9.52 23.76
N LYS N 65 -41.35 9.01 22.84
CA LYS N 65 -41.73 9.72 21.60
C LYS N 65 -41.99 11.22 21.79
N GLY N 66 -41.31 12.05 21.01
CA GLY N 66 -41.56 13.48 21.03
C GLY N 66 -40.77 14.23 22.09
N ARG N 67 -40.07 13.49 22.94
CA ARG N 67 -39.20 14.04 23.99
C ARG N 67 -37.70 13.70 23.82
N PHE N 68 -37.39 12.53 23.30
CA PHE N 68 -36.00 12.09 23.13
C PHE N 68 -35.63 12.06 21.65
N THR N 69 -34.37 12.34 21.34
CA THR N 69 -33.86 12.14 19.99
C THR N 69 -32.69 11.17 20.04
N ILE N 70 -32.66 10.20 19.14
CA ILE N 70 -31.51 9.33 19.03
C ILE N 70 -30.76 9.68 17.74
N SER N 71 -29.43 9.68 17.82
CA SER N 71 -28.59 10.12 16.72
C SER N 71 -27.20 9.52 16.87
N ALA N 72 -26.27 10.05 16.08
CA ALA N 72 -24.87 9.68 16.15
C ALA N 72 -24.04 10.70 15.40
N ASP N 73 -22.75 10.73 15.70
CA ASP N 73 -21.81 11.56 14.96
C ASP N 73 -20.74 10.63 14.41
N THR N 74 -20.87 10.29 13.12
CA THR N 74 -19.97 9.37 12.45
C THR N 74 -18.51 9.80 12.52
N SER N 75 -18.27 11.10 12.53
CA SER N 75 -16.92 11.62 12.64
C SER N 75 -16.32 11.32 14.01
N LYS N 76 -17.17 11.12 15.03
CA LYS N 76 -16.71 10.76 16.37
C LYS N 76 -16.98 9.30 16.72
N ASN N 77 -17.54 8.54 15.77
CA ASN N 77 -17.94 7.14 16.01
C ASN N 77 -18.70 6.98 17.34
N THR N 78 -19.64 7.88 17.57
CA THR N 78 -20.36 7.95 18.84
C THR N 78 -21.85 8.17 18.58
N ALA N 79 -22.70 7.41 19.27
CA ALA N 79 -24.16 7.63 19.23
C ALA N 79 -24.61 8.47 20.42
N TYR N 80 -25.78 9.08 20.32
CA TYR N 80 -26.28 9.94 21.40
C TYR N 80 -27.74 9.68 21.70
N LEU N 81 -28.15 10.05 22.89
CA LEU N 81 -29.56 10.14 23.23
C LEU N 81 -29.81 11.52 23.82
N GLN N 82 -30.44 12.39 23.04
CA GLN N 82 -30.83 13.70 23.51
C GLN N 82 -32.18 13.53 24.20
N MET N 83 -32.20 13.78 25.49
CA MET N 83 -33.40 13.65 26.30
C MET N 83 -33.90 15.04 26.65
N ASN N 84 -35.11 15.36 26.20
CA ASN N 84 -35.73 16.63 26.56
C ASN N 84 -36.97 16.38 27.40
N SER N 85 -37.45 17.43 28.07
CA SER N 85 -38.68 17.33 28.86
C SER N 85 -38.64 16.10 29.77
N LEU N 86 -37.59 15.99 30.57
CA LEU N 86 -37.43 14.83 31.43
C LEU N 86 -38.48 14.82 32.54
N ARG N 87 -38.89 13.62 32.94
CA ARG N 87 -39.78 13.45 34.10
C ARG N 87 -39.22 12.46 35.09
N ALA N 88 -39.74 12.50 36.32
CA ALA N 88 -39.24 11.64 37.40
C ALA N 88 -39.19 10.17 36.98
N GLU N 89 -40.21 9.72 36.24
CA GLU N 89 -40.28 8.31 35.83
C GLU N 89 -39.23 7.89 34.79
N ASP N 90 -38.45 8.85 34.29
CA ASP N 90 -37.32 8.60 33.39
C ASP N 90 -36.06 8.21 34.14
N THR N 91 -36.12 8.26 35.47
CA THR N 91 -34.98 7.89 36.32
C THR N 91 -34.61 6.42 36.10
N ALA N 92 -33.39 6.16 35.64
CA ALA N 92 -32.93 4.81 35.32
C ALA N 92 -31.44 4.77 34.99
N VAL N 93 -30.88 3.56 34.97
CA VAL N 93 -29.58 3.33 34.34
C VAL N 93 -29.89 3.14 32.86
N TYR N 94 -29.21 3.88 32.00
CA TYR N 94 -29.42 3.80 30.55
C TYR N 94 -28.27 3.06 29.90
N TYR N 95 -28.60 2.09 29.06
CA TYR N 95 -27.60 1.32 28.33
C TYR N 95 -27.75 1.60 26.85
N CYS N 96 -26.62 1.68 26.14
CA CYS N 96 -26.63 1.49 24.69
C CYS N 96 -26.19 0.06 24.39
N ALA N 97 -26.52 -0.40 23.19
CA ALA N 97 -26.21 -1.75 22.73
C ALA N 97 -26.28 -1.72 21.21
N ARG N 98 -25.48 -2.57 20.56
CA ARG N 98 -25.57 -2.67 19.10
C ARG N 98 -26.40 -3.88 18.71
N PHE N 99 -26.90 -3.86 17.48
CA PHE N 99 -27.75 -4.90 16.95
C PHE N 99 -27.81 -4.83 15.42
N VAL N 100 -27.89 -5.99 14.76
CA VAL N 100 -28.33 -6.03 13.37
C VAL N 100 -29.17 -7.28 13.20
N PHE N 101 -29.95 -7.32 12.12
CA PHE N 101 -30.76 -8.50 11.82
C PHE N 101 -29.92 -9.64 11.27
N PHE N 102 -28.66 -9.35 10.97
CA PHE N 102 -27.68 -10.38 10.62
C PHE N 102 -27.35 -11.16 11.89
N LEU N 103 -26.87 -12.38 11.73
CA LEU N 103 -26.49 -13.18 12.88
C LEU N 103 -25.48 -12.39 13.70
N PRO N 104 -25.58 -12.38 15.04
CA PRO N 104 -26.50 -13.26 15.81
C PRO N 104 -27.88 -12.67 16.08
N TYR N 105 -28.25 -11.60 15.37
CA TYR N 105 -29.39 -10.75 15.71
C TYR N 105 -29.73 -10.72 17.20
N ALA N 106 -28.72 -10.40 17.99
CA ALA N 106 -28.89 -10.16 19.42
C ALA N 106 -28.02 -8.97 19.80
N MET N 107 -28.15 -8.50 21.03
CA MET N 107 -27.33 -7.40 21.50
C MET N 107 -26.08 -7.97 22.15
N ASP N 108 -25.05 -8.10 21.34
CA ASP N 108 -23.82 -8.77 21.75
C ASP N 108 -22.86 -7.86 22.53
N TYR N 109 -22.89 -6.56 22.23
CA TYR N 109 -22.08 -5.59 22.97
C TYR N 109 -22.92 -4.49 23.58
N TRP N 110 -22.60 -4.16 24.83
CA TRP N 110 -23.31 -3.15 25.61
C TRP N 110 -22.29 -2.20 26.21
N GLY N 111 -22.75 -0.98 26.54
CA GLY N 111 -21.98 -0.04 27.33
C GLY N 111 -22.21 -0.31 28.81
N GLN N 112 -21.47 0.36 29.69
CA GLN N 112 -21.52 0.07 31.13
C GLN N 112 -22.73 0.62 31.85
N GLY N 113 -23.49 1.49 31.16
CA GLY N 113 -24.64 2.20 31.74
C GLY N 113 -24.26 3.52 32.39
N THR N 114 -25.10 4.55 32.23
CA THR N 114 -25.03 5.78 33.06
C THR N 114 -26.33 6.01 33.82
N LEU N 115 -26.20 6.42 35.08
CA LEU N 115 -27.36 6.77 35.89
C LEU N 115 -27.91 8.11 35.46
N VAL N 116 -29.21 8.13 35.19
CA VAL N 116 -29.91 9.37 34.93
C VAL N 116 -30.91 9.44 36.04
N THR N 117 -30.91 10.55 36.75
CA THR N 117 -31.87 10.68 37.83
C THR N 117 -32.59 12.03 37.76
N VAL N 118 -33.91 11.97 37.64
CA VAL N 118 -34.75 13.13 37.39
C VAL N 118 -35.61 13.37 38.61
N SER N 119 -35.34 14.47 39.31
CA SER N 119 -36.08 14.85 40.50
C SER N 119 -35.82 16.33 40.73
N SER N 120 -36.64 16.96 41.56
CA SER N 120 -36.48 18.39 41.82
C SER N 120 -35.70 18.66 43.11
N ALA N 121 -35.36 17.59 43.84
CA ALA N 121 -34.53 17.71 45.05
C ALA N 121 -33.10 18.11 44.69
N SER N 122 -32.55 19.03 45.47
CA SER N 122 -31.18 19.49 45.25
C SER N 122 -30.20 18.46 45.71
N THR N 123 -28.99 18.53 45.15
CA THR N 123 -27.84 17.75 45.58
C THR N 123 -27.55 18.03 47.04
N LYS N 124 -27.39 16.95 47.82
CA LYS N 124 -27.00 17.07 49.23
C LYS N 124 -25.96 16.04 49.57
N GLY N 125 -24.94 16.46 50.30
CA GLY N 125 -23.94 15.53 50.80
C GLY N 125 -24.46 14.85 52.05
N PRO N 126 -23.98 13.65 52.34
CA PRO N 126 -24.50 12.89 53.48
C PRO N 126 -23.92 13.41 54.77
N SER N 127 -24.63 13.13 55.86
CA SER N 127 -24.06 13.21 57.20
C SER N 127 -23.58 11.80 57.55
N VAL N 128 -22.43 11.70 58.20
CA VAL N 128 -21.88 10.40 58.59
C VAL N 128 -21.73 10.29 60.11
N PHE N 129 -22.35 9.26 60.67
CA PHE N 129 -22.32 8.98 62.10
C PHE N 129 -21.76 7.57 62.36
N PRO N 130 -20.97 7.41 63.43
CA PRO N 130 -20.40 6.10 63.74
C PRO N 130 -21.43 5.18 64.39
N LEU N 131 -21.51 3.96 63.90
CA LEU N 131 -22.29 2.93 64.57
C LEU N 131 -21.35 2.30 65.61
N ALA N 132 -21.33 2.92 66.79
CA ALA N 132 -20.42 2.52 67.87
C ALA N 132 -20.93 1.25 68.56
N PRO N 133 -20.03 0.27 68.72
CA PRO N 133 -20.38 -1.03 69.33
C PRO N 133 -20.87 -0.92 70.77
N SER N 134 -21.39 -2.02 71.32
CA SER N 134 -21.96 -2.04 72.68
C SER N 134 -21.93 -3.43 73.32
N SER N 135 -22.20 -3.46 74.62
CA SER N 135 -22.24 -4.68 75.42
C SER N 135 -20.90 -5.41 75.48
N GLY N 141 -16.32 -12.79 72.48
CA GLY N 141 -16.66 -13.23 71.13
C GLY N 141 -16.37 -12.15 70.11
N THR N 142 -17.43 -11.61 69.49
CA THR N 142 -17.29 -10.59 68.46
C THR N 142 -18.41 -9.55 68.51
N ALA N 143 -18.08 -8.32 68.12
CA ALA N 143 -19.03 -7.21 68.08
C ALA N 143 -18.85 -6.45 66.78
N ALA N 144 -19.83 -5.60 66.46
CA ALA N 144 -19.84 -4.90 65.18
C ALA N 144 -19.76 -3.37 65.32
N LEU N 145 -19.05 -2.75 64.36
CA LEU N 145 -18.99 -1.29 64.21
C LEU N 145 -19.32 -0.91 62.76
N GLY N 146 -19.63 0.36 62.53
CA GLY N 146 -19.93 0.83 61.19
C GLY N 146 -20.22 2.30 61.08
N CYS N 147 -20.74 2.71 59.93
CA CYS N 147 -21.09 4.12 59.68
C CYS N 147 -22.53 4.22 59.18
N LEU N 148 -23.28 5.19 59.69
CA LEU N 148 -24.58 5.53 59.11
C LEU N 148 -24.38 6.67 58.12
N VAL N 149 -24.75 6.44 56.87
CA VAL N 149 -24.63 7.45 55.83
C VAL N 149 -26.02 7.98 55.51
N LYS N 150 -26.35 9.16 56.07
CA LYS N 150 -27.73 9.66 56.13
C LYS N 150 -28.00 10.95 55.37
N ASP N 151 -29.19 11.00 54.78
CA ASP N 151 -29.75 12.18 54.09
C ASP N 151 -28.88 12.75 52.99
N TYR N 152 -28.66 11.95 51.97
CA TYR N 152 -27.93 12.38 50.78
C TYR N 152 -28.79 12.28 49.52
N PHE N 153 -28.35 12.96 48.47
CA PHE N 153 -29.01 12.91 47.15
C PHE N 153 -28.06 13.49 46.13
N PRO N 154 -27.95 12.87 44.96
CA PRO N 154 -28.57 11.59 44.63
C PRO N 154 -27.65 10.43 44.93
N GLU N 155 -27.93 9.26 44.38
CA GLU N 155 -26.98 8.16 44.32
C GLU N 155 -25.91 8.49 43.28
N PRO N 156 -24.76 7.82 43.32
CA PRO N 156 -24.42 6.80 44.32
C PRO N 156 -23.57 7.37 45.43
N VAL N 157 -23.27 6.55 46.42
CA VAL N 157 -22.28 6.87 47.42
C VAL N 157 -21.31 5.70 47.62
N THR N 158 -20.07 6.03 47.97
CA THR N 158 -19.00 5.06 48.16
C THR N 158 -18.70 4.94 49.63
N VAL N 159 -18.44 3.72 50.08
CA VAL N 159 -17.82 3.51 51.38
C VAL N 159 -16.72 2.48 51.26
N SER N 160 -15.56 2.78 51.84
CA SER N 160 -14.55 1.77 52.06
C SER N 160 -14.13 1.83 53.54
N TRP N 161 -13.30 0.90 53.96
CA TRP N 161 -12.77 0.89 55.32
C TRP N 161 -11.25 0.88 55.36
N ASN N 162 -10.70 1.66 56.29
CA ASN N 162 -9.25 1.76 56.49
C ASN N 162 -8.50 2.03 55.19
N SER N 163 -8.87 3.11 54.51
CA SER N 163 -8.39 3.45 53.16
C SER N 163 -8.83 2.44 52.10
N GLY N 164 -8.87 1.17 52.48
CA GLY N 164 -9.24 0.09 51.59
C GLY N 164 -8.63 -1.22 52.06
N ALA N 165 -7.95 -1.17 53.22
CA ALA N 165 -7.23 -2.30 53.77
C ALA N 165 -8.16 -3.36 54.40
N LEU N 166 -9.42 -2.99 54.60
CA LEU N 166 -10.42 -3.85 55.22
C LEU N 166 -11.48 -4.25 54.19
N THR N 167 -11.72 -5.55 54.05
CA THR N 167 -12.81 -6.00 53.19
C THR N 167 -13.64 -7.10 53.87
N SER N 168 -12.99 -7.91 54.69
CA SER N 168 -13.64 -9.01 55.39
C SER N 168 -14.63 -8.53 56.45
N GLY N 169 -15.83 -9.12 56.44
CA GLY N 169 -16.87 -8.78 57.41
C GLY N 169 -17.61 -7.48 57.11
N VAL N 170 -17.23 -6.82 56.01
CA VAL N 170 -17.80 -5.53 55.62
C VAL N 170 -19.12 -5.71 54.87
N HIS N 171 -20.18 -5.10 55.38
CA HIS N 171 -21.45 -5.09 54.65
C HIS N 171 -21.94 -3.68 54.41
N THR N 172 -21.72 -3.18 53.20
CA THR N 172 -22.26 -1.88 52.86
C THR N 172 -23.65 -2.10 52.28
N PHE N 173 -24.65 -1.52 52.91
CA PHE N 173 -26.04 -1.77 52.56
C PHE N 173 -26.50 -0.92 51.39
N PRO N 174 -27.34 -1.47 50.52
CA PRO N 174 -27.99 -0.69 49.47
C PRO N 174 -28.82 0.45 50.05
N ALA N 175 -28.70 1.64 49.46
CA ALA N 175 -29.41 2.81 49.93
C ALA N 175 -30.92 2.58 49.89
N VAL N 176 -31.62 3.15 50.87
CA VAL N 176 -33.08 3.20 50.82
C VAL N 176 -33.52 4.66 50.70
N LEU N 177 -34.51 4.91 49.86
CA LEU N 177 -35.05 6.26 49.74
C LEU N 177 -35.95 6.53 50.94
N GLN N 178 -35.69 7.63 51.62
CA GLN N 178 -36.47 8.00 52.81
C GLN N 178 -37.68 8.81 52.39
N SER N 179 -38.67 8.91 53.28
CA SER N 179 -39.89 9.64 53.00
C SER N 179 -39.62 11.11 52.72
N SER N 180 -38.50 11.61 53.24
CA SER N 180 -38.05 12.98 52.97
C SER N 180 -37.59 13.20 51.52
N GLY N 181 -37.52 12.12 50.74
CA GLY N 181 -37.10 12.20 49.35
C GLY N 181 -35.58 12.10 49.19
N LEU N 182 -34.88 11.99 50.32
CA LEU N 182 -33.42 11.83 50.37
C LEU N 182 -33.02 10.39 50.73
N TYR N 183 -31.87 9.95 50.25
CA TYR N 183 -31.40 8.58 50.51
C TYR N 183 -30.62 8.46 51.80
N SER N 184 -30.55 7.25 52.33
CA SER N 184 -29.68 6.92 53.46
C SER N 184 -29.34 5.43 53.47
N LEU N 185 -28.13 5.13 53.90
CA LEU N 185 -27.66 3.76 54.07
C LEU N 185 -26.76 3.66 55.29
N SER N 186 -26.37 2.44 55.63
CA SER N 186 -25.39 2.19 56.67
C SER N 186 -24.36 1.20 56.16
N SER N 187 -23.09 1.42 56.50
CA SER N 187 -22.05 0.44 56.20
C SER N 187 -21.57 -0.18 57.48
N VAL N 188 -21.49 -1.51 57.50
CA VAL N 188 -21.16 -2.24 58.71
C VAL N 188 -19.98 -3.18 58.49
N VAL N 189 -19.26 -3.45 59.59
CA VAL N 189 -18.20 -4.45 59.63
C VAL N 189 -18.17 -5.13 61.00
N THR N 190 -17.71 -6.38 61.04
CA THR N 190 -17.43 -7.07 62.29
C THR N 190 -15.94 -7.37 62.37
N VAL N 191 -15.39 -7.15 63.56
CA VAL N 191 -14.02 -7.54 63.87
C VAL N 191 -13.99 -8.18 65.24
N PRO N 192 -12.90 -8.90 65.54
CA PRO N 192 -12.60 -9.34 66.91
C PRO N 192 -12.84 -8.26 67.97
N SER N 193 -13.50 -8.65 69.07
CA SER N 193 -13.76 -7.77 70.22
C SER N 193 -12.49 -7.44 71.01
N SER N 194 -11.36 -7.99 70.57
CA SER N 194 -10.07 -7.82 71.23
C SER N 194 -9.31 -6.59 70.73
N SER N 195 -9.31 -6.39 69.41
CA SER N 195 -8.51 -5.32 68.79
C SER N 195 -9.21 -3.94 68.78
N LEU N 196 -10.07 -3.70 69.76
CA LEU N 196 -10.73 -2.40 69.92
C LEU N 196 -9.96 -1.53 70.92
N GLY N 197 -9.52 -0.36 70.46
CA GLY N 197 -8.67 0.51 71.25
C GLY N 197 -7.19 0.24 71.02
N THR N 198 -6.90 -0.91 70.41
CA THR N 198 -5.57 -1.21 69.87
C THR N 198 -5.60 -1.11 68.34
N GLN N 199 -6.80 -0.88 67.79
CA GLN N 199 -7.01 -0.65 66.36
C GLN N 199 -8.24 0.22 66.09
N THR N 200 -7.99 1.46 65.65
CA THR N 200 -9.05 2.36 65.22
C THR N 200 -9.49 1.99 63.82
N TYR N 201 -10.80 2.04 63.59
CA TYR N 201 -11.36 1.74 62.28
C TYR N 201 -11.97 2.98 61.66
N ILE N 202 -11.48 3.33 60.47
CA ILE N 202 -11.91 4.52 59.74
C ILE N 202 -12.73 4.10 58.52
N CYS N 203 -13.90 4.73 58.36
CA CYS N 203 -14.69 4.53 57.15
C CYS N 203 -14.48 5.70 56.19
N ASN N 204 -14.46 5.40 54.90
CA ASN N 204 -14.20 6.38 53.86
C ASN N 204 -15.41 6.53 52.93
N VAL N 205 -16.15 7.61 53.18
CA VAL N 205 -17.41 7.89 52.51
C VAL N 205 -17.24 8.98 51.45
N ASN N 206 -17.56 8.66 50.20
CA ASN N 206 -17.44 9.59 49.10
C ASN N 206 -18.74 9.78 48.41
N HIS N 207 -19.13 11.03 48.24
CA HIS N 207 -20.31 11.39 47.49
C HIS N 207 -19.88 12.30 46.35
N LYS N 208 -19.63 11.73 45.17
CA LYS N 208 -19.18 12.48 44.01
C LYS N 208 -20.13 13.64 43.65
N PRO N 209 -21.43 13.35 43.48
CA PRO N 209 -22.40 14.41 43.16
C PRO N 209 -22.24 15.70 43.94
N SER N 210 -21.83 15.64 45.20
CA SER N 210 -21.76 16.83 46.03
C SER N 210 -20.36 17.19 46.47
N ASN N 211 -19.35 16.58 45.83
CA ASN N 211 -17.94 16.75 46.21
C ASN N 211 -17.69 16.59 47.72
N THR N 212 -18.41 15.66 48.31
CA THR N 212 -18.33 15.38 49.73
C THR N 212 -17.49 14.14 50.00
N LYS N 213 -16.48 14.30 50.86
CA LYS N 213 -15.63 13.20 51.28
C LYS N 213 -15.50 13.23 52.80
N VAL N 214 -15.92 12.16 53.45
CA VAL N 214 -15.87 12.04 54.91
C VAL N 214 -15.08 10.79 55.35
N ASP N 215 -14.12 10.99 56.23
CA ASP N 215 -13.41 9.91 56.92
C ASP N 215 -13.79 9.98 58.39
N LYS N 216 -14.46 8.93 58.88
CA LYS N 216 -14.86 8.85 60.29
C LYS N 216 -14.13 7.75 61.04
N LYS N 217 -13.64 8.07 62.23
CA LYS N 217 -13.12 7.06 63.13
C LYS N 217 -14.26 6.56 64.00
N VAL N 218 -14.49 5.26 63.93
CA VAL N 218 -15.54 4.64 64.73
C VAL N 218 -14.93 4.17 66.04
N GLU N 219 -15.34 4.82 67.13
CA GLU N 219 -14.75 4.56 68.43
C GLU N 219 -15.73 3.95 69.44
N PRO N 220 -15.25 3.04 70.27
CA PRO N 220 -15.98 2.62 71.48
C PRO N 220 -16.26 3.83 72.37
N LYS N 221 -17.46 3.89 72.93
CA LYS N 221 -17.93 5.07 73.68
C LYS N 221 -17.19 5.29 75.00
N SER N 222 -17.06 6.57 75.38
CA SER N 222 -16.40 6.96 76.62
C SER N 222 -17.24 6.61 77.86
N CYS N 223 -18.09 5.61 77.71
CA CYS N 223 -18.85 5.04 78.82
C CYS N 223 -19.08 3.54 78.64
N ASP O 1 25.33 -41.61 -5.92
CA ASP O 1 26.03 -40.35 -5.55
C ASP O 1 27.18 -40.17 -6.52
N ILE O 2 27.16 -39.09 -7.30
CA ILE O 2 28.17 -38.90 -8.33
C ILE O 2 29.47 -38.48 -7.70
N GLN O 3 30.54 -39.21 -7.98
CA GLN O 3 31.85 -38.87 -7.43
C GLN O 3 32.61 -38.00 -8.41
N MET O 4 33.35 -37.03 -7.89
CA MET O 4 34.18 -36.18 -8.70
C MET O 4 35.63 -36.38 -8.28
N THR O 5 36.47 -36.78 -9.23
CA THR O 5 37.87 -36.99 -8.96
C THR O 5 38.69 -35.95 -9.69
N GLN O 6 39.47 -35.19 -8.93
CA GLN O 6 40.29 -34.14 -9.48
C GLN O 6 41.73 -34.60 -9.68
N SER O 7 42.39 -34.00 -10.66
CA SER O 7 43.78 -34.31 -10.93
C SER O 7 44.46 -33.04 -11.44
N PRO O 8 45.67 -32.75 -10.94
CA PRO O 8 46.30 -33.50 -9.84
C PRO O 8 45.85 -32.98 -8.48
N SER O 9 46.30 -33.64 -7.41
CA SER O 9 45.97 -33.24 -6.05
C SER O 9 46.59 -31.89 -5.66
N SER O 10 47.80 -31.65 -6.13
CA SER O 10 48.52 -30.40 -5.90
C SER O 10 49.52 -30.14 -7.01
N LEU O 11 49.75 -28.87 -7.34
CA LEU O 11 50.78 -28.51 -8.31
C LEU O 11 51.57 -27.28 -7.90
N SER O 12 52.80 -27.18 -8.39
CA SER O 12 53.59 -25.98 -8.20
C SER O 12 53.82 -25.31 -9.54
N ALA O 13 53.49 -24.02 -9.60
CA ALA O 13 53.63 -23.23 -10.82
C ALA O 13 54.19 -21.83 -10.52
N SER O 14 54.60 -21.13 -11.56
CA SER O 14 55.13 -19.78 -11.44
C SER O 14 54.13 -18.76 -12.00
N VAL O 15 54.26 -17.50 -11.60
CA VAL O 15 53.43 -16.42 -12.12
C VAL O 15 53.61 -16.27 -13.64
N GLY O 16 52.51 -16.32 -14.38
CA GLY O 16 52.57 -16.27 -15.83
C GLY O 16 52.48 -17.64 -16.51
N ASP O 17 52.39 -18.69 -15.70
CA ASP O 17 52.23 -20.05 -16.19
C ASP O 17 50.79 -20.31 -16.64
N ARG O 18 50.65 -21.14 -17.67
CA ARG O 18 49.37 -21.72 -18.02
C ARG O 18 49.18 -22.92 -17.08
N VAL O 19 48.11 -22.90 -16.30
CA VAL O 19 47.81 -23.99 -15.37
C VAL O 19 46.46 -24.60 -15.75
N THR O 20 46.42 -25.92 -15.93
CA THR O 20 45.15 -26.62 -16.18
C THR O 20 44.91 -27.75 -15.18
N ILE O 21 43.71 -27.79 -14.62
CA ILE O 21 43.32 -28.80 -13.64
C ILE O 21 42.18 -29.61 -14.22
N THR O 22 42.27 -30.94 -14.18
CA THR O 22 41.16 -31.77 -14.65
C THR O 22 40.24 -32.26 -13.55
N CYS O 23 39.06 -32.71 -13.97
CA CYS O 23 38.00 -33.16 -13.09
C CYS O 23 37.21 -34.24 -13.83
N ARG O 24 36.81 -35.28 -13.12
CA ARG O 24 36.23 -36.46 -13.73
C ARG O 24 35.01 -36.92 -12.94
N ALA O 25 33.85 -36.87 -13.59
CA ALA O 25 32.62 -37.36 -12.96
C ALA O 25 32.50 -38.86 -13.14
N SER O 26 31.93 -39.53 -12.14
CA SER O 26 31.71 -40.97 -12.18
C SER O 26 30.58 -41.33 -13.14
N GLN O 27 29.81 -40.31 -13.52
CA GLN O 27 28.65 -40.44 -14.38
C GLN O 27 28.62 -39.21 -15.28
N ASP O 28 28.04 -39.36 -16.47
CA ASP O 28 27.74 -38.22 -17.33
C ASP O 28 26.93 -37.16 -16.59
N VAL O 29 27.38 -35.91 -16.66
CA VAL O 29 26.69 -34.82 -15.95
C VAL O 29 26.38 -33.63 -16.85
N SER O 30 26.22 -33.90 -18.14
CA SER O 30 25.97 -32.85 -19.12
C SER O 30 27.11 -31.84 -19.08
N THR O 31 26.79 -30.54 -19.07
CA THR O 31 27.79 -29.50 -18.79
C THR O 31 27.54 -28.85 -17.45
N ALA O 32 26.87 -29.56 -16.55
CA ALA O 32 26.46 -29.01 -15.27
C ALA O 32 27.56 -29.14 -14.21
N VAL O 33 28.67 -28.44 -14.46
CA VAL O 33 29.84 -28.43 -13.58
C VAL O 33 30.29 -26.98 -13.22
N ALA O 34 30.56 -26.75 -11.95
CA ALA O 34 31.09 -25.47 -11.49
C ALA O 34 32.49 -25.63 -10.89
N TRP O 35 33.25 -24.55 -10.89
CA TRP O 35 34.58 -24.54 -10.31
C TRP O 35 34.66 -23.45 -9.27
N TYR O 36 35.35 -23.76 -8.17
CA TYR O 36 35.50 -22.85 -7.05
C TYR O 36 36.95 -22.64 -6.68
N GLN O 37 37.26 -21.43 -6.21
CA GLN O 37 38.52 -21.15 -5.57
C GLN O 37 38.24 -20.97 -4.10
N GLN O 38 39.10 -21.54 -3.24
CA GLN O 38 39.01 -21.33 -1.81
C GLN O 38 40.38 -21.02 -1.22
N LYS O 39 40.45 -20.03 -0.33
CA LYS O 39 41.71 -19.72 0.36
C LYS O 39 41.61 -20.06 1.86
N PRO O 40 42.73 -20.35 2.51
CA PRO O 40 42.74 -20.65 3.95
C PRO O 40 41.85 -19.73 4.76
N GLY O 41 40.94 -20.31 5.53
CA GLY O 41 40.09 -19.56 6.42
C GLY O 41 38.86 -18.93 5.77
N LYS O 42 38.66 -19.19 4.48
CA LYS O 42 37.61 -18.52 3.73
C LYS O 42 36.64 -19.50 3.06
N ALA O 43 35.45 -18.99 2.74
CA ALA O 43 34.43 -19.74 2.01
C ALA O 43 34.83 -19.81 0.56
N PRO O 44 34.50 -20.91 -0.13
CA PRO O 44 34.79 -21.06 -1.56
C PRO O 44 34.11 -20.00 -2.42
N LYS O 45 34.71 -19.67 -3.55
CA LYS O 45 34.28 -18.56 -4.38
C LYS O 45 34.01 -19.08 -5.78
N LEU O 46 32.80 -18.81 -6.30
CA LEU O 46 32.43 -19.28 -7.64
C LEU O 46 33.26 -18.64 -8.76
N LEU O 47 33.87 -19.48 -9.59
CA LEU O 47 34.65 -19.00 -10.73
C LEU O 47 33.94 -19.25 -12.04
N ILE O 48 33.50 -20.50 -12.22
CA ILE O 48 32.96 -20.98 -13.48
C ILE O 48 31.73 -21.83 -13.22
N TYR O 49 30.76 -21.68 -14.11
CA TYR O 49 29.51 -22.40 -14.01
C TYR O 49 29.09 -22.90 -15.40
N SER O 50 28.20 -23.89 -15.42
CA SER O 50 27.84 -24.57 -16.67
C SER O 50 29.10 -24.92 -17.47
N ALA O 51 30.10 -25.45 -16.73
CA ALA O 51 31.38 -25.95 -17.28
C ALA O 51 32.30 -24.92 -17.91
N SER O 52 31.75 -23.94 -18.61
CA SER O 52 32.57 -23.07 -19.46
C SER O 52 32.22 -21.59 -19.40
N PHE O 53 31.25 -21.22 -18.58
CA PHE O 53 30.82 -19.83 -18.49
C PHE O 53 31.46 -19.13 -17.30
N LEU O 54 31.97 -17.92 -17.55
CA LEU O 54 32.65 -17.14 -16.55
C LEU O 54 31.65 -16.43 -15.65
N TYR O 55 31.70 -16.73 -14.35
CA TYR O 55 30.85 -16.07 -13.39
C TYR O 55 31.15 -14.57 -13.28
N SER O 56 30.10 -13.78 -13.18
CA SER O 56 30.21 -12.33 -13.02
C SER O 56 31.35 -11.91 -12.08
N GLY O 57 32.23 -11.04 -12.59
CA GLY O 57 33.29 -10.47 -11.78
C GLY O 57 34.59 -11.27 -11.73
N VAL O 58 34.54 -12.53 -12.15
CA VAL O 58 35.73 -13.39 -12.17
C VAL O 58 36.55 -13.00 -13.39
N PRO O 59 37.85 -12.69 -13.18
CA PRO O 59 38.72 -12.22 -14.26
C PRO O 59 38.86 -13.22 -15.41
N SER O 60 39.00 -12.70 -16.62
CA SER O 60 38.91 -13.50 -17.83
C SER O 60 40.04 -14.52 -18.03
N ARG O 61 41.06 -14.46 -17.16
CA ARG O 61 42.16 -15.41 -17.25
C ARG O 61 41.75 -16.84 -16.85
N PHE O 62 40.58 -16.96 -16.21
CA PHE O 62 39.99 -18.25 -15.85
C PHE O 62 39.08 -18.77 -16.95
N SER O 63 39.21 -20.05 -17.28
CA SER O 63 38.39 -20.66 -18.33
C SER O 63 38.01 -22.10 -18.00
N GLY O 64 36.90 -22.56 -18.55
CA GLY O 64 36.46 -23.93 -18.32
C GLY O 64 36.04 -24.63 -19.58
N SER O 65 36.18 -25.95 -19.59
CA SER O 65 35.78 -26.75 -20.75
C SER O 65 35.28 -28.11 -20.29
N GLY O 66 34.67 -28.84 -21.24
CA GLY O 66 34.25 -30.20 -21.02
C GLY O 66 32.74 -30.43 -21.03
N SER O 67 32.39 -31.71 -21.15
CA SER O 67 31.02 -32.19 -20.97
C SER O 67 31.02 -33.72 -20.76
N GLY O 68 29.94 -34.23 -20.17
CA GLY O 68 29.82 -35.66 -19.88
C GLY O 68 30.51 -36.01 -18.57
N THR O 69 31.67 -36.69 -18.66
CA THR O 69 32.47 -37.05 -17.47
C THR O 69 33.79 -36.28 -17.33
N ASP O 70 34.21 -35.57 -18.38
CA ASP O 70 35.56 -34.98 -18.41
C ASP O 70 35.60 -33.46 -18.48
N PHE O 71 36.16 -32.85 -17.44
CA PHE O 71 36.14 -31.40 -17.29
C PHE O 71 37.52 -30.83 -16.99
N THR O 72 37.68 -29.54 -17.28
CA THR O 72 38.98 -28.90 -17.15
C THR O 72 38.87 -27.44 -16.75
N LEU O 73 39.73 -27.05 -15.82
CA LEU O 73 39.90 -25.67 -15.42
C LEU O 73 41.24 -25.21 -15.94
N THR O 74 41.26 -24.00 -16.50
CA THR O 74 42.48 -23.42 -17.03
C THR O 74 42.66 -22.00 -16.52
N ILE O 75 43.83 -21.72 -15.95
CA ILE O 75 44.32 -20.36 -15.70
C ILE O 75 45.45 -20.06 -16.70
N SER O 76 45.16 -19.19 -17.66
CA SER O 76 46.07 -18.89 -18.75
C SER O 76 47.39 -18.28 -18.27
N SER O 77 47.29 -17.28 -17.39
CA SER O 77 48.47 -16.60 -16.86
C SER O 77 48.36 -16.42 -15.34
N LEU O 78 48.83 -17.42 -14.62
CA LEU O 78 48.75 -17.47 -13.17
C LEU O 78 49.24 -16.17 -12.51
N GLN O 79 48.45 -15.67 -11.57
CA GLN O 79 48.76 -14.42 -10.86
C GLN O 79 49.04 -14.66 -9.37
N PRO O 80 49.73 -13.73 -8.71
CA PRO O 80 50.02 -13.87 -7.28
C PRO O 80 48.82 -14.30 -6.44
N GLU O 81 47.67 -13.70 -6.69
CA GLU O 81 46.48 -13.99 -5.90
C GLU O 81 45.73 -15.26 -6.35
N ASP O 82 46.33 -16.01 -7.27
CA ASP O 82 45.71 -17.22 -7.76
C ASP O 82 46.18 -18.48 -7.04
N PHE O 83 47.14 -18.34 -6.15
CA PHE O 83 47.62 -19.50 -5.40
C PHE O 83 46.63 -19.83 -4.32
N ALA O 84 45.96 -20.98 -4.48
CA ALA O 84 44.80 -21.37 -3.69
C ALA O 84 44.46 -22.86 -3.90
N THR O 85 43.34 -23.31 -3.35
CA THR O 85 42.79 -24.63 -3.64
C THR O 85 41.57 -24.48 -4.53
N TYR O 86 41.50 -25.31 -5.58
CA TYR O 86 40.43 -25.26 -6.56
C TYR O 86 39.59 -26.53 -6.50
N TYR O 87 38.27 -26.36 -6.41
CA TYR O 87 37.29 -27.47 -6.38
C TYR O 87 36.39 -27.48 -7.61
N CYS O 88 36.09 -28.67 -8.12
CA CYS O 88 35.04 -28.81 -9.11
C CYS O 88 33.78 -29.37 -8.47
N GLN O 89 32.65 -29.12 -9.12
CA GLN O 89 31.40 -29.46 -8.50
C GLN O 89 30.35 -29.87 -9.52
N GLN O 90 29.75 -31.01 -9.24
CA GLN O 90 28.70 -31.61 -10.04
C GLN O 90 27.41 -31.01 -9.55
N SER O 91 26.59 -30.56 -10.48
CA SER O 91 25.41 -29.78 -10.11
C SER O 91 24.18 -30.25 -10.89
N TYR O 92 24.35 -31.40 -11.53
CA TYR O 92 23.34 -32.01 -12.39
C TYR O 92 22.22 -32.66 -11.59
N THR O 93 22.58 -33.32 -10.48
CA THR O 93 21.63 -33.83 -9.50
C THR O 93 21.98 -33.41 -8.09
N THR O 94 20.99 -33.62 -7.25
CA THR O 94 21.17 -33.55 -5.83
C THR O 94 21.40 -35.01 -5.38
N PRO O 95 22.29 -35.26 -4.41
CA PRO O 95 23.08 -34.22 -3.73
C PRO O 95 24.19 -33.69 -4.60
N PRO O 96 24.57 -32.42 -4.43
CA PRO O 96 25.68 -31.87 -5.19
C PRO O 96 26.99 -32.39 -4.59
N THR O 97 27.90 -32.87 -5.43
CA THR O 97 29.18 -33.38 -4.96
C THR O 97 30.33 -32.59 -5.55
N PHE O 98 31.43 -32.57 -4.81
CA PHE O 98 32.64 -31.82 -5.12
C PHE O 98 33.80 -32.77 -5.38
N GLY O 99 34.78 -32.31 -6.15
CA GLY O 99 36.07 -32.97 -6.21
C GLY O 99 36.86 -32.74 -4.91
N GLN O 100 37.94 -33.47 -4.73
CA GLN O 100 38.72 -33.38 -3.49
C GLN O 100 39.61 -32.12 -3.41
N GLY O 101 39.70 -31.38 -4.50
CA GLY O 101 40.48 -30.15 -4.53
C GLY O 101 41.84 -30.33 -5.16
N THR O 102 42.37 -29.25 -5.72
CA THR O 102 43.72 -29.18 -6.31
C THR O 102 44.39 -27.94 -5.77
N LYS O 103 45.44 -28.12 -4.98
CA LYS O 103 46.15 -27.01 -4.35
C LYS O 103 47.17 -26.45 -5.32
N VAL O 104 47.01 -25.19 -5.72
CA VAL O 104 48.01 -24.53 -6.57
C VAL O 104 49.07 -23.80 -5.73
N GLU O 105 50.26 -24.38 -5.71
CA GLU O 105 51.36 -23.91 -4.87
C GLU O 105 52.34 -23.12 -5.74
N ILE O 106 53.19 -22.32 -5.09
CA ILE O 106 54.16 -21.49 -5.82
C ILE O 106 55.50 -22.18 -6.02
N LYS O 107 56.01 -22.05 -7.24
CA LYS O 107 57.23 -22.68 -7.66
C LYS O 107 58.41 -21.72 -7.46
N ARG O 108 59.47 -22.24 -6.83
CA ARG O 108 60.73 -21.52 -6.66
C ARG O 108 61.93 -22.48 -6.80
N THR O 109 63.16 -21.96 -6.66
CA THR O 109 64.34 -22.81 -6.74
C THR O 109 64.49 -23.68 -5.48
N VAL O 110 65.17 -24.81 -5.65
CA VAL O 110 65.54 -25.71 -4.55
C VAL O 110 66.29 -24.95 -3.46
N ALA O 111 65.98 -25.26 -2.20
CA ALA O 111 66.69 -24.70 -1.07
C ALA O 111 66.76 -25.72 0.07
N ALA O 112 67.98 -25.98 0.53
CA ALA O 112 68.26 -26.87 1.65
C ALA O 112 67.70 -26.27 2.94
N PRO O 113 67.24 -27.12 3.86
CA PRO O 113 66.80 -26.64 5.18
C PRO O 113 67.99 -26.47 6.10
N SER O 114 67.97 -25.48 6.97
CA SER O 114 68.90 -25.50 8.09
C SER O 114 68.25 -26.36 9.16
N VAL O 115 68.99 -27.36 9.64
CA VAL O 115 68.45 -28.35 10.58
C VAL O 115 68.94 -28.09 12.01
N PHE O 116 67.99 -28.05 12.95
CA PHE O 116 68.31 -27.88 14.36
C PHE O 116 67.66 -28.97 15.22
N ILE O 117 68.36 -29.40 16.25
CA ILE O 117 67.77 -30.31 17.23
C ILE O 117 67.66 -29.65 18.61
N PHE O 118 66.56 -29.96 19.29
CA PHE O 118 66.27 -29.44 20.63
C PHE O 118 66.04 -30.58 21.59
N PRO O 119 66.82 -30.65 22.65
CA PRO O 119 66.57 -31.60 23.74
C PRO O 119 65.37 -31.13 24.58
N PRO O 120 64.70 -32.07 25.25
CA PRO O 120 63.62 -31.73 26.18
C PRO O 120 64.12 -30.85 27.31
N SER O 121 63.27 -29.95 27.79
CA SER O 121 63.60 -29.04 28.86
C SER O 121 63.63 -29.76 30.20
N ASP O 122 64.36 -29.19 31.16
CA ASP O 122 64.32 -29.68 32.54
C ASP O 122 62.94 -29.51 33.13
N GLU O 123 62.28 -28.41 32.80
CA GLU O 123 60.92 -28.14 33.27
C GLU O 123 60.00 -29.29 32.87
N GLN O 124 60.13 -29.76 31.62
CA GLN O 124 59.27 -30.84 31.13
C GLN O 124 59.66 -32.17 31.74
N LEU O 125 60.97 -32.41 31.86
CA LEU O 125 61.48 -33.65 32.42
C LEU O 125 60.92 -33.88 33.81
N LYS O 126 60.79 -32.78 34.57
CA LYS O 126 60.17 -32.78 35.88
C LYS O 126 58.77 -33.39 35.84
N SER O 127 58.06 -33.15 34.74
CA SER O 127 56.65 -33.56 34.61
C SER O 127 56.44 -35.00 34.11
N GLY O 128 57.54 -35.73 33.87
CA GLY O 128 57.46 -37.13 33.49
C GLY O 128 57.34 -37.42 32.00
N THR O 129 57.60 -36.42 31.18
CA THR O 129 57.59 -36.58 29.72
C THR O 129 58.83 -35.95 29.06
N ALA O 130 59.20 -36.46 27.88
CA ALA O 130 60.29 -35.88 27.09
C ALA O 130 59.90 -35.65 25.62
N SER O 131 60.02 -34.40 25.18
CA SER O 131 59.78 -34.02 23.79
C SER O 131 61.05 -33.49 23.16
N VAL O 132 61.56 -34.27 22.21
CA VAL O 132 62.71 -33.90 21.40
C VAL O 132 62.15 -33.38 20.09
N VAL O 133 62.60 -32.18 19.71
CA VAL O 133 62.10 -31.53 18.51
C VAL O 133 63.23 -31.36 17.49
N CYS O 134 62.91 -31.69 16.24
CA CYS O 134 63.79 -31.42 15.12
C CYS O 134 63.16 -30.37 14.23
N LEU O 135 63.99 -29.50 13.65
CA LEU O 135 63.49 -28.38 12.86
C LEU O 135 64.19 -28.34 11.52
N LEU O 136 63.39 -28.27 10.46
CA LEU O 136 63.88 -28.04 9.12
C LEU O 136 63.34 -26.68 8.75
N ASN O 137 64.23 -25.74 8.53
CA ASN O 137 63.86 -24.34 8.44
C ASN O 137 64.13 -23.75 7.05
N ASN O 138 63.05 -23.26 6.43
CA ASN O 138 63.08 -22.57 5.15
C ASN O 138 63.69 -23.39 4.03
N PHE O 139 62.95 -24.41 3.59
CA PHE O 139 63.41 -25.29 2.52
C PHE O 139 62.38 -25.43 1.38
N TYR O 140 62.84 -26.00 0.27
CA TYR O 140 62.01 -26.30 -0.90
C TYR O 140 62.72 -27.36 -1.75
N PRO O 141 61.99 -28.33 -2.31
CA PRO O 141 60.53 -28.43 -2.22
C PRO O 141 60.03 -29.03 -0.91
N ARG O 142 58.72 -29.28 -0.85
CA ARG O 142 58.05 -29.77 0.35
C ARG O 142 58.62 -31.09 0.89
N GLU O 143 58.98 -31.99 -0.02
CA GLU O 143 59.36 -33.35 0.35
C GLU O 143 60.64 -33.41 1.18
N ALA O 144 60.57 -34.14 2.29
CA ALA O 144 61.70 -34.36 3.19
C ALA O 144 61.53 -35.66 3.98
N LYS O 145 62.58 -36.48 3.97
CA LYS O 145 62.66 -37.63 4.86
C LYS O 145 63.26 -37.16 6.19
N VAL O 146 62.47 -37.25 7.25
CA VAL O 146 62.97 -36.99 8.61
C VAL O 146 62.95 -38.29 9.40
N GLN O 147 64.13 -38.73 9.83
CA GLN O 147 64.29 -39.97 10.56
C GLN O 147 64.79 -39.68 11.96
N TRP O 148 64.26 -40.41 12.93
CA TRP O 148 64.65 -40.25 14.32
C TRP O 148 65.45 -41.46 14.79
N LYS O 149 66.74 -41.24 15.08
CA LYS O 149 67.59 -42.31 15.60
C LYS O 149 67.84 -42.14 17.09
N VAL O 150 67.67 -43.22 17.84
CA VAL O 150 67.94 -43.25 19.29
C VAL O 150 68.90 -44.40 19.56
N ASP O 151 70.10 -44.06 20.03
CA ASP O 151 71.17 -45.04 20.27
C ASP O 151 71.50 -45.77 18.96
N ASN O 152 71.42 -45.06 17.84
CA ASN O 152 71.62 -45.62 16.49
C ASN O 152 70.43 -46.43 15.95
N ALA O 153 69.34 -46.49 16.72
CA ALA O 153 68.15 -47.27 16.36
C ALA O 153 67.04 -46.41 15.74
N LEU O 154 66.55 -46.82 14.57
CA LEU O 154 65.47 -46.10 13.88
C LEU O 154 64.16 -46.25 14.64
N GLN O 155 63.53 -45.12 14.95
CA GLN O 155 62.34 -45.07 15.78
C GLN O 155 61.06 -44.98 14.96
N SER O 156 60.06 -45.78 15.34
CA SER O 156 58.81 -45.87 14.60
C SER O 156 57.60 -45.34 15.38
N GLY O 157 56.75 -44.56 14.70
CA GLY O 157 55.45 -44.16 15.20
C GLY O 157 55.37 -43.62 16.63
N ASN O 158 56.29 -42.71 16.95
CA ASN O 158 56.33 -42.00 18.23
C ASN O 158 56.85 -40.59 17.99
N SER O 159 56.78 -40.18 16.73
CA SER O 159 57.11 -38.83 16.30
C SER O 159 55.94 -38.26 15.51
N GLN O 160 55.72 -36.95 15.61
CA GLN O 160 54.70 -36.27 14.80
C GLN O 160 55.29 -35.10 14.02
N GLU O 161 54.90 -35.02 12.75
CA GLU O 161 55.40 -33.99 11.87
C GLU O 161 54.39 -32.86 11.74
N SER O 162 54.90 -31.65 11.51
CA SER O 162 54.05 -30.51 11.18
C SER O 162 54.74 -29.59 10.19
N VAL O 163 53.97 -29.07 9.25
CA VAL O 163 54.51 -28.26 8.18
C VAL O 163 53.82 -26.91 8.05
N THR O 164 54.64 -25.89 7.97
CA THR O 164 54.21 -24.55 7.68
C THR O 164 53.66 -24.45 6.22
N GLU O 165 52.71 -23.55 5.99
CA GLU O 165 52.33 -23.18 4.62
C GLU O 165 53.47 -22.39 3.99
N GLN O 166 53.49 -22.27 2.67
CA GLN O 166 54.55 -21.51 2.01
C GLN O 166 54.70 -20.10 2.58
N ASP O 167 55.94 -19.62 2.60
CA ASP O 167 56.27 -18.34 3.20
C ASP O 167 55.94 -17.18 2.26
N SER O 168 55.45 -16.09 2.84
CA SER O 168 54.94 -14.95 2.06
C SER O 168 56.05 -14.15 1.39
N LYS O 169 57.28 -14.31 1.89
CA LYS O 169 58.44 -13.56 1.41
C LYS O 169 59.35 -14.36 0.50
N ASP O 170 59.60 -15.63 0.83
CA ASP O 170 60.49 -16.48 0.02
C ASP O 170 59.92 -17.83 -0.45
N SER O 171 58.62 -18.04 -0.22
CA SER O 171 57.91 -19.25 -0.67
C SER O 171 58.55 -20.59 -0.26
N THR O 172 59.24 -20.60 0.89
CA THR O 172 59.75 -21.84 1.46
C THR O 172 58.78 -22.52 2.44
N TYR O 173 59.12 -23.76 2.80
CA TYR O 173 58.41 -24.51 3.82
C TYR O 173 59.30 -24.66 5.04
N SER O 174 58.69 -24.72 6.22
CA SER O 174 59.39 -25.12 7.41
C SER O 174 58.69 -26.31 8.02
N LEU O 175 59.46 -27.18 8.66
CA LEU O 175 58.91 -28.40 9.22
C LEU O 175 59.45 -28.68 10.61
N SER O 176 58.56 -29.19 11.46
CA SER O 176 58.93 -29.71 12.77
C SER O 176 58.71 -31.21 12.81
N SER O 177 59.58 -31.89 13.56
CA SER O 177 59.37 -33.28 13.95
C SER O 177 59.55 -33.41 15.46
N THR O 178 58.54 -33.96 16.11
CA THR O 178 58.54 -34.07 17.55
C THR O 178 58.51 -35.52 17.95
N LEU O 179 59.60 -35.99 18.55
CA LEU O 179 59.68 -37.34 19.09
C LEU O 179 59.26 -37.31 20.56
N THR O 180 58.27 -38.12 20.91
CA THR O 180 57.67 -38.06 22.25
C THR O 180 57.80 -39.38 22.97
N LEU O 181 58.39 -39.32 24.17
CA LEU O 181 58.63 -40.50 25.01
C LEU O 181 58.45 -40.20 26.51
N SER O 182 58.45 -41.25 27.33
CA SER O 182 58.37 -41.08 28.79
C SER O 182 59.72 -40.65 29.35
N LYS O 183 59.69 -39.95 30.50
CA LYS O 183 60.91 -39.65 31.24
C LYS O 183 61.70 -40.94 31.44
N ALA O 184 61.00 -41.98 31.88
CA ALA O 184 61.58 -43.31 32.10
C ALA O 184 62.34 -43.82 30.89
N ASP O 185 61.72 -43.74 29.72
CA ASP O 185 62.36 -44.24 28.49
C ASP O 185 63.45 -43.30 27.98
N TYR O 186 63.35 -42.03 28.34
CA TYR O 186 64.36 -41.04 27.95
C TYR O 186 65.65 -41.22 28.74
N GLU O 187 65.53 -41.54 30.02
CA GLU O 187 66.67 -41.67 30.92
C GLU O 187 67.61 -42.81 30.56
N LYS O 188 67.09 -43.79 29.82
CA LYS O 188 67.81 -45.01 29.51
C LYS O 188 68.91 -44.83 28.46
N HIS O 189 68.63 -44.03 27.44
CA HIS O 189 69.50 -43.90 26.27
C HIS O 189 70.33 -42.62 26.28
N LYS O 190 71.36 -42.55 25.43
CA LYS O 190 72.36 -41.48 25.50
C LYS O 190 72.35 -40.53 24.30
N VAL O 191 72.49 -41.08 23.10
CA VAL O 191 72.57 -40.29 21.88
C VAL O 191 71.21 -40.19 21.20
N TYR O 192 70.75 -38.95 21.03
CA TYR O 192 69.50 -38.66 20.31
C TYR O 192 69.83 -37.87 19.06
N ALA O 193 69.38 -38.37 17.92
CA ALA O 193 69.75 -37.80 16.62
C ALA O 193 68.58 -37.67 15.66
N CYS O 194 68.70 -36.69 14.76
CA CYS O 194 67.71 -36.38 13.76
C CYS O 194 68.32 -36.40 12.35
N GLU O 195 67.98 -37.42 11.56
CA GLU O 195 68.52 -37.61 10.21
C GLU O 195 67.59 -37.03 9.14
N VAL O 196 68.08 -36.01 8.42
CA VAL O 196 67.28 -35.28 7.45
C VAL O 196 67.78 -35.47 6.02
N THR O 197 66.87 -35.93 5.15
CA THR O 197 67.17 -36.23 3.74
C THR O 197 66.29 -35.39 2.82
N HIS O 198 66.93 -34.74 1.83
CA HIS O 198 66.28 -33.68 1.06
C HIS O 198 67.06 -33.36 -0.21
N GLN O 199 66.33 -32.90 -1.23
CA GLN O 199 66.88 -32.61 -2.56
C GLN O 199 68.08 -31.66 -2.54
N GLY O 200 67.96 -30.57 -1.78
CA GLY O 200 68.95 -29.53 -1.72
C GLY O 200 70.17 -29.88 -0.87
N LEU O 201 70.09 -31.03 -0.20
CA LEU O 201 71.22 -31.61 0.51
C LEU O 201 71.94 -32.62 -0.39
N SER O 202 73.26 -32.49 -0.49
CA SER O 202 74.05 -33.44 -1.26
C SER O 202 74.26 -34.73 -0.47
N SER O 203 74.09 -34.66 0.85
CA SER O 203 74.25 -35.80 1.75
C SER O 203 73.34 -35.63 2.96
N PRO O 204 72.69 -36.72 3.40
CA PRO O 204 71.79 -36.66 4.56
C PRO O 204 72.47 -36.00 5.77
N VAL O 205 71.80 -35.02 6.37
CA VAL O 205 72.34 -34.26 7.49
C VAL O 205 71.80 -34.78 8.83
N THR O 206 72.72 -35.14 9.73
CA THR O 206 72.34 -35.58 11.08
C THR O 206 72.69 -34.52 12.11
N LYS O 207 71.73 -34.22 12.96
CA LYS O 207 71.93 -33.31 14.08
C LYS O 207 71.62 -34.08 15.34
N SER O 208 72.61 -34.21 16.21
CA SER O 208 72.46 -35.03 17.41
C SER O 208 72.70 -34.22 18.68
N PHE O 209 72.74 -34.93 19.81
CA PHE O 209 73.21 -34.39 21.09
C PHE O 209 73.42 -35.47 22.15
N ASN O 210 74.21 -35.11 23.17
CA ASN O 210 74.49 -35.99 24.29
C ASN O 210 74.09 -35.33 25.62
N ARG O 211 73.13 -35.95 26.31
CA ARG O 211 72.64 -35.44 27.60
C ARG O 211 73.74 -35.32 28.65
N GLU P 1 23.02 -5.68 -1.21
CA GLU P 1 23.99 -6.33 -0.28
C GLU P 1 23.59 -7.78 0.02
N VAL P 2 23.81 -8.67 -0.96
CA VAL P 2 23.48 -10.09 -0.82
C VAL P 2 24.51 -10.84 0.02
N GLN P 3 24.09 -11.44 1.12
CA GLN P 3 24.96 -12.31 1.92
C GLN P 3 24.27 -13.33 2.81
N LEU P 4 25.09 -14.25 3.32
CA LEU P 4 24.70 -15.28 4.27
C LEU P 4 25.65 -15.13 5.45
N VAL P 5 25.11 -14.93 6.64
CA VAL P 5 25.91 -14.83 7.86
C VAL P 5 25.53 -15.95 8.81
N GLU P 6 26.50 -16.81 9.11
CA GLU P 6 26.24 -17.95 9.96
C GLU P 6 26.62 -17.65 11.39
N SER P 7 26.09 -18.44 12.31
CA SER P 7 26.59 -18.49 13.68
C SER P 7 26.06 -19.75 14.35
N GLY P 8 26.49 -19.93 15.60
CA GLY P 8 25.95 -20.99 16.43
C GLY P 8 26.83 -22.21 16.60
N GLY P 9 27.99 -22.22 15.96
CA GLY P 9 28.91 -23.33 16.14
C GLY P 9 29.50 -23.31 17.54
N GLY P 10 30.09 -24.42 17.95
CA GLY P 10 30.74 -24.51 19.25
C GLY P 10 31.36 -25.86 19.58
N LEU P 11 31.76 -26.01 20.84
CA LEU P 11 32.32 -27.25 21.36
C LEU P 11 31.28 -28.05 22.15
N VAL P 12 31.02 -29.29 21.74
CA VAL P 12 30.13 -30.17 22.50
C VAL P 12 30.73 -31.56 22.70
N GLN P 13 30.17 -32.32 23.64
CA GLN P 13 30.58 -33.70 23.89
C GLN P 13 29.86 -34.52 22.87
N PRO P 14 30.36 -35.72 22.53
CA PRO P 14 29.58 -36.64 21.70
C PRO P 14 28.24 -36.87 22.38
N GLY P 15 27.16 -36.83 21.60
CA GLY P 15 25.83 -36.94 22.15
C GLY P 15 25.21 -35.57 22.32
N GLY P 16 26.01 -34.52 22.16
CA GLY P 16 25.55 -33.15 22.31
C GLY P 16 24.68 -32.62 21.17
N SER P 17 24.27 -31.36 21.30
CA SER P 17 23.38 -30.68 20.36
C SER P 17 23.91 -29.29 20.04
N LEU P 18 23.80 -28.90 18.78
CA LEU P 18 23.98 -27.51 18.39
C LEU P 18 22.90 -27.10 17.42
N ARG P 19 22.69 -25.80 17.33
CA ARG P 19 21.84 -25.24 16.31
C ARG P 19 22.61 -24.18 15.51
N LEU P 20 22.97 -24.57 14.30
CA LEU P 20 23.60 -23.68 13.35
C LEU P 20 22.52 -22.79 12.74
N SER P 21 22.84 -21.52 12.55
CA SER P 21 21.90 -20.65 11.86
C SER P 21 22.60 -19.88 10.75
N CYS P 22 21.84 -19.49 9.73
CA CYS P 22 22.37 -18.95 8.48
C CYS P 22 21.45 -17.83 8.00
N ALA P 23 21.78 -16.59 8.36
CA ALA P 23 20.93 -15.42 8.11
C ALA P 23 21.17 -14.76 6.74
N ALA P 24 20.13 -14.74 5.91
CA ALA P 24 20.18 -14.11 4.59
C ALA P 24 19.85 -12.62 4.63
N SER P 25 20.55 -11.83 3.81
CA SER P 25 20.20 -10.43 3.57
C SER P 25 20.32 -10.11 2.10
N GLY P 26 19.46 -9.23 1.61
CA GLY P 26 19.49 -8.76 0.23
C GLY P 26 18.87 -9.71 -0.76
N PHE P 27 18.30 -10.80 -0.25
CA PHE P 27 17.56 -11.77 -1.05
C PHE P 27 16.66 -12.58 -0.13
N THR P 28 15.76 -13.37 -0.69
CA THR P 28 14.80 -14.11 0.14
C THR P 28 15.11 -15.61 0.15
N ILE P 29 15.51 -16.15 1.32
CA ILE P 29 15.89 -17.57 1.44
C ILE P 29 14.88 -18.48 0.74
N SER P 30 13.59 -18.19 0.89
CA SER P 30 12.54 -19.08 0.41
C SER P 30 12.48 -19.18 -1.11
N ASP P 31 13.20 -18.30 -1.81
CA ASP P 31 13.36 -18.39 -3.26
C ASP P 31 14.37 -19.47 -3.69
N TYR P 32 15.19 -19.95 -2.74
CA TYR P 32 16.33 -20.78 -3.07
C TYR P 32 16.37 -22.10 -2.30
N TRP P 33 17.21 -23.03 -2.75
CA TRP P 33 17.67 -24.13 -1.91
C TRP P 33 18.61 -23.50 -0.92
N ILE P 34 18.63 -24.00 0.29
CA ILE P 34 19.78 -23.76 1.14
C ILE P 34 20.39 -25.11 1.44
N HIS P 35 21.67 -25.26 1.11
CA HIS P 35 22.45 -26.46 1.42
C HIS P 35 23.33 -26.17 2.61
N TRP P 36 23.60 -27.19 3.42
CA TRP P 36 24.68 -27.11 4.39
C TRP P 36 25.76 -28.03 3.88
N VAL P 37 26.99 -27.50 3.80
CA VAL P 37 28.14 -28.23 3.27
C VAL P 37 29.24 -28.09 4.30
N ARG P 38 29.84 -29.21 4.67
CA ARG P 38 30.86 -29.18 5.71
C ARG P 38 32.23 -29.53 5.20
N GLN P 39 33.24 -28.99 5.86
CA GLN P 39 34.64 -29.17 5.47
C GLN P 39 35.45 -29.48 6.73
N ALA P 40 35.97 -30.70 6.81
CA ALA P 40 36.66 -31.17 7.99
C ALA P 40 38.13 -30.79 7.92
N PRO P 41 38.73 -30.49 9.07
CA PRO P 41 40.15 -30.12 9.13
C PRO P 41 40.98 -30.84 8.06
N GLY P 42 41.39 -30.09 7.04
CA GLY P 42 42.27 -30.60 6.00
C GLY P 42 41.63 -31.55 5.00
N LYS P 43 40.32 -31.43 4.81
CA LYS P 43 39.63 -32.35 3.92
C LYS P 43 38.73 -31.62 2.91
N GLY P 44 37.97 -32.37 2.11
CA GLY P 44 37.17 -31.81 1.03
C GLY P 44 35.88 -31.14 1.47
N LEU P 45 34.98 -30.91 0.51
CA LEU P 45 33.68 -30.34 0.81
C LEU P 45 32.59 -31.39 0.65
N GLU P 46 31.88 -31.68 1.73
CA GLU P 46 30.83 -32.69 1.71
C GLU P 46 29.47 -32.08 2.08
N TRP P 47 28.49 -32.36 1.25
CA TRP P 47 27.12 -31.90 1.46
C TRP P 47 26.50 -32.69 2.61
N VAL P 48 25.65 -32.02 3.39
CA VAL P 48 25.04 -32.59 4.60
C VAL P 48 23.52 -32.64 4.49
N ALA P 49 22.91 -31.50 4.17
CA ALA P 49 21.47 -31.38 4.08
C ALA P 49 21.10 -30.26 3.15
N GLY P 50 19.92 -30.38 2.55
CA GLY P 50 19.38 -29.36 1.68
C GLY P 50 17.90 -29.15 1.90
N ILE P 51 17.45 -27.90 1.75
CA ILE P 51 16.04 -27.58 1.79
C ILE P 51 15.69 -26.82 0.53
N THR P 52 14.57 -27.22 -0.02
CA THR P 52 14.05 -26.80 -1.29
C THR P 52 13.45 -25.39 -1.19
N PRO P 53 13.33 -24.68 -2.32
CA PRO P 53 12.61 -23.40 -2.32
C PRO P 53 11.21 -23.55 -1.72
N ALA P 54 10.76 -22.57 -0.95
CA ALA P 54 9.41 -22.62 -0.37
C ALA P 54 9.27 -23.64 0.76
N GLY P 55 10.38 -24.30 1.10
CA GLY P 55 10.38 -25.35 2.09
C GLY P 55 9.50 -26.50 1.66
N GLY P 56 9.53 -26.81 0.38
CA GLY P 56 8.74 -27.89 -0.19
C GLY P 56 9.23 -29.23 0.28
N TYR P 57 10.55 -29.38 0.35
CA TYR P 57 11.17 -30.67 0.65
C TYR P 57 12.51 -30.52 1.33
N THR P 58 12.99 -31.63 1.86
CA THR P 58 14.14 -31.65 2.74
C THR P 58 14.99 -32.90 2.43
N TYR P 59 16.32 -32.77 2.44
CA TYR P 59 17.18 -33.90 2.07
C TYR P 59 18.40 -34.00 2.96
N TYR P 60 18.86 -35.23 3.19
CA TYR P 60 19.94 -35.47 4.12
C TYR P 60 20.91 -36.50 3.62
N ALA P 61 22.17 -36.30 4.00
CA ALA P 61 23.22 -37.28 3.78
C ALA P 61 23.03 -38.46 4.73
N ASP P 62 23.26 -39.68 4.24
CA ASP P 62 23.08 -40.89 5.05
C ASP P 62 23.78 -40.82 6.40
N SER P 63 24.99 -40.25 6.43
CA SER P 63 25.78 -40.12 7.65
C SER P 63 25.08 -39.29 8.72
N VAL P 64 23.98 -38.65 8.32
CA VAL P 64 23.40 -37.56 9.10
C VAL P 64 21.86 -37.70 9.21
N LYS P 65 21.29 -38.57 8.39
CA LYS P 65 19.85 -38.78 8.35
C LYS P 65 19.35 -39.28 9.69
N GLY P 66 18.30 -38.65 10.21
CA GLY P 66 17.69 -39.07 11.46
C GLY P 66 18.31 -38.41 12.68
N ARG P 67 19.39 -37.65 12.46
CA ARG P 67 20.03 -36.88 13.52
C ARG P 67 19.93 -35.36 13.32
N PHE P 68 19.94 -34.91 12.07
CA PHE P 68 19.90 -33.46 11.77
C PHE P 68 18.56 -33.03 11.16
N THR P 69 18.18 -31.79 11.41
CA THR P 69 17.02 -31.20 10.76
C THR P 69 17.47 -29.91 10.12
N ILE P 70 17.16 -29.77 8.83
CA ILE P 70 17.39 -28.51 8.14
C ILE P 70 16.03 -27.81 8.01
N SER P 71 16.01 -26.53 8.36
CA SER P 71 14.79 -25.73 8.29
C SER P 71 15.11 -24.25 8.03
N ALA P 72 14.09 -23.41 8.12
CA ALA P 72 14.26 -21.95 8.04
C ALA P 72 13.07 -21.30 8.73
N ASP P 73 13.24 -20.06 9.15
CA ASP P 73 12.14 -19.26 9.69
C ASP P 73 12.02 -18.10 8.71
N THR P 74 10.93 -18.06 7.94
CA THR P 74 10.82 -17.06 6.89
C THR P 74 10.73 -15.64 7.43
N SER P 75 10.14 -15.48 8.61
CA SER P 75 10.00 -14.16 9.21
C SER P 75 11.34 -13.60 9.67
N LYS P 76 12.28 -14.48 9.96
CA LYS P 76 13.64 -14.11 10.30
C LYS P 76 14.59 -14.15 9.09
N ASN P 77 14.07 -14.57 7.92
CA ASN P 77 14.89 -14.79 6.72
C ASN P 77 16.20 -15.54 7.02
N THR P 78 16.11 -16.54 7.90
CA THR P 78 17.25 -17.31 8.40
C THR P 78 17.02 -18.79 8.21
N ALA P 79 18.06 -19.51 7.80
CA ALA P 79 18.01 -20.97 7.69
C ALA P 79 18.72 -21.58 8.89
N TYR P 80 18.44 -22.85 9.17
CA TYR P 80 18.98 -23.52 10.36
C TYR P 80 19.35 -24.95 10.09
N LEU P 81 20.34 -25.44 10.83
CA LEU P 81 20.64 -26.87 10.89
C LEU P 81 20.63 -27.29 12.35
N GLN P 82 19.58 -28.00 12.76
CA GLN P 82 19.52 -28.56 14.09
C GLN P 82 20.32 -29.85 14.07
N MET P 83 21.31 -29.93 14.95
CA MET P 83 22.21 -31.07 15.02
C MET P 83 22.04 -31.81 16.33
N ASN P 84 21.53 -33.03 16.25
CA ASN P 84 21.31 -33.86 17.44
C ASN P 84 22.25 -35.04 17.41
N SER P 85 22.52 -35.62 18.58
CA SER P 85 23.38 -36.81 18.70
C SER P 85 24.67 -36.63 17.93
N LEU P 86 25.38 -35.56 18.25
CA LEU P 86 26.60 -35.22 17.55
C LEU P 86 27.67 -36.29 17.83
N ARG P 87 28.44 -36.62 16.80
CA ARG P 87 29.55 -37.55 16.93
C ARG P 87 30.83 -36.84 16.54
N ALA P 88 31.96 -37.34 17.04
CA ALA P 88 33.28 -36.83 16.67
C ALA P 88 33.39 -36.53 15.17
N GLU P 89 33.08 -37.52 14.33
CA GLU P 89 33.06 -37.42 12.85
C GLU P 89 32.31 -36.20 12.28
N ASP P 90 31.47 -35.54 13.07
CA ASP P 90 30.75 -34.36 12.60
C ASP P 90 31.57 -33.09 12.69
N THR P 91 32.78 -33.19 13.27
CA THR P 91 33.66 -32.05 13.49
C THR P 91 34.03 -31.45 12.15
N ALA P 92 33.71 -30.17 11.95
CA ALA P 92 34.04 -29.50 10.71
C ALA P 92 33.62 -28.05 10.75
N VAL P 93 34.16 -27.25 9.83
CA VAL P 93 33.56 -25.96 9.52
C VAL P 93 32.31 -26.23 8.67
N TYR P 94 31.18 -25.68 9.08
CA TYR P 94 29.94 -25.87 8.36
C TYR P 94 29.60 -24.60 7.61
N TYR P 95 29.35 -24.75 6.31
CA TYR P 95 28.92 -23.64 5.45
C TYR P 95 27.46 -23.81 5.04
N CYS P 96 26.77 -22.69 4.82
CA CYS P 96 25.50 -22.74 4.10
C CYS P 96 25.69 -22.04 2.78
N ALA P 97 24.87 -22.38 1.79
CA ALA P 97 25.03 -21.85 0.44
C ALA P 97 23.68 -21.91 -0.28
N ARG P 98 23.44 -20.93 -1.15
CA ARG P 98 22.20 -20.92 -1.90
C ARG P 98 22.44 -21.56 -3.25
N PHE P 99 21.44 -22.31 -3.71
CA PHE P 99 21.48 -22.95 -5.00
C PHE P 99 20.07 -22.93 -5.60
N VAL P 100 20.01 -23.00 -6.92
CA VAL P 100 18.76 -23.12 -7.63
C VAL P 100 19.09 -23.77 -8.96
N PHE P 101 18.16 -24.51 -9.55
CA PHE P 101 18.46 -25.15 -10.84
C PHE P 101 18.43 -24.20 -12.01
N PHE P 102 17.89 -23.01 -11.78
CA PHE P 102 18.00 -21.88 -12.72
C PHE P 102 19.46 -21.43 -12.80
N LEU P 103 19.86 -20.83 -13.92
CA LEU P 103 21.22 -20.28 -14.06
C LEU P 103 21.57 -19.42 -12.83
N PRO P 104 22.81 -19.49 -12.33
CA PRO P 104 23.90 -20.30 -12.89
C PRO P 104 23.94 -21.75 -12.41
N TYR P 105 22.91 -22.21 -11.70
CA TYR P 105 22.91 -23.50 -11.02
C TYR P 105 24.27 -23.90 -10.41
N ALA P 106 24.74 -23.03 -9.51
CA ALA P 106 25.98 -23.23 -8.76
C ALA P 106 25.79 -22.55 -7.42
N MET P 107 26.67 -22.77 -6.47
CA MET P 107 26.57 -22.07 -5.20
C MET P 107 27.28 -20.73 -5.35
N ASP P 108 26.49 -19.71 -5.68
CA ASP P 108 27.05 -18.40 -5.97
C ASP P 108 27.33 -17.62 -4.70
N TYR P 109 26.55 -17.88 -3.66
CA TYR P 109 26.75 -17.22 -2.37
C TYR P 109 26.86 -18.20 -1.22
N TRP P 110 27.88 -18.00 -0.39
CA TRP P 110 28.16 -18.84 0.78
C TRP P 110 28.14 -18.02 2.09
N GLY P 111 27.90 -18.69 3.22
CA GLY P 111 28.20 -18.13 4.52
C GLY P 111 29.70 -18.20 4.80
N GLN P 112 30.16 -17.56 5.87
CA GLN P 112 31.60 -17.60 6.24
C GLN P 112 32.01 -18.89 6.96
N GLY P 113 31.04 -19.65 7.44
CA GLY P 113 31.29 -20.89 8.16
C GLY P 113 31.25 -20.73 9.67
N THR P 114 30.75 -21.75 10.38
CA THR P 114 30.93 -21.85 11.83
C THR P 114 31.66 -23.15 12.12
N LEU P 115 32.60 -23.09 13.07
CA LEU P 115 33.29 -24.29 13.54
C LEU P 115 32.38 -25.10 14.46
N VAL P 116 32.26 -26.38 14.16
CA VAL P 116 31.64 -27.32 15.07
C VAL P 116 32.69 -28.33 15.49
N THR P 117 32.94 -28.39 16.80
CA THR P 117 33.85 -29.39 17.35
C THR P 117 33.13 -30.34 18.28
N VAL P 118 33.19 -31.62 17.97
CA VAL P 118 32.59 -32.63 18.81
C VAL P 118 33.70 -33.51 19.31
N SER P 119 33.89 -33.51 20.63
CA SER P 119 34.98 -34.24 21.23
C SER P 119 34.66 -34.45 22.67
N SER P 120 35.21 -35.50 23.26
CA SER P 120 34.95 -35.79 24.67
C SER P 120 36.06 -35.26 25.58
N ALA P 121 37.07 -34.61 24.98
CA ALA P 121 38.19 -34.04 25.75
C ALA P 121 37.76 -32.77 26.47
N SER P 122 38.16 -32.63 27.73
CA SER P 122 37.89 -31.42 28.50
C SER P 122 38.86 -30.30 28.14
N THR P 123 38.41 -29.06 28.36
CA THR P 123 39.21 -27.86 28.11
C THR P 123 40.38 -27.81 29.05
N LYS P 124 41.54 -27.44 28.51
CA LYS P 124 42.77 -27.44 29.29
C LYS P 124 43.79 -26.50 28.64
N GLY P 125 44.39 -25.64 29.47
CA GLY P 125 45.44 -24.74 29.02
C GLY P 125 46.74 -25.49 28.78
N PRO P 126 47.61 -24.93 27.95
CA PRO P 126 48.85 -25.61 27.58
C PRO P 126 49.92 -25.45 28.63
N SER P 127 50.92 -26.32 28.60
CA SER P 127 52.15 -26.07 29.30
C SER P 127 53.12 -25.46 28.29
N VAL P 128 53.98 -24.56 28.74
CA VAL P 128 54.92 -23.92 27.82
C VAL P 128 56.32 -24.21 28.26
N PHE P 129 57.09 -24.85 27.38
CA PHE P 129 58.46 -25.23 27.67
C PHE P 129 59.40 -24.57 26.67
N PRO P 130 60.59 -24.17 27.14
CA PRO P 130 61.54 -23.50 26.26
C PRO P 130 62.13 -24.48 25.26
N LEU P 131 62.25 -24.07 24.01
CA LEU P 131 63.14 -24.74 23.06
C LEU P 131 64.42 -23.90 23.00
N ALA P 132 65.40 -24.28 23.80
CA ALA P 132 66.54 -23.43 24.08
C ALA P 132 67.62 -23.43 22.98
N PRO P 133 68.24 -22.25 22.77
CA PRO P 133 69.40 -22.12 21.88
C PRO P 133 70.56 -23.02 22.30
N SER P 134 71.16 -23.69 21.32
CA SER P 134 72.17 -24.70 21.56
C SER P 134 73.59 -24.20 21.26
N SER P 135 74.57 -25.01 21.65
CA SER P 135 76.00 -24.82 21.37
C SER P 135 76.46 -23.36 21.37
N GLY P 141 76.96 -17.07 12.93
CA GLY P 141 75.83 -17.10 12.03
C GLY P 141 74.51 -16.91 12.78
N THR P 142 73.64 -17.91 12.68
CA THR P 142 72.31 -17.82 13.26
C THR P 142 71.91 -19.09 14.04
N ALA P 143 71.11 -18.89 15.08
CA ALA P 143 70.63 -19.96 15.97
C ALA P 143 69.11 -20.05 15.97
N ALA P 144 68.60 -21.21 16.37
CA ALA P 144 67.16 -21.39 16.48
C ALA P 144 66.74 -21.55 17.94
N LEU P 145 65.68 -20.85 18.31
CA LEU P 145 65.05 -20.97 19.62
C LEU P 145 63.53 -20.97 19.44
N GLY P 146 62.81 -21.40 20.46
CA GLY P 146 61.38 -21.54 20.32
C GLY P 146 60.63 -21.94 21.58
N CYS P 147 59.34 -22.22 21.38
CA CYS P 147 58.47 -22.61 22.47
C CYS P 147 57.68 -23.84 22.08
N LEU P 148 57.71 -24.84 22.97
CA LEU P 148 56.84 -25.99 22.83
C LEU P 148 55.57 -25.75 23.66
N VAL P 149 54.44 -25.61 22.95
CA VAL P 149 53.14 -25.38 23.58
C VAL P 149 52.41 -26.71 23.58
N LYS P 150 52.39 -27.37 24.73
CA LYS P 150 51.96 -28.76 24.84
C LYS P 150 50.65 -28.97 25.60
N ASP P 151 49.82 -29.86 25.06
CA ASP P 151 48.65 -30.41 25.75
C ASP P 151 47.57 -29.40 26.10
N TYR P 152 46.91 -28.88 25.08
CA TYR P 152 45.80 -27.95 25.28
C TYR P 152 44.58 -28.36 24.47
N PHE P 153 43.42 -27.94 24.93
CA PHE P 153 42.17 -28.17 24.22
C PHE P 153 41.17 -27.10 24.63
N PRO P 154 40.40 -26.60 23.67
CA PRO P 154 40.58 -26.89 22.24
C PRO P 154 41.40 -25.80 21.57
N GLU P 155 41.40 -25.78 20.25
CA GLU P 155 41.98 -24.69 19.48
C GLU P 155 41.11 -23.42 19.62
N PRO P 156 41.67 -22.23 19.37
CA PRO P 156 43.05 -22.05 18.93
C PRO P 156 43.98 -21.55 20.02
N VAL P 157 45.28 -21.66 19.75
CA VAL P 157 46.30 -21.05 20.58
C VAL P 157 47.01 -20.01 19.75
N THR P 158 47.40 -18.93 20.39
CA THR P 158 47.99 -17.81 19.69
C THR P 158 49.37 -17.55 20.27
N VAL P 159 50.39 -17.57 19.41
CA VAL P 159 51.75 -17.28 19.82
C VAL P 159 52.29 -16.03 19.12
N SER P 160 52.87 -15.11 19.89
CA SER P 160 53.67 -14.05 19.32
C SER P 160 55.05 -14.07 19.98
N TRP P 161 55.94 -13.23 19.48
CA TRP P 161 57.27 -13.15 20.05
C TRP P 161 57.56 -11.70 20.42
N ASN P 162 57.94 -11.52 21.67
CA ASN P 162 58.27 -10.20 22.21
C ASN P 162 57.15 -9.19 21.96
N SER P 163 55.93 -9.59 22.33
CA SER P 163 54.77 -8.73 22.21
C SER P 163 54.58 -8.22 20.79
N GLY P 164 54.95 -9.05 19.82
CA GLY P 164 54.75 -8.73 18.42
C GLY P 164 55.84 -7.87 17.82
N ALA P 165 56.90 -7.60 18.58
CA ALA P 165 58.02 -6.81 18.08
C ALA P 165 59.02 -7.65 17.28
N LEU P 166 58.95 -8.97 17.44
CA LEU P 166 59.77 -9.90 16.66
C LEU P 166 58.85 -10.74 15.76
N THR P 167 59.01 -10.55 14.45
CA THR P 167 58.15 -11.26 13.49
C THR P 167 58.98 -11.99 12.44
N SER P 168 60.06 -11.38 11.98
CA SER P 168 60.98 -12.01 11.04
C SER P 168 61.52 -13.33 11.57
N GLY P 169 61.55 -14.33 10.70
CA GLY P 169 62.09 -15.64 11.03
C GLY P 169 61.22 -16.51 11.92
N VAL P 170 60.05 -16.00 12.35
CA VAL P 170 59.13 -16.79 13.18
C VAL P 170 58.40 -17.84 12.34
N HIS P 171 58.41 -19.07 12.82
CA HIS P 171 57.54 -20.11 12.29
C HIS P 171 56.77 -20.71 13.45
N THR P 172 55.46 -20.51 13.43
CA THR P 172 54.55 -21.09 14.40
C THR P 172 53.82 -22.23 13.70
N PHE P 173 54.11 -23.46 14.12
CA PHE P 173 53.63 -24.62 13.39
C PHE P 173 52.17 -24.88 13.68
N PRO P 174 51.43 -25.34 12.69
CA PRO P 174 50.03 -25.71 12.89
C PRO P 174 49.97 -26.73 14.04
N ALA P 175 48.92 -26.69 14.84
CA ALA P 175 48.78 -27.63 15.94
C ALA P 175 48.57 -29.02 15.40
N VAL P 176 49.04 -30.02 16.16
CA VAL P 176 48.87 -31.42 15.81
C VAL P 176 48.09 -32.13 16.93
N LEU P 177 47.03 -32.82 16.55
CA LEU P 177 46.21 -33.57 17.52
C LEU P 177 46.95 -34.83 18.00
N GLN P 178 47.18 -34.89 19.30
CA GLN P 178 47.95 -35.98 19.91
C GLN P 178 47.03 -37.12 20.32
N SER P 179 47.64 -38.25 20.66
CA SER P 179 46.93 -39.43 21.14
C SER P 179 45.79 -39.09 22.10
N SER P 180 46.12 -38.28 23.11
CA SER P 180 45.21 -37.93 24.20
C SER P 180 44.01 -37.12 23.77
N GLY P 181 43.99 -36.68 22.51
CA GLY P 181 42.93 -35.83 22.01
C GLY P 181 43.19 -34.37 22.34
N LEU P 182 44.38 -34.10 22.89
CA LEU P 182 44.85 -32.75 23.16
C LEU P 182 45.73 -32.27 22.00
N TYR P 183 45.87 -30.95 21.85
CA TYR P 183 46.72 -30.39 20.80
C TYR P 183 48.08 -29.98 21.33
N SER P 184 49.02 -29.89 20.40
CA SER P 184 50.34 -29.39 20.71
C SER P 184 50.94 -28.74 19.45
N LEU P 185 51.68 -27.66 19.64
CA LEU P 185 52.46 -27.06 18.57
C LEU P 185 53.78 -26.50 19.10
N SER P 186 54.66 -26.09 18.19
CA SER P 186 55.84 -25.32 18.55
C SER P 186 55.94 -24.06 17.72
N SER P 187 56.43 -23.00 18.35
CA SER P 187 56.79 -21.78 17.66
C SER P 187 58.28 -21.52 17.78
N VAL P 188 58.94 -21.41 16.64
CA VAL P 188 60.37 -21.18 16.58
C VAL P 188 60.67 -19.87 15.89
N VAL P 189 61.92 -19.44 16.03
CA VAL P 189 62.47 -18.25 15.39
C VAL P 189 63.99 -18.41 15.23
N THR P 190 64.51 -18.03 14.07
CA THR P 190 65.95 -17.95 13.92
C THR P 190 66.38 -16.52 14.21
N VAL P 191 67.45 -16.40 14.97
CA VAL P 191 68.01 -15.10 15.32
C VAL P 191 69.54 -15.18 15.16
N PRO P 192 70.21 -14.03 15.14
CA PRO P 192 71.67 -14.03 15.11
C PRO P 192 72.25 -14.45 16.45
N SER P 193 73.25 -15.31 16.42
CA SER P 193 73.96 -15.78 17.61
C SER P 193 74.60 -14.64 18.41
N SER P 194 74.97 -13.56 17.72
CA SER P 194 75.54 -12.36 18.36
C SER P 194 74.51 -11.61 19.21
N SER P 195 73.25 -12.02 19.14
CA SER P 195 72.20 -11.37 19.91
C SER P 195 71.82 -12.15 21.17
N LEU P 196 72.17 -13.43 21.22
CA LEU P 196 71.90 -14.23 22.42
C LEU P 196 72.64 -13.66 23.61
N GLY P 197 71.94 -13.47 24.72
CA GLY P 197 72.57 -12.94 25.91
C GLY P 197 72.74 -11.43 25.90
N THR P 198 72.17 -10.78 24.87
CA THR P 198 71.94 -9.33 24.91
C THR P 198 70.47 -9.05 24.64
N GLN P 199 69.91 -9.76 23.67
CA GLN P 199 68.47 -9.69 23.36
C GLN P 199 67.65 -10.73 24.13
N THR P 200 66.58 -10.25 24.76
CA THR P 200 65.62 -11.08 25.48
C THR P 200 64.67 -11.68 24.46
N TYR P 201 64.36 -12.97 24.62
CA TYR P 201 63.41 -13.62 23.72
C TYR P 201 62.30 -14.26 24.50
N ILE P 202 61.11 -13.65 24.44
CA ILE P 202 59.91 -14.15 25.10
C ILE P 202 58.83 -14.54 24.10
N CYS P 203 58.28 -15.74 24.24
CA CYS P 203 57.12 -16.11 23.44
C CYS P 203 55.84 -15.86 24.22
N ASN P 204 54.87 -15.23 23.55
CA ASN P 204 53.58 -14.93 24.17
C ASN P 204 52.51 -15.92 23.73
N VAL P 205 52.07 -16.75 24.66
CA VAL P 205 51.10 -17.80 24.37
C VAL P 205 49.74 -17.43 24.97
N ASN P 206 48.71 -17.46 24.13
CA ASN P 206 47.36 -17.20 24.58
C ASN P 206 46.41 -18.31 24.22
N HIS P 207 45.67 -18.76 25.22
CA HIS P 207 44.69 -19.79 25.00
C HIS P 207 43.36 -19.32 25.57
N LYS P 208 42.66 -18.50 24.78
CA LYS P 208 41.39 -17.91 25.20
C LYS P 208 40.44 -18.95 25.78
N PRO P 209 40.24 -20.09 25.11
CA PRO P 209 39.24 -21.08 25.54
C PRO P 209 39.34 -21.52 27.00
N SER P 210 40.55 -21.55 27.57
CA SER P 210 40.72 -21.95 28.96
C SER P 210 41.06 -20.75 29.84
N ASN P 211 41.06 -19.56 29.25
CA ASN P 211 41.42 -18.34 29.98
C ASN P 211 42.86 -18.40 30.55
N THR P 212 43.76 -19.02 29.78
CA THR P 212 45.16 -19.23 30.12
C THR P 212 46.05 -18.44 29.18
N LYS P 213 46.90 -17.56 29.74
CA LYS P 213 47.96 -16.85 29.00
C LYS P 213 49.30 -17.13 29.66
N VAL P 214 50.35 -17.34 28.86
CA VAL P 214 51.71 -17.53 29.38
C VAL P 214 52.74 -16.72 28.59
N ASP P 215 53.64 -16.05 29.30
CA ASP P 215 54.81 -15.42 28.70
C ASP P 215 56.06 -16.17 29.14
N LYS P 216 56.80 -16.74 28.18
CA LYS P 216 57.98 -17.55 28.52
C LYS P 216 59.28 -17.00 27.95
N LYS P 217 60.16 -16.56 28.84
CA LYS P 217 61.51 -16.19 28.45
C LYS P 217 62.29 -17.45 28.09
N VAL P 218 62.71 -17.53 26.84
CA VAL P 218 63.53 -18.64 26.34
C VAL P 218 64.98 -18.16 26.28
N GLU P 219 65.89 -18.85 26.97
CA GLU P 219 67.30 -18.47 26.95
C GLU P 219 68.26 -19.66 26.99
N PRO P 220 69.56 -19.43 26.70
CA PRO P 220 70.54 -20.52 26.68
C PRO P 220 70.65 -21.20 28.04
N LYS P 221 70.65 -22.53 28.07
CA LYS P 221 70.65 -23.27 29.34
C LYS P 221 72.05 -23.41 29.93
N SER P 222 72.10 -23.52 31.27
CA SER P 222 73.33 -23.79 32.02
C SER P 222 74.65 -23.61 31.24
N CYS P 223 75.03 -24.61 30.44
CA CYS P 223 76.29 -24.57 29.66
C CYS P 223 76.55 -25.80 28.75
N ASP Q 1 33.56 18.50 29.23
CA ASP Q 1 33.77 18.29 27.77
C ASP Q 1 35.05 17.51 27.51
N ILE Q 2 34.91 16.35 26.89
CA ILE Q 2 36.05 15.41 26.79
C ILE Q 2 37.06 15.84 25.74
N GLN Q 3 38.32 15.86 26.16
CA GLN Q 3 39.41 16.34 25.34
C GLN Q 3 40.14 15.18 24.69
N MET Q 4 40.42 15.29 23.39
CA MET Q 4 41.22 14.31 22.69
C MET Q 4 42.54 14.97 22.30
N THR Q 5 43.65 14.29 22.58
CA THR Q 5 44.97 14.83 22.24
C THR Q 5 45.76 13.79 21.43
N GLN Q 6 46.16 14.17 20.22
CA GLN Q 6 46.80 13.25 19.29
C GLN Q 6 48.32 13.40 19.30
N SER Q 7 49.01 12.29 19.06
CA SER Q 7 50.46 12.31 19.02
C SER Q 7 51.04 11.51 17.84
N PRO Q 8 51.99 12.10 17.11
CA PRO Q 8 52.36 13.52 17.27
C PRO Q 8 51.54 14.41 16.35
N SER Q 9 51.84 15.71 16.31
CA SER Q 9 51.11 16.65 15.48
C SER Q 9 51.28 16.37 13.99
N SER Q 10 52.46 15.90 13.60
CA SER Q 10 52.71 15.39 12.25
C SER Q 10 53.94 14.47 12.16
N LEU Q 11 53.89 13.55 11.21
CA LEU Q 11 55.00 12.63 10.95
C LEU Q 11 55.32 12.62 9.46
N SER Q 12 56.60 12.37 9.15
CA SER Q 12 57.02 12.16 7.76
C SER Q 12 57.40 10.71 7.57
N ALA Q 13 56.81 10.07 6.57
CA ALA Q 13 57.05 8.66 6.29
C ALA Q 13 57.06 8.33 4.79
N SER Q 14 57.51 7.11 4.46
CA SER Q 14 57.65 6.67 3.07
C SER Q 14 56.64 5.57 2.75
N VAL Q 15 56.28 5.43 1.47
CA VAL Q 15 55.41 4.35 1.00
C VAL Q 15 56.00 2.99 1.42
N GLY Q 16 55.16 2.16 2.04
CA GLY Q 16 55.59 0.87 2.56
C GLY Q 16 55.83 0.88 4.07
N ASP Q 17 56.06 2.09 4.62
CA ASP Q 17 56.27 2.29 6.05
C ASP Q 17 55.05 1.88 6.85
N ARG Q 18 55.27 1.39 8.06
CA ARG Q 18 54.20 1.21 9.04
C ARG Q 18 54.13 2.46 9.89
N VAL Q 19 52.92 2.96 10.09
CA VAL Q 19 52.71 4.29 10.66
C VAL Q 19 51.79 4.19 11.87
N THR Q 20 52.11 4.90 12.94
CA THR Q 20 51.33 4.82 14.18
C THR Q 20 51.02 6.17 14.82
N ILE Q 21 49.74 6.52 14.84
CA ILE Q 21 49.26 7.73 15.46
C ILE Q 21 48.54 7.36 16.73
N THR Q 22 48.84 8.05 17.83
CA THR Q 22 48.09 7.85 19.07
C THR Q 22 47.06 8.95 19.34
N CYS Q 23 46.24 8.69 20.35
CA CYS Q 23 45.13 9.57 20.73
C CYS Q 23 44.81 9.33 22.17
N ARG Q 24 44.69 10.41 22.93
CA ARG Q 24 44.46 10.29 24.35
C ARG Q 24 43.28 11.12 24.81
N ALA Q 25 42.28 10.43 25.36
CA ALA Q 25 41.07 11.04 25.89
C ALA Q 25 41.27 11.55 27.32
N SER Q 26 40.65 12.68 27.65
CA SER Q 26 40.80 13.30 28.97
C SER Q 26 40.10 12.55 30.11
N GLN Q 27 39.10 11.74 29.77
CA GLN Q 27 38.51 10.74 30.67
C GLN Q 27 38.13 9.51 29.86
N ASP Q 28 37.82 8.41 30.55
CA ASP Q 28 37.53 7.13 29.89
C ASP Q 28 36.35 7.19 28.91
N VAL Q 29 36.50 6.56 27.74
CA VAL Q 29 35.45 6.58 26.72
C VAL Q 29 35.17 5.19 26.14
N SER Q 30 35.37 4.15 26.96
CA SER Q 30 35.18 2.75 26.56
C SER Q 30 36.01 2.42 25.32
N THR Q 31 35.38 1.87 24.29
CA THR Q 31 36.01 1.71 22.97
C THR Q 31 35.27 2.52 21.92
N ALA Q 32 34.53 3.53 22.35
CA ALA Q 32 33.72 4.37 21.47
C ALA Q 32 34.58 5.46 20.83
N VAL Q 33 35.57 5.04 20.05
CA VAL Q 33 36.44 5.97 19.34
C VAL Q 33 36.44 5.62 17.85
N ALA Q 34 36.44 6.66 17.02
CA ALA Q 34 36.48 6.53 15.58
C ALA Q 34 37.67 7.28 14.97
N TRP Q 35 38.21 6.76 13.87
CA TRP Q 35 39.26 7.45 13.14
C TRP Q 35 38.79 7.89 11.77
N TYR Q 36 39.20 9.09 11.40
CA TYR Q 36 38.84 9.67 10.12
C TYR Q 36 40.10 10.17 9.44
N GLN Q 37 40.02 10.31 8.12
CA GLN Q 37 41.07 10.87 7.31
C GLN Q 37 40.47 12.08 6.61
N GLN Q 38 41.20 13.19 6.59
CA GLN Q 38 40.77 14.37 5.86
C GLN Q 38 41.86 14.89 4.90
N LYS Q 39 41.47 15.06 3.65
CA LYS Q 39 42.35 15.62 2.63
C LYS Q 39 41.93 17.06 2.36
N PRO Q 40 42.87 17.90 1.92
CA PRO Q 40 42.58 19.33 1.73
C PRO Q 40 41.34 19.54 0.88
N GLY Q 41 40.48 20.45 1.31
CA GLY Q 41 39.28 20.82 0.57
C GLY Q 41 38.19 19.76 0.51
N LYS Q 42 38.28 18.74 1.35
CA LYS Q 42 37.29 17.68 1.29
C LYS Q 42 36.82 17.24 2.65
N ALA Q 43 35.64 16.63 2.69
CA ALA Q 43 35.03 16.15 3.94
C ALA Q 43 35.85 14.99 4.53
N PRO Q 44 35.92 14.91 5.87
CA PRO Q 44 36.55 13.76 6.53
C PRO Q 44 35.84 12.46 6.18
N LYS Q 45 36.58 11.35 6.20
CA LYS Q 45 36.04 10.05 5.80
C LYS Q 45 36.31 9.05 6.91
N LEU Q 46 35.27 8.29 7.30
CA LEU Q 46 35.41 7.34 8.39
C LEU Q 46 36.30 6.14 8.01
N LEU Q 47 37.21 5.76 8.92
CA LEU Q 47 38.11 4.63 8.67
C LEU Q 47 37.86 3.50 9.66
N ILE Q 48 37.79 3.86 10.94
CA ILE Q 48 37.62 2.88 12.01
C ILE Q 48 36.57 3.38 12.99
N TYR Q 49 35.73 2.46 13.44
CA TYR Q 49 34.71 2.78 14.43
C TYR Q 49 34.84 1.76 15.54
N SER Q 50 34.27 2.10 16.70
CA SER Q 50 34.41 1.31 17.92
C SER Q 50 35.86 0.87 18.20
N ALA Q 51 36.77 1.85 18.26
CA ALA Q 51 38.21 1.64 18.52
C ALA Q 51 38.96 0.74 17.54
N SER Q 52 38.40 -0.43 17.24
CA SER Q 52 39.15 -1.44 16.53
C SER Q 52 38.46 -2.07 15.31
N PHE Q 53 37.34 -1.51 14.87
CA PHE Q 53 36.61 -2.11 13.76
C PHE Q 53 36.77 -1.37 12.45
N LEU Q 54 37.11 -2.10 11.41
CA LEU Q 54 37.34 -1.51 10.10
C LEU Q 54 35.99 -1.18 9.49
N TYR Q 55 35.81 0.08 9.12
CA TYR Q 55 34.58 0.50 8.47
C TYR Q 55 34.53 -0.06 7.05
N SER Q 56 33.31 -0.30 6.57
CA SER Q 56 33.07 -0.90 5.26
C SER Q 56 33.81 -0.23 4.13
N GLY Q 57 34.39 -1.05 3.25
CA GLY Q 57 35.09 -0.56 2.08
C GLY Q 57 36.46 0.03 2.35
N VAL Q 58 36.81 0.23 3.62
CA VAL Q 58 38.14 0.75 4.00
C VAL Q 58 39.17 -0.37 3.89
N PRO Q 59 40.35 -0.09 3.30
CA PRO Q 59 41.38 -1.13 3.08
C PRO Q 59 41.92 -1.69 4.38
N SER Q 60 42.23 -2.98 4.39
CA SER Q 60 42.62 -3.71 5.59
C SER Q 60 43.99 -3.31 6.15
N ARG Q 61 44.66 -2.37 5.50
CA ARG Q 61 45.95 -1.87 6.00
C ARG Q 61 45.78 -0.88 7.17
N PHE Q 62 44.56 -0.38 7.36
CA PHE Q 62 44.21 0.46 8.50
C PHE Q 62 43.67 -0.39 9.64
N SER Q 63 44.19 -0.15 10.85
CA SER Q 63 43.74 -0.89 12.03
C SER Q 63 43.69 -0.05 13.30
N GLY Q 64 42.89 -0.50 14.27
CA GLY Q 64 42.73 0.20 15.53
C GLY Q 64 42.88 -0.66 16.78
N SER Q 65 43.24 0.00 17.88
CA SER Q 65 43.33 -0.64 19.18
C SER Q 65 43.20 0.39 20.31
N GLY Q 66 42.99 -0.12 21.52
CA GLY Q 66 42.86 0.72 22.69
C GLY Q 66 41.46 0.72 23.28
N SER Q 67 41.38 1.25 24.50
CA SER Q 67 40.15 1.38 25.27
C SER Q 67 40.42 2.28 26.46
N GLY Q 68 39.39 2.92 26.97
CA GLY Q 68 39.56 3.79 28.12
C GLY Q 68 40.01 5.14 27.63
N THR Q 69 41.30 5.44 27.75
CA THR Q 69 41.80 6.75 27.35
C THR Q 69 42.78 6.70 26.18
N ASP Q 70 43.45 5.56 26.00
CA ASP Q 70 44.55 5.46 25.03
C ASP Q 70 44.19 4.66 23.78
N PHE Q 71 44.34 5.29 22.63
CA PHE Q 71 43.97 4.69 21.35
C PHE Q 71 45.07 4.86 20.29
N THR Q 72 45.11 3.96 19.32
CA THR Q 72 46.11 4.01 18.24
C THR Q 72 45.55 3.60 16.89
N LEU Q 73 45.86 4.41 15.87
CA LEU Q 73 45.59 4.10 14.47
C LEU Q 73 46.89 3.59 13.86
N THR Q 74 46.80 2.49 13.13
CA THR Q 74 47.99 1.90 12.50
C THR Q 74 47.78 1.65 11.00
N ILE Q 75 48.74 2.09 10.21
CA ILE Q 75 48.80 1.76 8.78
C ILE Q 75 50.01 0.87 8.58
N SER Q 76 49.76 -0.36 8.14
CA SER Q 76 50.79 -1.39 8.09
C SER Q 76 51.74 -1.23 6.91
N SER Q 77 51.21 -0.85 5.75
CA SER Q 77 52.01 -0.55 4.57
C SER Q 77 51.45 0.67 3.87
N LEU Q 78 52.01 1.82 4.23
CA LEU Q 78 51.50 3.13 3.83
C LEU Q 78 51.48 3.32 2.31
N GLN Q 79 50.30 3.61 1.78
CA GLN Q 79 50.12 3.78 0.33
C GLN Q 79 50.30 5.24 -0.07
N PRO Q 80 50.42 5.52 -1.37
CA PRO Q 80 50.57 6.91 -1.86
C PRO Q 80 49.35 7.77 -1.57
N GLU Q 81 48.15 7.19 -1.61
CA GLU Q 81 46.94 7.97 -1.34
C GLU Q 81 46.60 8.07 0.16
N ASP Q 82 47.56 7.76 1.02
CA ASP Q 82 47.35 7.77 2.48
C ASP Q 82 47.91 9.02 3.16
N PHE Q 83 48.49 9.93 2.37
CA PHE Q 83 49.10 11.13 2.90
C PHE Q 83 48.05 12.21 3.14
N ALA Q 84 47.60 12.31 4.38
CA ALA Q 84 46.51 13.19 4.77
C ALA Q 84 46.59 13.56 6.25
N THR Q 85 45.58 14.30 6.72
CA THR Q 85 45.43 14.58 8.13
C THR Q 85 44.48 13.53 8.71
N TYR Q 86 44.80 13.06 9.91
CA TYR Q 86 44.02 12.02 10.56
C TYR Q 86 43.50 12.52 11.88
N TYR Q 87 42.24 12.18 12.17
CA TYR Q 87 41.54 12.61 13.38
C TYR Q 87 40.95 11.42 14.12
N CYS Q 88 41.21 11.36 15.41
CA CYS Q 88 40.47 10.47 16.29
C CYS Q 88 39.28 11.23 16.83
N GLN Q 89 38.24 10.50 17.19
CA GLN Q 89 37.02 11.10 17.66
C GLN Q 89 36.39 10.27 18.75
N GLN Q 90 35.72 10.95 19.66
CA GLN Q 90 35.09 10.33 20.80
C GLN Q 90 33.58 10.43 20.60
N SER Q 91 32.88 9.30 20.63
CA SER Q 91 31.42 9.31 20.52
C SER Q 91 30.73 8.62 21.70
N TYR Q 92 31.42 8.61 22.83
CA TYR Q 92 30.87 8.04 24.05
C TYR Q 92 29.82 8.95 24.70
N THR Q 93 30.03 10.27 24.64
CA THR Q 93 29.05 11.28 25.10
C THR Q 93 28.76 12.36 24.11
N THR Q 94 27.90 13.24 24.56
CA THR Q 94 27.60 14.48 23.90
C THR Q 94 28.30 15.59 24.67
N PRO Q 95 28.99 16.49 23.97
CA PRO Q 95 29.14 16.42 22.52
C PRO Q 95 30.32 15.57 22.05
N PRO Q 96 30.28 15.14 20.80
CA PRO Q 96 31.41 14.46 20.17
C PRO Q 96 32.60 15.41 20.05
N THR Q 97 33.80 14.89 20.24
CA THR Q 97 34.98 15.73 20.25
C THR Q 97 36.10 15.05 19.47
N PHE Q 98 36.95 15.86 18.84
CA PHE Q 98 37.96 15.34 17.94
C PHE Q 98 39.34 15.67 18.46
N GLY Q 99 40.34 14.90 18.01
CA GLY Q 99 41.74 15.27 18.17
C GLY Q 99 42.08 16.43 17.26
N GLN Q 100 43.21 17.09 17.52
CA GLN Q 100 43.57 18.29 16.76
C GLN Q 100 44.08 17.92 15.37
N GLY Q 101 44.34 16.63 15.16
CA GLY Q 101 44.75 16.10 13.87
C GLY Q 101 46.20 15.66 13.87
N THR Q 102 46.54 14.77 12.93
CA THR Q 102 47.93 14.34 12.75
C THR Q 102 48.21 14.29 11.27
N LYS Q 103 49.10 15.16 10.81
CA LYS Q 103 49.40 15.23 9.39
C LYS Q 103 50.46 14.21 9.00
N VAL Q 104 50.13 13.38 8.02
CA VAL Q 104 51.07 12.42 7.48
C VAL Q 104 51.69 12.98 6.20
N GLU Q 105 52.94 13.39 6.30
CA GLU Q 105 53.68 13.99 5.19
C GLU Q 105 54.61 12.98 4.52
N ILE Q 106 54.89 13.21 3.23
CA ILE Q 106 55.75 12.33 2.46
C ILE Q 106 57.23 12.73 2.59
N LYS Q 107 58.05 11.79 3.04
CA LYS Q 107 59.46 12.04 3.32
C LYS Q 107 60.37 11.64 2.17
N ARG Q 108 61.45 12.42 2.00
CA ARG Q 108 62.51 12.19 1.01
C ARG Q 108 63.84 12.67 1.60
N THR Q 109 64.91 12.69 0.79
CA THR Q 109 66.21 13.17 1.27
C THR Q 109 66.21 14.68 1.46
N VAL Q 110 67.04 15.16 2.38
CA VAL Q 110 67.16 16.59 2.68
C VAL Q 110 67.44 17.39 1.40
N ALA Q 111 66.74 18.52 1.24
CA ALA Q 111 66.93 19.37 0.08
C ALA Q 111 67.14 20.85 0.46
N ALA Q 112 67.99 21.53 -0.30
CA ALA Q 112 68.38 22.91 -0.04
C ALA Q 112 67.46 23.91 -0.76
N PRO Q 113 67.04 24.96 -0.06
CA PRO Q 113 66.22 26.02 -0.65
C PRO Q 113 67.02 27.03 -1.47
N SER Q 114 66.41 27.63 -2.50
CA SER Q 114 67.04 28.73 -3.21
C SER Q 114 66.40 30.04 -2.73
N VAL Q 115 67.18 30.84 -2.01
CA VAL Q 115 66.68 32.08 -1.42
C VAL Q 115 66.79 33.25 -2.39
N PHE Q 116 65.66 33.89 -2.63
CA PHE Q 116 65.58 35.11 -3.43
C PHE Q 116 64.98 36.22 -2.58
N ILE Q 117 65.45 37.44 -2.78
CA ILE Q 117 64.87 38.61 -2.13
C ILE Q 117 64.25 39.54 -3.19
N PHE Q 118 63.14 40.18 -2.83
CA PHE Q 118 62.43 41.05 -3.76
C PHE Q 118 62.27 42.46 -3.21
N PRO Q 119 62.77 43.45 -3.95
CA PRO Q 119 62.57 44.86 -3.60
C PRO Q 119 61.10 45.28 -3.80
N PRO Q 120 60.61 46.24 -3.00
CA PRO Q 120 59.28 46.81 -3.20
C PRO Q 120 59.07 47.45 -4.58
N SER Q 121 58.01 47.02 -5.26
CA SER Q 121 57.61 47.54 -6.56
C SER Q 121 57.41 49.06 -6.54
N ASP Q 122 57.77 49.71 -7.64
CA ASP Q 122 57.66 51.17 -7.77
C ASP Q 122 56.23 51.68 -7.58
N GLU Q 123 55.27 51.00 -8.22
CA GLU Q 123 53.85 51.35 -8.13
C GLU Q 123 53.37 51.39 -6.68
N GLN Q 124 53.98 50.57 -5.84
CA GLN Q 124 53.59 50.44 -4.44
C GLN Q 124 54.07 51.62 -3.59
N LEU Q 125 55.28 52.08 -3.85
CA LEU Q 125 55.83 53.24 -3.13
C LEU Q 125 55.09 54.52 -3.53
N LYS Q 126 54.57 54.52 -4.77
CA LYS Q 126 53.73 55.60 -5.27
C LYS Q 126 52.47 55.73 -4.40
N SER Q 127 51.82 54.59 -4.14
CA SER Q 127 50.62 54.55 -3.30
C SER Q 127 50.91 54.74 -1.81
N GLY Q 128 52.19 54.64 -1.43
CA GLY Q 128 52.63 54.95 -0.08
C GLY Q 128 52.74 53.78 0.89
N THR Q 129 53.19 52.64 0.40
CA THR Q 129 53.48 51.47 1.25
C THR Q 129 54.54 50.57 0.61
N ALA Q 130 55.37 49.95 1.45
CA ALA Q 130 56.47 49.10 0.98
C ALA Q 130 56.27 47.65 1.40
N SER Q 131 56.68 46.73 0.53
CA SER Q 131 56.56 45.29 0.80
C SER Q 131 57.75 44.48 0.24
N VAL Q 132 58.56 43.97 1.17
CA VAL Q 132 59.73 43.14 0.85
C VAL Q 132 59.38 41.65 0.95
N VAL Q 133 59.78 40.88 -0.05
CA VAL Q 133 59.45 39.46 -0.14
C VAL Q 133 60.71 38.60 -0.12
N CYS Q 134 60.68 37.55 0.70
CA CYS Q 134 61.74 36.56 0.72
C CYS Q 134 61.23 35.20 0.26
N LEU Q 135 61.83 34.68 -0.80
CA LEU Q 135 61.38 33.42 -1.40
C LEU Q 135 62.31 32.27 -1.06
N LEU Q 136 61.73 31.08 -0.89
CA LEU Q 136 62.48 29.87 -0.60
C LEU Q 136 61.96 28.74 -1.48
N ASN Q 137 62.48 28.67 -2.71
CA ASN Q 137 62.04 27.68 -3.70
C ASN Q 137 62.52 26.26 -3.39
N ASN Q 138 61.58 25.32 -3.39
CA ASN Q 138 61.83 23.88 -3.33
C ASN Q 138 62.86 23.40 -2.30
N PHE Q 139 62.36 22.92 -1.16
CA PHE Q 139 63.23 22.49 -0.05
C PHE Q 139 62.58 21.45 0.88
N TYR Q 140 63.40 20.93 1.80
CA TYR Q 140 62.97 19.94 2.78
C TYR Q 140 63.94 19.94 3.98
N PRO Q 141 63.42 19.84 5.21
CA PRO Q 141 61.99 19.78 5.50
C PRO Q 141 61.35 21.15 5.74
N ARG Q 142 60.08 21.14 6.13
CA ARG Q 142 59.27 22.34 6.36
C ARG Q 142 59.96 23.33 7.29
N GLU Q 143 60.59 22.81 8.34
CA GLU Q 143 61.18 23.63 9.41
C GLU Q 143 62.27 24.57 8.88
N ALA Q 144 62.02 25.86 9.06
CA ALA Q 144 62.93 26.91 8.62
C ALA Q 144 62.88 28.10 9.56
N LYS Q 145 63.97 28.86 9.62
CA LYS Q 145 64.05 30.06 10.44
C LYS Q 145 64.30 31.28 9.55
N VAL Q 146 63.23 31.99 9.21
CA VAL Q 146 63.35 33.16 8.35
C VAL Q 146 63.48 34.44 9.17
N GLN Q 147 64.70 34.96 9.22
CA GLN Q 147 65.00 36.18 9.94
C GLN Q 147 65.05 37.38 9.01
N TRP Q 148 64.44 38.49 9.45
CA TRP Q 148 64.46 39.74 8.70
C TRP Q 148 65.38 40.75 9.38
N LYS Q 149 66.24 41.39 8.58
CA LYS Q 149 67.19 42.37 9.10
C LYS Q 149 67.08 43.71 8.39
N VAL Q 150 66.80 44.76 9.16
CA VAL Q 150 66.74 46.13 8.65
C VAL Q 150 67.89 46.92 9.24
N ASP Q 151 68.87 47.24 8.38
CA ASP Q 151 70.14 47.85 8.80
C ASP Q 151 70.84 46.99 9.87
N ASN Q 152 70.60 45.68 9.81
CA ASN Q 152 71.16 44.68 10.74
C ASN Q 152 70.46 44.56 12.09
N ALA Q 153 69.20 44.96 12.15
CA ALA Q 153 68.36 44.79 13.34
C ALA Q 153 67.20 43.82 13.09
N LEU Q 154 67.04 42.85 13.99
CA LEU Q 154 66.08 41.76 13.81
C LEU Q 154 64.63 42.20 14.04
N GLN Q 155 63.81 42.05 13.01
CA GLN Q 155 62.39 42.42 13.08
C GLN Q 155 61.54 41.24 13.52
N SER Q 156 60.70 41.47 14.53
CA SER Q 156 59.82 40.42 15.04
C SER Q 156 58.35 40.81 14.97
N GLY Q 157 57.51 39.89 14.48
CA GLY Q 157 56.06 40.07 14.44
C GLY Q 157 55.50 40.70 13.18
N ASN Q 158 56.23 41.64 12.59
CA ASN Q 158 55.74 42.43 11.45
C ASN Q 158 55.92 41.78 10.07
N SER Q 159 56.04 40.46 10.07
CA SER Q 159 56.11 39.69 8.83
C SER Q 159 55.00 38.63 8.78
N GLN Q 160 54.62 38.23 7.57
CA GLN Q 160 53.64 37.16 7.37
C GLN Q 160 54.23 36.06 6.49
N GLU Q 161 54.26 34.85 7.00
CA GLU Q 161 54.79 33.70 6.25
C GLU Q 161 53.65 32.92 5.59
N SER Q 162 53.94 32.34 4.42
CA SER Q 162 52.98 31.53 3.68
C SER Q 162 53.70 30.35 3.03
N VAL Q 163 53.29 29.14 3.38
CA VAL Q 163 53.97 27.92 2.95
C VAL Q 163 53.16 27.15 1.90
N THR Q 164 53.86 26.64 0.89
CA THR Q 164 53.27 25.83 -0.17
C THR Q 164 52.87 24.46 0.36
N GLU Q 165 51.85 23.86 -0.25
CA GLU Q 165 51.50 22.47 0.03
C GLU Q 165 52.47 21.55 -0.71
N GLN Q 166 53.03 20.58 0.00
CA GLN Q 166 54.03 19.66 -0.56
C GLN Q 166 53.80 19.34 -2.02
N ASP Q 167 54.80 19.63 -2.84
CA ASP Q 167 54.69 19.57 -4.30
C ASP Q 167 54.33 18.19 -4.85
N SER Q 168 53.44 18.16 -5.82
CA SER Q 168 52.90 16.91 -6.38
C SER Q 168 53.88 16.16 -7.31
N LYS Q 169 55.11 16.66 -7.45
CA LYS Q 169 56.10 16.03 -8.30
C LYS Q 169 57.40 15.69 -7.56
N ASP Q 170 57.98 16.66 -6.86
CA ASP Q 170 59.25 16.47 -6.18
C ASP Q 170 59.19 16.51 -4.64
N SER Q 171 57.97 16.55 -4.09
CA SER Q 171 57.72 16.51 -2.64
C SER Q 171 58.38 17.65 -1.85
N THR Q 172 58.50 18.83 -2.47
CA THR Q 172 59.10 19.97 -1.79
C THR Q 172 58.06 21.00 -1.39
N TYR Q 173 58.37 21.75 -0.35
CA TYR Q 173 57.60 22.92 0.02
C TYR Q 173 58.15 24.16 -0.70
N SER Q 174 57.65 25.33 -0.32
CA SER Q 174 58.18 26.62 -0.74
C SER Q 174 57.57 27.66 0.20
N LEU Q 175 58.33 28.69 0.55
CA LEU Q 175 57.89 29.66 1.56
C LEU Q 175 57.95 31.11 1.08
N SER Q 176 57.00 31.92 1.55
CA SER Q 176 57.00 33.36 1.27
C SER Q 176 56.85 34.19 2.55
N SER Q 177 57.95 34.79 2.98
CA SER Q 177 57.91 35.75 4.08
C SER Q 177 57.75 37.17 3.52
N THR Q 178 56.81 37.91 4.09
CA THR Q 178 56.48 39.26 3.62
C THR Q 178 56.66 40.27 4.76
N LEU Q 179 57.67 41.13 4.63
CA LEU Q 179 57.87 42.21 5.61
C LEU Q 179 57.21 43.50 5.14
N THR Q 180 56.20 43.93 5.90
CA THR Q 180 55.44 45.13 5.59
C THR Q 180 55.91 46.33 6.41
N LEU Q 181 56.07 47.47 5.73
CA LEU Q 181 56.40 48.73 6.39
C LEU Q 181 55.74 49.90 5.67
N SER Q 182 55.69 51.06 6.33
CA SER Q 182 55.12 52.26 5.75
C SER Q 182 56.09 52.88 4.74
N LYS Q 183 55.63 53.88 4.01
CA LYS Q 183 56.51 54.71 3.19
C LYS Q 183 57.44 55.48 4.13
N ALA Q 184 56.89 55.92 5.26
CA ALA Q 184 57.63 56.68 6.26
C ALA Q 184 58.79 55.89 6.88
N ASP Q 185 58.56 54.61 7.14
CA ASP Q 185 59.58 53.75 7.76
C ASP Q 185 60.56 53.17 6.75
N TYR Q 186 60.17 53.19 5.47
CA TYR Q 186 60.98 52.59 4.41
C TYR Q 186 62.02 53.54 3.85
N GLU Q 187 61.65 54.81 3.73
CA GLU Q 187 62.53 55.83 3.13
C GLU Q 187 63.69 56.25 4.04
N LYS Q 188 63.94 55.47 5.09
CA LYS Q 188 64.95 55.83 6.10
C LYS Q 188 65.86 54.68 6.57
N HIS Q 189 66.00 53.64 5.75
CA HIS Q 189 66.91 52.53 6.07
C HIS Q 189 67.61 52.02 4.80
N LYS Q 190 68.88 51.66 4.90
CA LYS Q 190 69.67 51.25 3.73
C LYS Q 190 69.58 49.75 3.37
N VAL Q 191 70.43 48.93 3.97
CA VAL Q 191 70.56 47.51 3.57
C VAL Q 191 69.46 46.62 4.17
N TYR Q 192 68.57 46.14 3.29
CA TYR Q 192 67.49 45.23 3.65
C TYR Q 192 67.88 43.77 3.35
N ALA Q 193 67.95 42.95 4.40
CA ALA Q 193 68.42 41.57 4.28
C ALA Q 193 67.32 40.54 4.58
N CYS Q 194 67.67 39.27 4.41
CA CYS Q 194 66.80 38.14 4.75
C CYS Q 194 67.63 36.94 5.16
N GLU Q 195 67.71 36.71 6.46
CA GLU Q 195 68.58 35.68 7.04
C GLU Q 195 67.87 34.33 7.18
N VAL Q 196 68.11 33.44 6.21
CA VAL Q 196 67.49 32.12 6.19
C VAL Q 196 68.38 31.07 6.86
N THR Q 197 67.90 30.53 7.97
CA THR Q 197 68.55 29.39 8.61
C THR Q 197 67.74 28.15 8.29
N HIS Q 198 68.40 27.17 7.68
CA HIS Q 198 67.77 25.90 7.32
C HIS Q 198 68.68 24.71 7.61
N GLN Q 199 68.04 23.58 7.90
CA GLN Q 199 68.71 22.30 8.11
C GLN Q 199 69.53 21.86 6.88
N GLY Q 200 68.99 22.11 5.69
CA GLY Q 200 69.66 21.80 4.44
C GLY Q 200 70.59 22.92 3.96
N LEU Q 201 71.06 23.73 4.90
CA LEU Q 201 72.08 24.73 4.63
C LEU Q 201 73.27 24.51 5.55
N SER Q 202 74.48 24.57 4.99
CA SER Q 202 75.71 24.38 5.77
C SER Q 202 75.98 25.56 6.69
N SER Q 203 76.02 26.76 6.10
CA SER Q 203 76.12 28.00 6.86
C SER Q 203 74.84 28.82 6.63
N PRO Q 204 74.12 29.13 7.71
CA PRO Q 204 72.90 29.96 7.62
C PRO Q 204 73.13 31.18 6.73
N VAL Q 205 72.62 31.11 5.50
CA VAL Q 205 72.95 32.06 4.45
C VAL Q 205 71.95 33.23 4.30
N THR Q 206 72.49 34.40 3.93
CA THR Q 206 71.74 35.65 3.81
C THR Q 206 71.65 36.17 2.38
N LYS Q 207 70.51 36.78 2.04
CA LYS Q 207 70.30 37.38 0.73
C LYS Q 207 69.71 38.79 0.90
N SER Q 208 70.51 39.80 0.57
CA SER Q 208 70.14 41.20 0.79
C SER Q 208 70.08 42.02 -0.50
N PHE Q 209 69.73 43.31 -0.35
CA PHE Q 209 69.82 44.27 -1.45
C PHE Q 209 70.10 45.69 -0.96
N ASN Q 210 70.93 46.41 -1.71
CA ASN Q 210 71.13 47.84 -1.48
C ASN Q 210 69.94 48.65 -2.00
N ARG Q 211 69.54 49.66 -1.25
CA ARG Q 211 68.43 50.53 -1.66
C ARG Q 211 68.93 51.72 -2.48
N GLU R 1 21.32 6.27 -3.51
CA GLU R 1 22.70 6.84 -3.33
C GLU R 1 22.75 7.70 -2.07
N VAL R 2 23.21 7.08 -0.98
CA VAL R 2 23.33 7.76 0.31
C VAL R 2 24.29 8.94 0.24
N GLN R 3 23.77 10.13 0.56
CA GLN R 3 24.60 11.33 0.65
C GLN R 3 23.95 12.53 1.34
N LEU R 4 24.80 13.45 1.76
CA LEU R 4 24.42 14.67 2.44
C LEU R 4 25.01 15.80 1.60
N VAL R 5 24.16 16.66 1.06
CA VAL R 5 24.64 17.79 0.26
C VAL R 5 24.27 19.09 0.93
N GLU R 6 25.26 19.96 1.11
CA GLU R 6 25.08 21.26 1.76
C GLU R 6 25.02 22.45 0.82
N SER R 7 24.31 23.49 1.25
CA SER R 7 24.34 24.81 0.63
C SER R 7 24.03 25.83 1.69
N GLY R 8 24.17 27.12 1.36
CA GLY R 8 23.77 28.19 2.26
C GLY R 8 24.86 29.13 2.74
N GLY R 9 26.12 28.77 2.55
CA GLY R 9 27.22 29.59 3.02
C GLY R 9 27.46 30.81 2.14
N GLY R 10 28.07 31.84 2.73
CA GLY R 10 28.44 33.04 2.00
C GLY R 10 29.17 34.02 2.90
N LEU R 11 29.28 35.27 2.44
CA LEU R 11 29.88 36.37 3.22
C LEU R 11 28.80 37.14 3.96
N VAL R 12 29.04 37.41 5.25
CA VAL R 12 28.18 38.33 6.01
C VAL R 12 28.95 39.27 6.91
N GLN R 13 28.30 40.38 7.24
CA GLN R 13 28.80 41.30 8.26
C GLN R 13 28.60 40.66 9.62
N PRO R 14 29.47 40.98 10.58
CA PRO R 14 29.21 40.64 11.98
C PRO R 14 27.82 41.13 12.39
N GLY R 15 27.03 40.24 12.98
CA GLY R 15 25.66 40.54 13.33
C GLY R 15 24.65 40.04 12.31
N GLY R 16 25.14 39.57 11.16
CA GLY R 16 24.27 39.08 10.10
C GLY R 16 23.72 37.67 10.27
N SER R 17 22.92 37.25 9.29
CA SER R 17 22.23 35.96 9.29
C SER R 17 22.60 35.08 8.10
N LEU R 18 22.68 33.78 8.36
CA LEU R 18 22.80 32.75 7.32
C LEU R 18 21.99 31.52 7.72
N ARG R 19 21.46 30.82 6.73
CA ARG R 19 20.78 29.55 6.98
C ARG R 19 21.46 28.49 6.13
N LEU R 20 22.32 27.71 6.79
CA LEU R 20 22.98 26.57 6.21
C LEU R 20 22.01 25.41 6.00
N SER R 21 22.18 24.68 4.90
CA SER R 21 21.31 23.54 4.55
C SER R 21 22.11 22.26 4.43
N CYS R 22 21.45 21.15 4.72
CA CYS R 22 22.04 19.83 4.67
C CYS R 22 21.02 18.84 4.13
N ALA R 23 20.98 18.64 2.82
CA ALA R 23 19.95 17.81 2.20
C ALA R 23 20.34 16.34 2.10
N ALA R 24 19.52 15.48 2.66
CA ALA R 24 19.77 14.05 2.62
C ALA R 24 19.11 13.38 1.42
N SER R 25 19.78 12.38 0.87
CA SER R 25 19.21 11.50 -0.14
C SER R 25 19.59 10.08 0.24
N GLY R 26 18.71 9.12 -0.05
CA GLY R 26 19.00 7.73 0.18
C GLY R 26 18.81 7.24 1.60
N PHE R 27 18.52 8.14 2.52
CA PHE R 27 18.07 7.76 3.86
C PHE R 27 17.14 8.82 4.40
N THR R 28 16.64 8.62 5.61
CA THR R 28 15.71 9.54 6.21
C THR R 28 16.40 10.27 7.35
N ILE R 29 16.70 11.56 7.19
CA ILE R 29 17.38 12.37 8.22
C ILE R 29 16.81 12.10 9.61
N SER R 30 15.49 11.86 9.68
CA SER R 30 14.82 11.82 10.96
C SER R 30 15.07 10.55 11.74
N ASP R 31 15.69 9.56 11.09
CA ASP R 31 16.17 8.37 11.80
C ASP R 31 17.50 8.59 12.50
N TYR R 32 18.14 9.74 12.24
CA TYR R 32 19.51 9.99 12.68
C TYR R 32 19.67 11.29 13.44
N TRP R 33 20.74 11.38 14.22
CA TRP R 33 21.25 12.67 14.64
C TRP R 33 21.81 13.33 13.39
N ILE R 34 21.61 14.64 13.27
CA ILE R 34 22.46 15.44 12.41
C ILE R 34 23.29 16.32 13.31
N HIS R 35 24.60 16.34 13.08
CA HIS R 35 25.51 17.24 13.76
C HIS R 35 26.05 18.29 12.80
N TRP R 36 26.23 19.51 13.28
CA TRP R 36 26.98 20.51 12.53
C TRP R 36 28.36 20.63 13.16
N VAL R 37 29.39 20.52 12.33
CA VAL R 37 30.78 20.52 12.78
C VAL R 37 31.58 21.43 11.87
N ARG R 38 32.33 22.34 12.48
CA ARG R 38 32.99 23.38 11.70
C ARG R 38 34.52 23.31 11.72
N GLN R 39 35.14 23.88 10.70
CA GLN R 39 36.58 23.86 10.58
C GLN R 39 37.14 25.23 10.20
N ALA R 40 37.55 26.00 11.21
CA ALA R 40 38.21 27.29 11.01
C ALA R 40 39.42 27.08 10.12
N PRO R 41 39.71 28.06 9.26
CA PRO R 41 40.88 27.99 8.37
C PRO R 41 42.16 27.50 9.07
N GLY R 42 42.67 26.36 8.61
CA GLY R 42 43.87 25.75 9.17
C GLY R 42 43.73 25.23 10.59
N LYS R 43 42.50 24.98 11.05
CA LYS R 43 42.28 24.44 12.39
C LYS R 43 41.57 23.08 12.35
N GLY R 44 41.25 22.54 13.52
CA GLY R 44 40.65 21.22 13.64
C GLY R 44 39.14 21.24 13.48
N LEU R 45 38.48 20.19 13.95
CA LEU R 45 37.02 20.10 13.84
C LEU R 45 36.31 20.42 15.17
N GLU R 46 35.41 21.41 15.13
CA GLU R 46 34.69 21.88 16.30
C GLU R 46 33.21 21.56 16.13
N TRP R 47 32.65 20.76 17.03
CA TRP R 47 31.23 20.46 17.05
C TRP R 47 30.45 21.71 17.42
N VAL R 48 29.38 21.96 16.66
CA VAL R 48 28.58 23.17 16.82
C VAL R 48 27.21 22.90 17.47
N ALA R 49 26.48 21.94 16.92
CA ALA R 49 25.13 21.66 17.36
C ALA R 49 24.73 20.25 16.93
N GLY R 50 23.75 19.68 17.62
CA GLY R 50 23.21 18.38 17.26
C GLY R 50 21.71 18.32 17.48
N ILE R 51 21.03 17.61 16.59
CA ILE R 51 19.60 17.35 16.70
C ILE R 51 19.37 15.86 16.67
N THR R 52 18.53 15.43 17.59
CA THR R 52 18.26 14.05 17.90
C THR R 52 17.38 13.38 16.84
N PRO R 53 17.40 12.04 16.73
CA PRO R 53 16.44 11.36 15.86
C PRO R 53 15.02 11.82 16.14
N ALA R 54 14.22 11.98 15.10
CA ALA R 54 12.81 12.38 15.24
C ALA R 54 12.59 13.79 15.84
N GLY R 55 13.66 14.55 16.04
CA GLY R 55 13.53 15.90 16.54
C GLY R 55 13.19 16.02 18.01
N GLY R 56 13.61 15.04 18.80
CA GLY R 56 13.34 15.02 20.23
C GLY R 56 14.15 15.98 21.07
N TYR R 57 15.38 16.28 20.65
CA TYR R 57 16.21 17.22 21.40
C TYR R 57 17.25 17.92 20.56
N THR R 58 17.63 19.11 21.00
CA THR R 58 18.74 19.83 20.39
C THR R 58 19.80 20.17 21.43
N TYR R 59 21.05 20.26 20.96
CA TYR R 59 22.17 20.61 21.81
C TYR R 59 23.05 21.60 21.06
N TYR R 60 23.80 22.42 21.81
CA TYR R 60 24.60 23.48 21.23
C TYR R 60 25.90 23.67 21.98
N ALA R 61 26.98 23.96 21.26
CA ALA R 61 28.24 24.34 21.88
C ALA R 61 28.00 25.64 22.63
N ASP R 62 28.72 25.85 23.73
CA ASP R 62 28.62 27.10 24.47
C ASP R 62 28.81 28.35 23.59
N SER R 63 29.88 28.36 22.81
CA SER R 63 30.21 29.47 21.90
C SER R 63 29.03 29.95 21.03
N VAL R 64 28.07 29.06 20.83
CA VAL R 64 27.07 29.21 19.80
C VAL R 64 25.66 29.26 20.39
N LYS R 65 25.55 28.80 21.64
CA LYS R 65 24.29 28.75 22.39
C LYS R 65 23.59 30.11 22.47
N GLY R 66 22.35 30.14 22.00
CA GLY R 66 21.55 31.34 22.03
C GLY R 66 21.56 32.07 20.71
N ARG R 67 22.50 31.72 19.83
CA ARG R 67 22.72 32.42 18.56
C ARG R 67 22.32 31.60 17.34
N PHE R 68 22.61 30.29 17.38
CA PHE R 68 22.27 29.39 16.29
C PHE R 68 21.10 28.49 16.67
N THR R 69 20.29 28.13 15.69
CA THR R 69 19.25 27.13 15.87
C THR R 69 19.49 25.98 14.90
N ILE R 70 19.49 24.76 15.42
CA ILE R 70 19.56 23.57 14.58
C ILE R 70 18.17 22.99 14.49
N SER R 71 17.79 22.59 13.28
CA SER R 71 16.45 22.09 13.04
C SER R 71 16.48 21.21 11.79
N ALA R 72 15.31 20.85 11.30
CA ALA R 72 15.17 20.12 10.04
C ALA R 72 13.75 20.27 9.50
N ASP R 73 13.59 20.01 8.21
CA ASP R 73 12.27 19.99 7.56
C ASP R 73 12.14 18.60 6.97
N THR R 74 11.33 17.75 7.60
CA THR R 74 11.21 16.35 7.18
C THR R 74 10.62 16.18 5.79
N SER R 75 9.70 17.07 5.41
CA SER R 75 9.05 16.99 4.11
C SER R 75 10.03 17.28 2.98
N LYS R 76 11.15 17.90 3.31
CA LYS R 76 12.22 18.20 2.36
C LYS R 76 13.38 17.25 2.61
N ASN R 77 13.24 16.38 3.61
CA ASN R 77 14.34 15.54 4.09
C ASN R 77 15.67 16.30 4.22
N THR R 78 15.62 17.50 4.80
CA THR R 78 16.75 18.39 4.86
C THR R 78 16.90 18.91 6.28
N ALA R 79 18.13 18.90 6.79
CA ALA R 79 18.43 19.55 8.06
C ALA R 79 18.96 20.98 7.83
N TYR R 80 18.89 21.81 8.87
CA TYR R 80 19.35 23.20 8.80
C TYR R 80 20.18 23.65 10.00
N LEU R 81 20.99 24.70 9.78
CA LEU R 81 21.58 25.49 10.86
C LEU R 81 21.24 26.95 10.61
N GLN R 82 20.30 27.49 11.38
CA GLN R 82 19.94 28.90 11.30
C GLN R 82 20.97 29.62 12.14
N MET R 83 21.67 30.57 11.53
CA MET R 83 22.78 31.27 12.17
C MET R 83 22.49 32.75 12.33
N ASN R 84 22.20 33.15 13.55
CA ASN R 84 21.89 34.54 13.86
C ASN R 84 23.02 35.24 14.59
N SER R 85 23.11 36.55 14.40
CA SER R 85 24.04 37.36 15.18
C SER R 85 25.45 36.80 14.99
N LEU R 86 25.89 36.77 13.74
CA LEU R 86 27.15 36.13 13.39
C LEU R 86 28.35 36.96 13.84
N ARG R 87 29.30 36.28 14.46
CA ARG R 87 30.52 36.91 14.93
C ARG R 87 31.65 36.53 13.98
N ALA R 88 32.75 37.27 14.01
CA ALA R 88 33.86 36.98 13.11
C ALA R 88 34.46 35.57 13.32
N GLU R 89 34.49 35.12 14.57
CA GLU R 89 35.14 33.85 14.89
C GLU R 89 34.24 32.63 14.64
N ASP R 90 33.06 32.87 14.06
CA ASP R 90 32.20 31.80 13.56
C ASP R 90 32.63 31.40 12.15
N THR R 91 33.52 32.20 11.57
CA THR R 91 34.05 31.99 10.23
C THR R 91 34.71 30.61 10.13
N ALA R 92 34.14 29.75 9.30
CA ALA R 92 34.63 28.38 9.13
C ALA R 92 33.99 27.66 7.93
N VAL R 93 34.46 26.45 7.66
CA VAL R 93 33.76 25.52 6.79
C VAL R 93 32.83 24.70 7.68
N TYR R 94 31.56 24.62 7.31
CA TYR R 94 30.58 23.91 8.13
C TYR R 94 30.18 22.62 7.45
N TYR R 95 30.39 21.52 8.17
CA TYR R 95 29.97 20.22 7.73
C TYR R 95 28.77 19.79 8.54
N CYS R 96 27.84 19.11 7.90
CA CYS R 96 26.87 18.35 8.62
C CYS R 96 27.24 16.87 8.46
N ALA R 97 26.75 16.05 9.37
CA ALA R 97 27.13 14.64 9.44
C ALA R 97 26.06 13.89 10.20
N ARG R 98 25.81 12.65 9.80
CA ARG R 98 24.79 11.87 10.49
C ARG R 98 25.44 11.01 11.55
N PHE R 99 24.66 10.66 12.57
CA PHE R 99 25.17 9.87 13.67
C PHE R 99 23.99 9.23 14.34
N VAL R 100 24.26 8.12 14.99
CA VAL R 100 23.27 7.42 15.78
C VAL R 100 24.03 6.64 16.85
N PHE R 101 23.41 6.36 17.99
CA PHE R 101 24.14 5.61 19.03
C PHE R 101 24.19 4.11 18.75
N PHE R 102 23.42 3.64 17.78
CA PHE R 102 23.58 2.30 17.26
C PHE R 102 24.88 2.25 16.47
N LEU R 103 25.41 1.06 16.24
CA LEU R 103 26.60 0.89 15.40
C LEU R 103 26.41 1.55 14.04
N PRO R 104 27.47 2.15 13.46
CA PRO R 104 28.83 2.16 14.01
C PRO R 104 29.10 3.22 15.09
N TYR R 105 28.05 3.89 15.56
CA TYR R 105 28.19 5.05 16.45
C TYR R 105 29.33 5.97 16.08
N ALA R 106 29.38 6.31 14.79
CA ALA R 106 30.36 7.24 14.27
C ALA R 106 29.69 8.06 13.17
N MET R 107 30.38 9.10 12.71
CA MET R 107 29.84 9.92 11.66
C MET R 107 30.28 9.32 10.35
N ASP R 108 29.40 8.47 9.81
CA ASP R 108 29.74 7.67 8.63
C ASP R 108 29.51 8.43 7.33
N TYR R 109 28.52 9.34 7.34
CA TYR R 109 28.29 10.21 6.19
C TYR R 109 28.42 11.69 6.54
N TRP R 110 29.18 12.41 5.71
CA TRP R 110 29.39 13.84 5.91
C TRP R 110 28.88 14.59 4.69
N GLY R 111 28.56 15.87 4.85
CA GLY R 111 28.34 16.74 3.71
C GLY R 111 29.68 17.25 3.23
N GLN R 112 29.73 17.93 2.08
CA GLN R 112 31.00 18.48 1.56
C GLN R 112 31.48 19.76 2.24
N GLY R 113 30.58 20.46 2.94
CA GLY R 113 30.90 21.73 3.58
C GLY R 113 30.44 22.95 2.79
N THR R 114 29.98 23.99 3.50
CA THR R 114 29.85 25.33 2.94
C THR R 114 30.77 26.25 3.72
N LEU R 115 31.36 27.20 2.98
CA LEU R 115 32.19 28.22 3.56
C LEU R 115 31.28 29.30 4.12
N VAL R 116 31.51 29.66 5.37
CA VAL R 116 30.85 30.79 5.97
C VAL R 116 31.96 31.76 6.34
N THR R 117 31.88 32.99 5.86
CA THR R 117 32.84 34.03 6.24
C THR R 117 32.13 35.21 6.89
N VAL R 118 32.67 35.66 8.02
CA VAL R 118 32.16 36.83 8.72
C VAL R 118 33.28 37.85 8.87
N SER R 119 33.15 38.96 8.15
CA SER R 119 34.08 40.08 8.24
C SER R 119 33.33 41.37 7.98
N SER R 120 33.77 42.45 8.62
CA SER R 120 33.18 43.75 8.38
C SER R 120 33.84 44.46 7.20
N ALA R 121 34.96 43.90 6.72
CA ALA R 121 35.68 44.48 5.58
C ALA R 121 34.88 44.37 4.28
N SER R 122 34.92 45.43 3.48
CA SER R 122 34.16 45.50 2.23
C SER R 122 34.88 44.79 1.08
N THR R 123 34.11 44.41 0.06
CA THR R 123 34.65 43.83 -1.17
C THR R 123 35.59 44.79 -1.92
N LYS R 124 36.89 44.47 -1.88
CA LYS R 124 37.88 45.24 -2.63
C LYS R 124 38.64 44.34 -3.59
N GLY R 125 39.02 44.90 -4.74
CA GLY R 125 39.86 44.20 -5.70
C GLY R 125 41.33 44.43 -5.41
N PRO R 126 42.17 43.44 -5.71
CA PRO R 126 43.59 43.48 -5.38
C PRO R 126 44.36 44.57 -6.12
N SER R 127 45.40 45.10 -5.48
CA SER R 127 46.43 45.88 -6.17
C SER R 127 47.56 44.92 -6.50
N VAL R 128 47.86 44.77 -7.79
CA VAL R 128 48.85 43.78 -8.26
C VAL R 128 50.21 44.43 -8.57
N PHE R 129 51.23 43.99 -7.85
CA PHE R 129 52.57 44.55 -7.98
C PHE R 129 53.57 43.51 -8.44
N PRO R 130 54.40 43.85 -9.42
CA PRO R 130 55.42 42.93 -9.91
C PRO R 130 56.56 42.75 -8.92
N LEU R 131 56.98 41.51 -8.75
CA LEU R 131 58.22 41.20 -8.04
C LEU R 131 59.25 40.80 -9.09
N ALA R 132 60.25 41.66 -9.25
CA ALA R 132 61.18 41.59 -10.37
C ALA R 132 62.46 40.80 -10.05
N PRO R 133 62.87 39.92 -10.96
CA PRO R 133 64.04 39.05 -10.75
C PRO R 133 65.37 39.80 -10.55
N SER R 134 66.07 39.45 -9.48
CA SER R 134 67.24 40.19 -8.98
C SER R 134 68.53 39.98 -9.79
N SER R 135 69.40 41.00 -9.75
CA SER R 135 70.73 40.98 -10.35
C SER R 135 70.75 40.46 -11.79
N GLY R 141 71.56 29.44 -12.41
CA GLY R 141 70.88 28.67 -13.44
C GLY R 141 69.55 29.30 -13.83
N THR R 142 68.63 29.37 -12.87
CA THR R 142 67.29 29.91 -13.11
C THR R 142 67.01 31.18 -12.28
N ALA R 143 66.04 31.97 -12.75
CA ALA R 143 65.67 33.24 -12.11
C ALA R 143 64.25 33.19 -11.56
N ALA R 144 64.05 33.88 -10.44
CA ALA R 144 62.76 33.92 -9.76
C ALA R 144 62.09 35.29 -9.86
N LEU R 145 60.83 35.26 -10.28
CA LEU R 145 59.99 36.44 -10.48
C LEU R 145 58.56 36.12 -10.04
N GLY R 146 57.75 37.15 -9.84
CA GLY R 146 56.35 36.93 -9.48
C GLY R 146 55.52 38.18 -9.33
N CYS R 147 54.28 37.98 -8.91
CA CYS R 147 53.35 39.07 -8.67
C CYS R 147 52.87 39.05 -7.22
N LEU R 148 52.93 40.21 -6.57
CA LEU R 148 52.33 40.39 -5.26
C LEU R 148 50.87 40.81 -5.43
N VAL R 149 49.97 40.07 -4.81
CA VAL R 149 48.54 40.32 -4.91
C VAL R 149 48.08 40.80 -3.55
N LYS R 150 47.79 42.09 -3.43
CA LYS R 150 47.70 42.75 -2.14
C LYS R 150 46.39 43.45 -1.89
N ASP R 151 45.84 43.23 -0.69
CA ASP R 151 44.65 43.92 -0.19
C ASP R 151 43.40 43.67 -1.05
N TYR R 152 42.96 42.42 -1.08
CA TYR R 152 41.72 42.08 -1.78
C TYR R 152 40.78 41.38 -0.82
N PHE R 153 39.47 41.46 -1.09
CA PHE R 153 38.49 40.82 -0.22
C PHE R 153 37.18 40.57 -0.95
N PRO R 154 36.60 39.39 -0.76
CA PRO R 154 37.19 38.29 0.03
C PRO R 154 38.02 37.34 -0.83
N GLU R 155 38.22 36.11 -0.35
CA GLU R 155 38.79 35.03 -1.14
C GLU R 155 37.69 34.44 -2.03
N PRO R 156 38.03 33.82 -3.16
CA PRO R 156 39.41 33.56 -3.57
C PRO R 156 39.93 34.48 -4.67
N VAL R 157 41.14 34.17 -5.14
CA VAL R 157 41.70 34.84 -6.29
C VAL R 157 42.42 33.78 -7.15
N THR R 158 42.25 33.85 -8.47
CA THR R 158 42.90 32.90 -9.38
C THR R 158 43.97 33.59 -10.21
N VAL R 159 45.18 33.05 -10.17
CA VAL R 159 46.29 33.62 -10.91
C VAL R 159 46.80 32.62 -11.96
N SER R 160 46.98 33.10 -13.18
CA SER R 160 47.65 32.34 -14.24
C SER R 160 48.81 33.13 -14.83
N TRP R 161 49.78 32.43 -15.41
CA TRP R 161 50.92 33.08 -16.08
C TRP R 161 50.88 32.86 -17.59
N ASN R 162 51.29 33.89 -18.34
CA ASN R 162 51.25 33.89 -19.81
C ASN R 162 49.87 33.50 -20.37
N SER R 163 48.82 33.86 -19.64
CA SER R 163 47.44 33.47 -19.94
C SER R 163 47.20 31.96 -19.85
N GLY R 164 48.06 31.28 -19.09
CA GLY R 164 47.94 29.85 -18.88
C GLY R 164 48.91 28.98 -19.65
N ALA R 165 49.86 29.60 -20.35
CA ALA R 165 50.88 28.86 -21.10
C ALA R 165 52.04 28.40 -20.21
N LEU R 166 52.23 29.09 -19.09
CA LEU R 166 53.28 28.74 -18.14
C LEU R 166 52.72 28.10 -16.88
N THR R 167 53.05 26.83 -16.67
CA THR R 167 52.59 26.08 -15.50
C THR R 167 53.73 25.51 -14.65
N SER R 168 54.85 25.19 -15.29
CA SER R 168 56.00 24.61 -14.59
C SER R 168 56.79 25.65 -13.80
N GLY R 169 57.33 25.23 -12.65
CA GLY R 169 58.10 26.11 -11.78
C GLY R 169 57.27 27.09 -10.96
N VAL R 170 55.97 27.14 -11.26
CA VAL R 170 55.03 28.07 -10.64
C VAL R 170 54.67 27.68 -9.21
N HIS R 171 54.41 28.70 -8.38
CA HIS R 171 53.94 28.54 -7.00
C HIS R 171 52.99 29.70 -6.70
N THR R 172 51.74 29.38 -6.39
CA THR R 172 50.78 30.38 -5.99
C THR R 172 50.52 30.18 -4.51
N PHE R 173 50.95 31.13 -3.69
CA PHE R 173 50.93 30.96 -2.24
C PHE R 173 49.56 31.10 -1.61
N PRO R 174 49.28 30.29 -0.58
CA PRO R 174 48.04 30.41 0.19
C PRO R 174 47.92 31.81 0.78
N ALA R 175 46.78 32.45 0.53
CA ALA R 175 46.55 33.82 0.97
C ALA R 175 46.76 33.98 2.45
N VAL R 176 47.15 35.18 2.87
CA VAL R 176 47.30 35.48 4.29
C VAL R 176 46.37 36.61 4.71
N LEU R 177 45.66 36.39 5.82
CA LEU R 177 44.83 37.43 6.41
C LEU R 177 45.76 38.47 7.05
N GLN R 178 45.64 39.72 6.60
CA GLN R 178 46.43 40.81 7.16
C GLN R 178 45.66 41.47 8.30
N SER R 179 46.38 42.18 9.17
CA SER R 179 45.77 42.87 10.32
C SER R 179 44.67 43.85 9.90
N SER R 180 44.62 44.19 8.62
CA SER R 180 43.64 45.11 8.06
C SER R 180 42.31 44.44 7.71
N GLY R 181 42.27 43.11 7.76
CA GLY R 181 41.09 42.37 7.39
C GLY R 181 41.06 41.96 5.93
N LEU R 182 42.08 42.35 5.17
CA LEU R 182 42.16 42.01 3.75
C LEU R 182 43.23 40.93 3.50
N TYR R 183 43.12 40.25 2.36
CA TYR R 183 44.01 39.13 2.01
C TYR R 183 45.15 39.58 1.10
N SER R 184 46.29 38.91 1.27
CA SER R 184 47.47 39.12 0.46
C SER R 184 48.12 37.78 0.16
N LEU R 185 48.65 37.63 -1.06
CA LEU R 185 49.42 36.45 -1.43
C LEU R 185 50.45 36.80 -2.49
N SER R 186 51.37 35.86 -2.69
CA SER R 186 52.36 35.96 -3.77
C SER R 186 52.23 34.79 -4.74
N SER R 187 52.37 35.09 -6.02
CA SER R 187 52.54 34.05 -7.02
C SER R 187 53.96 34.19 -7.53
N VAL R 188 54.64 33.07 -7.74
CA VAL R 188 56.06 33.09 -8.09
C VAL R 188 56.38 31.99 -9.13
N VAL R 189 57.49 32.14 -9.85
CA VAL R 189 57.93 31.16 -10.85
C VAL R 189 59.44 31.23 -11.17
N THR R 190 60.10 30.08 -11.20
CA THR R 190 61.49 30.01 -11.64
C THR R 190 61.56 29.66 -13.13
N VAL R 191 62.24 30.51 -13.88
CA VAL R 191 62.51 30.30 -15.30
C VAL R 191 64.00 30.53 -15.56
N PRO R 192 64.56 29.91 -16.60
CA PRO R 192 65.97 30.13 -16.96
C PRO R 192 66.30 31.62 -17.06
N SER R 193 67.35 32.05 -16.37
CA SER R 193 67.75 33.45 -16.32
C SER R 193 68.22 33.98 -17.69
N SER R 194 68.56 33.06 -18.57
CA SER R 194 68.95 33.38 -19.94
C SER R 194 67.75 33.77 -20.80
N SER R 195 66.58 33.26 -20.43
CA SER R 195 65.37 33.41 -21.24
C SER R 195 64.68 34.78 -21.16
N LEU R 196 65.00 35.58 -20.12
CA LEU R 196 64.46 36.94 -20.03
C LEU R 196 65.11 37.89 -21.04
N GLY R 197 64.43 39.00 -21.35
CA GLY R 197 64.88 39.91 -22.39
C GLY R 197 64.47 39.42 -23.76
N THR R 198 63.85 38.25 -23.79
CA THR R 198 63.30 37.67 -25.01
C THR R 198 61.94 37.07 -24.69
N GLN R 199 61.88 36.32 -23.60
CA GLN R 199 60.62 35.80 -23.08
C GLN R 199 60.05 36.74 -22.03
N THR R 200 58.82 37.18 -22.24
CA THR R 200 58.16 38.13 -21.35
C THR R 200 57.10 37.43 -20.49
N TYR R 201 56.88 37.96 -19.29
CA TYR R 201 56.03 37.28 -18.32
C TYR R 201 54.92 38.18 -17.77
N ILE R 202 53.68 37.71 -17.95
CA ILE R 202 52.48 38.39 -17.44
C ILE R 202 51.76 37.47 -16.48
N CYS R 203 51.32 38.02 -15.34
CA CYS R 203 50.42 37.29 -14.45
C CYS R 203 48.97 37.76 -14.67
N ASN R 204 48.06 36.80 -14.83
CA ASN R 204 46.64 37.10 -15.04
C ASN R 204 45.82 36.81 -13.79
N VAL R 205 45.41 37.88 -13.13
CA VAL R 205 44.75 37.82 -11.84
C VAL R 205 43.26 38.07 -12.01
N ASN R 206 42.45 37.17 -11.43
CA ASN R 206 40.99 37.25 -11.50
C ASN R 206 40.39 37.34 -10.11
N HIS R 207 39.57 38.36 -9.89
CA HIS R 207 38.83 38.48 -8.64
C HIS R 207 37.34 38.51 -8.93
N LYS R 208 36.71 37.34 -8.86
CA LYS R 208 35.30 37.18 -9.18
C LYS R 208 34.39 38.05 -8.32
N PRO R 209 34.62 38.10 -7.00
CA PRO R 209 33.78 38.90 -6.10
C PRO R 209 33.76 40.41 -6.38
N SER R 210 34.85 40.96 -6.89
CA SER R 210 34.89 42.40 -7.20
C SER R 210 34.66 42.70 -8.67
N ASN R 211 34.56 41.65 -9.48
CA ASN R 211 34.51 41.78 -10.94
C ASN R 211 35.79 42.41 -11.51
N THR R 212 36.93 42.00 -10.96
CA THR R 212 38.23 42.58 -11.26
C THR R 212 39.12 41.59 -12.01
N LYS R 213 39.50 41.98 -13.23
CA LYS R 213 40.45 41.24 -14.05
C LYS R 213 41.72 42.08 -14.25
N VAL R 214 42.86 41.56 -13.80
CA VAL R 214 44.14 42.28 -13.89
C VAL R 214 45.22 41.42 -14.55
N ASP R 215 45.91 42.00 -15.53
CA ASP R 215 47.10 41.38 -16.09
C ASP R 215 48.29 42.31 -15.86
N LYS R 216 49.34 41.79 -15.23
CA LYS R 216 50.54 42.59 -15.00
C LYS R 216 51.84 41.93 -15.48
N LYS R 217 52.45 42.57 -16.48
CA LYS R 217 53.76 42.17 -17.01
C LYS R 217 54.85 42.34 -15.95
N VAL R 218 55.77 41.38 -15.93
CA VAL R 218 56.88 41.38 -14.97
C VAL R 218 58.20 41.33 -15.72
N GLU R 219 59.14 42.18 -15.32
CA GLU R 219 60.46 42.27 -15.96
C GLU R 219 61.49 42.97 -15.05
N PRO R 220 62.79 42.84 -15.37
CA PRO R 220 63.83 43.50 -14.59
C PRO R 220 63.76 45.02 -14.77
N LYS R 221 63.59 45.75 -13.67
CA LYS R 221 63.43 47.21 -13.70
C LYS R 221 64.72 47.95 -14.12
N SER R 222 65.00 49.08 -13.46
CA SER R 222 66.08 49.97 -13.89
C SER R 222 67.51 49.40 -13.70
N CYS R 223 68.13 49.65 -12.55
CA CYS R 223 69.57 49.37 -12.36
C CYS R 223 70.00 49.22 -10.91
N ASP S 1 20.42 20.58 -37.97
CA ASP S 1 21.27 19.35 -37.94
C ASP S 1 22.71 19.71 -37.57
N ILE S 2 23.01 19.74 -36.27
CA ILE S 2 24.34 20.12 -35.80
C ILE S 2 25.36 19.05 -36.16
N GLN S 3 26.45 19.49 -36.76
CA GLN S 3 27.59 18.62 -37.01
C GLN S 3 28.64 18.81 -35.93
N MET S 4 29.25 17.72 -35.51
CA MET S 4 30.37 17.78 -34.58
C MET S 4 31.64 17.22 -35.23
N THR S 5 32.75 17.96 -35.13
CA THR S 5 34.02 17.53 -35.70
C THR S 5 35.13 17.51 -34.65
N GLN S 6 35.74 16.35 -34.47
CA GLN S 6 36.84 16.21 -33.52
C GLN S 6 38.16 16.34 -34.23
N SER S 7 39.19 16.68 -33.48
CA SER S 7 40.56 16.70 -34.00
C SER S 7 41.51 16.22 -32.91
N PRO S 8 42.45 15.34 -33.27
CA PRO S 8 42.54 14.76 -34.61
C PRO S 8 41.68 13.51 -34.73
N SER S 9 41.81 12.78 -35.84
CA SER S 9 41.10 11.51 -36.04
C SER S 9 41.70 10.39 -35.20
N SER S 10 43.00 10.47 -34.95
CA SER S 10 43.73 9.49 -34.15
C SER S 10 45.00 10.11 -33.62
N LEU S 11 45.56 9.52 -32.56
CA LEU S 11 46.83 9.98 -32.01
C LEU S 11 47.57 8.86 -31.31
N SER S 12 48.87 9.04 -31.11
CA SER S 12 49.67 8.05 -30.40
C SER S 12 50.37 8.68 -29.21
N ALA S 13 50.15 8.10 -28.03
CA ALA S 13 50.73 8.62 -26.80
C ALA S 13 51.34 7.50 -25.95
N SER S 14 52.02 7.88 -24.87
CA SER S 14 52.57 6.94 -23.91
C SER S 14 52.00 7.17 -22.51
N VAL S 15 52.16 6.21 -21.61
CA VAL S 15 51.64 6.33 -20.23
C VAL S 15 52.32 7.49 -19.49
N GLY S 16 51.51 8.48 -19.09
CA GLY S 16 52.01 9.64 -18.39
C GLY S 16 51.88 10.92 -19.19
N ASP S 17 51.60 10.79 -20.48
CA ASP S 17 51.42 11.96 -21.35
C ASP S 17 50.09 12.67 -21.07
N ARG S 18 50.12 13.99 -21.17
CA ARG S 18 48.89 14.77 -21.27
C ARG S 18 48.51 14.80 -22.74
N VAL S 19 47.23 14.66 -23.02
CA VAL S 19 46.77 14.89 -24.38
C VAL S 19 45.38 15.50 -24.40
N THR S 20 45.13 16.30 -25.43
CA THR S 20 43.91 17.06 -25.53
C THR S 20 43.25 16.80 -26.88
N ILE S 21 41.97 16.46 -26.84
CA ILE S 21 41.16 16.31 -28.04
C ILE S 21 40.23 17.50 -28.13
N THR S 22 40.27 18.19 -29.26
CA THR S 22 39.36 19.31 -29.50
C THR S 22 38.12 18.83 -30.26
N CYS S 23 37.01 19.52 -30.02
CA CYS S 23 35.76 19.23 -30.71
C CYS S 23 35.14 20.55 -31.15
N ARG S 24 34.55 20.54 -32.34
CA ARG S 24 33.97 21.75 -32.90
C ARG S 24 32.53 21.53 -33.41
N ALA S 25 31.59 22.32 -32.89
CA ALA S 25 30.21 22.30 -33.36
C ALA S 25 29.99 23.30 -34.50
N SER S 26 29.10 22.95 -35.43
CA SER S 26 28.77 23.82 -36.57
C SER S 26 27.84 24.99 -36.19
N GLN S 27 27.56 25.11 -34.88
CA GLN S 27 26.54 25.98 -34.35
C GLN S 27 26.76 26.18 -32.88
N ASP S 28 26.33 27.33 -32.36
CA ASP S 28 26.40 27.57 -30.92
C ASP S 28 25.55 26.56 -30.14
N VAL S 29 26.21 25.83 -29.24
CA VAL S 29 25.55 24.81 -28.41
C VAL S 29 25.75 25.01 -26.90
N SER S 30 25.88 26.28 -26.48
CA SER S 30 26.06 26.60 -25.07
C SER S 30 27.22 25.81 -24.47
N THR S 31 26.97 25.15 -23.33
CA THR S 31 27.90 24.20 -22.74
C THR S 31 27.26 22.79 -22.69
N ALA S 32 26.32 22.56 -23.60
CA ALA S 32 25.58 21.31 -23.64
C ALA S 32 26.32 20.25 -24.45
N VAL S 33 27.58 20.00 -24.06
CA VAL S 33 28.44 19.03 -24.71
C VAL S 33 28.92 18.00 -23.70
N ALA S 34 28.96 16.74 -24.12
CA ALA S 34 29.43 15.63 -23.29
C ALA S 34 30.49 14.83 -24.02
N TRP S 35 31.37 14.18 -23.24
CA TRP S 35 32.42 13.32 -23.77
C TRP S 35 32.24 11.87 -23.32
N TYR S 36 32.49 10.96 -24.26
CA TYR S 36 32.40 9.51 -24.02
C TYR S 36 33.67 8.77 -24.41
N GLN S 37 33.94 7.68 -23.70
CA GLN S 37 35.01 6.74 -24.03
C GLN S 37 34.40 5.44 -24.52
N GLN S 38 34.91 4.90 -25.61
CA GLN S 38 34.46 3.61 -26.09
C GLN S 38 35.62 2.67 -26.39
N LYS S 39 35.53 1.45 -25.87
CA LYS S 39 36.52 0.40 -26.13
C LYS S 39 35.95 -0.62 -27.11
N PRO S 40 36.81 -1.34 -27.84
CA PRO S 40 36.35 -2.33 -28.83
C PRO S 40 35.20 -3.22 -28.33
N GLY S 41 34.14 -3.33 -29.13
CA GLY S 41 33.03 -4.22 -28.82
C GLY S 41 32.24 -3.87 -27.56
N LYS S 42 32.51 -2.70 -26.99
CA LYS S 42 31.88 -2.30 -25.75
C LYS S 42 31.09 -1.00 -25.96
N ALA S 43 30.01 -0.85 -25.21
CA ALA S 43 29.20 0.36 -25.29
C ALA S 43 30.01 1.58 -24.82
N PRO S 44 29.66 2.76 -25.31
CA PRO S 44 30.32 4.00 -24.84
C PRO S 44 30.02 4.28 -23.37
N LYS S 45 31.00 4.84 -22.67
CA LYS S 45 30.91 5.15 -21.25
C LYS S 45 31.03 6.67 -21.11
N LEU S 46 30.16 7.29 -20.33
CA LEU S 46 30.17 8.75 -20.16
C LEU S 46 31.26 9.21 -19.19
N LEU S 47 31.96 10.27 -19.58
CA LEU S 47 33.09 10.76 -18.81
C LEU S 47 32.85 12.15 -18.24
N ILE S 48 32.42 13.05 -19.12
CA ILE S 48 32.24 14.46 -18.79
C ILE S 48 30.90 14.91 -19.34
N TYR S 49 30.20 15.74 -18.58
CA TYR S 49 28.93 16.28 -19.02
C TYR S 49 28.90 17.78 -18.75
N SER S 50 27.96 18.47 -19.41
CA SER S 50 27.83 19.92 -19.31
C SER S 50 29.14 20.61 -19.61
N ALA S 51 29.84 20.11 -20.62
CA ALA S 51 31.12 20.61 -21.12
C ALA S 51 32.33 20.37 -20.22
N SER S 52 32.18 20.55 -18.92
CA SER S 52 33.34 20.63 -18.03
C SER S 52 33.23 19.78 -16.76
N PHE S 53 32.07 19.17 -16.54
CA PHE S 53 31.77 18.52 -15.27
C PHE S 53 32.06 17.02 -15.28
N LEU S 54 32.76 16.57 -14.25
CA LEU S 54 33.21 15.20 -14.14
C LEU S 54 32.10 14.31 -13.63
N TYR S 55 31.60 13.43 -14.50
CA TYR S 55 30.55 12.48 -14.17
C TYR S 55 31.02 11.52 -13.08
N SER S 56 30.12 11.20 -12.15
CA SER S 56 30.43 10.41 -10.96
C SER S 56 31.14 9.10 -11.28
N GLY S 57 32.22 8.85 -10.53
CA GLY S 57 33.01 7.62 -10.68
C GLY S 57 34.09 7.65 -11.75
N VAL S 58 34.12 8.70 -12.57
CA VAL S 58 35.15 8.87 -13.58
C VAL S 58 36.37 9.50 -12.94
N PRO S 59 37.54 8.90 -13.14
CA PRO S 59 38.78 9.38 -12.52
C PRO S 59 39.10 10.84 -12.87
N SER S 60 39.66 11.55 -11.89
CA SER S 60 39.80 13.00 -11.95
C SER S 60 40.81 13.49 -12.98
N ARG S 61 41.62 12.59 -13.53
CA ARG S 61 42.59 12.98 -14.57
C ARG S 61 41.91 13.44 -15.88
N PHE S 62 40.62 13.13 -16.00
CA PHE S 62 39.81 13.61 -17.12
C PHE S 62 39.21 14.97 -16.82
N SER S 63 39.23 15.87 -17.81
CA SER S 63 38.63 17.20 -17.69
C SER S 63 38.12 17.70 -19.03
N GLY S 64 37.19 18.66 -18.98
CA GLY S 64 36.63 19.23 -20.18
C GLY S 64 36.57 20.74 -20.07
N SER S 65 36.48 21.41 -21.22
CA SER S 65 36.37 22.87 -21.26
C SER S 65 35.73 23.33 -22.56
N GLY S 66 35.24 24.56 -22.55
CA GLY S 66 34.75 25.21 -23.75
C GLY S 66 33.29 25.61 -23.70
N SER S 67 32.89 26.42 -24.69
CA SER S 67 31.51 26.84 -24.84
C SER S 67 31.26 27.40 -26.25
N GLY S 68 30.00 27.34 -26.70
CA GLY S 68 29.61 27.89 -27.98
C GLY S 68 29.85 26.90 -29.10
N THR S 69 31.00 27.01 -29.76
CA THR S 69 31.39 26.08 -30.83
C THR S 69 32.68 25.30 -30.56
N ASP S 70 33.44 25.69 -29.54
CA ASP S 70 34.76 25.10 -29.32
C ASP S 70 34.93 24.39 -27.98
N PHE S 71 35.29 23.10 -28.05
CA PHE S 71 35.29 22.23 -26.87
C PHE S 71 36.55 21.38 -26.76
N THR S 72 36.93 21.05 -25.54
CA THR S 72 38.21 20.39 -25.28
C THR S 72 38.14 19.32 -24.20
N LEU S 73 38.61 18.14 -24.54
CA LEU S 73 38.78 17.03 -23.59
C LEU S 73 40.26 16.89 -23.25
N THR S 74 40.56 16.83 -21.96
CA THR S 74 41.96 16.71 -21.49
C THR S 74 42.15 15.49 -20.57
N ILE S 75 43.23 14.74 -20.81
CA ILE S 75 43.70 13.71 -19.88
C ILE S 75 45.09 14.12 -19.43
N SER S 76 45.21 14.50 -18.17
CA SER S 76 46.46 15.07 -17.65
C SER S 76 47.61 14.07 -17.52
N SER S 77 47.27 12.78 -17.36
CA SER S 77 48.26 11.71 -17.26
C SER S 77 47.68 10.39 -17.74
N LEU S 78 48.06 9.99 -18.96
CA LEU S 78 47.52 8.79 -19.58
C LEU S 78 47.82 7.51 -18.80
N GLN S 79 46.78 6.72 -18.53
CA GLN S 79 46.91 5.45 -17.84
C GLN S 79 46.83 4.29 -18.83
N PRO S 80 47.45 3.14 -18.52
CA PRO S 80 47.29 1.93 -19.36
C PRO S 80 45.84 1.60 -19.73
N GLU S 81 44.86 1.93 -18.89
CA GLU S 81 43.45 1.66 -19.17
C GLU S 81 42.77 2.72 -20.06
N ASP S 82 43.52 3.75 -20.45
CA ASP S 82 42.96 4.91 -21.17
C ASP S 82 42.97 4.78 -22.69
N PHE S 83 43.64 3.75 -23.20
CA PHE S 83 43.76 3.54 -24.64
C PHE S 83 42.43 3.10 -25.21
N ALA S 84 41.78 4.01 -25.94
CA ALA S 84 40.43 3.81 -26.46
C ALA S 84 40.05 4.84 -27.55
N THR S 85 38.77 4.88 -27.91
CA THR S 85 38.24 5.86 -28.86
C THR S 85 37.30 6.83 -28.12
N TYR S 86 37.50 8.13 -28.31
CA TYR S 86 36.75 9.15 -27.58
C TYR S 86 35.77 9.90 -28.48
N TYR S 87 34.59 10.20 -27.94
CA TYR S 87 33.55 10.91 -28.68
C TYR S 87 33.01 12.12 -27.93
N CYS S 88 32.87 13.27 -28.62
CA CYS S 88 32.10 14.39 -28.09
C CYS S 88 30.66 14.28 -28.58
N GLN S 89 29.73 14.83 -27.80
CA GLN S 89 28.33 14.76 -28.11
C GLN S 89 27.64 16.05 -27.71
N GLN S 90 26.76 16.52 -28.58
CA GLN S 90 25.98 17.72 -28.32
C GLN S 90 24.63 17.27 -27.81
N SER S 91 24.13 17.91 -26.76
CA SER S 91 22.83 17.57 -26.19
C SER S 91 21.96 18.82 -26.02
N TYR S 92 22.21 19.80 -26.89
CA TYR S 92 21.50 21.07 -26.86
C TYR S 92 20.13 20.96 -27.55
N THR S 93 20.13 20.37 -28.75
CA THR S 93 18.91 20.09 -29.51
C THR S 93 18.80 18.62 -29.82
N THR S 94 17.63 18.25 -30.34
CA THR S 94 17.38 16.93 -30.88
C THR S 94 17.37 17.08 -32.40
N PRO S 95 17.96 16.15 -33.14
CA PRO S 95 18.68 14.98 -32.61
C PRO S 95 20.03 15.28 -31.96
N PRO S 96 20.42 14.49 -30.95
CA PRO S 96 21.79 14.54 -30.42
C PRO S 96 22.77 14.13 -31.51
N THR S 97 23.94 14.75 -31.55
CA THR S 97 24.94 14.40 -32.54
C THR S 97 26.31 14.25 -31.92
N PHE S 98 27.11 13.35 -32.49
CA PHE S 98 28.41 12.99 -31.95
C PHE S 98 29.53 13.44 -32.90
N GLY S 99 30.73 13.58 -32.35
CA GLY S 99 31.92 13.71 -33.17
C GLY S 99 32.21 12.38 -33.86
N GLN S 100 33.16 12.39 -34.79
CA GLN S 100 33.53 11.19 -35.54
C GLN S 100 34.37 10.22 -34.71
N GLY S 101 34.97 10.70 -33.62
CA GLY S 101 35.78 9.88 -32.73
C GLY S 101 37.27 10.02 -32.92
N THR S 102 37.99 10.04 -31.79
CA THR S 102 39.45 10.11 -31.77
C THR S 102 40.01 8.86 -31.12
N LYS S 103 40.85 8.12 -31.84
CA LYS S 103 41.48 6.92 -31.29
C LYS S 103 42.82 7.26 -30.67
N VAL S 104 42.97 6.92 -29.39
CA VAL S 104 44.23 7.12 -28.71
C VAL S 104 45.01 5.81 -28.70
N GLU S 105 45.82 5.63 -29.74
CA GLU S 105 46.66 4.44 -29.93
C GLU S 105 47.93 4.57 -29.10
N ILE S 106 48.75 3.53 -29.08
CA ILE S 106 49.92 3.50 -28.21
C ILE S 106 51.21 3.82 -28.92
N LYS S 107 52.08 4.58 -28.25
CA LYS S 107 53.40 4.91 -28.79
C LYS S 107 54.49 3.96 -28.28
N ARG S 108 55.36 3.56 -29.20
CA ARG S 108 56.56 2.78 -28.92
C ARG S 108 57.60 3.06 -30.01
N THR S 109 58.74 2.38 -29.94
CA THR S 109 59.81 2.63 -30.92
C THR S 109 59.44 2.12 -32.31
N VAL S 110 60.08 2.67 -33.33
CA VAL S 110 59.82 2.29 -34.72
C VAL S 110 60.28 0.86 -34.95
N ALA S 111 59.35 0.00 -35.37
CA ALA S 111 59.67 -1.37 -35.67
C ALA S 111 59.39 -1.69 -37.14
N ALA S 112 60.36 -2.31 -37.80
CA ALA S 112 60.22 -2.74 -39.18
C ALA S 112 59.39 -4.03 -39.27
N PRO S 113 58.58 -4.15 -40.32
CA PRO S 113 57.86 -5.40 -40.57
C PRO S 113 58.74 -6.47 -41.22
N SER S 114 58.51 -7.74 -40.86
CA SER S 114 59.03 -8.85 -41.63
C SER S 114 58.00 -9.13 -42.71
N VAL S 115 58.43 -9.08 -43.98
CA VAL S 115 57.51 -9.24 -45.10
C VAL S 115 57.60 -10.64 -45.70
N PHE S 116 56.44 -11.24 -45.98
CA PHE S 116 56.37 -12.56 -46.59
C PHE S 116 55.33 -12.57 -47.71
N ILE S 117 55.67 -13.21 -48.82
CA ILE S 117 54.73 -13.39 -49.91
C ILE S 117 54.27 -14.86 -50.00
N PHE S 118 52.98 -15.06 -50.26
CA PHE S 118 52.40 -16.39 -50.43
C PHE S 118 51.67 -16.54 -51.78
N PRO S 119 52.11 -17.50 -52.59
CA PRO S 119 51.49 -17.80 -53.89
C PRO S 119 50.16 -18.53 -53.72
N PRO S 120 49.34 -18.60 -54.76
CA PRO S 120 48.04 -19.30 -54.68
C PRO S 120 48.21 -20.79 -54.42
N SER S 121 47.27 -21.36 -53.66
CA SER S 121 47.23 -22.80 -53.42
C SER S 121 46.99 -23.57 -54.73
N ASP S 122 47.39 -24.83 -54.75
CA ASP S 122 47.11 -25.67 -55.92
C ASP S 122 45.60 -25.95 -56.01
N GLU S 123 44.98 -26.25 -54.87
CA GLU S 123 43.54 -26.48 -54.79
C GLU S 123 42.74 -25.28 -55.30
N GLN S 124 43.17 -24.08 -54.92
CA GLN S 124 42.49 -22.85 -55.31
C GLN S 124 42.54 -22.56 -56.81
N LEU S 125 43.62 -23.01 -57.46
CA LEU S 125 43.82 -22.74 -58.88
C LEU S 125 42.81 -23.46 -59.78
N LYS S 126 42.53 -24.73 -59.48
CA LYS S 126 41.51 -25.47 -60.22
C LYS S 126 40.08 -25.09 -59.82
N SER S 127 39.96 -24.01 -59.03
CA SER S 127 38.66 -23.40 -58.70
C SER S 127 38.38 -22.17 -59.57
N GLY S 128 39.40 -21.70 -60.29
CA GLY S 128 39.25 -20.62 -61.25
C GLY S 128 39.78 -19.26 -60.82
N THR S 129 40.08 -19.12 -59.53
CA THR S 129 40.61 -17.85 -59.00
C THR S 129 41.97 -18.06 -58.30
N ALA S 130 42.78 -17.01 -58.30
CA ALA S 130 44.10 -17.05 -57.67
C ALA S 130 44.29 -15.89 -56.68
N SER S 131 44.58 -16.25 -55.44
CA SER S 131 44.85 -15.27 -54.38
C SER S 131 46.31 -15.25 -53.97
N VAL S 132 46.94 -14.10 -54.15
CA VAL S 132 48.31 -13.87 -53.73
C VAL S 132 48.28 -12.99 -52.48
N VAL S 133 48.95 -13.45 -51.43
CA VAL S 133 48.89 -12.78 -50.13
C VAL S 133 50.25 -12.23 -49.68
N CYS S 134 50.23 -10.97 -49.26
CA CYS S 134 51.41 -10.32 -48.69
C CYS S 134 51.23 -10.10 -47.20
N LEU S 135 52.23 -10.52 -46.43
CA LEU S 135 52.21 -10.42 -44.98
C LEU S 135 53.18 -9.36 -44.50
N LEU S 136 52.67 -8.43 -43.69
CA LEU S 136 53.49 -7.43 -43.03
C LEU S 136 53.38 -7.68 -41.54
N ASN S 137 54.46 -8.19 -40.95
CA ASN S 137 54.38 -8.76 -39.61
C ASN S 137 55.03 -7.91 -38.54
N ASN S 138 54.29 -7.75 -37.43
CA ASN S 138 54.75 -7.06 -36.22
C ASN S 138 55.65 -5.84 -36.45
N PHE S 139 55.00 -4.71 -36.72
CA PHE S 139 55.67 -3.46 -37.06
C PHE S 139 54.99 -2.25 -36.44
N TYR S 140 55.70 -1.13 -36.42
CA TYR S 140 55.18 0.15 -35.92
C TYR S 140 55.95 1.31 -36.58
N PRO S 141 55.26 2.37 -37.00
CA PRO S 141 53.81 2.58 -36.78
C PRO S 141 52.91 2.07 -37.91
N ARG S 142 51.61 2.32 -37.77
CA ARG S 142 50.58 1.80 -38.69
C ARG S 142 50.75 2.21 -40.15
N GLU S 143 51.31 3.39 -40.39
CA GLU S 143 51.40 3.95 -41.75
C GLU S 143 52.39 3.14 -42.60
N ALA S 144 51.82 2.46 -43.61
CA ALA S 144 52.61 1.65 -44.53
C ALA S 144 51.95 1.65 -45.91
N LYS S 145 52.79 1.58 -46.95
CA LYS S 145 52.34 1.61 -48.32
C LYS S 145 52.66 0.26 -48.96
N VAL S 146 51.65 -0.43 -49.47
CA VAL S 146 51.83 -1.75 -50.10
C VAL S 146 51.29 -1.80 -51.54
N GLN S 147 52.16 -2.09 -52.50
CA GLN S 147 51.76 -2.18 -53.91
C GLN S 147 52.08 -3.53 -54.53
N TRP S 148 51.15 -4.02 -55.35
CA TRP S 148 51.33 -5.28 -56.05
C TRP S 148 51.85 -5.04 -57.46
N LYS S 149 52.84 -5.84 -57.87
CA LYS S 149 53.43 -5.71 -59.20
C LYS S 149 53.32 -7.01 -60.01
N VAL S 150 52.35 -7.04 -60.91
CA VAL S 150 52.21 -8.14 -61.87
C VAL S 150 53.16 -7.85 -63.03
N ASP S 151 54.13 -8.76 -63.22
CA ASP S 151 55.21 -8.57 -64.18
C ASP S 151 55.69 -7.12 -64.22
N ASN S 152 55.89 -6.56 -63.02
CA ASN S 152 56.39 -5.19 -62.81
C ASN S 152 55.52 -4.08 -63.42
N ALA S 153 54.23 -4.36 -63.52
CA ALA S 153 53.21 -3.35 -63.78
C ALA S 153 52.34 -3.24 -62.53
N LEU S 154 52.17 -2.01 -62.04
CA LEU S 154 51.48 -1.76 -60.78
C LEU S 154 50.00 -2.11 -60.81
N GLN S 155 49.53 -2.73 -59.72
CA GLN S 155 48.15 -3.18 -59.62
C GLN S 155 47.38 -2.28 -58.66
N SER S 156 46.29 -1.71 -59.17
CA SER S 156 45.40 -0.88 -58.36
C SER S 156 43.93 -1.27 -58.58
N GLY S 157 43.27 -1.71 -57.49
CA GLY S 157 41.85 -1.99 -57.49
C GLY S 157 41.48 -3.45 -57.69
N ASN S 158 42.30 -4.35 -57.16
CA ASN S 158 42.03 -5.79 -57.17
C ASN S 158 42.79 -6.44 -56.03
N SER S 159 43.14 -5.62 -55.05
CA SER S 159 43.80 -6.04 -53.83
C SER S 159 43.05 -5.47 -52.62
N GLN S 160 42.87 -6.30 -51.59
CA GLN S 160 42.24 -5.86 -50.35
C GLN S 160 43.23 -5.89 -49.19
N GLU S 161 43.17 -4.84 -48.37
CA GLU S 161 43.97 -4.75 -47.17
C GLU S 161 43.18 -5.19 -45.97
N SER S 162 43.88 -5.70 -44.96
CA SER S 162 43.31 -5.96 -43.63
C SER S 162 44.41 -5.81 -42.58
N VAL S 163 44.07 -5.13 -41.49
CA VAL S 163 45.05 -4.81 -40.46
C VAL S 163 44.64 -5.32 -39.08
N THR S 164 45.62 -5.85 -38.37
CA THR S 164 45.45 -6.27 -36.98
C THR S 164 45.34 -5.04 -36.07
N GLU S 165 44.80 -5.26 -34.87
CA GLU S 165 44.76 -4.23 -33.83
C GLU S 165 46.08 -4.25 -33.05
N GLN S 166 46.41 -3.11 -32.44
CA GLN S 166 47.66 -2.95 -31.69
C GLN S 166 47.93 -4.11 -30.74
N ASP S 167 48.81 -5.02 -31.14
CA ASP S 167 49.12 -6.22 -30.37
C ASP S 167 49.30 -5.97 -28.87
N SER S 168 48.70 -6.83 -28.06
CA SER S 168 48.73 -6.68 -26.61
C SER S 168 50.13 -6.89 -26.02
N LYS S 169 50.93 -7.74 -26.66
CA LYS S 169 52.26 -8.11 -26.16
C LYS S 169 53.35 -7.07 -26.47
N ASP S 170 53.45 -6.63 -27.72
CA ASP S 170 54.51 -5.70 -28.12
C ASP S 170 54.01 -4.42 -28.78
N SER S 171 52.71 -4.16 -28.68
CA SER S 171 52.09 -2.93 -29.19
C SER S 171 52.31 -2.64 -30.69
N THR S 172 52.64 -3.67 -31.47
CA THR S 172 52.81 -3.52 -32.92
C THR S 172 51.57 -3.95 -33.71
N TYR S 173 51.54 -3.61 -34.99
CA TYR S 173 50.47 -4.00 -35.89
C TYR S 173 50.91 -5.12 -36.84
N SER S 174 49.95 -5.69 -37.54
CA SER S 174 50.23 -6.61 -38.65
C SER S 174 49.21 -6.40 -39.77
N LEU S 175 49.64 -6.61 -41.00
CA LEU S 175 48.82 -6.26 -42.16
C LEU S 175 48.88 -7.31 -43.27
N SER S 176 47.74 -7.60 -43.88
CA SER S 176 47.67 -8.45 -45.07
C SER S 176 47.23 -7.65 -46.26
N SER S 177 47.81 -7.95 -47.42
CA SER S 177 47.30 -7.46 -48.69
C SER S 177 47.01 -8.63 -49.60
N THR S 178 45.77 -8.68 -50.10
CA THR S 178 45.33 -9.81 -50.91
C THR S 178 44.94 -9.43 -52.34
N LEU S 179 45.77 -9.82 -53.29
CA LEU S 179 45.50 -9.63 -54.71
C LEU S 179 44.76 -10.85 -55.26
N THR S 180 43.59 -10.61 -55.81
CA THR S 180 42.74 -11.69 -56.32
C THR S 180 42.58 -11.57 -57.83
N LEU S 181 43.04 -12.59 -58.54
CA LEU S 181 42.95 -12.63 -60.00
C LEU S 181 42.26 -13.88 -60.51
N SER S 182 41.70 -13.79 -61.72
CA SER S 182 41.15 -14.96 -62.39
C SER S 182 42.30 -15.88 -62.83
N LYS S 183 41.98 -17.15 -63.08
CA LYS S 183 42.94 -18.11 -63.59
C LYS S 183 43.50 -17.58 -64.91
N ALA S 184 42.59 -17.19 -65.81
CA ALA S 184 42.95 -16.64 -67.12
C ALA S 184 43.98 -15.52 -67.05
N ASP S 185 43.82 -14.62 -66.08
CA ASP S 185 44.73 -13.48 -65.89
C ASP S 185 46.02 -13.88 -65.19
N TYR S 186 45.90 -14.77 -64.21
CA TYR S 186 47.03 -15.25 -63.41
C TYR S 186 48.01 -16.08 -64.23
N GLU S 187 47.47 -16.98 -65.05
CA GLU S 187 48.28 -17.92 -65.81
C GLU S 187 49.05 -17.27 -66.96
N LYS S 188 48.82 -15.98 -67.20
CA LYS S 188 49.53 -15.25 -68.25
C LYS S 188 50.60 -14.26 -67.75
N HIS S 189 51.07 -14.48 -66.52
CA HIS S 189 52.15 -13.67 -65.93
C HIS S 189 53.08 -14.52 -65.05
N LYS S 190 54.29 -14.03 -64.83
CA LYS S 190 55.33 -14.83 -64.17
C LYS S 190 55.86 -14.26 -62.84
N VAL S 191 56.36 -13.03 -62.86
CA VAL S 191 56.88 -12.40 -61.65
C VAL S 191 55.75 -11.70 -60.89
N TYR S 192 55.47 -12.20 -59.70
CA TYR S 192 54.47 -11.62 -58.81
C TYR S 192 55.17 -11.00 -57.61
N ALA S 193 55.09 -9.67 -57.52
CA ALA S 193 55.91 -8.92 -56.57
C ALA S 193 55.07 -8.08 -55.61
N CYS S 194 55.58 -7.93 -54.38
CA CYS S 194 54.92 -7.16 -53.35
C CYS S 194 55.88 -6.08 -52.80
N GLU S 195 55.58 -4.81 -53.10
CA GLU S 195 56.44 -3.71 -52.69
C GLU S 195 55.95 -3.00 -51.42
N VAL S 196 56.87 -2.81 -50.47
CA VAL S 196 56.54 -2.32 -49.14
C VAL S 196 57.37 -1.10 -48.74
N THR S 197 56.70 0.05 -48.60
CA THR S 197 57.33 1.25 -48.04
C THR S 197 56.90 1.40 -46.58
N HIS S 198 57.86 1.73 -45.72
CA HIS S 198 57.62 1.91 -44.29
C HIS S 198 58.75 2.72 -43.69
N GLN S 199 58.45 3.43 -42.59
CA GLN S 199 59.43 4.30 -41.92
C GLN S 199 60.61 3.56 -41.28
N GLY S 200 60.40 2.30 -40.91
CA GLY S 200 61.44 1.46 -40.34
C GLY S 200 62.29 0.77 -41.40
N LEU S 201 61.89 0.93 -42.65
CA LEU S 201 62.59 0.40 -43.82
C LEU S 201 63.30 1.54 -44.54
N SER S 202 64.63 1.53 -44.49
CA SER S 202 65.43 2.58 -45.10
C SER S 202 65.30 2.63 -46.63
N SER S 203 65.02 1.47 -47.23
CA SER S 203 64.76 1.37 -48.67
C SER S 203 63.65 0.35 -48.92
N PRO S 204 62.62 0.75 -49.69
CA PRO S 204 61.44 -0.09 -49.93
C PRO S 204 61.76 -1.56 -50.29
N VAL S 205 61.25 -2.47 -49.47
CA VAL S 205 61.48 -3.92 -49.62
C VAL S 205 60.48 -4.57 -50.56
N THR S 206 61.01 -5.42 -51.45
CA THR S 206 60.21 -6.21 -52.38
C THR S 206 60.38 -7.69 -52.03
N LYS S 207 59.27 -8.38 -51.84
CA LYS S 207 59.28 -9.84 -51.74
C LYS S 207 58.54 -10.43 -52.93
N SER S 208 59.24 -11.21 -53.76
CA SER S 208 58.67 -11.72 -55.00
C SER S 208 58.76 -13.24 -55.13
N PHE S 209 58.17 -13.79 -56.19
CA PHE S 209 58.32 -15.21 -56.52
C PHE S 209 58.11 -15.49 -58.02
N ASN S 210 58.62 -16.64 -58.46
CA ASN S 210 58.43 -17.16 -59.81
C ASN S 210 57.23 -18.11 -59.95
N ARG S 211 56.47 -17.97 -61.03
CA ARG S 211 55.32 -18.84 -61.28
C ARG S 211 55.71 -20.14 -61.97
N GLU T 1 21.10 -1.05 -8.91
CA GLU T 1 21.93 -1.38 -10.11
C GLU T 1 21.15 -1.05 -11.38
N VAL T 2 21.43 0.12 -11.94
CA VAL T 2 20.86 0.52 -13.23
C VAL T 2 21.54 -0.22 -14.36
N GLN T 3 20.74 -0.67 -15.33
CA GLN T 3 21.28 -1.23 -16.57
C GLN T 3 20.22 -1.36 -17.64
N LEU T 4 20.67 -1.44 -18.88
CA LEU T 4 19.81 -1.69 -20.02
C LEU T 4 20.37 -2.93 -20.72
N VAL T 5 19.51 -3.89 -21.00
CA VAL T 5 19.90 -5.14 -21.67
C VAL T 5 19.15 -5.29 -22.99
N GLU T 6 19.89 -5.33 -24.09
CA GLU T 6 19.31 -5.44 -25.43
C GLU T 6 19.29 -6.85 -25.99
N SER T 7 18.40 -7.08 -26.94
CA SER T 7 18.30 -8.33 -27.66
C SER T 7 17.53 -8.03 -28.93
N GLY T 8 17.45 -9.03 -29.80
CA GLY T 8 16.63 -8.94 -31.00
C GLY T 8 17.39 -8.78 -32.30
N GLY T 9 18.67 -8.43 -32.23
CA GLY T 9 19.49 -8.31 -33.42
C GLY T 9 19.60 -9.63 -34.18
N GLY T 10 20.07 -9.57 -35.42
CA GLY T 10 20.23 -10.78 -36.21
C GLY T 10 20.44 -10.55 -37.69
N LEU T 11 20.38 -11.62 -38.45
CA LEU T 11 20.55 -11.58 -39.90
C LEU T 11 19.21 -11.59 -40.62
N VAL T 12 18.99 -10.60 -41.48
CA VAL T 12 17.82 -10.59 -42.34
C VAL T 12 18.15 -10.14 -43.77
N GLN T 13 17.31 -10.54 -44.71
CA GLN T 13 17.45 -10.10 -46.09
C GLN T 13 16.94 -8.65 -46.20
N PRO T 14 17.38 -7.88 -47.20
CA PRO T 14 16.74 -6.62 -47.50
C PRO T 14 15.22 -6.79 -47.62
N GLY T 15 14.48 -5.89 -46.99
CA GLY T 15 13.03 -5.91 -47.02
C GLY T 15 12.40 -6.61 -45.83
N GLY T 16 13.23 -7.23 -44.97
CA GLY T 16 12.79 -7.94 -43.79
C GLY T 16 12.57 -7.05 -42.58
N SER T 17 12.22 -7.67 -41.45
CA SER T 17 11.96 -6.94 -40.19
C SER T 17 12.71 -7.56 -39.01
N LEU T 18 12.93 -6.76 -37.98
CA LEU T 18 13.41 -7.24 -36.69
C LEU T 18 12.81 -6.35 -35.61
N ARG T 19 12.74 -6.87 -34.38
CA ARG T 19 12.33 -6.06 -33.24
C ARG T 19 13.38 -6.13 -32.14
N LEU T 20 14.12 -5.02 -32.02
CA LEU T 20 15.15 -4.87 -31.00
C LEU T 20 14.44 -4.47 -29.72
N SER T 21 14.84 -5.07 -28.61
CA SER T 21 14.35 -4.64 -27.30
C SER T 21 15.46 -4.11 -26.43
N CYS T 22 15.07 -3.25 -25.49
CA CYS T 22 15.94 -2.62 -24.52
C CYS T 22 15.27 -2.74 -23.14
N ALA T 23 15.64 -3.76 -22.38
CA ALA T 23 15.05 -4.01 -21.07
C ALA T 23 15.79 -3.28 -19.96
N ALA T 24 15.05 -2.51 -19.16
CA ALA T 24 15.63 -1.68 -18.12
C ALA T 24 15.47 -2.26 -16.72
N SER T 25 16.52 -2.14 -15.90
CA SER T 25 16.46 -2.49 -14.48
C SER T 25 17.02 -1.33 -13.66
N GLY T 26 16.53 -1.18 -12.44
CA GLY T 26 17.06 -0.18 -11.54
C GLY T 26 16.51 1.22 -11.74
N PHE T 27 15.68 1.40 -12.77
CA PHE T 27 14.97 2.65 -13.00
C PHE T 27 13.72 2.43 -13.87
N THR T 28 12.87 3.44 -13.96
CA THR T 28 11.66 3.40 -14.79
C THR T 28 11.91 4.08 -16.15
N ILE T 29 11.83 3.32 -17.24
CA ILE T 29 12.05 3.83 -18.62
C ILE T 29 11.20 5.07 -18.94
N SER T 30 9.95 5.09 -18.47
CA SER T 30 9.01 6.16 -18.81
C SER T 30 9.38 7.52 -18.19
N ASP T 31 10.37 7.51 -17.30
CA ASP T 31 10.92 8.73 -16.74
C ASP T 31 11.92 9.38 -17.66
N TYR T 32 12.33 8.68 -18.72
CA TYR T 32 13.42 9.15 -19.59
C TYR T 32 13.09 9.08 -21.09
N TRP T 33 13.85 9.81 -21.90
CA TRP T 33 13.95 9.48 -23.32
C TRP T 33 14.69 8.15 -23.38
N ILE T 34 14.29 7.28 -24.29
CA ILE T 34 15.20 6.25 -24.75
C ILE T 34 15.52 6.56 -26.19
N HIS T 35 16.82 6.68 -26.47
CA HIS T 35 17.33 6.86 -27.81
C HIS T 35 17.88 5.56 -28.31
N TRP T 36 17.80 5.35 -29.62
CA TRP T 36 18.53 4.27 -30.26
C TRP T 36 19.62 4.91 -31.07
N VAL T 37 20.85 4.49 -30.81
CA VAL T 37 22.04 4.99 -31.47
C VAL T 37 22.70 3.79 -32.16
N ARG T 38 23.16 4.00 -33.40
CA ARG T 38 23.74 2.90 -34.17
C ARG T 38 25.16 3.19 -34.62
N GLN T 39 25.89 2.11 -34.91
CA GLN T 39 27.31 2.22 -35.21
C GLN T 39 27.69 1.16 -36.24
N ALA T 40 27.88 1.60 -37.48
CA ALA T 40 28.22 0.72 -38.56
C ALA T 40 29.69 0.30 -38.39
N PRO T 41 30.06 -0.87 -38.93
CA PRO T 41 31.43 -1.38 -38.77
C PRO T 41 32.45 -0.32 -39.17
N GLY T 42 33.20 0.17 -38.18
CA GLY T 42 34.27 1.12 -38.42
C GLY T 42 33.76 2.52 -38.72
N LYS T 43 32.65 2.88 -38.08
CA LYS T 43 32.06 4.19 -38.27
C LYS T 43 31.70 4.81 -36.92
N GLY T 44 31.23 6.05 -36.94
CA GLY T 44 30.87 6.75 -35.72
C GLY T 44 29.53 6.34 -35.15
N LEU T 45 29.03 7.15 -34.21
CA LEU T 45 27.74 6.92 -33.60
C LEU T 45 26.69 7.84 -34.24
N GLU T 46 25.59 7.25 -34.70
CA GLU T 46 24.51 8.01 -35.35
C GLU T 46 23.17 7.71 -34.71
N TRP T 47 22.44 8.77 -34.36
CA TRP T 47 21.13 8.66 -33.73
C TRP T 47 20.09 8.18 -34.73
N VAL T 48 19.23 7.28 -34.27
CA VAL T 48 18.20 6.68 -35.14
C VAL T 48 16.78 7.10 -34.74
N ALA T 49 16.44 6.99 -33.45
CA ALA T 49 15.10 7.33 -32.99
C ALA T 49 15.13 7.67 -31.50
N GLY T 50 14.07 8.30 -31.01
CA GLY T 50 13.92 8.58 -29.59
C GLY T 50 12.47 8.68 -29.18
N ILE T 51 12.12 8.17 -28.00
CA ILE T 51 10.81 8.40 -27.40
C ILE T 51 11.02 9.31 -26.22
N THR T 52 10.01 10.08 -25.95
CA THR T 52 10.06 11.09 -24.92
C THR T 52 9.58 10.48 -23.60
N PRO T 53 9.98 11.03 -22.45
CA PRO T 53 9.43 10.59 -21.16
C PRO T 53 7.91 10.47 -21.24
N ALA T 54 7.33 9.42 -20.66
CA ALA T 54 5.89 9.16 -20.67
C ALA T 54 5.31 8.72 -22.02
N GLY T 55 6.15 8.57 -23.04
CA GLY T 55 5.69 8.27 -24.39
C GLY T 55 4.88 9.39 -25.00
N GLY T 56 5.25 10.63 -24.67
CA GLY T 56 4.59 11.80 -25.18
C GLY T 56 4.87 12.03 -26.65
N TYR T 57 6.13 11.81 -27.06
CA TYR T 57 6.51 12.04 -28.44
C TYR T 57 7.56 11.08 -28.99
N THR T 58 7.72 11.13 -30.30
CA THR T 58 8.50 10.18 -31.02
C THR T 58 9.26 10.94 -32.12
N TYR T 59 10.54 10.62 -32.35
CA TYR T 59 11.35 11.27 -33.39
C TYR T 59 12.21 10.29 -34.15
N TYR T 60 12.37 10.54 -35.46
CA TYR T 60 13.16 9.65 -36.31
C TYR T 60 14.14 10.39 -37.22
N ALA T 61 15.32 9.79 -37.39
CA ALA T 61 16.27 10.21 -38.43
C ALA T 61 15.65 9.99 -39.81
N ASP T 62 15.96 10.87 -40.74
CA ASP T 62 15.27 10.89 -42.03
C ASP T 62 15.48 9.64 -42.88
N SER T 63 16.59 8.96 -42.64
CA SER T 63 16.94 7.73 -43.36
C SER T 63 16.06 6.57 -42.90
N VAL T 64 15.45 6.76 -41.74
CA VAL T 64 14.79 5.71 -41.00
C VAL T 64 13.28 5.96 -40.89
N LYS T 65 12.89 7.23 -41.04
CA LYS T 65 11.51 7.70 -40.98
C LYS T 65 10.55 6.95 -41.93
N GLY T 66 9.51 6.34 -41.36
CA GLY T 66 8.51 5.65 -42.14
C GLY T 66 8.79 4.16 -42.22
N ARG T 67 9.98 3.76 -41.77
CA ARG T 67 10.40 2.36 -41.79
C ARG T 67 10.57 1.78 -40.39
N PHE T 68 10.95 2.63 -39.43
CA PHE T 68 11.17 2.16 -38.06
C PHE T 68 10.16 2.79 -37.09
N THR T 69 9.73 2.02 -36.11
CA THR T 69 8.93 2.54 -35.02
C THR T 69 9.65 2.36 -33.71
N ILE T 70 9.72 3.43 -32.93
CA ILE T 70 10.21 3.35 -31.56
C ILE T 70 9.05 3.41 -30.57
N SER T 71 9.08 2.52 -29.59
CA SER T 71 8.04 2.41 -28.59
C SER T 71 8.59 1.82 -27.31
N ALA T 72 7.69 1.58 -26.36
CA ALA T 72 8.04 0.82 -25.17
C ALA T 72 6.80 0.11 -24.64
N ASP T 73 7.02 -0.77 -23.67
CA ASP T 73 5.94 -1.48 -23.01
C ASP T 73 6.20 -1.28 -21.53
N THR T 74 5.43 -0.40 -20.91
CA THR T 74 5.69 0.00 -19.53
C THR T 74 5.52 -1.14 -18.53
N SER T 75 4.57 -2.03 -18.78
CA SER T 75 4.36 -3.16 -17.88
C SER T 75 5.59 -4.04 -17.90
N LYS T 76 6.28 -4.06 -19.03
CA LYS T 76 7.50 -4.83 -19.20
C LYS T 76 8.75 -4.00 -18.89
N ASN T 77 8.57 -2.71 -18.62
CA ASN T 77 9.69 -1.76 -18.46
C ASN T 77 10.75 -1.96 -19.56
N THR T 78 10.30 -2.07 -20.81
CA THR T 78 11.18 -2.41 -21.94
C THR T 78 10.90 -1.49 -23.13
N ALA T 79 11.97 -0.93 -23.72
CA ALA T 79 11.88 -0.14 -24.95
C ALA T 79 12.10 -1.00 -26.20
N TYR T 80 11.58 -0.56 -27.35
CA TYR T 80 11.69 -1.34 -28.59
C TYR T 80 12.05 -0.49 -29.80
N LEU T 81 12.69 -1.12 -30.76
CA LEU T 81 12.79 -0.57 -32.11
C LEU T 81 12.24 -1.62 -33.05
N GLN T 82 11.05 -1.35 -33.61
CA GLN T 82 10.52 -2.17 -34.68
C GLN T 82 11.14 -1.74 -36.01
N MET T 83 11.78 -2.68 -36.70
CA MET T 83 12.55 -2.37 -37.90
C MET T 83 11.96 -2.99 -39.17
N ASN T 84 11.21 -2.19 -39.93
CA ASN T 84 10.56 -2.66 -41.16
C ASN T 84 11.31 -2.28 -42.44
N SER T 85 10.96 -2.95 -43.53
CA SER T 85 11.66 -2.85 -44.81
C SER T 85 13.14 -2.42 -44.66
N LEU T 86 13.90 -3.34 -44.09
CA LEU T 86 15.31 -3.15 -43.82
C LEU T 86 16.13 -3.08 -45.09
N ARG T 87 17.14 -2.22 -45.07
CA ARG T 87 18.07 -2.12 -46.19
C ARG T 87 19.45 -2.54 -45.70
N ALA T 88 20.35 -2.80 -46.65
CA ALA T 88 21.74 -3.14 -46.36
C ALA T 88 22.44 -2.06 -45.53
N GLU T 89 22.11 -0.81 -45.80
CA GLU T 89 22.72 0.33 -45.11
C GLU T 89 22.28 0.47 -43.64
N ASP T 90 21.42 -0.41 -43.17
CA ASP T 90 21.04 -0.40 -41.75
C ASP T 90 21.93 -1.32 -40.91
N THR T 91 22.91 -1.95 -41.54
CA THR T 91 23.82 -2.84 -40.82
C THR T 91 24.64 -2.03 -39.84
N ALA T 92 24.52 -2.38 -38.57
CA ALA T 92 25.24 -1.69 -37.51
C ALA T 92 25.00 -2.42 -36.20
N VAL T 93 25.77 -2.06 -35.18
CA VAL T 93 25.45 -2.45 -33.82
C VAL T 93 24.54 -1.37 -33.28
N TYR T 94 23.38 -1.78 -32.78
CA TYR T 94 22.39 -0.85 -32.27
C TYR T 94 22.42 -0.77 -30.75
N TYR T 95 22.54 0.46 -30.24
CA TYR T 95 22.59 0.74 -28.82
C TYR T 95 21.32 1.45 -28.46
N CYS T 96 20.81 1.16 -27.28
CA CYS T 96 19.81 2.04 -26.67
C CYS T 96 20.51 2.82 -25.56
N ALA T 97 20.01 4.02 -25.28
CA ALA T 97 20.57 4.85 -24.22
C ALA T 97 19.51 5.75 -23.63
N ARG T 98 19.64 6.05 -22.34
CA ARG T 98 18.67 6.92 -21.68
C ARG T 98 19.17 8.36 -21.58
N PHE T 99 18.22 9.29 -21.60
CA PHE T 99 18.53 10.70 -21.64
C PHE T 99 17.35 11.53 -21.13
N VAL T 100 17.65 12.58 -20.36
CA VAL T 100 16.69 13.65 -20.07
C VAL T 100 17.42 14.97 -20.23
N PHE T 101 16.65 16.03 -20.45
CA PHE T 101 17.22 17.37 -20.55
C PHE T 101 17.62 17.95 -19.19
N PHE T 102 17.22 17.26 -18.12
CA PHE T 102 17.70 17.51 -16.76
C PHE T 102 19.16 17.06 -16.66
N LEU T 103 19.87 17.54 -15.66
CA LEU T 103 21.25 17.13 -15.41
C LEU T 103 21.35 15.62 -15.26
N PRO T 104 22.35 14.96 -15.89
CA PRO T 104 23.46 15.62 -16.60
C PRO T 104 23.22 15.93 -18.09
N TYR T 105 21.97 15.84 -18.54
CA TYR T 105 21.60 15.87 -19.96
C TYR T 105 22.65 15.25 -20.89
N ALA T 106 23.05 14.04 -20.55
CA ALA T 106 23.96 13.25 -21.37
C ALA T 106 23.43 11.83 -21.31
N MET T 107 24.02 10.96 -22.12
CA MET T 107 23.61 9.58 -22.13
C MET T 107 24.44 8.82 -21.13
N ASP T 108 23.91 8.76 -19.92
CA ASP T 108 24.60 8.22 -18.77
C ASP T 108 24.52 6.70 -18.71
N TYR T 109 23.48 6.12 -19.29
CA TYR T 109 23.36 4.67 -19.37
C TYR T 109 23.07 4.15 -20.78
N TRP T 110 23.84 3.16 -21.21
CA TRP T 110 23.72 2.53 -22.52
C TRP T 110 23.49 1.03 -22.38
N GLY T 111 22.89 0.42 -23.40
CA GLY T 111 22.88 -1.04 -23.51
C GLY T 111 24.17 -1.55 -24.11
N GLN T 112 24.35 -2.87 -24.13
CA GLN T 112 25.55 -3.49 -24.73
C GLN T 112 25.48 -3.58 -26.26
N GLY T 113 24.29 -3.41 -26.83
CA GLY T 113 24.12 -3.44 -28.27
C GLY T 113 23.83 -4.81 -28.85
N THR T 114 23.03 -4.87 -29.91
CA THR T 114 22.92 -6.10 -30.69
C THR T 114 23.31 -5.82 -32.10
N LEU T 115 23.92 -6.82 -32.73
CA LEU T 115 24.31 -6.75 -34.12
C LEU T 115 23.11 -6.96 -35.02
N VAL T 116 22.88 -5.98 -35.88
CA VAL T 116 21.93 -6.11 -36.98
C VAL T 116 22.73 -6.11 -38.26
N THR T 117 22.53 -7.17 -39.05
CA THR T 117 23.21 -7.32 -40.32
C THR T 117 22.14 -7.64 -41.37
N VAL T 118 22.04 -6.79 -42.37
CA VAL T 118 21.08 -6.96 -43.46
C VAL T 118 21.83 -7.21 -44.76
N SER T 119 21.68 -8.42 -45.29
CA SER T 119 22.37 -8.84 -46.49
C SER T 119 21.51 -9.81 -47.28
N SER T 120 21.69 -9.80 -48.60
CA SER T 120 20.97 -10.72 -49.49
C SER T 120 21.81 -11.95 -49.81
N ALA T 121 23.07 -11.94 -49.36
CA ALA T 121 23.97 -13.08 -49.52
C ALA T 121 23.42 -14.32 -48.84
N SER T 122 23.57 -15.47 -49.50
CA SER T 122 23.18 -16.75 -48.93
C SER T 122 24.31 -17.30 -48.06
N THR T 123 23.94 -18.08 -47.05
CA THR T 123 24.89 -18.75 -46.18
C THR T 123 25.80 -19.70 -46.97
N LYS T 124 27.11 -19.50 -46.82
CA LYS T 124 28.11 -20.33 -47.49
C LYS T 124 29.29 -20.58 -46.56
N GLY T 125 29.78 -21.82 -46.51
CA GLY T 125 30.94 -22.17 -45.71
C GLY T 125 32.23 -21.78 -46.38
N PRO T 126 33.31 -21.62 -45.61
CA PRO T 126 34.56 -21.10 -46.17
C PRO T 126 35.30 -22.13 -47.02
N SER T 127 36.12 -21.64 -47.95
CA SER T 127 37.09 -22.49 -48.62
C SER T 127 38.44 -22.23 -47.94
N VAL T 128 39.08 -23.27 -47.43
CA VAL T 128 40.36 -23.07 -46.72
C VAL T 128 41.55 -23.52 -47.54
N PHE T 129 42.43 -22.57 -47.84
CA PHE T 129 43.62 -22.83 -48.64
C PHE T 129 44.87 -22.61 -47.81
N PRO T 130 45.91 -23.40 -48.05
CA PRO T 130 47.18 -23.25 -47.31
C PRO T 130 47.98 -22.06 -47.81
N LEU T 131 48.51 -21.26 -46.88
CA LEU T 131 49.52 -20.28 -47.25
C LEU T 131 50.86 -20.94 -46.93
N ALA T 132 51.38 -21.66 -47.92
CA ALA T 132 52.56 -22.51 -47.73
C ALA T 132 53.80 -21.68 -47.41
N PRO T 133 54.62 -22.15 -46.46
CA PRO T 133 55.91 -21.52 -46.18
C PRO T 133 56.88 -21.58 -47.37
N SER T 134 57.56 -20.45 -47.61
CA SER T 134 58.39 -20.24 -48.79
C SER T 134 59.86 -20.53 -48.51
N SER T 135 60.72 -20.10 -49.43
CA SER T 135 62.18 -20.24 -49.32
C SER T 135 62.64 -21.70 -49.26
N GLY T 141 66.21 -19.01 -39.26
CA GLY T 141 65.57 -17.97 -38.48
C GLY T 141 64.11 -18.28 -38.22
N THR T 142 63.25 -17.43 -38.77
CA THR T 142 61.81 -17.56 -38.61
C THR T 142 61.08 -17.50 -39.97
N ALA T 143 60.09 -18.37 -40.14
CA ALA T 143 59.27 -18.43 -41.35
C ALA T 143 57.76 -18.33 -41.04
N ALA T 144 57.03 -17.65 -41.91
CA ALA T 144 55.60 -17.47 -41.73
C ALA T 144 54.79 -18.43 -42.60
N LEU T 145 53.58 -18.74 -42.15
CA LEU T 145 52.61 -19.53 -42.92
C LEU T 145 51.18 -19.27 -42.43
N GLY T 146 50.20 -19.79 -43.16
CA GLY T 146 48.83 -19.56 -42.76
C GLY T 146 47.74 -20.27 -43.53
N CYS T 147 46.53 -19.76 -43.35
CA CYS T 147 45.35 -20.27 -44.02
C CYS T 147 44.57 -19.13 -44.63
N LEU T 148 44.23 -19.27 -45.91
CA LEU T 148 43.30 -18.34 -46.53
C LEU T 148 41.88 -18.91 -46.42
N VAL T 149 41.03 -18.14 -45.75
CA VAL T 149 39.66 -18.53 -45.47
C VAL T 149 38.76 -17.65 -46.34
N LYS T 150 38.49 -18.14 -47.55
CA LYS T 150 37.82 -17.36 -48.59
C LYS T 150 36.33 -17.66 -48.73
N ASP T 151 35.58 -16.64 -49.15
CA ASP T 151 34.19 -16.75 -49.59
C ASP T 151 33.25 -17.47 -48.61
N TYR T 152 33.01 -16.85 -47.45
CA TYR T 152 32.06 -17.40 -46.49
C TYR T 152 31.05 -16.36 -46.06
N PHE T 153 29.89 -16.82 -45.60
CA PHE T 153 28.84 -15.94 -45.11
C PHE T 153 27.85 -16.70 -44.20
N PRO T 154 27.44 -16.10 -43.08
CA PRO T 154 27.93 -14.80 -42.61
C PRO T 154 29.13 -14.95 -41.68
N GLU T 155 29.35 -13.91 -40.88
CA GLU T 155 30.30 -13.96 -39.80
C GLU T 155 29.64 -14.64 -38.60
N PRO T 156 30.43 -15.11 -37.62
CA PRO T 156 31.88 -15.13 -37.70
C PRO T 156 32.42 -16.47 -38.14
N VAL T 157 33.75 -16.55 -38.18
CA VAL T 157 34.47 -17.79 -38.39
C VAL T 157 35.35 -18.00 -37.14
N THR T 158 35.69 -19.26 -36.87
CA THR T 158 36.60 -19.56 -35.78
C THR T 158 37.82 -20.27 -36.34
N VAL T 159 38.98 -19.63 -36.23
CA VAL T 159 40.24 -20.22 -36.66
C VAL T 159 41.15 -20.48 -35.47
N SER T 160 41.62 -21.73 -35.37
CA SER T 160 42.65 -22.09 -34.43
C SER T 160 43.74 -22.87 -35.17
N TRP T 161 44.87 -23.11 -34.50
CA TRP T 161 45.97 -23.87 -35.08
C TRP T 161 46.38 -25.03 -34.18
N ASN T 162 46.72 -26.17 -34.79
CA ASN T 162 47.07 -27.41 -34.05
C ASN T 162 46.06 -27.79 -32.97
N SER T 163 44.80 -27.41 -33.21
CA SER T 163 43.69 -27.57 -32.28
C SER T 163 43.87 -26.76 -30.99
N GLY T 164 44.36 -25.53 -31.14
CA GLY T 164 44.56 -24.62 -30.03
C GLY T 164 45.89 -24.77 -29.30
N ALA T 165 46.74 -25.67 -29.80
CA ALA T 165 48.07 -25.90 -29.19
C ALA T 165 49.13 -24.91 -29.70
N LEU T 166 48.90 -24.34 -30.88
CA LEU T 166 49.72 -23.23 -31.38
C LEU T 166 49.00 -21.90 -31.14
N THR T 167 49.45 -21.18 -30.13
CA THR T 167 48.77 -19.97 -29.67
C THR T 167 49.56 -18.67 -29.96
N SER T 168 50.89 -18.74 -29.83
CA SER T 168 51.77 -17.57 -29.89
C SER T 168 52.29 -17.25 -31.28
N GLY T 169 52.32 -15.96 -31.62
CA GLY T 169 52.75 -15.49 -32.92
C GLY T 169 51.66 -15.64 -33.98
N VAL T 170 50.43 -15.89 -33.53
CA VAL T 170 49.27 -16.06 -34.40
C VAL T 170 48.54 -14.73 -34.58
N HIS T 171 48.37 -14.34 -35.85
CA HIS T 171 47.60 -13.15 -36.20
C HIS T 171 46.43 -13.56 -37.11
N THR T 172 45.21 -13.48 -36.58
CA THR T 172 44.02 -13.76 -37.36
C THR T 172 43.34 -12.45 -37.73
N PHE T 173 43.41 -12.11 -39.01
CA PHE T 173 43.01 -10.79 -39.49
C PHE T 173 41.51 -10.63 -39.51
N PRO T 174 41.05 -9.39 -39.32
CA PRO T 174 39.63 -9.07 -39.46
C PRO T 174 39.18 -9.34 -40.90
N ALA T 175 38.02 -9.99 -41.05
CA ALA T 175 37.45 -10.27 -42.35
C ALA T 175 37.22 -9.00 -43.15
N VAL T 176 37.37 -9.11 -44.46
CA VAL T 176 36.98 -8.02 -45.35
C VAL T 176 35.76 -8.51 -46.16
N LEU T 177 34.80 -7.62 -46.37
CA LEU T 177 33.66 -7.95 -47.21
C LEU T 177 34.05 -7.82 -48.68
N GLN T 178 33.65 -8.80 -49.48
CA GLN T 178 33.95 -8.77 -50.91
C GLN T 178 32.70 -8.40 -51.68
N SER T 179 32.88 -7.86 -52.89
CA SER T 179 31.77 -7.39 -53.72
C SER T 179 30.70 -8.46 -53.98
N SER T 180 31.08 -9.72 -53.83
CA SER T 180 30.18 -10.87 -53.98
C SER T 180 29.13 -10.89 -52.87
N GLY T 181 29.47 -10.28 -51.75
CA GLY T 181 28.63 -10.30 -50.55
C GLY T 181 29.17 -11.24 -49.51
N LEU T 182 30.33 -11.81 -49.81
CA LEU T 182 30.97 -12.84 -49.00
C LEU T 182 32.20 -12.29 -48.29
N TYR T 183 32.49 -12.84 -47.12
CA TYR T 183 33.63 -12.41 -46.33
C TYR T 183 34.83 -13.26 -46.66
N SER T 184 35.99 -12.81 -46.18
CA SER T 184 37.23 -13.54 -46.36
C SER T 184 38.27 -12.98 -45.42
N LEU T 185 38.95 -13.85 -44.67
CA LEU T 185 40.10 -13.46 -43.87
C LEU T 185 41.28 -14.42 -44.04
N SER T 186 42.39 -14.11 -43.39
CA SER T 186 43.54 -14.99 -43.35
C SER T 186 44.03 -15.14 -41.92
N SER T 187 44.46 -16.34 -41.59
CA SER T 187 45.08 -16.60 -40.29
C SER T 187 46.52 -16.99 -40.54
N VAL T 188 47.39 -16.37 -39.78
CA VAL T 188 48.82 -16.35 -40.10
C VAL T 188 49.64 -16.65 -38.84
N VAL T 189 50.81 -17.28 -39.03
CA VAL T 189 51.70 -17.56 -37.90
C VAL T 189 53.16 -17.62 -38.32
N THR T 190 54.01 -17.00 -37.51
CA THR T 190 55.45 -17.13 -37.65
C THR T 190 55.92 -18.21 -36.71
N VAL T 191 56.87 -19.01 -37.19
CA VAL T 191 57.45 -20.13 -36.46
C VAL T 191 58.95 -20.26 -36.78
N PRO T 192 59.74 -20.87 -35.88
CA PRO T 192 61.15 -21.11 -36.16
C PRO T 192 61.33 -21.93 -37.42
N SER T 193 62.31 -21.55 -38.24
CA SER T 193 62.60 -22.25 -39.49
C SER T 193 63.14 -23.66 -39.26
N SER T 194 63.64 -23.91 -38.06
CA SER T 194 64.12 -25.24 -37.65
C SER T 194 62.98 -26.25 -37.50
N SER T 195 61.76 -25.78 -37.24
CA SER T 195 60.63 -26.67 -36.98
C SER T 195 59.69 -26.92 -38.19
N LEU T 196 60.17 -26.60 -39.39
CA LEU T 196 59.44 -26.88 -40.63
C LEU T 196 59.82 -28.27 -41.14
N GLY T 197 58.82 -29.11 -41.40
CA GLY T 197 59.07 -30.49 -41.81
C GLY T 197 59.49 -31.41 -40.67
N THR T 198 59.38 -30.92 -39.43
CA THR T 198 59.45 -31.75 -38.22
C THR T 198 58.10 -31.56 -37.51
N GLN T 199 57.79 -30.30 -37.21
CA GLN T 199 56.50 -29.93 -36.64
C GLN T 199 55.52 -29.63 -37.78
N THR T 200 54.40 -30.36 -37.76
CA THR T 200 53.35 -30.19 -38.76
C THR T 200 52.36 -29.13 -38.30
N TYR T 201 51.70 -28.48 -39.25
CA TYR T 201 50.79 -27.38 -38.93
C TYR T 201 49.44 -27.51 -39.61
N ILE T 202 48.40 -27.61 -38.79
CA ILE T 202 47.03 -27.66 -39.26
C ILE T 202 46.27 -26.44 -38.72
N CYS T 203 45.44 -25.83 -39.57
CA CYS T 203 44.52 -24.79 -39.08
C CYS T 203 43.09 -25.31 -39.05
N ASN T 204 42.40 -24.99 -37.96
CA ASN T 204 41.06 -25.50 -37.72
C ASN T 204 40.02 -24.40 -37.89
N VAL T 205 39.24 -24.50 -38.96
CA VAL T 205 38.26 -23.48 -39.31
C VAL T 205 36.82 -23.94 -39.05
N ASN T 206 36.17 -23.25 -38.13
CA ASN T 206 34.78 -23.53 -37.73
C ASN T 206 33.85 -22.48 -38.33
N HIS T 207 32.71 -22.93 -38.85
CA HIS T 207 31.71 -21.99 -39.37
C HIS T 207 30.30 -22.48 -39.07
N LYS T 208 29.84 -22.16 -37.87
CA LYS T 208 28.53 -22.58 -37.38
C LYS T 208 27.36 -22.29 -38.34
N PRO T 209 27.24 -21.06 -38.84
CA PRO T 209 26.05 -20.70 -39.64
C PRO T 209 25.82 -21.60 -40.87
N SER T 210 26.78 -22.44 -41.21
CA SER T 210 26.69 -23.30 -42.39
C SER T 210 26.99 -24.76 -42.07
N ASN T 211 27.18 -25.06 -40.78
CA ASN T 211 27.51 -26.41 -40.31
C ASN T 211 28.79 -27.03 -40.91
N THR T 212 29.82 -26.20 -41.16
CA THR T 212 31.10 -26.70 -41.69
C THR T 212 32.27 -26.54 -40.74
N LYS T 213 33.01 -27.62 -40.57
CA LYS T 213 34.30 -27.61 -39.90
C LYS T 213 35.35 -28.11 -40.88
N VAL T 214 36.43 -27.35 -41.03
CA VAL T 214 37.47 -27.68 -42.01
C VAL T 214 38.84 -27.68 -41.34
N ASP T 215 39.62 -28.72 -41.59
CA ASP T 215 40.99 -28.79 -41.09
C ASP T 215 41.96 -28.87 -42.26
N LYS T 216 42.92 -27.93 -42.30
CA LYS T 216 43.88 -27.90 -43.39
C LYS T 216 45.33 -27.92 -42.95
N LYS T 217 46.04 -28.97 -43.40
CA LYS T 217 47.47 -29.08 -43.20
C LYS T 217 48.18 -28.12 -44.16
N VAL T 218 49.01 -27.26 -43.58
CA VAL T 218 49.77 -26.31 -44.35
C VAL T 218 51.23 -26.71 -44.31
N GLU T 219 51.79 -26.98 -45.49
CA GLU T 219 53.14 -27.52 -45.59
C GLU T 219 53.91 -27.01 -46.82
N PRO T 220 55.24 -27.01 -46.74
CA PRO T 220 56.09 -26.64 -47.88
C PRO T 220 55.68 -27.36 -49.16
N LYS T 221 55.60 -26.62 -50.28
CA LYS T 221 55.13 -27.15 -51.56
C LYS T 221 56.10 -28.15 -52.21
N SER T 222 56.02 -28.29 -53.53
CA SER T 222 56.97 -29.14 -54.27
C SER T 222 58.40 -28.58 -54.13
N CYS T 223 58.57 -27.29 -54.46
CA CYS T 223 59.81 -26.53 -54.23
C CYS T 223 59.70 -25.08 -54.74
N ASP U 1 -0.02 16.31 -43.64
CA ASP U 1 -1.04 15.47 -42.92
C ASP U 1 -1.36 14.18 -43.65
N ILE U 2 -1.05 13.03 -43.04
CA ILE U 2 -1.18 11.73 -43.70
C ILE U 2 -2.63 11.31 -43.97
N GLN U 3 -2.96 11.15 -45.24
CA GLN U 3 -4.31 10.71 -45.62
C GLN U 3 -4.37 9.20 -45.60
N MET U 4 -5.44 8.65 -45.03
CA MET U 4 -5.69 7.22 -45.03
C MET U 4 -6.90 6.93 -45.91
N THR U 5 -6.74 5.99 -46.86
CA THR U 5 -7.77 5.69 -47.84
C THR U 5 -8.13 4.20 -47.84
N GLN U 6 -9.36 3.89 -47.44
CA GLN U 6 -9.79 2.51 -47.27
C GLN U 6 -10.48 1.97 -48.52
N SER U 7 -10.42 0.66 -48.69
CA SER U 7 -10.98 0.00 -49.87
C SER U 7 -11.59 -1.35 -49.49
N PRO U 8 -12.84 -1.60 -49.90
CA PRO U 8 -13.70 -0.61 -50.56
C PRO U 8 -14.37 0.34 -49.57
N SER U 9 -15.18 1.25 -50.06
CA SER U 9 -15.97 2.16 -49.22
C SER U 9 -17.04 1.39 -48.43
N SER U 10 -17.59 0.35 -49.04
CA SER U 10 -18.49 -0.58 -48.37
C SER U 10 -18.50 -1.91 -49.11
N LEU U 11 -18.98 -2.95 -48.45
CA LEU U 11 -19.13 -4.25 -49.09
C LEU U 11 -20.26 -5.07 -48.48
N SER U 12 -20.72 -6.06 -49.21
CA SER U 12 -21.74 -6.98 -48.72
C SER U 12 -21.17 -8.39 -48.59
N ALA U 13 -21.51 -9.06 -47.49
CA ALA U 13 -21.03 -10.40 -47.22
C ALA U 13 -22.04 -11.20 -46.39
N SER U 14 -21.92 -12.54 -46.43
CA SER U 14 -22.74 -13.42 -45.60
C SER U 14 -21.96 -13.87 -44.36
N VAL U 15 -22.67 -14.35 -43.35
CA VAL U 15 -22.04 -14.90 -42.14
C VAL U 15 -21.18 -16.12 -42.50
N GLY U 16 -19.87 -16.01 -42.33
CA GLY U 16 -18.97 -17.10 -42.65
C GLY U 16 -18.05 -16.80 -43.82
N ASP U 17 -18.24 -15.64 -44.45
CA ASP U 17 -17.38 -15.20 -45.54
C ASP U 17 -16.04 -14.71 -45.00
N ARG U 18 -14.98 -14.92 -45.78
CA ARG U 18 -13.70 -14.30 -45.50
C ARG U 18 -13.71 -12.86 -46.05
N VAL U 19 -13.63 -11.88 -45.16
CA VAL U 19 -13.66 -10.48 -45.55
C VAL U 19 -12.31 -9.82 -45.36
N THR U 20 -11.83 -9.12 -46.39
CA THR U 20 -10.61 -8.31 -46.27
C THR U 20 -10.83 -6.86 -46.70
N ILE U 21 -10.30 -5.94 -45.88
CA ILE U 21 -10.43 -4.50 -46.10
C ILE U 21 -9.03 -3.91 -46.14
N THR U 22 -8.72 -3.18 -47.19
CA THR U 22 -7.40 -2.56 -47.30
C THR U 22 -7.40 -1.09 -46.94
N CYS U 23 -6.20 -0.55 -46.79
CA CYS U 23 -6.02 0.79 -46.28
C CYS U 23 -4.68 1.31 -46.80
N ARG U 24 -4.72 2.44 -47.47
CA ARG U 24 -3.53 3.05 -48.04
C ARG U 24 -3.18 4.34 -47.31
N ALA U 25 -1.96 4.41 -46.79
CA ALA U 25 -1.40 5.63 -46.24
C ALA U 25 -0.70 6.40 -47.35
N SER U 26 -0.85 7.73 -47.37
CA SER U 26 -0.16 8.53 -48.37
C SER U 26 1.35 8.54 -48.13
N GLN U 27 1.75 8.28 -46.89
CA GLN U 27 3.16 8.20 -46.51
C GLN U 27 3.43 6.90 -45.77
N ASP U 28 4.69 6.44 -45.85
CA ASP U 28 5.15 5.32 -45.06
C ASP U 28 4.88 5.61 -43.59
N VAL U 29 4.24 4.66 -42.92
CA VAL U 29 3.94 4.80 -41.51
C VAL U 29 4.39 3.58 -40.70
N SER U 30 5.46 2.93 -41.17
CA SER U 30 6.02 1.74 -40.52
C SER U 30 4.91 0.70 -40.35
N THR U 31 4.71 0.21 -39.12
CA THR U 31 3.58 -0.66 -38.78
C THR U 31 2.65 0.01 -37.77
N ALA U 32 2.73 1.33 -37.68
CA ALA U 32 1.96 2.11 -36.71
C ALA U 32 0.52 2.38 -37.18
N VAL U 33 -0.20 1.30 -37.48
CA VAL U 33 -1.59 1.33 -37.94
C VAL U 33 -2.47 0.51 -37.00
N ALA U 34 -3.65 1.04 -36.70
CA ALA U 34 -4.62 0.33 -35.89
C ALA U 34 -5.94 0.25 -36.63
N TRP U 35 -6.75 -0.74 -36.27
CA TRP U 35 -8.07 -0.95 -36.84
C TRP U 35 -9.14 -0.89 -35.76
N TYR U 36 -10.23 -0.19 -36.07
CA TYR U 36 -11.34 -0.02 -35.15
C TYR U 36 -12.65 -0.53 -35.74
N GLN U 37 -13.62 -0.74 -34.87
CA GLN U 37 -14.97 -1.12 -35.26
C GLN U 37 -15.94 -0.08 -34.67
N GLN U 38 -16.97 0.28 -35.44
CA GLN U 38 -18.00 1.15 -34.93
C GLN U 38 -19.40 0.71 -35.35
N LYS U 39 -20.30 0.67 -34.38
CA LYS U 39 -21.71 0.42 -34.63
C LYS U 39 -22.51 1.70 -34.38
N PRO U 40 -23.59 1.91 -35.14
CA PRO U 40 -24.43 3.10 -34.96
C PRO U 40 -24.66 3.42 -33.49
N GLY U 41 -24.41 4.66 -33.10
CA GLY U 41 -24.70 5.13 -31.76
C GLY U 41 -23.59 4.90 -30.74
N LYS U 42 -22.54 4.20 -31.15
CA LYS U 42 -21.50 3.75 -30.23
C LYS U 42 -20.14 4.32 -30.58
N ALA U 43 -19.26 4.35 -29.58
CA ALA U 43 -17.87 4.73 -29.77
C ALA U 43 -17.09 3.63 -30.50
N PRO U 44 -16.06 3.98 -31.27
CA PRO U 44 -15.17 2.98 -31.89
C PRO U 44 -14.53 2.02 -30.88
N LYS U 45 -14.29 0.77 -31.31
CA LYS U 45 -13.61 -0.25 -30.49
C LYS U 45 -12.30 -0.66 -31.16
N LEU U 46 -11.22 -0.63 -30.40
CA LEU U 46 -9.93 -1.08 -30.90
C LEU U 46 -9.94 -2.58 -31.16
N LEU U 47 -9.41 -2.98 -32.32
CA LEU U 47 -9.38 -4.39 -32.70
C LEU U 47 -7.96 -4.90 -32.83
N ILE U 48 -7.17 -4.17 -33.61
CA ILE U 48 -5.80 -4.53 -33.95
C ILE U 48 -4.95 -3.29 -33.84
N TYR U 49 -3.72 -3.47 -33.33
CA TYR U 49 -2.76 -2.38 -33.18
C TYR U 49 -1.41 -2.81 -33.72
N SER U 50 -0.52 -1.83 -33.89
CA SER U 50 0.81 -2.10 -34.44
C SER U 50 0.71 -3.04 -35.65
N ALA U 51 -0.23 -2.72 -36.54
CA ALA U 51 -0.51 -3.42 -37.81
C ALA U 51 -1.07 -4.83 -37.71
N SER U 52 -0.46 -5.67 -36.87
CA SER U 52 -0.71 -7.11 -36.92
C SER U 52 -1.06 -7.74 -35.57
N PHE U 53 -1.13 -6.91 -34.53
CA PHE U 53 -1.33 -7.41 -33.17
C PHE U 53 -2.77 -7.26 -32.67
N LEU U 54 -3.34 -8.39 -32.26
CA LEU U 54 -4.72 -8.47 -31.78
C LEU U 54 -4.84 -7.84 -30.39
N TYR U 55 -5.71 -6.84 -30.28
CA TYR U 55 -5.96 -6.18 -29.01
C TYR U 55 -6.66 -7.12 -28.03
N SER U 56 -6.24 -7.07 -26.77
CA SER U 56 -6.71 -8.00 -25.76
C SER U 56 -8.23 -8.06 -25.70
N GLY U 57 -8.77 -9.28 -25.77
CA GLY U 57 -10.20 -9.49 -25.70
C GLY U 57 -10.89 -9.61 -27.04
N VAL U 58 -10.23 -9.16 -28.11
CA VAL U 58 -10.80 -9.26 -29.45
C VAL U 58 -10.78 -10.72 -29.95
N PRO U 59 -11.87 -11.17 -30.58
CA PRO U 59 -11.89 -12.51 -31.21
C PRO U 59 -10.79 -12.69 -32.26
N SER U 60 -10.27 -13.90 -32.39
CA SER U 60 -9.08 -14.14 -33.20
C SER U 60 -9.33 -14.27 -34.71
N ARG U 61 -10.59 -14.16 -35.12
CA ARG U 61 -10.96 -14.19 -36.54
C ARG U 61 -10.50 -12.89 -37.23
N PHE U 62 -10.38 -11.84 -36.43
CA PHE U 62 -9.75 -10.58 -36.85
C PHE U 62 -8.24 -10.69 -36.85
N SER U 63 -7.62 -10.27 -37.95
CA SER U 63 -6.17 -10.16 -38.07
C SER U 63 -5.82 -8.99 -38.99
N GLY U 64 -4.71 -8.33 -38.69
CA GLY U 64 -4.20 -7.25 -39.51
C GLY U 64 -2.87 -7.64 -40.13
N SER U 65 -2.48 -6.95 -41.19
CA SER U 65 -1.18 -7.16 -41.82
C SER U 65 -0.76 -5.95 -42.64
N GLY U 66 0.50 -5.94 -43.06
CA GLY U 66 1.07 -4.86 -43.85
C GLY U 66 2.06 -3.97 -43.12
N SER U 67 2.70 -3.09 -43.89
CA SER U 67 3.64 -2.08 -43.42
C SER U 67 3.96 -1.12 -44.58
N GLY U 68 4.43 0.08 -44.24
CA GLY U 68 4.72 1.08 -45.25
C GLY U 68 3.45 1.86 -45.54
N THR U 69 2.94 1.74 -46.76
CA THR U 69 1.69 2.42 -47.13
C THR U 69 0.49 1.49 -47.28
N ASP U 70 0.71 0.18 -47.30
CA ASP U 70 -0.39 -0.76 -47.53
C ASP U 70 -0.69 -1.69 -46.36
N PHE U 71 -1.98 -1.75 -46.01
CA PHE U 71 -2.46 -2.45 -44.81
C PHE U 71 -3.75 -3.24 -45.09
N THR U 72 -4.04 -4.21 -44.22
CA THR U 72 -5.16 -5.12 -44.48
C THR U 72 -5.78 -5.63 -43.20
N LEU U 73 -7.10 -5.46 -43.09
CA LEU U 73 -7.91 -6.11 -42.06
C LEU U 73 -8.55 -7.35 -42.67
N THR U 74 -8.52 -8.45 -41.92
CA THR U 74 -9.13 -9.70 -42.38
C THR U 74 -9.99 -10.32 -41.28
N ILE U 75 -11.25 -10.59 -41.62
CA ILE U 75 -12.11 -11.43 -40.83
C ILE U 75 -12.18 -12.77 -41.56
N SER U 76 -11.70 -13.82 -40.89
CA SER U 76 -11.62 -15.13 -41.52
C SER U 76 -13.00 -15.74 -41.69
N SER U 77 -13.89 -15.50 -40.72
CA SER U 77 -15.28 -15.96 -40.81
C SER U 77 -16.21 -14.94 -40.19
N LEU U 78 -16.86 -14.16 -41.03
CA LEU U 78 -17.75 -13.11 -40.58
C LEU U 78 -18.85 -13.68 -39.69
N GLN U 79 -19.01 -13.07 -38.51
CA GLN U 79 -20.04 -13.50 -37.56
C GLN U 79 -21.17 -12.47 -37.58
N PRO U 80 -22.36 -12.83 -37.08
CA PRO U 80 -23.50 -11.88 -37.05
C PRO U 80 -23.13 -10.54 -36.42
N GLU U 81 -22.40 -10.59 -35.32
CA GLU U 81 -22.02 -9.38 -34.58
C GLU U 81 -20.89 -8.58 -35.25
N ASP U 82 -20.62 -8.85 -36.53
CA ASP U 82 -19.50 -8.22 -37.21
C ASP U 82 -19.92 -7.25 -38.29
N PHE U 83 -21.22 -7.07 -38.45
CA PHE U 83 -21.73 -6.08 -39.38
C PHE U 83 -21.61 -4.74 -38.71
N ALA U 84 -20.68 -3.94 -39.22
CA ALA U 84 -20.31 -2.64 -38.65
C ALA U 84 -19.53 -1.84 -39.69
N THR U 85 -19.09 -0.64 -39.31
CA THR U 85 -18.14 0.11 -40.10
C THR U 85 -16.76 -0.07 -39.47
N TYR U 86 -15.74 -0.24 -40.29
CA TYR U 86 -14.37 -0.43 -39.81
C TYR U 86 -13.52 0.73 -40.27
N TYR U 87 -12.67 1.24 -39.37
CA TYR U 87 -11.74 2.33 -39.70
C TYR U 87 -10.31 1.91 -39.42
N CYS U 88 -9.41 2.22 -40.35
CA CYS U 88 -7.97 2.14 -40.06
C CYS U 88 -7.48 3.49 -39.60
N GLN U 89 -6.38 3.48 -38.86
CA GLN U 89 -5.86 4.70 -38.29
C GLN U 89 -4.37 4.63 -38.23
N GLN U 90 -3.73 5.76 -38.47
CA GLN U 90 -2.30 5.90 -38.41
C GLN U 90 -1.94 6.60 -37.09
N SER U 91 -1.05 5.98 -36.32
CA SER U 91 -0.55 6.59 -35.10
C SER U 91 0.96 6.78 -35.17
N TYR U 92 1.49 6.91 -36.38
CA TYR U 92 2.92 7.12 -36.58
C TYR U 92 3.36 8.54 -36.21
N THR U 93 2.64 9.55 -36.70
CA THR U 93 2.90 10.94 -36.34
C THR U 93 1.65 11.60 -35.79
N THR U 94 1.85 12.85 -35.39
CA THR U 94 0.80 13.76 -35.00
C THR U 94 0.48 14.60 -36.22
N PRO U 95 -0.81 14.82 -36.50
CA PRO U 95 -1.94 14.22 -35.76
C PRO U 95 -2.32 12.83 -36.25
N PRO U 96 -2.99 12.04 -35.40
CA PRO U 96 -3.51 10.74 -35.83
C PRO U 96 -4.65 10.92 -36.84
N THR U 97 -4.56 10.19 -37.96
CA THR U 97 -5.53 10.31 -39.04
C THR U 97 -6.20 8.98 -39.30
N PHE U 98 -7.46 9.04 -39.71
CA PHE U 98 -8.31 7.87 -39.89
C PHE U 98 -8.64 7.67 -41.35
N GLY U 99 -8.98 6.43 -41.71
CA GLY U 99 -9.54 6.16 -43.02
C GLY U 99 -11.00 6.58 -43.07
N GLN U 100 -11.55 6.72 -44.26
CA GLN U 100 -12.92 7.19 -44.41
C GLN U 100 -13.99 6.17 -43.91
N GLY U 101 -13.57 4.95 -43.61
CA GLY U 101 -14.47 3.93 -43.10
C GLY U 101 -14.92 2.94 -44.15
N THR U 102 -15.15 1.70 -43.74
CA THR U 102 -15.67 0.64 -44.61
C THR U 102 -16.87 -0.06 -43.96
N LYS U 103 -18.01 0.01 -44.62
CA LYS U 103 -19.25 -0.53 -44.08
C LYS U 103 -19.51 -1.96 -44.55
N VAL U 104 -19.53 -2.90 -43.60
CA VAL U 104 -19.80 -4.31 -43.92
C VAL U 104 -21.30 -4.61 -43.76
N GLU U 105 -21.95 -4.93 -44.87
CA GLU U 105 -23.40 -5.11 -44.91
C GLU U 105 -23.81 -6.57 -45.18
N ILE U 106 -25.07 -6.88 -44.86
CA ILE U 106 -25.62 -8.23 -45.04
C ILE U 106 -25.91 -8.49 -46.52
N LYS U 107 -25.39 -9.60 -47.03
CA LYS U 107 -25.71 -10.10 -48.37
C LYS U 107 -27.00 -10.91 -48.33
N ARG U 108 -27.92 -10.62 -49.25
CA ARG U 108 -29.14 -11.39 -49.44
C ARG U 108 -29.53 -11.33 -50.92
N THR U 109 -30.59 -12.04 -51.30
CA THR U 109 -31.01 -12.09 -52.71
C THR U 109 -31.44 -10.72 -53.23
N VAL U 110 -31.28 -10.49 -54.53
CA VAL U 110 -31.73 -9.26 -55.18
C VAL U 110 -33.24 -9.11 -55.03
N ALA U 111 -33.67 -7.93 -54.61
CA ALA U 111 -35.09 -7.64 -54.43
C ALA U 111 -35.42 -6.28 -55.00
N ALA U 112 -36.34 -6.27 -55.96
CA ALA U 112 -36.83 -5.03 -56.55
C ALA U 112 -37.59 -4.20 -55.51
N PRO U 113 -37.48 -2.87 -55.59
CA PRO U 113 -38.33 -1.98 -54.79
C PRO U 113 -39.77 -1.88 -55.30
N SER U 114 -40.74 -1.72 -54.40
CA SER U 114 -42.06 -1.28 -54.82
C SER U 114 -42.08 0.25 -54.74
N VAL U 115 -42.43 0.88 -55.86
CA VAL U 115 -42.33 2.32 -56.00
C VAL U 115 -43.70 2.98 -55.84
N PHE U 116 -43.75 4.03 -55.02
CA PHE U 116 -44.97 4.79 -54.80
C PHE U 116 -44.67 6.28 -54.92
N ILE U 117 -45.59 7.00 -55.55
CA ILE U 117 -45.51 8.45 -55.66
C ILE U 117 -46.63 9.14 -54.87
N PHE U 118 -46.27 10.21 -54.17
CA PHE U 118 -47.21 10.95 -53.33
C PHE U 118 -47.25 12.42 -53.72
N PRO U 119 -48.41 12.89 -54.22
CA PRO U 119 -48.62 14.32 -54.47
C PRO U 119 -48.64 15.14 -53.16
N PRO U 120 -48.42 16.45 -53.24
CA PRO U 120 -48.50 17.34 -52.07
C PRO U 120 -49.93 17.53 -51.58
N SER U 121 -50.08 17.56 -50.27
CA SER U 121 -51.38 17.62 -49.59
C SER U 121 -52.21 18.85 -49.92
N ASP U 122 -53.52 18.76 -49.66
CA ASP U 122 -54.38 19.93 -49.64
C ASP U 122 -53.87 20.91 -48.56
N GLU U 123 -53.70 20.37 -47.35
CA GLU U 123 -53.22 21.10 -46.17
C GLU U 123 -52.02 21.99 -46.49
N GLN U 124 -51.08 21.43 -47.25
CA GLN U 124 -49.78 22.06 -47.47
C GLN U 124 -49.81 23.19 -48.46
N LEU U 125 -50.49 22.97 -49.58
CA LEU U 125 -50.54 23.97 -50.64
C LEU U 125 -51.00 25.33 -50.11
N LYS U 126 -51.79 25.31 -49.04
CA LYS U 126 -52.27 26.55 -48.43
C LYS U 126 -51.18 27.32 -47.67
N SER U 127 -50.01 26.69 -47.52
CA SER U 127 -48.87 27.32 -46.84
C SER U 127 -47.72 27.72 -47.79
N GLY U 128 -48.00 27.71 -49.10
CA GLY U 128 -47.09 28.28 -50.09
C GLY U 128 -45.92 27.46 -50.59
N THR U 129 -45.87 26.18 -50.23
CA THR U 129 -44.84 25.25 -50.72
C THR U 129 -45.46 23.92 -51.11
N ALA U 130 -44.75 23.17 -51.95
CA ALA U 130 -45.20 21.86 -52.41
C ALA U 130 -44.08 20.82 -52.27
N SER U 131 -44.43 19.69 -51.66
CA SER U 131 -43.49 18.59 -51.42
C SER U 131 -43.97 17.31 -52.08
N VAL U 132 -43.24 16.84 -53.09
CA VAL U 132 -43.57 15.59 -53.76
C VAL U 132 -42.62 14.48 -53.33
N VAL U 133 -43.20 13.37 -52.85
CA VAL U 133 -42.44 12.29 -52.25
C VAL U 133 -42.54 11.01 -53.07
N CYS U 134 -41.38 10.42 -53.34
CA CYS U 134 -41.29 9.12 -53.98
C CYS U 134 -40.72 8.10 -52.99
N LEU U 135 -41.32 6.92 -52.96
CA LEU U 135 -40.96 5.91 -51.98
C LEU U 135 -40.52 4.63 -52.66
N LEU U 136 -39.32 4.18 -52.30
CA LEU U 136 -38.81 2.90 -52.76
C LEU U 136 -38.83 1.97 -51.56
N ASN U 137 -39.69 0.96 -51.61
CA ASN U 137 -39.93 0.13 -50.44
C ASN U 137 -39.25 -1.23 -50.51
N ASN U 138 -38.50 -1.54 -49.45
CA ASN U 138 -38.00 -2.89 -49.16
C ASN U 138 -37.20 -3.56 -50.27
N PHE U 139 -36.11 -2.92 -50.69
CA PHE U 139 -35.32 -3.37 -51.83
C PHE U 139 -33.88 -3.81 -51.51
N TYR U 140 -33.22 -4.42 -52.49
CA TYR U 140 -31.81 -4.81 -52.40
C TYR U 140 -31.26 -5.11 -53.80
N PRO U 141 -30.02 -4.70 -54.11
CA PRO U 141 -29.10 -4.04 -53.17
C PRO U 141 -29.35 -2.56 -52.97
N ARG U 142 -28.54 -1.93 -52.12
CA ARG U 142 -28.68 -0.52 -51.76
C ARG U 142 -28.67 0.43 -52.97
N GLU U 143 -27.76 0.17 -53.92
CA GLU U 143 -27.53 1.04 -55.08
C GLU U 143 -28.77 1.20 -55.96
N ALA U 144 -29.23 2.44 -56.09
CA ALA U 144 -30.39 2.76 -56.89
C ALA U 144 -30.43 4.24 -57.28
N LYS U 145 -30.65 4.50 -58.56
CA LYS U 145 -30.78 5.87 -59.07
C LYS U 145 -32.24 6.32 -58.99
N VAL U 146 -32.46 7.56 -58.58
CA VAL U 146 -33.79 8.16 -58.53
C VAL U 146 -33.79 9.49 -59.27
N GLN U 147 -34.70 9.64 -60.22
CA GLN U 147 -34.72 10.83 -61.06
C GLN U 147 -36.11 11.45 -61.23
N TRP U 148 -36.20 12.74 -60.90
CA TRP U 148 -37.43 13.52 -61.00
C TRP U 148 -37.57 14.17 -62.37
N LYS U 149 -38.75 14.01 -62.97
CA LYS U 149 -39.06 14.62 -64.26
C LYS U 149 -40.38 15.38 -64.20
N VAL U 150 -40.33 16.68 -64.42
CA VAL U 150 -41.52 17.55 -64.40
C VAL U 150 -41.82 18.07 -65.80
N ASP U 151 -42.93 17.61 -66.36
CA ASP U 151 -43.23 17.81 -67.78
C ASP U 151 -42.06 17.34 -68.62
N ASN U 152 -41.65 16.08 -68.38
CA ASN U 152 -40.55 15.44 -69.10
C ASN U 152 -39.16 16.06 -68.82
N ALA U 153 -39.15 17.22 -68.15
CA ALA U 153 -37.90 17.93 -67.87
C ALA U 153 -37.25 17.41 -66.59
N LEU U 154 -35.97 17.04 -66.69
CA LEU U 154 -35.22 16.44 -65.58
C LEU U 154 -34.79 17.46 -64.53
N GLN U 155 -34.98 17.10 -63.25
CA GLN U 155 -34.67 17.98 -62.13
C GLN U 155 -33.33 17.66 -61.49
N SER U 156 -32.65 18.70 -61.01
CA SER U 156 -31.32 18.58 -60.42
C SER U 156 -31.11 19.52 -59.24
N GLY U 157 -30.53 18.98 -58.16
CA GLY U 157 -30.19 19.76 -56.98
C GLY U 157 -31.38 20.49 -56.36
N ASN U 158 -32.50 19.76 -56.25
CA ASN U 158 -33.74 20.30 -55.71
C ASN U 158 -34.52 19.23 -54.95
N SER U 159 -34.12 17.98 -55.17
CA SER U 159 -34.63 16.83 -54.44
C SER U 159 -33.74 16.56 -53.24
N GLN U 160 -34.20 15.68 -52.35
CA GLN U 160 -33.44 15.32 -51.17
C GLN U 160 -33.76 13.90 -50.73
N GLU U 161 -32.73 13.11 -50.47
CA GLU U 161 -32.94 11.69 -50.19
C GLU U 161 -32.63 11.27 -48.75
N SER U 162 -33.41 10.30 -48.28
CA SER U 162 -33.17 9.62 -47.01
C SER U 162 -33.22 8.11 -47.24
N VAL U 163 -32.28 7.40 -46.63
CA VAL U 163 -32.24 5.95 -46.73
C VAL U 163 -32.33 5.28 -45.37
N THR U 164 -33.07 4.18 -45.33
CA THR U 164 -33.29 3.42 -44.12
C THR U 164 -32.08 2.51 -43.84
N GLU U 165 -31.92 2.06 -42.59
CA GLU U 165 -30.92 1.05 -42.27
C GLU U 165 -31.40 -0.33 -42.73
N GLN U 166 -30.47 -1.26 -42.94
CA GLN U 166 -30.82 -2.62 -43.36
C GLN U 166 -31.83 -3.25 -42.39
N ASP U 167 -32.96 -3.69 -42.93
CA ASP U 167 -34.04 -4.23 -42.11
C ASP U 167 -33.65 -5.45 -41.30
N SER U 168 -34.11 -5.50 -40.05
CA SER U 168 -33.75 -6.56 -39.12
C SER U 168 -34.40 -7.91 -39.43
N LYS U 169 -35.46 -7.89 -40.23
CA LYS U 169 -36.11 -9.12 -40.66
C LYS U 169 -35.64 -9.56 -42.04
N ASP U 170 -35.86 -8.73 -43.06
CA ASP U 170 -35.53 -9.12 -44.44
C ASP U 170 -34.21 -8.55 -45.00
N SER U 171 -33.50 -7.74 -44.21
CA SER U 171 -32.23 -7.14 -44.63
C SER U 171 -32.29 -6.33 -45.93
N THR U 172 -33.45 -5.74 -46.21
CA THR U 172 -33.61 -4.85 -47.36
C THR U 172 -33.39 -3.41 -46.91
N TYR U 173 -33.45 -2.48 -47.86
CA TYR U 173 -33.45 -1.06 -47.57
C TYR U 173 -34.78 -0.46 -47.97
N SER U 174 -35.00 0.80 -47.57
CA SER U 174 -36.08 1.61 -48.10
C SER U 174 -35.55 3.03 -48.27
N LEU U 175 -36.06 3.74 -49.28
CA LEU U 175 -35.57 5.08 -49.60
C LEU U 175 -36.71 6.06 -49.88
N SER U 176 -36.51 7.32 -49.47
CA SER U 176 -37.43 8.40 -49.79
C SER U 176 -36.73 9.47 -50.62
N SER U 177 -37.37 9.90 -51.71
CA SER U 177 -36.91 11.07 -52.45
C SER U 177 -37.97 12.17 -52.38
N THR U 178 -37.52 13.35 -51.96
CA THR U 178 -38.41 14.45 -51.65
C THR U 178 -38.11 15.68 -52.51
N LEU U 179 -38.91 15.84 -53.55
CA LEU U 179 -38.82 16.98 -54.43
C LEU U 179 -39.56 18.16 -53.80
N THR U 180 -38.91 19.33 -53.77
CA THR U 180 -39.50 20.54 -53.17
C THR U 180 -39.39 21.78 -54.07
N LEU U 181 -40.51 22.49 -54.21
CA LEU U 181 -40.60 23.73 -54.96
C LEU U 181 -41.68 24.64 -54.38
N SER U 182 -41.66 25.91 -54.77
CA SER U 182 -42.66 26.88 -54.32
C SER U 182 -44.06 26.54 -54.82
N LYS U 183 -45.07 27.15 -54.22
CA LYS U 183 -46.45 27.01 -54.70
C LYS U 183 -46.49 27.44 -56.16
N ALA U 184 -45.94 28.63 -56.42
CA ALA U 184 -45.87 29.21 -57.77
C ALA U 184 -45.25 28.29 -58.81
N ASP U 185 -44.22 27.56 -58.41
CA ASP U 185 -43.57 26.62 -59.32
C ASP U 185 -44.44 25.39 -59.59
N TYR U 186 -45.08 24.87 -58.54
CA TYR U 186 -45.94 23.69 -58.65
C TYR U 186 -47.12 23.88 -59.62
N GLU U 187 -47.75 25.04 -59.59
CA GLU U 187 -48.90 25.33 -60.46
C GLU U 187 -48.53 25.52 -61.93
N LYS U 188 -47.24 25.73 -62.20
CA LYS U 188 -46.75 25.97 -63.55
C LYS U 188 -46.80 24.72 -64.44
N HIS U 189 -46.67 23.54 -63.81
CA HIS U 189 -46.59 22.27 -64.54
C HIS U 189 -47.68 21.27 -64.11
N LYS U 190 -47.85 20.21 -64.91
CA LYS U 190 -48.95 19.25 -64.72
C LYS U 190 -48.52 17.81 -64.38
N VAL U 191 -47.65 17.21 -65.21
CA VAL U 191 -47.24 15.82 -65.03
C VAL U 191 -46.00 15.71 -64.14
N TYR U 192 -46.14 14.97 -63.04
CA TYR U 192 -45.07 14.73 -62.07
C TYR U 192 -44.70 13.24 -62.01
N ALA U 193 -43.44 12.94 -62.28
CA ALA U 193 -42.97 11.56 -62.38
C ALA U 193 -41.64 11.31 -61.68
N CYS U 194 -41.50 10.10 -61.15
CA CYS U 194 -40.31 9.68 -60.43
C CYS U 194 -39.76 8.40 -61.08
N GLU U 195 -38.55 8.50 -61.63
CA GLU U 195 -37.93 7.40 -62.37
C GLU U 195 -36.86 6.68 -61.55
N VAL U 196 -37.01 5.37 -61.39
CA VAL U 196 -36.09 4.58 -60.58
C VAL U 196 -35.27 3.62 -61.43
N THR U 197 -33.95 3.64 -61.25
CA THR U 197 -33.07 2.63 -61.86
C THR U 197 -32.54 1.69 -60.78
N HIS U 198 -32.75 0.39 -60.95
CA HIS U 198 -32.35 -0.60 -59.97
C HIS U 198 -32.04 -1.95 -60.61
N GLN U 199 -31.28 -2.76 -59.88
CA GLN U 199 -30.83 -4.09 -60.34
C GLN U 199 -31.96 -5.10 -60.55
N GLY U 200 -32.90 -5.15 -59.61
CA GLY U 200 -34.03 -6.06 -59.70
C GLY U 200 -35.11 -5.57 -60.64
N LEU U 201 -34.82 -4.48 -61.33
CA LEU U 201 -35.69 -3.90 -62.34
C LEU U 201 -35.00 -4.03 -63.69
N SER U 202 -35.57 -4.85 -64.57
CA SER U 202 -35.04 -5.03 -65.91
C SER U 202 -35.19 -3.76 -66.75
N SER U 203 -36.20 -2.97 -66.41
CA SER U 203 -36.46 -1.68 -67.05
C SER U 203 -36.79 -0.62 -66.01
N PRO U 204 -36.23 0.58 -66.18
CA PRO U 204 -36.55 1.71 -65.30
C PRO U 204 -38.06 1.92 -65.16
N VAL U 205 -38.55 1.84 -63.92
CA VAL U 205 -39.97 1.97 -63.61
C VAL U 205 -40.32 3.40 -63.20
N THR U 206 -41.34 3.94 -63.85
CA THR U 206 -41.84 5.29 -63.59
C THR U 206 -43.15 5.22 -62.83
N LYS U 207 -43.22 5.99 -61.76
CA LYS U 207 -44.48 6.22 -61.07
C LYS U 207 -44.81 7.70 -61.19
N SER U 208 -45.98 7.96 -61.77
CA SER U 208 -46.39 9.31 -62.09
C SER U 208 -47.83 9.53 -61.67
N PHE U 209 -48.16 10.76 -61.30
CA PHE U 209 -49.55 11.13 -61.08
C PHE U 209 -49.90 12.31 -61.96
N ASN U 210 -51.15 12.34 -62.43
CA ASN U 210 -51.65 13.48 -63.15
C ASN U 210 -52.31 14.50 -62.23
N ARG U 211 -51.61 15.61 -61.99
CA ARG U 211 -52.14 16.74 -61.21
C ARG U 211 -53.37 17.36 -61.88
N GLU V 1 -10.97 -0.36 -13.09
CA GLU V 1 -12.19 -0.08 -13.91
C GLU V 1 -12.02 1.15 -14.82
N VAL V 2 -11.22 0.98 -15.87
CA VAL V 2 -10.91 2.06 -16.83
C VAL V 2 -12.12 2.51 -17.66
N GLN V 3 -12.38 3.81 -17.65
CA GLN V 3 -13.33 4.44 -18.58
C GLN V 3 -13.17 5.95 -18.60
N LEU V 4 -13.55 6.52 -19.74
CA LEU V 4 -13.68 7.95 -19.90
C LEU V 4 -15.17 8.24 -20.05
N VAL V 5 -15.67 9.25 -19.34
CA VAL V 5 -17.07 9.61 -19.41
C VAL V 5 -17.20 11.07 -19.81
N GLU V 6 -17.95 11.31 -20.87
CA GLU V 6 -18.09 12.66 -21.41
C GLU V 6 -19.40 13.30 -21.00
N SER V 7 -19.38 14.63 -20.95
CA SER V 7 -20.59 15.42 -20.73
C SER V 7 -20.37 16.81 -21.29
N GLY V 8 -21.46 17.58 -21.39
CA GLY V 8 -21.39 18.99 -21.73
C GLY V 8 -21.82 19.37 -23.14
N GLY V 9 -22.17 18.38 -23.95
CA GLY V 9 -22.66 18.69 -25.29
C GLY V 9 -24.01 19.36 -25.19
N GLY V 10 -24.43 19.97 -26.30
CA GLY V 10 -25.70 20.66 -26.33
C GLY V 10 -25.91 21.43 -27.61
N LEU V 11 -26.80 22.40 -27.54
CA LEU V 11 -27.22 23.22 -28.67
C LEU V 11 -26.80 24.67 -28.45
N VAL V 12 -26.02 25.21 -29.38
CA VAL V 12 -25.59 26.62 -29.31
C VAL V 12 -25.81 27.39 -30.60
N GLN V 13 -25.75 28.72 -30.48
CA GLN V 13 -25.78 29.59 -31.64
C GLN V 13 -24.37 29.71 -32.20
N PRO V 14 -24.24 29.90 -33.51
CA PRO V 14 -22.97 30.38 -34.08
C PRO V 14 -22.39 31.53 -33.26
N GLY V 15 -21.08 31.50 -33.05
CA GLY V 15 -20.39 32.52 -32.27
C GLY V 15 -20.38 32.20 -30.79
N GLY V 16 -21.23 31.25 -30.38
CA GLY V 16 -21.34 30.84 -28.99
C GLY V 16 -20.22 29.92 -28.50
N SER V 17 -20.40 29.44 -27.28
CA SER V 17 -19.39 28.68 -26.55
C SER V 17 -19.93 27.42 -25.90
N LEU V 18 -19.05 26.44 -25.74
CA LEU V 18 -19.36 25.22 -25.02
C LEU V 18 -18.09 24.70 -24.38
N ARG V 19 -18.20 24.09 -23.21
CA ARG V 19 -17.08 23.31 -22.69
C ARG V 19 -17.47 21.86 -22.51
N LEU V 20 -16.80 20.98 -23.25
CA LEU V 20 -17.00 19.56 -23.12
C LEU V 20 -16.07 19.05 -22.03
N SER V 21 -16.47 18.01 -21.33
CA SER V 21 -15.56 17.36 -20.39
C SER V 21 -15.45 15.85 -20.57
N CYS V 22 -14.29 15.35 -20.18
CA CYS V 22 -13.92 13.95 -20.34
C CYS V 22 -13.34 13.48 -19.02
N ALA V 23 -14.18 12.88 -18.17
CA ALA V 23 -13.75 12.49 -16.82
C ALA V 23 -13.27 11.05 -16.79
N ALA V 24 -12.01 10.88 -16.40
CA ALA V 24 -11.38 9.56 -16.33
C ALA V 24 -11.60 8.87 -15.00
N SER V 25 -11.71 7.54 -15.06
CA SER V 25 -11.73 6.68 -13.89
C SER V 25 -10.81 5.51 -14.15
N GLY V 26 -10.20 5.00 -13.07
CA GLY V 26 -9.38 3.80 -13.18
C GLY V 26 -8.04 3.99 -13.86
N PHE V 27 -7.70 5.25 -14.16
CA PHE V 27 -6.33 5.63 -14.52
C PHE V 27 -6.15 7.13 -14.27
N THR V 28 -4.92 7.61 -14.45
CA THR V 28 -4.56 9.01 -14.27
C THR V 28 -4.38 9.66 -15.65
N ILE V 29 -5.30 10.56 -16.04
CA ILE V 29 -5.26 11.18 -17.37
C ILE V 29 -3.90 11.83 -17.65
N SER V 30 -3.23 12.33 -16.61
CA SER V 30 -1.95 13.02 -16.79
C SER V 30 -0.86 12.11 -17.35
N ASP V 31 -1.06 10.80 -17.24
CA ASP V 31 -0.17 9.80 -17.81
C ASP V 31 -0.33 9.60 -19.32
N TYR V 32 -1.35 10.21 -19.92
CA TYR V 32 -1.73 9.92 -21.30
C TYR V 32 -2.00 11.18 -22.10
N TRP V 33 -1.91 11.08 -23.43
CA TRP V 33 -2.57 12.06 -24.25
C TRP V 33 -4.07 11.85 -24.05
N ILE V 34 -4.81 12.95 -24.05
CA ILE V 34 -6.23 12.84 -24.36
C ILE V 34 -6.46 13.52 -25.70
N HIS V 35 -7.23 12.85 -26.56
CA HIS V 35 -7.51 13.32 -27.91
C HIS V 35 -8.98 13.62 -28.03
N TRP V 36 -9.31 14.70 -28.73
CA TRP V 36 -10.68 14.92 -29.13
C TRP V 36 -10.83 14.61 -30.61
N VAL V 37 -11.79 13.72 -30.89
CA VAL V 37 -12.07 13.21 -32.23
C VAL V 37 -13.56 13.36 -32.42
N ARG V 38 -13.97 13.92 -33.56
CA ARG V 38 -15.38 14.22 -33.82
C ARG V 38 -15.98 13.52 -35.03
N GLN V 39 -17.27 13.23 -34.97
CA GLN V 39 -17.99 12.57 -36.05
C GLN V 39 -19.24 13.35 -36.51
N ALA V 40 -19.11 14.05 -37.63
CA ALA V 40 -20.23 14.77 -38.21
C ALA V 40 -21.33 13.79 -38.67
N PRO V 41 -22.61 14.19 -38.61
CA PRO V 41 -23.72 13.29 -38.97
C PRO V 41 -23.52 12.60 -40.35
N GLY V 42 -23.41 11.27 -40.30
CA GLY V 42 -23.26 10.45 -41.48
C GLY V 42 -21.85 10.48 -42.06
N LYS V 43 -20.89 11.01 -41.29
CA LYS V 43 -19.52 11.16 -41.77
C LYS V 43 -18.49 10.40 -40.89
N GLY V 44 -17.22 10.49 -41.26
CA GLY V 44 -16.16 9.72 -40.63
C GLY V 44 -15.63 10.31 -39.33
N LEU V 45 -14.48 9.83 -38.88
CA LEU V 45 -13.86 10.31 -37.65
C LEU V 45 -12.75 11.29 -37.97
N GLU V 46 -12.84 12.50 -37.43
CA GLU V 46 -11.88 13.57 -37.68
C GLU V 46 -11.26 14.04 -36.38
N TRP V 47 -9.94 13.92 -36.28
CA TRP V 47 -9.22 14.41 -35.12
C TRP V 47 -9.33 15.93 -34.99
N VAL V 48 -9.32 16.42 -33.76
CA VAL V 48 -9.52 17.83 -33.51
C VAL V 48 -8.40 18.45 -32.68
N ALA V 49 -8.12 17.87 -31.51
CA ALA V 49 -7.16 18.41 -30.57
C ALA V 49 -6.57 17.30 -29.69
N GLY V 50 -5.36 17.51 -29.17
CA GLY V 50 -4.71 16.57 -28.28
C GLY V 50 -3.79 17.26 -27.30
N ILE V 51 -3.75 16.79 -26.05
CA ILE V 51 -2.81 17.26 -25.02
C ILE V 51 -1.87 16.15 -24.68
N THR V 52 -0.63 16.53 -24.48
CA THR V 52 0.46 15.66 -24.14
C THR V 52 0.40 15.23 -22.66
N PRO V 53 0.95 14.05 -22.31
CA PRO V 53 1.08 13.65 -20.90
C PRO V 53 1.71 14.76 -20.06
N ALA V 54 1.25 14.90 -18.83
CA ALA V 54 1.70 15.97 -17.91
C ALA V 54 1.35 17.36 -18.43
N GLY V 55 0.67 17.43 -19.56
CA GLY V 55 0.26 18.70 -20.14
C GLY V 55 1.43 19.48 -20.68
N GLY V 56 2.42 18.79 -21.24
CA GLY V 56 3.60 19.40 -21.83
C GLY V 56 3.28 20.22 -23.07
N TYR V 57 2.36 19.72 -23.90
CA TYR V 57 2.04 20.37 -25.18
C TYR V 57 0.58 20.15 -25.61
N THR V 58 0.20 20.92 -26.61
CA THR V 58 -1.17 21.02 -27.07
C THR V 58 -1.13 21.12 -28.61
N TYR V 59 -2.06 20.44 -29.29
CA TYR V 59 -2.08 20.43 -30.76
C TYR V 59 -3.50 20.53 -31.27
N TYR V 60 -3.69 21.22 -32.40
CA TYR V 60 -5.02 21.39 -33.01
C TYR V 60 -5.05 21.16 -34.51
N ALA V 61 -6.22 20.72 -35.00
CA ALA V 61 -6.52 20.74 -36.43
C ALA V 61 -6.73 22.18 -36.90
N ASP V 62 -6.34 22.48 -38.13
CA ASP V 62 -6.50 23.82 -38.67
C ASP V 62 -7.95 24.27 -38.58
N SER V 63 -8.87 23.32 -38.77
CA SER V 63 -10.32 23.63 -38.75
C SER V 63 -10.73 24.24 -37.42
N VAL V 64 -9.82 24.18 -36.46
CA VAL V 64 -10.16 24.38 -35.06
C VAL V 64 -9.18 25.33 -34.37
N LYS V 65 -7.98 25.44 -34.93
CA LYS V 65 -6.90 26.25 -34.38
C LYS V 65 -7.38 27.67 -34.12
N GLY V 66 -7.15 28.14 -32.90
CA GLY V 66 -7.46 29.52 -32.53
C GLY V 66 -8.89 29.71 -32.04
N ARG V 67 -9.67 28.64 -32.11
CA ARG V 67 -11.05 28.67 -31.67
C ARG V 67 -11.26 27.76 -30.47
N PHE V 68 -10.58 26.62 -30.45
CA PHE V 68 -10.72 25.65 -29.37
C PHE V 68 -9.49 25.63 -28.47
N THR V 69 -9.69 25.40 -27.16
CA THR V 69 -8.61 25.09 -26.22
C THR V 69 -8.81 23.73 -25.59
N ILE V 70 -7.84 22.85 -25.75
CA ILE V 70 -7.85 21.57 -25.02
C ILE V 70 -7.07 21.74 -23.73
N SER V 71 -7.62 21.19 -22.64
CA SER V 71 -6.99 21.29 -21.32
C SER V 71 -7.39 20.12 -20.42
N ALA V 72 -7.07 20.24 -19.13
CA ALA V 72 -7.51 19.28 -18.12
C ALA V 72 -7.32 19.85 -16.74
N ASP V 73 -7.97 19.23 -15.77
CA ASP V 73 -7.81 19.59 -14.37
C ASP V 73 -7.40 18.31 -13.62
N THR V 74 -6.15 18.24 -13.18
CA THR V 74 -5.65 17.02 -12.56
C THR V 74 -6.36 16.70 -11.24
N SER V 75 -6.77 17.73 -10.52
CA SER V 75 -7.44 17.52 -9.24
C SER V 75 -8.79 16.83 -9.44
N LYS V 76 -9.36 16.96 -10.64
CA LYS V 76 -10.64 16.31 -10.95
C LYS V 76 -10.44 15.17 -11.94
N ASN V 77 -9.19 14.91 -12.32
CA ASN V 77 -8.86 13.86 -13.28
C ASN V 77 -9.78 13.91 -14.50
N THR V 78 -9.98 15.12 -15.04
CA THR V 78 -10.92 15.38 -16.10
C THR V 78 -10.28 16.27 -17.16
N ALA V 79 -10.43 15.87 -18.43
CA ALA V 79 -9.97 16.66 -19.56
C ALA V 79 -11.11 17.48 -20.11
N TYR V 80 -10.79 18.59 -20.76
CA TYR V 80 -11.82 19.47 -21.31
C TYR V 80 -11.45 19.92 -22.69
N LEU V 81 -12.48 20.17 -23.50
CA LEU V 81 -12.34 20.92 -24.74
C LEU V 81 -13.19 22.18 -24.65
N GLN V 82 -12.52 23.33 -24.63
CA GLN V 82 -13.21 24.62 -24.63
C GLN V 82 -13.45 25.04 -26.07
N MET V 83 -14.73 25.21 -26.41
CA MET V 83 -15.14 25.53 -27.78
C MET V 83 -15.69 26.95 -27.92
N ASN V 84 -14.94 27.82 -28.59
CA ASN V 84 -15.37 29.20 -28.86
C ASN V 84 -15.67 29.41 -30.34
N SER V 85 -16.36 30.51 -30.67
CA SER V 85 -16.67 30.92 -32.05
C SER V 85 -17.21 29.78 -32.92
N LEU V 86 -18.19 29.04 -32.39
CA LEU V 86 -18.70 27.85 -33.04
C LEU V 86 -19.41 28.17 -34.35
N ARG V 87 -19.28 27.27 -35.31
CA ARG V 87 -19.91 27.37 -36.60
C ARG V 87 -20.80 26.15 -36.75
N ALA V 88 -21.75 26.24 -37.68
CA ALA V 88 -22.64 25.11 -38.01
C ALA V 88 -21.88 23.85 -38.37
N GLU V 89 -20.75 24.01 -39.07
CA GLU V 89 -19.88 22.90 -39.47
C GLU V 89 -19.20 22.20 -38.28
N ASP V 90 -19.34 22.76 -37.08
CA ASP V 90 -18.83 22.10 -35.87
C ASP V 90 -19.81 21.09 -35.31
N THR V 91 -21.00 21.03 -35.90
CA THR V 91 -21.98 20.02 -35.50
C THR V 91 -21.37 18.61 -35.66
N ALA V 92 -21.39 17.85 -34.58
CA ALA V 92 -20.81 16.52 -34.55
C ALA V 92 -20.96 15.89 -33.16
N VAL V 93 -20.72 14.58 -33.10
CA VAL V 93 -20.55 13.91 -31.82
C VAL V 93 -19.06 13.96 -31.53
N TYR V 94 -18.72 14.49 -30.36
CA TYR V 94 -17.33 14.59 -29.92
C TYR V 94 -16.99 13.44 -28.99
N TYR V 95 -15.89 12.75 -29.32
CA TYR V 95 -15.35 11.67 -28.50
C TYR V 95 -14.03 12.13 -27.92
N CYS V 96 -13.73 11.67 -26.72
CA CYS V 96 -12.36 11.75 -26.22
C CYS V 96 -11.81 10.34 -26.17
N ALA V 97 -10.48 10.24 -26.25
CA ALA V 97 -9.81 8.95 -26.22
C ALA V 97 -8.39 9.15 -25.69
N ARG V 98 -7.89 8.13 -25.01
CA ARG V 98 -6.54 8.21 -24.48
C ARG V 98 -5.56 7.56 -25.42
N PHE V 99 -4.31 8.03 -25.36
CA PHE V 99 -3.28 7.58 -26.27
C PHE V 99 -1.91 7.89 -25.71
N VAL V 100 -0.96 7.07 -26.11
CA VAL V 100 0.40 7.19 -25.61
C VAL V 100 1.27 6.52 -26.68
N PHE V 101 2.52 6.96 -26.86
CA PHE V 101 3.35 6.33 -27.90
C PHE V 101 3.89 4.95 -27.49
N PHE V 102 3.80 4.67 -26.20
CA PHE V 102 4.02 3.32 -25.69
C PHE V 102 2.96 2.40 -26.30
N LEU V 103 3.29 1.12 -26.43
CA LEU V 103 2.33 0.13 -26.89
C LEU V 103 1.07 0.23 -26.02
N PRO V 104 -0.14 0.10 -26.60
CA PRO V 104 -0.35 -0.28 -28.01
C PRO V 104 -0.26 0.85 -29.02
N TYR V 105 0.11 2.06 -28.58
CA TYR V 105 0.02 3.27 -29.39
C TYR V 105 -1.21 3.28 -30.32
N ALA V 106 -2.36 3.12 -29.68
CA ALA V 106 -3.66 3.20 -30.33
C ALA V 106 -4.62 3.78 -29.31
N MET V 107 -5.79 4.22 -29.78
CA MET V 107 -6.79 4.75 -28.88
C MET V 107 -7.56 3.59 -28.28
N ASP V 108 -7.04 3.07 -27.17
CA ASP V 108 -7.63 1.89 -26.52
C ASP V 108 -8.91 2.16 -25.75
N TYR V 109 -9.01 3.33 -25.11
CA TYR V 109 -10.21 3.73 -24.38
C TYR V 109 -10.83 4.99 -24.95
N TRP V 110 -12.15 4.95 -25.13
CA TRP V 110 -12.92 6.06 -25.70
C TRP V 110 -14.06 6.49 -24.79
N GLY V 111 -14.41 7.76 -24.81
CA GLY V 111 -15.65 8.23 -24.20
C GLY V 111 -16.84 7.80 -25.05
N GLN V 112 -18.05 7.99 -24.52
CA GLN V 112 -19.27 7.65 -25.26
C GLN V 112 -19.66 8.67 -26.34
N GLY V 113 -19.11 9.88 -26.25
CA GLY V 113 -19.44 10.97 -27.17
C GLY V 113 -20.53 11.86 -26.61
N THR V 114 -20.41 13.18 -26.78
CA THR V 114 -21.55 14.11 -26.58
C THR V 114 -21.91 14.78 -27.89
N LEU V 115 -23.20 15.00 -28.11
CA LEU V 115 -23.66 15.69 -29.30
C LEU V 115 -23.46 17.19 -29.14
N VAL V 116 -22.75 17.77 -30.10
CA VAL V 116 -22.71 19.22 -30.18
C VAL V 116 -23.41 19.66 -31.45
N THR V 117 -24.49 20.42 -31.29
CA THR V 117 -25.26 20.83 -32.44
C THR V 117 -25.32 22.36 -32.49
N VAL V 118 -24.82 22.94 -33.59
CA VAL V 118 -24.73 24.40 -33.74
C VAL V 118 -25.65 24.91 -34.85
N SER V 119 -26.56 25.81 -34.47
CA SER V 119 -27.51 26.39 -35.42
C SER V 119 -28.14 27.68 -34.88
N SER V 120 -28.53 28.54 -35.82
CA SER V 120 -29.24 29.78 -35.49
C SER V 120 -30.75 29.59 -35.50
N ALA V 121 -31.19 28.44 -36.02
CA ALA V 121 -32.60 28.10 -36.14
C ALA V 121 -33.29 28.11 -34.78
N SER V 122 -34.54 28.56 -34.77
CA SER V 122 -35.33 28.58 -33.55
C SER V 122 -36.09 27.27 -33.41
N THR V 123 -36.25 26.82 -32.18
CA THR V 123 -37.12 25.71 -31.86
C THR V 123 -38.49 25.92 -32.52
N LYS V 124 -38.92 24.93 -33.29
CA LYS V 124 -40.18 24.99 -34.00
C LYS V 124 -40.67 23.57 -34.22
N GLY V 125 -41.94 23.31 -33.88
CA GLY V 125 -42.52 21.99 -34.08
C GLY V 125 -42.88 21.77 -35.53
N PRO V 126 -43.03 20.52 -35.96
CA PRO V 126 -43.23 20.21 -37.38
C PRO V 126 -44.65 20.46 -37.92
N SER V 127 -44.74 20.78 -39.21
CA SER V 127 -46.01 20.70 -39.93
C SER V 127 -46.16 19.27 -40.42
N VAL V 128 -47.30 18.65 -40.13
CA VAL V 128 -47.50 17.24 -40.43
C VAL V 128 -48.58 17.05 -41.49
N PHE V 129 -48.16 16.67 -42.68
CA PHE V 129 -49.05 16.51 -43.81
C PHE V 129 -49.19 15.04 -44.14
N PRO V 130 -50.38 14.60 -44.57
CA PRO V 130 -50.60 13.18 -44.89
C PRO V 130 -50.02 12.80 -46.24
N LEU V 131 -49.41 11.62 -46.31
CA LEU V 131 -48.97 11.06 -47.59
C LEU V 131 -50.03 10.06 -48.02
N ALA V 132 -51.04 10.57 -48.71
CA ALA V 132 -52.28 9.83 -48.97
C ALA V 132 -52.08 8.65 -49.93
N PRO V 133 -52.65 7.50 -49.56
CA PRO V 133 -52.54 6.30 -50.40
C PRO V 133 -52.99 6.62 -51.82
N SER V 134 -52.05 6.58 -52.78
CA SER V 134 -52.33 6.94 -54.18
C SER V 134 -53.59 6.26 -54.74
N SER V 135 -54.32 7.00 -55.57
CA SER V 135 -55.49 6.55 -56.32
C SER V 135 -56.81 7.00 -55.72
N GLY V 141 -53.50 -5.31 -53.93
CA GLY V 141 -52.48 -6.04 -53.21
C GLY V 141 -51.98 -5.26 -52.00
N THR V 142 -50.93 -4.48 -52.20
CA THR V 142 -50.33 -3.68 -51.13
C THR V 142 -50.38 -2.18 -51.46
N ALA V 143 -50.81 -1.40 -50.48
CA ALA V 143 -50.85 0.05 -50.58
C ALA V 143 -49.85 0.66 -49.60
N ALA V 144 -49.40 1.87 -49.89
CA ALA V 144 -48.47 2.59 -49.02
C ALA V 144 -49.00 3.98 -48.60
N LEU V 145 -48.99 4.26 -47.30
CA LEU V 145 -49.45 5.53 -46.78
C LEU V 145 -48.45 6.09 -45.78
N GLY V 146 -48.47 7.41 -45.58
CA GLY V 146 -47.51 7.99 -44.66
C GLY V 146 -47.81 9.38 -44.15
N CYS V 147 -46.81 9.95 -43.48
CA CYS V 147 -46.89 11.30 -42.92
C CYS V 147 -45.59 12.02 -43.22
N LEU V 148 -45.70 13.18 -43.86
CA LEU V 148 -44.57 14.07 -44.02
C LEU V 148 -44.46 14.96 -42.80
N VAL V 149 -43.35 14.85 -42.11
CA VAL V 149 -43.10 15.61 -40.89
C VAL V 149 -42.05 16.65 -41.21
N LYS V 150 -42.51 17.86 -41.50
CA LYS V 150 -41.68 18.86 -42.15
C LYS V 150 -41.44 20.12 -41.32
N ASP V 151 -40.22 20.64 -41.44
CA ASP V 151 -39.83 21.94 -40.89
C ASP V 151 -39.89 22.02 -39.38
N TYR V 152 -39.09 21.18 -38.70
CA TYR V 152 -38.99 21.21 -37.25
C TYR V 152 -37.53 21.38 -36.79
N PHE V 153 -37.35 21.86 -35.57
CA PHE V 153 -36.04 22.08 -35.00
C PHE V 153 -36.12 22.16 -33.47
N PRO V 154 -35.18 21.56 -32.76
CA PRO V 154 -34.13 20.69 -33.35
C PRO V 154 -34.59 19.23 -33.40
N GLU V 155 -33.66 18.31 -33.62
CA GLU V 155 -33.96 16.89 -33.46
C GLU V 155 -34.10 16.58 -31.97
N PRO V 156 -34.80 15.49 -31.61
CA PRO V 156 -35.50 14.60 -32.53
C PRO V 156 -37.02 14.76 -32.57
N VAL V 157 -37.65 14.00 -33.46
CA VAL V 157 -39.10 13.86 -33.52
C VAL V 157 -39.43 12.38 -33.29
N THR V 158 -40.64 12.13 -32.80
CA THR V 158 -41.07 10.76 -32.50
C THR V 158 -42.36 10.48 -33.24
N VAL V 159 -42.35 9.42 -34.03
CA VAL V 159 -43.51 9.04 -34.80
C VAL V 159 -43.97 7.63 -34.46
N SER V 160 -45.26 7.49 -34.18
CA SER V 160 -45.87 6.18 -34.05
C SER V 160 -47.15 6.14 -34.90
N TRP V 161 -47.70 4.94 -35.06
CA TRP V 161 -48.91 4.78 -35.83
C TRP V 161 -49.95 4.05 -34.99
N ASN V 162 -51.19 4.52 -35.11
CA ASN V 162 -52.30 4.02 -34.30
C ASN V 162 -51.91 3.82 -32.83
N SER V 163 -51.27 4.84 -32.25
CA SER V 163 -50.77 4.77 -30.89
C SER V 163 -49.95 3.51 -30.60
N GLY V 164 -49.13 3.10 -31.56
CA GLY V 164 -48.26 1.95 -31.38
C GLY V 164 -48.93 0.62 -31.65
N ALA V 165 -50.18 0.65 -32.10
CA ALA V 165 -50.84 -0.58 -32.51
C ALA V 165 -50.27 -1.05 -33.85
N LEU V 166 -50.01 -0.10 -34.74
CA LEU V 166 -49.44 -0.40 -36.05
C LEU V 166 -47.92 -0.17 -36.08
N THR V 167 -47.19 -1.28 -36.19
CA THR V 167 -45.72 -1.30 -36.20
C THR V 167 -45.18 -1.96 -37.47
N SER V 168 -45.88 -2.99 -37.94
CA SER V 168 -45.45 -3.76 -39.09
C SER V 168 -45.50 -2.96 -40.40
N GLY V 169 -44.42 -3.06 -41.18
CA GLY V 169 -44.31 -2.36 -42.45
C GLY V 169 -43.95 -0.89 -42.35
N VAL V 170 -43.82 -0.37 -41.13
CA VAL V 170 -43.47 1.04 -40.92
C VAL V 170 -41.98 1.29 -41.20
N HIS V 171 -41.70 2.39 -41.91
CA HIS V 171 -40.34 2.88 -42.06
C HIS V 171 -40.37 4.35 -41.72
N THR V 172 -39.80 4.72 -40.58
CA THR V 172 -39.60 6.14 -40.30
C THR V 172 -38.22 6.49 -40.82
N PHE V 173 -38.19 7.38 -41.80
CA PHE V 173 -36.93 7.75 -42.42
C PHE V 173 -36.12 8.67 -41.53
N PRO V 174 -34.79 8.49 -41.56
CA PRO V 174 -33.86 9.44 -40.97
C PRO V 174 -34.12 10.86 -41.47
N ALA V 175 -34.16 11.80 -40.53
CA ALA V 175 -34.36 13.21 -40.83
C ALA V 175 -33.31 13.73 -41.78
N VAL V 176 -33.71 14.75 -42.54
CA VAL V 176 -32.87 15.39 -43.53
C VAL V 176 -32.76 16.87 -43.15
N LEU V 177 -31.54 17.40 -43.19
CA LEU V 177 -31.30 18.81 -42.88
C LEU V 177 -31.54 19.66 -44.12
N GLN V 178 -32.65 20.37 -44.14
CA GLN V 178 -32.97 21.24 -45.26
C GLN V 178 -32.09 22.48 -45.20
N SER V 179 -31.87 23.11 -46.35
CA SER V 179 -31.03 24.31 -46.43
C SER V 179 -31.56 25.47 -45.58
N SER V 180 -32.85 25.43 -45.25
CA SER V 180 -33.49 26.41 -44.38
C SER V 180 -33.05 26.25 -42.92
N GLY V 181 -32.24 25.23 -42.65
CA GLY V 181 -31.72 24.98 -41.32
C GLY V 181 -32.61 24.08 -40.48
N LEU V 182 -33.82 23.86 -40.95
CA LEU V 182 -34.82 23.06 -40.25
C LEU V 182 -34.82 21.63 -40.79
N TYR V 183 -35.37 20.71 -39.99
CA TYR V 183 -35.38 19.29 -40.33
C TYR V 183 -36.68 18.84 -40.98
N SER V 184 -36.62 17.71 -41.68
CA SER V 184 -37.79 17.11 -42.29
C SER V 184 -37.58 15.61 -42.44
N LEU V 185 -38.66 14.84 -42.34
CA LEU V 185 -38.66 13.39 -42.60
C LEU V 185 -40.05 12.91 -43.00
N SER V 186 -40.11 11.65 -43.44
CA SER V 186 -41.39 10.99 -43.68
C SER V 186 -41.42 9.66 -42.95
N SER V 187 -42.55 9.38 -42.30
CA SER V 187 -42.79 8.04 -41.81
C SER V 187 -43.83 7.43 -42.72
N VAL V 188 -43.59 6.19 -43.12
CA VAL V 188 -44.40 5.55 -44.15
C VAL V 188 -44.70 4.09 -43.77
N VAL V 189 -45.77 3.54 -44.31
CA VAL V 189 -46.18 2.17 -44.03
C VAL V 189 -46.91 1.54 -45.21
N THR V 190 -46.61 0.28 -45.51
CA THR V 190 -47.37 -0.46 -46.50
C THR V 190 -48.37 -1.34 -45.79
N VAL V 191 -49.56 -1.43 -46.37
CA VAL V 191 -50.69 -2.12 -45.76
C VAL V 191 -51.49 -2.83 -46.85
N PRO V 192 -52.18 -3.92 -46.48
CA PRO V 192 -53.09 -4.61 -47.39
C PRO V 192 -54.13 -3.67 -48.00
N SER V 193 -54.17 -3.63 -49.34
CA SER V 193 -55.08 -2.77 -50.11
C SER V 193 -56.53 -2.85 -49.61
N SER V 194 -56.97 -4.06 -49.28
CA SER V 194 -58.34 -4.35 -48.83
C SER V 194 -58.78 -3.54 -47.60
N SER V 195 -57.81 -3.00 -46.86
CA SER V 195 -58.06 -2.41 -45.54
C SER V 195 -58.42 -0.91 -45.51
N LEU V 196 -58.21 -0.17 -46.60
CA LEU V 196 -58.57 1.26 -46.62
C LEU V 196 -60.09 1.43 -46.63
N GLY V 197 -60.63 1.94 -45.52
CA GLY V 197 -62.08 1.98 -45.34
C GLY V 197 -62.55 0.90 -44.38
N THR V 198 -61.70 -0.09 -44.12
CA THR V 198 -61.89 -1.05 -43.04
C THR V 198 -61.14 -0.57 -41.79
N GLN V 199 -60.00 0.07 -42.03
CA GLN V 199 -59.05 0.44 -40.98
C GLN V 199 -58.62 1.90 -41.09
N THR V 200 -58.65 2.60 -39.96
CA THR V 200 -58.19 3.98 -39.91
C THR V 200 -56.71 4.06 -39.54
N TYR V 201 -55.98 4.92 -40.23
CA TYR V 201 -54.55 5.09 -39.98
C TYR V 201 -54.23 6.50 -39.51
N ILE V 202 -53.73 6.60 -38.29
CA ILE V 202 -53.31 7.86 -37.71
C ILE V 202 -51.84 7.76 -37.34
N CYS V 203 -51.04 8.77 -37.70
CA CYS V 203 -49.67 8.86 -37.19
C CYS V 203 -49.62 9.83 -36.01
N ASN V 204 -48.91 9.44 -34.96
CA ASN V 204 -48.77 10.27 -33.78
C ASN V 204 -47.37 10.86 -33.75
N VAL V 205 -47.29 12.18 -33.88
CA VAL V 205 -46.02 12.90 -33.98
C VAL V 205 -45.73 13.77 -32.74
N ASN V 206 -44.61 13.48 -32.10
CA ASN V 206 -44.18 14.16 -30.89
C ASN V 206 -42.88 14.89 -31.09
N HIS V 207 -42.86 16.16 -30.71
CA HIS V 207 -41.65 16.98 -30.76
C HIS V 207 -41.48 17.62 -29.39
N LYS V 208 -40.58 17.05 -28.60
CA LYS V 208 -40.41 17.49 -27.22
C LYS V 208 -39.85 18.89 -27.03
N PRO V 209 -38.88 19.33 -27.83
CA PRO V 209 -38.31 20.67 -27.65
C PRO V 209 -39.32 21.81 -27.86
N SER V 210 -40.27 21.63 -28.76
CA SER V 210 -41.30 22.65 -28.99
C SER V 210 -42.56 22.42 -28.13
N ASN V 211 -42.57 21.29 -27.43
CA ASN V 211 -43.71 20.83 -26.65
C ASN V 211 -44.98 20.62 -27.50
N THR V 212 -44.81 20.13 -28.73
CA THR V 212 -45.96 19.88 -29.60
C THR V 212 -46.24 18.40 -29.82
N LYS V 213 -47.52 18.06 -29.83
CA LYS V 213 -48.04 16.73 -30.06
C LYS V 213 -49.08 16.80 -31.19
N VAL V 214 -48.89 15.99 -32.24
CA VAL V 214 -49.81 15.99 -33.38
C VAL V 214 -50.25 14.57 -33.74
N ASP V 215 -51.56 14.37 -33.83
CA ASP V 215 -52.12 13.14 -34.38
C ASP V 215 -52.71 13.45 -35.75
N LYS V 216 -52.39 12.64 -36.76
CA LYS V 216 -52.94 12.89 -38.10
C LYS V 216 -53.55 11.65 -38.77
N LYS V 217 -54.84 11.76 -39.07
CA LYS V 217 -55.59 10.73 -39.79
C LYS V 217 -55.23 10.79 -41.27
N VAL V 218 -54.67 9.71 -41.79
CA VAL V 218 -54.38 9.61 -43.23
C VAL V 218 -55.47 8.81 -43.95
N GLU V 219 -56.00 9.40 -45.00
CA GLU V 219 -57.08 8.80 -45.77
C GLU V 219 -56.85 8.99 -47.26
N PRO V 220 -57.47 8.14 -48.09
CA PRO V 220 -57.47 8.35 -49.53
C PRO V 220 -58.03 9.73 -49.89
N LYS V 221 -57.57 10.29 -51.00
CA LYS V 221 -57.98 11.63 -51.44
C LYS V 221 -59.41 11.63 -52.01
N SER V 222 -60.01 12.82 -52.10
CA SER V 222 -61.38 13.01 -52.59
C SER V 222 -61.61 12.61 -54.05
N CYS V 223 -60.55 12.16 -54.73
CA CYS V 223 -60.63 11.68 -56.12
C CYS V 223 -59.61 10.59 -56.45
N ASP W 1 5.43 33.37 -33.95
CA ASP W 1 5.53 33.91 -32.56
C ASP W 1 4.46 34.97 -32.30
N ILE W 2 3.38 34.58 -31.60
CA ILE W 2 2.21 35.45 -31.43
C ILE W 2 2.52 36.73 -30.67
N GLN W 3 2.13 37.85 -31.25
CA GLN W 3 2.38 39.15 -30.66
C GLN W 3 1.19 39.62 -29.82
N MET W 4 1.48 40.16 -28.64
CA MET W 4 0.46 40.79 -27.83
C MET W 4 0.72 42.28 -27.77
N THR W 5 -0.28 43.06 -28.16
CA THR W 5 -0.20 44.52 -28.12
C THR W 5 -1.33 45.03 -27.23
N GLN W 6 -0.99 45.91 -26.30
CA GLN W 6 -1.99 46.43 -25.37
C GLN W 6 -2.28 47.91 -25.55
N SER W 7 -3.46 48.33 -25.10
CA SER W 7 -3.84 49.73 -25.09
C SER W 7 -4.78 49.97 -23.90
N PRO W 8 -4.71 51.15 -23.27
CA PRO W 8 -3.68 52.16 -23.53
C PRO W 8 -2.28 51.79 -23.02
N SER W 9 -1.26 52.55 -23.42
CA SER W 9 0.12 52.34 -23.00
C SER W 9 0.32 52.66 -21.51
N SER W 10 -0.22 53.80 -21.08
CA SER W 10 -0.29 54.16 -19.67
C SER W 10 -1.58 54.96 -19.44
N LEU W 11 -2.18 54.82 -18.26
CA LEU W 11 -3.42 55.54 -17.96
C LEU W 11 -3.48 56.12 -16.54
N SER W 12 -4.38 57.10 -16.36
CA SER W 12 -4.63 57.74 -15.07
C SER W 12 -6.14 57.86 -14.80
N ALA W 13 -6.58 57.40 -13.63
CA ALA W 13 -7.99 57.37 -13.28
C ALA W 13 -8.23 57.52 -11.76
N SER W 14 -9.41 58.00 -11.41
CA SER W 14 -9.78 58.26 -10.01
C SER W 14 -10.17 56.98 -9.25
N VAL W 15 -10.11 57.05 -7.92
CA VAL W 15 -10.50 55.93 -7.06
C VAL W 15 -12.03 55.80 -7.09
N GLY W 16 -12.50 54.57 -7.24
CA GLY W 16 -13.92 54.31 -7.41
C GLY W 16 -14.29 54.23 -8.89
N ASP W 17 -13.39 54.73 -9.74
CA ASP W 17 -13.59 54.75 -11.19
C ASP W 17 -13.56 53.36 -11.81
N ARG W 18 -13.79 53.31 -13.12
CA ARG W 18 -13.82 52.07 -13.85
C ARG W 18 -12.75 52.04 -14.95
N VAL W 19 -11.69 51.29 -14.70
CA VAL W 19 -10.55 51.22 -15.62
C VAL W 19 -10.72 50.07 -16.62
N THR W 20 -10.48 50.37 -17.89
CA THR W 20 -10.64 49.40 -18.96
C THR W 20 -9.42 49.31 -19.90
N ILE W 21 -8.76 48.15 -19.87
CA ILE W 21 -7.56 47.88 -20.66
C ILE W 21 -7.83 46.79 -21.69
N THR W 22 -7.48 47.07 -22.95
CA THR W 22 -7.60 46.06 -24.01
C THR W 22 -6.26 45.47 -24.43
N CYS W 23 -6.31 44.26 -24.96
CA CYS W 23 -5.14 43.55 -25.46
C CYS W 23 -5.49 42.78 -26.72
N ARG W 24 -4.62 42.88 -27.71
CA ARG W 24 -4.89 42.31 -29.02
C ARG W 24 -3.81 41.34 -29.45
N ALA W 25 -4.24 40.15 -29.89
CA ALA W 25 -3.34 39.11 -30.34
C ALA W 25 -3.22 39.15 -31.85
N SER W 26 -2.01 38.96 -32.35
CA SER W 26 -1.75 38.95 -33.78
C SER W 26 -2.42 37.78 -34.49
N GLN W 27 -2.69 36.71 -33.73
CA GLN W 27 -3.41 35.53 -34.22
C GLN W 27 -4.40 35.08 -33.17
N ASP W 28 -5.47 34.43 -33.62
CA ASP W 28 -6.49 33.87 -32.73
C ASP W 28 -5.88 32.91 -31.70
N VAL W 29 -6.17 33.19 -30.42
CA VAL W 29 -5.62 32.41 -29.31
C VAL W 29 -6.72 31.83 -28.41
N SER W 30 -7.89 31.61 -29.00
CA SER W 30 -9.06 31.07 -28.29
C SER W 30 -9.42 31.91 -27.06
N THR W 31 -9.30 31.32 -25.88
CA THR W 31 -9.50 32.07 -24.65
C THR W 31 -8.30 31.88 -23.73
N ALA W 32 -7.20 31.43 -24.31
CA ALA W 32 -5.99 31.16 -23.55
C ALA W 32 -5.21 32.44 -23.30
N VAL W 33 -5.80 33.34 -22.52
CA VAL W 33 -5.17 34.63 -22.21
C VAL W 33 -5.19 34.85 -20.72
N ALA W 34 -4.06 35.24 -20.15
CA ALA W 34 -3.97 35.52 -18.73
C ALA W 34 -3.57 36.97 -18.49
N TRP W 35 -4.03 37.55 -17.38
CA TRP W 35 -3.66 38.92 -17.01
C TRP W 35 -2.84 38.94 -15.71
N TYR W 36 -1.84 39.82 -15.66
CA TYR W 36 -0.98 39.95 -14.47
C TYR W 36 -0.91 41.36 -13.93
N GLN W 37 -0.69 41.47 -12.63
CA GLN W 37 -0.39 42.75 -12.00
C GLN W 37 1.05 42.71 -11.52
N GLN W 38 1.82 43.72 -11.90
CA GLN W 38 3.20 43.82 -11.42
C GLN W 38 3.47 45.15 -10.74
N LYS W 39 3.78 45.07 -9.44
CA LYS W 39 4.20 46.23 -8.66
C LYS W 39 5.72 46.36 -8.71
N PRO W 40 6.23 47.58 -8.85
CA PRO W 40 7.68 47.80 -8.95
C PRO W 40 8.48 46.89 -8.00
N GLY W 41 9.37 46.09 -8.58
CA GLY W 41 10.33 45.28 -7.81
C GLY W 41 9.79 43.95 -7.34
N LYS W 42 8.55 43.67 -7.69
CA LYS W 42 7.92 42.39 -7.36
C LYS W 42 7.64 41.56 -8.62
N ALA W 43 7.55 40.25 -8.45
CA ALA W 43 7.18 39.35 -9.53
C ALA W 43 5.73 39.63 -9.93
N PRO W 44 5.37 39.44 -11.20
CA PRO W 44 3.96 39.57 -11.61
C PRO W 44 3.03 38.63 -10.81
N LYS W 45 1.77 39.04 -10.68
CA LYS W 45 0.78 38.34 -9.85
C LYS W 45 -0.41 38.04 -10.74
N LEU W 46 -0.76 36.76 -10.85
CA LEU W 46 -1.87 36.35 -11.69
C LEU W 46 -3.17 36.91 -11.13
N LEU W 47 -3.98 37.52 -12.00
CA LEU W 47 -5.30 38.02 -11.62
C LEU W 47 -6.40 37.23 -12.32
N ILE W 48 -6.22 37.03 -13.63
CA ILE W 48 -7.20 36.35 -14.45
C ILE W 48 -6.48 35.39 -15.38
N TYR W 49 -7.08 34.21 -15.53
CA TYR W 49 -6.62 33.19 -16.45
C TYR W 49 -7.82 32.70 -17.25
N SER W 50 -7.54 32.00 -18.34
CA SER W 50 -8.56 31.56 -19.29
C SER W 50 -9.45 32.72 -19.77
N ALA W 51 -8.82 33.88 -19.95
CA ALA W 51 -9.42 35.13 -20.44
C ALA W 51 -10.42 35.81 -19.51
N SER W 52 -11.21 35.03 -18.78
CA SER W 52 -12.33 35.57 -18.02
C SER W 52 -12.51 34.97 -16.63
N PHE W 53 -11.57 34.13 -16.20
CA PHE W 53 -11.73 33.47 -14.93
C PHE W 53 -10.87 34.08 -13.84
N LEU W 54 -11.53 34.40 -12.72
CA LEU W 54 -10.89 35.05 -11.60
C LEU W 54 -10.01 34.07 -10.86
N TYR W 55 -8.71 34.38 -10.79
CA TYR W 55 -7.79 33.52 -10.06
C TYR W 55 -8.06 33.60 -8.56
N SER W 56 -7.93 32.47 -7.88
CA SER W 56 -8.33 32.34 -6.49
C SER W 56 -7.63 33.36 -5.56
N GLY W 57 -8.39 33.97 -4.66
CA GLY W 57 -7.87 34.96 -3.74
C GLY W 57 -7.83 36.39 -4.26
N VAL W 58 -7.92 36.54 -5.59
CA VAL W 58 -7.89 37.87 -6.21
C VAL W 58 -9.27 38.52 -6.05
N PRO W 59 -9.29 39.82 -5.75
CA PRO W 59 -10.54 40.53 -5.44
C PRO W 59 -11.54 40.70 -6.58
N SER W 60 -12.81 40.67 -6.21
CA SER W 60 -13.97 40.81 -7.09
C SER W 60 -13.80 41.78 -8.26
N ARG W 61 -13.40 43.01 -7.95
CA ARG W 61 -13.32 44.10 -8.94
C ARG W 61 -12.52 43.77 -10.20
N PHE W 62 -11.65 42.78 -10.10
CA PHE W 62 -10.86 42.32 -11.24
C PHE W 62 -11.64 41.29 -12.09
N SER W 63 -11.81 41.61 -13.38
CA SER W 63 -12.50 40.74 -14.32
C SER W 63 -11.93 40.85 -15.74
N GLY W 64 -11.94 39.72 -16.45
CA GLY W 64 -11.49 39.68 -17.84
C GLY W 64 -12.60 39.27 -18.79
N SER W 65 -12.42 39.55 -20.07
CA SER W 65 -13.36 39.09 -21.09
C SER W 65 -12.71 39.04 -22.49
N GLY W 66 -13.46 38.50 -23.44
CA GLY W 66 -13.01 38.40 -24.82
C GLY W 66 -12.52 37.02 -25.24
N SER W 67 -12.40 36.85 -26.56
CA SER W 67 -11.92 35.61 -27.16
C SER W 67 -11.35 35.88 -28.54
N GLY W 68 -10.52 34.96 -29.03
CA GLY W 68 -9.96 35.06 -30.37
C GLY W 68 -8.80 36.03 -30.46
N THR W 69 -9.10 37.29 -30.74
CA THR W 69 -8.06 38.33 -30.87
C THR W 69 -8.15 39.43 -29.81
N ASP W 70 -9.37 39.78 -29.39
CA ASP W 70 -9.55 40.95 -28.52
C ASP W 70 -9.94 40.59 -27.09
N PHE W 71 -9.12 41.05 -26.14
CA PHE W 71 -9.33 40.74 -24.72
C PHE W 71 -9.29 41.99 -23.85
N THR W 72 -10.06 41.96 -22.77
CA THR W 72 -10.24 43.15 -21.95
C THR W 72 -10.00 42.81 -20.48
N LEU W 73 -9.34 43.73 -19.79
CA LEU W 73 -9.23 43.72 -18.33
C LEU W 73 -10.06 44.89 -17.82
N THR W 74 -10.88 44.64 -16.82
CA THR W 74 -11.68 45.71 -16.24
C THR W 74 -11.55 45.72 -14.71
N ILE W 75 -11.25 46.90 -14.18
CA ILE W 75 -11.31 47.11 -12.74
C ILE W 75 -12.56 47.94 -12.48
N SER W 76 -13.55 47.31 -11.86
CA SER W 76 -14.90 47.84 -11.73
C SER W 76 -15.04 49.01 -10.74
N SER W 77 -14.19 49.01 -9.71
CA SER W 77 -14.12 50.10 -8.74
C SER W 77 -12.68 50.29 -8.25
N LEU W 78 -11.91 51.11 -8.97
CA LEU W 78 -10.48 51.27 -8.72
C LEU W 78 -10.17 51.68 -7.28
N GLN W 79 -9.09 51.11 -6.74
CA GLN W 79 -8.70 51.31 -5.35
C GLN W 79 -7.26 51.83 -5.28
N PRO W 80 -6.93 52.58 -4.23
CA PRO W 80 -5.59 53.17 -4.09
C PRO W 80 -4.42 52.18 -4.24
N GLU W 81 -4.59 50.93 -3.84
CA GLU W 81 -3.48 49.97 -3.93
C GLU W 81 -3.35 49.33 -5.32
N ASP W 82 -4.30 49.60 -6.21
CA ASP W 82 -4.32 49.01 -7.56
C ASP W 82 -3.33 49.62 -8.55
N PHE W 83 -2.52 50.58 -8.09
CA PHE W 83 -1.46 51.15 -8.91
C PHE W 83 -0.40 50.09 -9.19
N ALA W 84 -0.04 49.92 -10.46
CA ALA W 84 0.89 48.89 -10.90
C ALA W 84 0.98 48.87 -12.42
N THR W 85 1.71 47.89 -12.95
CA THR W 85 1.80 47.64 -14.39
C THR W 85 1.07 46.37 -14.73
N TYR W 86 0.17 46.44 -15.71
CA TYR W 86 -0.68 45.30 -16.06
C TYR W 86 -0.33 44.71 -17.42
N TYR W 87 -0.02 43.41 -17.43
CA TYR W 87 0.29 42.67 -18.66
C TYR W 87 -0.76 41.64 -18.96
N CYS W 88 -1.12 41.54 -20.23
CA CYS W 88 -1.83 40.38 -20.75
C CYS W 88 -0.78 39.41 -21.28
N GLN W 89 -1.14 38.13 -21.34
CA GLN W 89 -0.23 37.10 -21.84
C GLN W 89 -0.98 36.04 -22.61
N GLN W 90 -0.36 35.59 -23.70
CA GLN W 90 -0.91 34.53 -24.53
C GLN W 90 -0.44 33.15 -24.05
N SER W 91 -1.37 32.22 -23.91
CA SER W 91 -1.10 30.90 -23.34
C SER W 91 -1.44 29.72 -24.27
N TYR W 92 -1.61 30.03 -25.54
CA TYR W 92 -2.15 29.08 -26.50
C TYR W 92 -1.05 28.23 -27.12
N THR W 93 0.03 28.86 -27.55
CA THR W 93 1.19 28.14 -28.07
C THR W 93 2.40 28.51 -27.27
N THR W 94 3.46 27.74 -27.49
CA THR W 94 4.76 28.04 -26.94
C THR W 94 5.58 28.70 -28.05
N PRO W 95 6.36 29.72 -27.70
CA PRO W 95 6.48 30.20 -26.31
C PRO W 95 5.33 31.12 -25.90
N PRO W 96 5.10 31.29 -24.60
CA PRO W 96 4.12 32.28 -24.13
C PRO W 96 4.66 33.69 -24.36
N THR W 97 3.80 34.63 -24.72
CA THR W 97 4.24 36.00 -24.97
C THR W 97 3.38 36.97 -24.20
N PHE W 98 3.96 38.11 -23.85
CA PHE W 98 3.28 39.12 -23.04
C PHE W 98 3.01 40.35 -23.88
N GLY W 99 2.17 41.23 -23.34
CA GLY W 99 2.11 42.59 -23.82
C GLY W 99 3.31 43.38 -23.32
N GLN W 100 3.35 44.64 -23.70
CA GLN W 100 4.40 45.55 -23.25
C GLN W 100 3.97 46.25 -21.94
N GLY W 101 2.70 46.10 -21.60
CA GLY W 101 2.17 46.54 -20.32
C GLY W 101 1.35 47.82 -20.34
N THR W 102 0.42 47.91 -19.40
CA THR W 102 -0.32 49.14 -19.17
C THR W 102 0.08 49.64 -17.79
N LYS W 103 0.65 50.85 -17.76
CA LYS W 103 1.05 51.52 -16.52
C LYS W 103 -0.11 52.30 -15.92
N VAL W 104 -0.60 51.83 -14.77
CA VAL W 104 -1.73 52.46 -14.11
C VAL W 104 -1.29 53.31 -12.92
N GLU W 105 -1.60 54.60 -13.02
CA GLU W 105 -1.41 55.54 -11.93
C GLU W 105 -2.77 56.11 -11.52
N ILE W 106 -2.91 56.43 -10.24
CA ILE W 106 -4.19 56.86 -9.66
C ILE W 106 -4.31 58.39 -9.62
N LYS W 107 -5.55 58.87 -9.78
CA LYS W 107 -5.89 60.28 -9.66
C LYS W 107 -6.33 60.64 -8.24
N ARG W 108 -5.75 61.72 -7.72
CA ARG W 108 -5.98 62.17 -6.36
C ARG W 108 -6.52 63.62 -6.38
N THR W 109 -6.77 64.20 -5.21
CA THR W 109 -6.99 65.64 -5.12
C THR W 109 -5.63 66.30 -5.18
N VAL W 110 -5.56 67.50 -5.75
CA VAL W 110 -4.33 68.29 -5.74
C VAL W 110 -3.79 68.46 -4.33
N ALA W 111 -2.55 68.04 -4.13
CA ALA W 111 -1.86 68.22 -2.86
C ALA W 111 -0.49 68.86 -3.11
N ALA W 112 -0.27 70.01 -2.48
CA ALA W 112 0.99 70.73 -2.59
C ALA W 112 2.14 69.95 -1.92
N PRO W 113 3.36 70.04 -2.46
CA PRO W 113 4.52 69.43 -1.81
C PRO W 113 4.93 70.09 -0.49
N SER W 114 5.51 69.31 0.40
CA SER W 114 6.26 69.85 1.52
C SER W 114 7.71 69.92 1.07
N VAL W 115 8.30 71.11 1.13
CA VAL W 115 9.64 71.30 0.58
C VAL W 115 10.71 71.41 1.65
N PHE W 116 11.82 70.71 1.43
CA PHE W 116 12.94 70.70 2.37
C PHE W 116 14.28 70.78 1.64
N ILE W 117 15.25 71.45 2.26
CA ILE W 117 16.60 71.58 1.71
C ILE W 117 17.64 71.02 2.68
N PHE W 118 18.57 70.23 2.14
CA PHE W 118 19.62 69.61 2.93
C PHE W 118 21.00 69.99 2.40
N PRO W 119 21.85 70.50 3.29
CA PRO W 119 23.21 70.91 2.92
C PRO W 119 24.18 69.72 2.89
N PRO W 120 25.32 69.87 2.22
CA PRO W 120 26.40 68.89 2.27
C PRO W 120 26.91 68.64 3.69
N SER W 121 27.28 67.39 3.96
CA SER W 121 27.82 66.99 5.26
C SER W 121 29.29 67.35 5.36
N ASP W 122 29.79 67.48 6.59
CA ASP W 122 31.20 67.73 6.84
C ASP W 122 32.04 66.50 6.58
N GLU W 123 31.41 65.33 6.65
CA GLU W 123 32.04 64.07 6.26
C GLU W 123 32.45 64.12 4.79
N GLN W 124 31.48 64.44 3.92
CA GLN W 124 31.69 64.43 2.48
C GLN W 124 32.71 65.47 2.03
N LEU W 125 32.63 66.66 2.64
CA LEU W 125 33.49 67.79 2.29
C LEU W 125 34.96 67.48 2.49
N LYS W 126 35.28 66.74 3.55
CA LYS W 126 36.63 66.24 3.79
C LYS W 126 37.16 65.48 2.56
N SER W 127 36.30 64.68 1.93
CA SER W 127 36.70 63.87 0.77
C SER W 127 36.88 64.67 -0.53
N GLY W 128 36.06 65.70 -0.74
CA GLY W 128 36.26 66.61 -1.85
C GLY W 128 35.10 66.82 -2.81
N THR W 129 33.88 66.48 -2.38
CA THR W 129 32.67 66.69 -3.17
C THR W 129 31.57 67.26 -2.28
N ALA W 130 30.51 67.79 -2.88
CA ALA W 130 29.40 68.38 -2.12
C ALA W 130 28.04 68.11 -2.78
N SER W 131 27.09 67.66 -1.97
CA SER W 131 25.78 67.26 -2.46
C SER W 131 24.67 68.02 -1.75
N VAL W 132 23.81 68.65 -2.55
CA VAL W 132 22.68 69.41 -2.03
C VAL W 132 21.38 68.74 -2.47
N VAL W 133 20.48 68.52 -1.52
CA VAL W 133 19.26 67.78 -1.81
C VAL W 133 18.01 68.60 -1.53
N CYS W 134 17.02 68.50 -2.41
CA CYS W 134 15.70 69.06 -2.16
C CYS W 134 14.64 67.98 -2.11
N LEU W 135 13.79 68.06 -1.10
CA LEU W 135 12.71 67.08 -0.91
C LEU W 135 11.36 67.72 -1.22
N LEU W 136 10.54 66.98 -1.96
CA LEU W 136 9.15 67.33 -2.18
C LEU W 136 8.31 66.21 -1.59
N ASN W 137 7.79 66.43 -0.39
CA ASN W 137 7.14 65.40 0.39
C ASN W 137 5.63 65.34 0.17
N ASN W 138 5.14 64.12 -0.09
CA ASN W 138 3.70 63.78 -0.14
C ASN W 138 2.80 64.72 -0.96
N PHE W 139 2.79 64.54 -2.29
CA PHE W 139 2.07 65.45 -3.18
C PHE W 139 1.41 64.79 -4.40
N TYR W 140 0.40 65.47 -4.96
CA TYR W 140 -0.23 65.12 -6.23
C TYR W 140 -0.61 66.40 -7.01
N PRO W 141 -0.45 66.42 -8.34
CA PRO W 141 0.05 65.30 -9.14
C PRO W 141 1.58 65.12 -9.18
N ARG W 142 2.02 64.06 -9.86
CA ARG W 142 3.44 63.78 -10.06
C ARG W 142 4.19 64.98 -10.63
N GLU W 143 3.52 65.71 -11.51
CA GLU W 143 4.14 66.81 -12.26
C GLU W 143 4.53 68.00 -11.39
N ALA W 144 5.84 68.22 -11.28
CA ALA W 144 6.39 69.36 -10.56
C ALA W 144 7.71 69.82 -11.18
N LYS W 145 8.01 71.10 -10.99
CA LYS W 145 9.21 71.73 -11.54
C LYS W 145 10.14 72.16 -10.41
N VAL W 146 11.31 71.54 -10.34
CA VAL W 146 12.30 71.86 -9.31
C VAL W 146 13.47 72.57 -9.95
N GLN W 147 13.71 73.79 -9.47
CA GLN W 147 14.75 74.65 -10.01
C GLN W 147 15.75 75.05 -8.92
N TRP W 148 17.03 74.96 -9.24
CA TRP W 148 18.07 75.36 -8.32
C TRP W 148 18.67 76.69 -8.72
N LYS W 149 18.98 77.51 -7.71
CA LYS W 149 19.65 78.80 -7.90
C LYS W 149 20.79 78.95 -6.90
N VAL W 150 21.98 79.31 -7.40
CA VAL W 150 23.13 79.58 -6.55
C VAL W 150 23.50 81.07 -6.64
N ASP W 151 23.06 81.84 -5.65
CA ASP W 151 23.16 83.30 -5.67
C ASP W 151 22.34 83.87 -6.83
N ASN W 152 21.08 83.44 -6.90
CA ASN W 152 20.12 83.84 -7.94
C ASN W 152 20.40 83.31 -9.35
N ALA W 153 21.52 82.59 -9.51
CA ALA W 153 21.89 81.99 -10.78
C ALA W 153 21.24 80.62 -11.00
N LEU W 154 20.30 80.57 -11.95
CA LEU W 154 19.58 79.34 -12.30
C LEU W 154 20.53 78.23 -12.75
N GLN W 155 20.47 77.10 -12.07
CA GLN W 155 21.36 75.99 -12.35
C GLN W 155 20.83 75.15 -13.50
N SER W 156 21.75 74.63 -14.30
CA SER W 156 21.41 73.84 -15.48
C SER W 156 22.23 72.57 -15.59
N GLY W 157 21.54 71.45 -15.80
CA GLY W 157 22.13 70.16 -16.13
C GLY W 157 23.10 69.56 -15.14
N ASN W 158 22.83 69.69 -13.85
CA ASN W 158 23.67 69.12 -12.79
C ASN W 158 22.87 68.59 -11.58
N SER W 159 21.55 68.72 -11.65
CA SER W 159 20.64 68.19 -10.64
C SER W 159 20.09 66.84 -11.08
N GLN W 160 19.90 65.94 -10.11
CA GLN W 160 19.37 64.62 -10.37
C GLN W 160 18.04 64.45 -9.68
N GLU W 161 17.02 64.08 -10.43
CA GLU W 161 15.71 63.83 -9.86
C GLU W 161 15.40 62.34 -9.71
N SER W 162 14.67 62.00 -8.65
CA SER W 162 14.30 60.63 -8.33
C SER W 162 12.93 60.64 -7.66
N VAL W 163 11.95 60.00 -8.29
CA VAL W 163 10.58 60.02 -7.76
C VAL W 163 10.18 58.70 -7.10
N THR W 164 9.63 58.82 -5.90
CA THR W 164 8.97 57.72 -5.20
C THR W 164 7.79 57.22 -6.06
N GLU W 165 7.63 55.91 -6.16
CA GLU W 165 6.45 55.36 -6.83
C GLU W 165 5.22 55.66 -5.97
N GLN W 166 4.10 55.94 -6.62
CA GLN W 166 2.86 56.36 -5.95
C GLN W 166 2.61 55.65 -4.62
N ASP W 167 2.24 56.41 -3.60
CA ASP W 167 1.93 55.83 -2.29
C ASP W 167 0.63 55.01 -2.33
N SER W 168 0.54 54.03 -1.44
CA SER W 168 -0.50 53.01 -1.54
C SER W 168 -1.64 53.18 -0.54
N LYS W 169 -1.49 54.15 0.37
CA LYS W 169 -2.51 54.45 1.37
C LYS W 169 -3.14 55.83 1.17
N ASP W 170 -2.38 56.77 0.59
CA ASP W 170 -2.89 58.12 0.34
C ASP W 170 -2.60 58.67 -1.07
N SER W 171 -2.14 57.80 -1.97
CA SER W 171 -1.96 58.09 -3.41
C SER W 171 -0.93 59.18 -3.78
N THR W 172 -0.05 59.53 -2.84
CA THR W 172 0.86 60.65 -3.02
C THR W 172 2.25 60.24 -3.50
N TYR W 173 2.83 61.07 -4.37
CA TYR W 173 4.19 60.91 -4.82
C TYR W 173 5.14 61.65 -3.86
N SER W 174 6.44 61.42 -4.03
CA SER W 174 7.48 62.20 -3.34
C SER W 174 8.68 62.28 -4.28
N LEU W 175 9.50 63.32 -4.11
CA LEU W 175 10.55 63.63 -5.10
C LEU W 175 11.84 64.14 -4.47
N SER W 176 12.96 63.83 -5.11
CA SER W 176 14.28 64.29 -4.67
C SER W 176 15.14 64.83 -5.80
N SER W 177 15.41 66.14 -5.73
CA SER W 177 16.38 66.80 -6.59
C SER W 177 17.72 66.87 -5.88
N THR W 178 18.78 66.46 -6.58
CA THR W 178 20.11 66.36 -6.00
C THR W 178 21.14 67.14 -6.80
N LEU W 179 21.45 68.34 -6.31
CA LEU W 179 22.47 69.21 -6.89
C LEU W 179 23.87 68.77 -6.47
N THR W 180 24.64 68.33 -7.46
CA THR W 180 25.99 67.78 -7.26
C THR W 180 27.03 68.74 -7.82
N LEU W 181 28.02 69.11 -6.99
CA LEU W 181 29.16 69.95 -7.42
C LEU W 181 30.44 69.70 -6.61
N SER W 182 31.55 70.31 -7.04
CA SER W 182 32.85 70.06 -6.42
C SER W 182 33.07 70.77 -5.09
N LYS W 183 34.14 70.42 -4.39
CA LYS W 183 34.54 71.07 -3.14
C LYS W 183 34.98 72.50 -3.47
N ALA W 184 35.95 72.62 -4.37
CA ALA W 184 36.45 73.90 -4.84
C ALA W 184 35.31 74.87 -5.14
N ASP W 185 34.30 74.39 -5.85
CA ASP W 185 33.17 75.21 -6.27
C ASP W 185 32.13 75.49 -5.18
N TYR W 186 31.96 74.55 -4.25
CA TYR W 186 31.01 74.72 -3.15
C TYR W 186 31.42 75.85 -2.22
N GLU W 187 32.72 75.95 -1.96
CA GLU W 187 33.30 77.03 -1.14
C GLU W 187 33.02 78.42 -1.71
N LYS W 188 33.25 78.59 -3.01
CA LYS W 188 33.17 79.90 -3.64
C LYS W 188 31.74 80.39 -3.95
N HIS W 189 30.79 80.01 -3.09
CA HIS W 189 29.42 80.52 -3.16
C HIS W 189 28.70 80.40 -1.81
N LYS W 190 27.76 81.30 -1.57
CA LYS W 190 27.13 81.41 -0.25
C LYS W 190 25.69 80.89 -0.21
N VAL W 191 24.83 81.44 -1.07
CA VAL W 191 23.40 81.15 -1.03
C VAL W 191 23.06 79.98 -1.96
N TYR W 192 22.31 79.01 -1.44
CA TYR W 192 21.89 77.82 -2.19
C TYR W 192 20.38 77.61 -2.03
N ALA W 193 19.65 77.58 -3.15
CA ALA W 193 18.18 77.55 -3.14
C ALA W 193 17.52 76.54 -4.09
N CYS W 194 16.28 76.18 -3.78
CA CYS W 194 15.49 75.23 -4.55
C CYS W 194 14.06 75.78 -4.71
N GLU W 195 13.63 75.95 -5.95
CA GLU W 195 12.33 76.55 -6.23
C GLU W 195 11.34 75.53 -6.77
N VAL W 196 10.13 75.54 -6.22
CA VAL W 196 9.12 74.50 -6.49
C VAL W 196 7.80 75.03 -7.07
N THR W 197 7.58 74.74 -8.35
CA THR W 197 6.34 75.07 -9.06
C THR W 197 5.48 73.81 -9.20
N HIS W 198 4.21 73.93 -8.83
CA HIS W 198 3.31 72.78 -8.76
C HIS W 198 1.88 73.24 -8.83
N GLN W 199 1.00 72.32 -9.26
CA GLN W 199 -0.45 72.53 -9.29
C GLN W 199 -1.07 72.95 -7.94
N GLY W 200 -0.51 72.46 -6.84
CA GLY W 200 -1.05 72.70 -5.51
C GLY W 200 -0.58 73.98 -4.82
N LEU W 201 0.23 74.77 -5.53
CA LEU W 201 0.71 76.06 -5.03
C LEU W 201 0.05 77.21 -5.78
N SER W 202 0.14 78.41 -5.21
CA SER W 202 -0.24 79.62 -5.96
C SER W 202 1.01 80.32 -6.48
N SER W 203 2.05 80.36 -5.65
CA SER W 203 3.35 80.94 -6.02
C SER W 203 4.44 79.86 -5.91
N PRO W 204 5.54 80.01 -6.65
CA PRO W 204 6.73 79.16 -6.45
C PRO W 204 7.34 79.31 -5.05
N VAL W 205 7.72 78.19 -4.45
CA VAL W 205 8.27 78.15 -3.10
C VAL W 205 9.78 77.90 -3.07
N THR W 206 10.50 78.80 -2.40
CA THR W 206 11.94 78.67 -2.23
C THR W 206 12.30 78.23 -0.82
N LYS W 207 13.16 77.22 -0.75
CA LYS W 207 13.79 76.80 0.48
C LYS W 207 15.31 76.92 0.29
N SER W 208 15.96 77.63 1.22
CA SER W 208 17.39 77.95 1.04
C SER W 208 18.22 77.95 2.33
N PHE W 209 19.54 78.01 2.16
CA PHE W 209 20.48 78.09 3.27
C PHE W 209 21.77 78.79 2.87
N ASN W 210 22.33 79.54 3.81
CA ASN W 210 23.65 80.14 3.65
C ASN W 210 24.72 79.15 4.08
N ARG W 211 25.85 79.14 3.38
CA ARG W 211 26.97 78.28 3.71
C ARG W 211 27.81 78.88 4.84
N GLU X 1 3.91 24.63 1.72
CA GLU X 1 4.34 25.98 1.25
C GLU X 1 4.82 25.93 -0.19
N VAL X 2 3.88 26.18 -1.13
CA VAL X 2 4.22 26.25 -2.54
C VAL X 2 4.93 27.56 -2.86
N GLN X 3 6.12 27.46 -3.41
CA GLN X 3 6.92 28.64 -3.71
C GLN X 3 8.11 28.32 -4.61
N LEU X 4 8.65 29.38 -5.20
CA LEU X 4 9.80 29.31 -6.09
C LEU X 4 10.79 30.33 -5.58
N VAL X 5 12.00 29.88 -5.25
CA VAL X 5 13.01 30.76 -4.67
C VAL X 5 14.25 30.74 -5.55
N GLU X 6 14.56 31.90 -6.12
CA GLU X 6 15.70 32.05 -7.01
C GLU X 6 16.92 32.55 -6.27
N SER X 7 18.09 32.15 -6.75
CA SER X 7 19.34 32.78 -6.39
C SER X 7 20.34 32.64 -7.54
N GLY X 8 21.52 33.23 -7.35
CA GLY X 8 22.60 33.09 -8.32
C GLY X 8 22.94 34.33 -9.12
N GLY X 9 22.16 35.39 -8.96
CA GLY X 9 22.38 36.62 -9.71
C GLY X 9 23.65 37.34 -9.30
N GLY X 10 24.04 38.35 -10.07
CA GLY X 10 25.22 39.14 -9.75
C GLY X 10 25.84 39.91 -10.89
N LEU X 11 27.04 40.43 -10.63
CA LEU X 11 27.81 41.21 -11.60
C LEU X 11 28.85 40.33 -12.30
N VAL X 12 28.89 40.38 -13.62
CA VAL X 12 29.92 39.69 -14.40
C VAL X 12 30.41 40.54 -15.57
N GLN X 13 31.60 40.20 -16.07
CA GLN X 13 32.18 40.86 -17.25
C GLN X 13 31.50 40.34 -18.50
N PRO X 14 31.40 41.18 -19.54
CA PRO X 14 30.95 40.71 -20.86
C PRO X 14 31.72 39.46 -21.29
N GLY X 15 31.00 38.41 -21.64
CA GLY X 15 31.61 37.12 -21.96
C GLY X 15 31.63 36.15 -20.79
N GLY X 16 31.51 36.66 -19.57
CA GLY X 16 31.59 35.84 -18.38
C GLY X 16 30.39 34.94 -18.18
N SER X 17 30.48 34.08 -17.16
CA SER X 17 29.48 33.05 -16.86
C SER X 17 28.64 33.36 -15.64
N LEU X 18 27.37 32.94 -15.67
CA LEU X 18 26.51 32.98 -14.51
C LEU X 18 25.51 31.84 -14.60
N ARG X 19 25.11 31.32 -13.45
CA ARG X 19 24.16 30.23 -13.36
C ARG X 19 23.07 30.56 -12.35
N LEU X 20 21.87 30.82 -12.85
CA LEU X 20 20.75 31.17 -12.00
C LEU X 20 20.09 29.88 -11.54
N SER X 21 19.55 29.88 -10.33
CA SER X 21 18.84 28.70 -9.88
C SER X 21 17.45 29.03 -9.34
N CYS X 22 16.52 28.10 -9.54
CA CYS X 22 15.11 28.26 -9.20
C CYS X 22 14.63 27.05 -8.38
N ALA X 23 14.51 27.22 -7.06
CA ALA X 23 14.19 26.08 -6.19
C ALA X 23 12.71 26.02 -5.84
N ALA X 24 12.11 24.85 -6.02
CA ALA X 24 10.70 24.64 -5.75
C ALA X 24 10.49 23.98 -4.38
N SER X 25 9.58 24.55 -3.58
CA SER X 25 9.07 23.87 -2.39
C SER X 25 7.58 23.65 -2.60
N GLY X 26 7.05 22.58 -1.99
CA GLY X 26 5.62 22.34 -1.98
C GLY X 26 5.04 21.76 -3.26
N PHE X 27 5.91 21.44 -4.21
CA PHE X 27 5.53 20.70 -5.40
C PHE X 27 6.79 20.16 -6.08
N THR X 28 6.60 19.35 -7.12
CA THR X 28 7.71 18.73 -7.85
C THR X 28 7.94 19.46 -9.17
N ILE X 29 9.08 20.14 -9.33
CA ILE X 29 9.35 20.96 -10.56
C ILE X 29 9.10 20.16 -11.84
N SER X 30 9.34 18.84 -11.78
CA SER X 30 9.31 17.98 -12.98
C SER X 30 7.89 17.69 -13.48
N ASP X 31 6.90 18.08 -12.70
CA ASP X 31 5.49 18.05 -13.11
C ASP X 31 5.14 19.28 -13.94
N TYR X 32 6.06 20.24 -14.03
CA TYR X 32 5.75 21.53 -14.65
C TYR X 32 6.77 21.91 -15.70
N TRP X 33 6.35 22.77 -16.63
CA TRP X 33 7.27 23.59 -17.39
C TRP X 33 7.89 24.57 -16.42
N ILE X 34 9.18 24.82 -16.53
CA ILE X 34 9.76 26.02 -15.91
C ILE X 34 10.25 26.94 -17.03
N HIS X 35 9.75 28.16 -17.02
CA HIS X 35 10.16 29.18 -17.97
C HIS X 35 11.02 30.18 -17.23
N TRP X 36 11.97 30.76 -17.95
CA TRP X 36 12.70 31.92 -17.49
C TRP X 36 12.21 33.10 -18.28
N VAL X 37 11.97 34.19 -17.57
CA VAL X 37 11.43 35.41 -18.14
C VAL X 37 12.24 36.50 -17.50
N ARG X 38 12.78 37.39 -18.33
CA ARG X 38 13.63 38.47 -17.84
C ARG X 38 13.08 39.85 -18.13
N GLN X 39 13.53 40.82 -17.36
CA GLN X 39 13.03 42.17 -17.48
C GLN X 39 14.14 43.23 -17.31
N ALA X 40 14.49 43.87 -18.42
CA ALA X 40 15.47 44.94 -18.44
C ALA X 40 14.97 46.12 -17.60
N PRO X 41 15.88 46.92 -17.04
CA PRO X 41 15.50 48.08 -16.23
C PRO X 41 14.55 48.98 -17.03
N GLY X 42 13.31 49.08 -16.55
CA GLY X 42 12.28 49.86 -17.22
C GLY X 42 11.92 49.27 -18.57
N LYS X 43 11.45 48.04 -18.57
CA LYS X 43 11.03 47.37 -19.79
C LYS X 43 9.89 46.40 -19.52
N GLY X 44 9.50 45.64 -20.53
CA GLY X 44 8.48 44.63 -20.39
C GLY X 44 9.08 43.28 -20.09
N LEU X 45 8.24 42.24 -20.11
CA LEU X 45 8.67 40.90 -19.74
C LEU X 45 9.02 40.06 -20.97
N GLU X 46 10.32 39.77 -21.13
CA GLU X 46 10.79 38.97 -22.25
C GLU X 46 10.91 37.49 -21.86
N TRP X 47 10.31 36.61 -22.65
CA TRP X 47 10.50 35.17 -22.46
C TRP X 47 11.87 34.80 -22.99
N VAL X 48 12.56 33.95 -22.24
CA VAL X 48 13.96 33.61 -22.50
C VAL X 48 14.17 32.10 -22.84
N ALA X 49 13.74 31.21 -21.96
CA ALA X 49 13.89 29.78 -22.19
C ALA X 49 12.85 29.04 -21.39
N GLY X 50 12.55 27.81 -21.82
CA GLY X 50 11.57 26.99 -21.12
C GLY X 50 11.87 25.52 -21.22
N ILE X 51 11.74 24.82 -20.09
CA ILE X 51 11.91 23.37 -20.04
C ILE X 51 10.58 22.69 -19.72
N THR X 52 10.35 21.60 -20.44
CA THR X 52 9.13 20.83 -20.43
C THR X 52 9.05 19.92 -19.19
N PRO X 53 7.85 19.53 -18.77
CA PRO X 53 7.71 18.57 -17.67
C PRO X 53 8.50 17.29 -17.93
N ALA X 54 9.16 16.76 -16.90
CA ALA X 54 10.02 15.57 -17.01
C ALA X 54 11.31 15.76 -17.83
N GLY X 55 11.56 17.00 -18.29
CA GLY X 55 12.76 17.31 -19.02
C GLY X 55 12.71 16.71 -20.40
N GLY X 56 11.51 16.71 -21.00
CA GLY X 56 11.30 16.11 -22.31
C GLY X 56 11.87 16.97 -23.43
N TYR X 57 11.77 18.28 -23.27
CA TYR X 57 12.22 19.21 -24.30
C TYR X 57 12.59 20.58 -23.74
N THR X 58 13.18 21.37 -24.63
CA THR X 58 13.92 22.55 -24.25
C THR X 58 13.76 23.61 -25.36
N TYR X 59 13.42 24.85 -24.99
CA TYR X 59 13.22 25.94 -25.97
C TYR X 59 13.88 27.23 -25.54
N TYR X 60 14.44 27.93 -26.53
CA TYR X 60 15.18 29.17 -26.29
C TYR X 60 14.71 30.28 -27.21
N ALA X 61 14.64 31.50 -26.70
CA ALA X 61 14.35 32.65 -27.54
C ALA X 61 15.51 32.86 -28.49
N ASP X 62 15.22 33.41 -29.66
CA ASP X 62 16.26 33.69 -30.64
C ASP X 62 17.32 34.62 -30.06
N SER X 63 16.89 35.52 -29.17
CA SER X 63 17.79 36.49 -28.53
C SER X 63 18.83 35.83 -27.62
N VAL X 64 18.73 34.52 -27.43
CA VAL X 64 19.49 33.84 -26.39
C VAL X 64 19.99 32.46 -26.82
N LYS X 65 19.37 31.91 -27.86
CA LYS X 65 19.69 30.60 -28.45
C LYS X 65 21.19 30.34 -28.64
N GLY X 66 21.70 29.24 -28.09
CA GLY X 66 23.09 28.85 -28.29
C GLY X 66 24.05 29.38 -27.26
N ARG X 67 23.57 30.30 -26.42
CA ARG X 67 24.39 30.89 -25.36
C ARG X 67 23.98 30.41 -23.96
N PHE X 68 22.71 30.05 -23.81
CA PHE X 68 22.14 29.66 -22.53
C PHE X 68 21.66 28.20 -22.59
N THR X 69 21.73 27.51 -21.46
CA THR X 69 21.12 26.20 -21.29
C THR X 69 20.11 26.27 -20.15
N ILE X 70 18.90 25.77 -20.38
CA ILE X 70 17.94 25.60 -19.30
C ILE X 70 17.91 24.12 -18.95
N SER X 71 17.87 23.85 -17.65
CA SER X 71 17.92 22.49 -17.14
C SER X 71 17.30 22.47 -15.75
N ALA X 72 17.42 21.33 -15.08
CA ALA X 72 16.99 21.17 -13.69
C ALA X 72 17.68 19.98 -13.07
N ASP X 73 17.63 19.92 -11.74
CA ASP X 73 18.16 18.80 -10.97
C ASP X 73 17.05 18.33 -10.06
N THR X 74 16.45 17.18 -10.42
CA THR X 74 15.27 16.70 -9.72
C THR X 74 15.60 16.26 -8.29
N SER X 75 16.79 15.68 -8.09
CA SER X 75 17.24 15.33 -6.74
C SER X 75 17.28 16.55 -5.79
N LYS X 76 17.35 17.75 -6.37
CA LYS X 76 17.38 18.98 -5.60
C LYS X 76 16.10 19.78 -5.79
N ASN X 77 15.17 19.25 -6.57
CA ASN X 77 13.95 19.97 -6.94
C ASN X 77 14.22 21.42 -7.36
N THR X 78 15.25 21.61 -8.18
CA THR X 78 15.70 22.95 -8.55
C THR X 78 15.98 23.03 -10.04
N ALA X 79 15.49 24.11 -10.66
CA ALA X 79 15.72 24.33 -12.08
C ALA X 79 16.86 25.33 -12.23
N TYR X 80 17.49 25.34 -13.39
CA TYR X 80 18.64 26.19 -13.65
C TYR X 80 18.56 26.91 -14.98
N LEU X 81 19.28 28.01 -15.06
CA LEU X 81 19.57 28.70 -16.30
C LEU X 81 21.07 28.99 -16.32
N GLN X 82 21.81 28.23 -17.13
CA GLN X 82 23.24 28.45 -17.33
C GLN X 82 23.46 29.53 -18.38
N MET X 83 24.10 30.63 -17.99
CA MET X 83 24.31 31.76 -18.88
C MET X 83 25.77 31.92 -19.26
N ASN X 84 26.09 31.57 -20.50
CA ASN X 84 27.42 31.71 -21.05
C ASN X 84 27.53 32.91 -21.95
N SER X 85 28.77 33.32 -22.23
CA SER X 85 29.06 34.46 -23.11
C SER X 85 28.05 35.59 -22.91
N LEU X 86 27.93 36.06 -21.67
CA LEU X 86 26.95 37.08 -21.34
C LEU X 86 27.28 38.40 -22.01
N ARG X 87 26.24 39.12 -22.43
CA ARG X 87 26.40 40.39 -23.11
C ARG X 87 25.72 41.52 -22.31
N ALA X 88 26.05 42.76 -22.62
CA ALA X 88 25.49 43.92 -21.91
C ALA X 88 23.96 43.88 -21.87
N GLU X 89 23.35 43.65 -23.03
CA GLU X 89 21.88 43.64 -23.17
C GLU X 89 21.20 42.37 -22.64
N ASP X 90 21.93 41.58 -21.84
CA ASP X 90 21.35 40.47 -21.08
C ASP X 90 20.99 40.96 -19.68
N THR X 91 21.43 42.17 -19.34
CA THR X 91 21.19 42.77 -18.04
C THR X 91 19.70 42.94 -17.77
N ALA X 92 19.23 42.27 -16.71
CA ALA X 92 17.82 42.26 -16.32
C ALA X 92 17.62 41.57 -14.99
N VAL X 93 16.44 41.78 -14.38
CA VAL X 93 15.97 40.92 -13.31
C VAL X 93 15.41 39.67 -13.98
N TYR X 94 15.80 38.50 -13.50
CA TYR X 94 15.39 37.26 -14.11
C TYR X 94 14.41 36.53 -13.23
N TYR X 95 13.24 36.25 -13.76
CA TYR X 95 12.25 35.52 -13.01
C TYR X 95 12.20 34.12 -13.56
N CYS X 96 11.80 33.16 -12.72
CA CYS X 96 11.41 31.84 -13.20
C CYS X 96 9.95 31.69 -12.85
N ALA X 97 9.23 30.88 -13.61
CA ALA X 97 7.82 30.64 -13.36
C ALA X 97 7.39 29.28 -13.84
N ARG X 98 6.48 28.67 -13.09
CA ARG X 98 5.96 27.36 -13.44
C ARG X 98 4.76 27.50 -14.36
N PHE X 99 4.57 26.50 -15.21
CA PHE X 99 3.52 26.54 -16.20
C PHE X 99 3.19 25.13 -16.60
N VAL X 100 1.94 24.94 -17.00
CA VAL X 100 1.47 23.65 -17.48
C VAL X 100 0.27 23.92 -18.39
N PHE X 101 -0.01 23.02 -19.33
CA PHE X 101 -1.14 23.24 -20.23
C PHE X 101 -2.50 22.91 -19.60
N PHE X 102 -2.46 22.22 -18.47
CA PHE X 102 -3.60 22.06 -17.58
C PHE X 102 -4.01 23.37 -16.92
N LEU X 103 -5.27 23.44 -16.51
CA LEU X 103 -5.78 24.57 -15.74
C LEU X 103 -4.82 24.90 -14.59
N PRO X 104 -4.50 26.18 -14.37
CA PRO X 104 -5.11 27.31 -15.08
C PRO X 104 -4.39 27.76 -16.36
N TYR X 105 -3.47 26.94 -16.86
CA TYR X 105 -2.56 27.33 -17.94
C TYR X 105 -2.15 28.80 -17.93
N ALA X 106 -1.54 29.20 -16.83
CA ALA X 106 -0.97 30.53 -16.64
C ALA X 106 0.19 30.39 -15.65
N MET X 107 1.04 31.41 -15.57
CA MET X 107 2.16 31.36 -14.65
C MET X 107 1.67 31.72 -13.27
N ASP X 108 1.32 30.70 -12.50
CA ASP X 108 0.69 30.92 -11.20
C ASP X 108 1.68 31.23 -10.07
N TYR X 109 2.85 30.59 -10.11
CA TYR X 109 3.90 30.82 -9.14
C TYR X 109 5.18 31.28 -9.83
N TRP X 110 5.77 32.33 -9.28
CA TRP X 110 6.99 32.90 -9.80
C TRP X 110 8.07 32.89 -8.74
N GLY X 111 9.33 32.90 -9.16
CA GLY X 111 10.42 33.27 -8.27
C GLY X 111 10.33 34.75 -7.90
N GLN X 112 11.09 35.20 -6.90
CA GLN X 112 11.12 36.62 -6.50
C GLN X 112 11.89 37.51 -7.48
N GLY X 113 12.77 36.87 -8.27
CA GLY X 113 13.68 37.54 -9.19
C GLY X 113 15.10 37.61 -8.66
N THR X 114 16.08 37.56 -9.57
CA THR X 114 17.48 37.93 -9.26
C THR X 114 17.97 38.91 -10.30
N LEU X 115 18.72 39.91 -9.85
CA LEU X 115 19.32 40.87 -10.75
C LEU X 115 20.57 40.26 -11.35
N VAL X 116 20.65 40.31 -12.67
CA VAL X 116 21.85 39.94 -13.40
C VAL X 116 22.32 41.20 -14.09
N THR X 117 23.55 41.61 -13.78
CA THR X 117 24.11 42.80 -14.38
C THR X 117 25.42 42.45 -15.07
N VAL X 118 25.50 42.75 -16.36
CA VAL X 118 26.69 42.47 -17.16
C VAL X 118 27.43 43.76 -17.47
N SER X 119 28.57 43.94 -16.81
CA SER X 119 29.34 45.18 -16.92
C SER X 119 30.83 44.94 -16.72
N SER X 120 31.65 45.79 -17.36
CA SER X 120 33.09 45.76 -17.20
C SER X 120 33.54 46.44 -15.91
N ALA X 121 32.66 47.27 -15.35
CA ALA X 121 32.94 48.01 -14.13
C ALA X 121 33.09 47.07 -12.94
N SER X 122 33.85 47.50 -11.94
CA SER X 122 34.09 46.68 -10.75
C SER X 122 33.15 47.02 -9.59
N THR X 123 33.04 46.10 -8.63
CA THR X 123 32.23 46.29 -7.44
C THR X 123 32.71 47.50 -6.64
N LYS X 124 31.77 48.30 -6.16
CA LYS X 124 32.12 49.44 -5.30
C LYS X 124 31.14 49.63 -4.17
N GLY X 125 31.69 49.68 -2.96
CA GLY X 125 30.92 50.06 -1.78
C GLY X 125 30.62 51.56 -1.76
N PRO X 126 29.43 51.92 -1.29
CA PRO X 126 29.01 53.32 -1.18
C PRO X 126 29.46 54.02 0.10
N SER X 127 29.41 55.35 0.09
CA SER X 127 29.61 56.12 1.30
C SER X 127 28.23 56.51 1.80
N VAL X 128 28.14 56.80 3.11
CA VAL X 128 26.86 57.22 3.69
C VAL X 128 27.05 58.52 4.47
N PHE X 129 26.24 59.51 4.12
CA PHE X 129 26.29 60.84 4.73
C PHE X 129 24.92 61.23 5.26
N PRO X 130 24.88 61.90 6.41
CA PRO X 130 23.61 62.32 7.01
C PRO X 130 22.95 63.47 6.24
N LEU X 131 21.63 63.42 6.15
CA LEU X 131 20.86 64.58 5.71
C LEU X 131 20.29 65.19 6.98
N ALA X 132 21.12 66.04 7.61
CA ALA X 132 20.82 66.59 8.92
C ALA X 132 19.58 67.48 8.86
N PRO X 133 18.63 67.24 9.77
CA PRO X 133 17.34 67.95 9.77
C PRO X 133 17.49 69.47 9.91
N SER X 134 16.91 70.22 8.96
CA SER X 134 17.09 71.67 8.89
C SER X 134 16.52 72.43 10.10
N SER X 135 17.13 73.58 10.40
CA SER X 135 16.72 74.40 11.54
C SER X 135 15.52 75.28 11.20
N GLY X 141 5.89 72.01 12.84
CA GLY X 141 5.05 70.83 12.90
C GLY X 141 5.85 69.53 12.88
N THR X 142 6.33 69.15 11.70
CA THR X 142 7.17 67.97 11.52
C THR X 142 8.44 68.31 10.75
N ALA X 143 9.57 67.76 11.18
CA ALA X 143 10.84 67.94 10.50
C ALA X 143 11.19 66.73 9.62
N ALA X 144 12.05 66.95 8.64
CA ALA X 144 12.52 65.88 7.75
C ALA X 144 14.02 65.68 7.89
N LEU X 145 14.45 64.42 7.88
CA LEU X 145 15.88 64.09 7.88
C LEU X 145 16.13 62.87 6.99
N GLY X 146 17.39 62.50 6.82
CA GLY X 146 17.71 61.37 5.97
C GLY X 146 19.14 60.90 5.89
N CYS X 147 19.40 60.10 4.86
CA CYS X 147 20.71 59.51 4.59
C CYS X 147 20.93 59.50 3.10
N LEU X 148 22.07 60.02 2.66
CA LEU X 148 22.46 59.96 1.25
C LEU X 148 23.48 58.84 1.06
N VAL X 149 23.16 57.92 0.15
CA VAL X 149 23.98 56.76 -0.13
C VAL X 149 24.60 56.94 -1.50
N LYS X 150 25.86 57.36 -1.52
CA LYS X 150 26.50 57.82 -2.74
C LYS X 150 27.59 56.89 -3.26
N ASP X 151 27.65 56.77 -4.58
CA ASP X 151 28.77 56.13 -5.30
C ASP X 151 28.99 54.61 -5.07
N TYR X 152 28.05 53.80 -5.54
CA TYR X 152 28.16 52.35 -5.39
C TYR X 152 27.83 51.59 -6.67
N PHE X 153 28.26 50.34 -6.73
CA PHE X 153 28.03 49.48 -7.88
C PHE X 153 28.22 48.01 -7.52
N PRO X 154 27.35 47.12 -8.00
CA PRO X 154 26.14 47.48 -8.76
C PRO X 154 24.94 47.68 -7.85
N GLU X 155 23.74 47.71 -8.42
CA GLU X 155 22.51 47.61 -7.63
C GLU X 155 22.44 46.21 -6.98
N PRO X 156 21.73 46.03 -5.86
CA PRO X 156 20.96 47.08 -5.17
C PRO X 156 21.54 47.52 -3.82
N VAL X 157 20.84 48.47 -3.19
CA VAL X 157 21.07 48.89 -1.82
C VAL X 157 19.74 48.90 -1.08
N THR X 158 19.76 48.51 0.19
CA THR X 158 18.58 48.56 1.07
C THR X 158 18.77 49.58 2.19
N VAL X 159 17.67 50.12 2.69
CA VAL X 159 17.73 51.03 3.83
C VAL X 159 16.58 50.76 4.77
N SER X 160 16.89 50.60 6.05
CA SER X 160 15.88 50.60 7.10
C SER X 160 16.21 51.70 8.08
N TRP X 161 15.24 52.04 8.91
CA TRP X 161 15.42 53.07 9.93
C TRP X 161 15.16 52.49 11.29
N ASN X 162 16.06 52.81 12.23
CA ASN X 162 16.04 52.30 13.60
C ASN X 162 16.00 50.78 13.66
N SER X 163 16.77 50.15 12.77
CA SER X 163 16.78 48.70 12.60
C SER X 163 15.40 48.14 12.22
N GLY X 164 14.64 48.93 11.45
CA GLY X 164 13.34 48.50 10.96
C GLY X 164 12.17 48.87 11.87
N ALA X 165 12.49 49.45 13.02
CA ALA X 165 11.48 49.83 14.00
C ALA X 165 10.71 51.09 13.57
N LEU X 166 11.31 51.90 12.72
CA LEU X 166 10.65 53.10 12.19
C LEU X 166 10.29 52.95 10.70
N THR X 167 8.99 52.92 10.40
CA THR X 167 8.50 52.76 9.03
C THR X 167 7.64 53.92 8.56
N SER X 168 6.88 54.49 9.50
CA SER X 168 5.86 55.49 9.18
C SER X 168 6.42 56.74 8.50
N GLY X 169 5.92 57.01 7.29
CA GLY X 169 6.32 58.19 6.53
C GLY X 169 7.77 58.17 6.10
N VAL X 170 8.27 56.99 5.77
CA VAL X 170 9.62 56.83 5.22
C VAL X 170 9.53 56.72 3.71
N HIS X 171 10.42 57.45 3.03
CA HIS X 171 10.51 57.39 1.58
C HIS X 171 11.95 57.11 1.20
N THR X 172 12.20 55.89 0.77
CA THR X 172 13.49 55.51 0.21
C THR X 172 13.41 55.59 -1.30
N PHE X 173 14.23 56.46 -1.87
CA PHE X 173 14.12 56.81 -3.29
C PHE X 173 14.75 55.78 -4.20
N PRO X 174 14.07 55.45 -5.30
CA PRO X 174 14.67 54.64 -6.37
C PRO X 174 16.03 55.21 -6.70
N ALA X 175 17.05 54.34 -6.80
CA ALA X 175 18.40 54.78 -7.08
C ALA X 175 18.49 55.44 -8.46
N VAL X 176 19.52 56.24 -8.66
CA VAL X 176 19.70 56.98 -9.90
C VAL X 176 21.11 56.73 -10.46
N LEU X 177 21.19 56.51 -11.76
CA LEU X 177 22.49 56.32 -12.41
C LEU X 177 23.19 57.66 -12.60
N GLN X 178 24.29 57.85 -11.88
CA GLN X 178 25.08 59.07 -12.02
C GLN X 178 26.00 59.00 -13.24
N SER X 179 26.51 60.16 -13.65
CA SER X 179 27.39 60.29 -14.81
C SER X 179 28.72 59.54 -14.66
N SER X 180 29.14 59.33 -13.41
CA SER X 180 30.38 58.61 -13.10
C SER X 180 30.32 57.11 -13.44
N GLY X 181 29.14 56.63 -13.83
CA GLY X 181 28.92 55.20 -14.06
C GLY X 181 28.56 54.47 -12.77
N LEU X 182 28.11 55.25 -11.79
CA LEU X 182 27.87 54.79 -10.42
C LEU X 182 26.49 55.24 -9.95
N TYR X 183 25.94 54.56 -8.95
CA TYR X 183 24.59 54.88 -8.45
C TYR X 183 24.62 55.69 -7.15
N SER X 184 23.53 56.41 -6.89
CA SER X 184 23.34 57.09 -5.60
C SER X 184 21.85 57.21 -5.25
N LEU X 185 21.54 57.09 -3.97
CA LEU X 185 20.16 57.19 -3.50
C LEU X 185 20.07 57.89 -2.16
N SER X 186 18.84 58.23 -1.79
CA SER X 186 18.56 58.85 -0.50
C SER X 186 17.38 58.15 0.18
N SER X 187 17.50 57.92 1.48
CA SER X 187 16.34 57.51 2.25
C SER X 187 15.97 58.67 3.15
N VAL X 188 14.67 58.92 3.24
CA VAL X 188 14.14 60.15 3.84
C VAL X 188 12.99 59.83 4.80
N VAL X 189 12.87 60.61 5.88
CA VAL X 189 11.81 60.40 6.87
C VAL X 189 11.42 61.68 7.63
N THR X 190 10.11 61.97 7.68
CA THR X 190 9.60 63.07 8.50
C THR X 190 9.33 62.60 9.93
N VAL X 191 9.68 63.42 10.91
CA VAL X 191 9.43 63.11 12.31
C VAL X 191 8.83 64.32 13.04
N PRO X 192 8.03 64.09 14.09
CA PRO X 192 7.61 65.19 14.98
C PRO X 192 8.84 65.96 15.46
N SER X 193 8.83 67.28 15.26
CA SER X 193 9.97 68.12 15.59
C SER X 193 10.39 68.01 17.05
N SER X 194 9.41 67.94 17.95
CA SER X 194 9.65 67.86 19.39
C SER X 194 10.40 66.59 19.83
N SER X 195 10.57 65.64 18.91
CA SER X 195 11.21 64.36 19.21
C SER X 195 12.71 64.31 18.85
N LEU X 196 13.24 65.41 18.31
CA LEU X 196 14.66 65.50 17.94
C LEU X 196 15.51 65.84 19.16
N GLY X 197 16.49 64.98 19.46
CA GLY X 197 17.32 65.16 20.64
C GLY X 197 16.83 64.43 21.88
N THR X 198 15.64 63.82 21.77
CA THR X 198 15.16 62.87 22.75
C THR X 198 15.27 61.47 22.14
N GLN X 199 14.80 61.33 20.89
CA GLN X 199 14.92 60.08 20.14
C GLN X 199 16.09 60.15 19.15
N THR X 200 16.86 59.07 19.09
CA THR X 200 18.03 58.98 18.19
C THR X 200 17.73 58.13 16.94
N TYR X 201 18.03 58.70 15.78
CA TYR X 201 17.68 58.09 14.49
C TYR X 201 18.89 57.54 13.71
N ILE X 202 18.98 56.21 13.64
CA ILE X 202 20.00 55.53 12.87
C ILE X 202 19.38 54.95 11.60
N CYS X 203 19.93 55.30 10.45
CA CYS X 203 19.55 54.61 9.23
C CYS X 203 20.51 53.46 9.01
N ASN X 204 19.95 52.32 8.63
CA ASN X 204 20.73 51.11 8.41
C ASN X 204 20.87 50.85 6.92
N VAL X 205 22.09 50.97 6.42
CA VAL X 205 22.36 50.88 4.98
C VAL X 205 23.10 49.60 4.61
N ASN X 206 22.58 48.90 3.61
CA ASN X 206 23.17 47.67 3.10
C ASN X 206 23.42 47.67 1.60
N HIS X 207 24.66 47.37 1.24
CA HIS X 207 25.06 47.08 -0.13
C HIS X 207 25.65 45.69 -0.08
N LYS X 208 24.81 44.69 -0.30
CA LYS X 208 25.25 43.30 -0.16
C LYS X 208 26.28 42.86 -1.21
N PRO X 209 26.22 43.38 -2.44
CA PRO X 209 27.19 42.99 -3.48
C PRO X 209 28.64 43.33 -3.12
N SER X 210 28.83 44.30 -2.24
CA SER X 210 30.18 44.66 -1.78
C SER X 210 30.40 44.39 -0.27
N ASN X 211 29.42 43.76 0.37
CA ASN X 211 29.47 43.49 1.81
C ASN X 211 29.67 44.78 2.62
N THR X 212 28.97 45.82 2.19
CA THR X 212 29.05 47.12 2.82
C THR X 212 27.81 47.32 3.66
N LYS X 213 28.02 47.68 4.91
CA LYS X 213 26.93 47.98 5.82
C LYS X 213 27.37 49.10 6.75
N VAL X 214 26.59 50.16 6.76
CA VAL X 214 26.84 51.30 7.63
C VAL X 214 25.57 51.61 8.41
N ASP X 215 25.72 51.88 9.71
CA ASP X 215 24.65 52.47 10.48
C ASP X 215 25.09 53.88 10.81
N LYS X 216 24.40 54.86 10.24
CA LYS X 216 24.74 56.26 10.50
C LYS X 216 23.76 56.90 11.47
N LYS X 217 24.29 57.41 12.57
CA LYS X 217 23.54 58.27 13.48
C LYS X 217 23.33 59.61 12.78
N VAL X 218 22.07 59.94 12.46
CA VAL X 218 21.76 61.21 11.81
C VAL X 218 21.28 62.24 12.84
N GLU X 219 21.98 63.37 12.95
CA GLU X 219 21.66 64.35 14.00
C GLU X 219 21.98 65.81 13.65
N PRO X 220 21.23 66.76 14.21
CA PRO X 220 21.46 68.21 14.03
C PRO X 220 22.90 68.66 14.21
N LYS X 221 23.40 69.49 13.29
CA LYS X 221 24.78 69.96 13.30
C LYS X 221 25.11 70.86 14.50
N SER X 222 26.39 71.22 14.64
CA SER X 222 26.85 72.03 15.77
C SER X 222 26.16 73.37 15.90
N CYS X 223 26.01 74.08 14.77
CA CYS X 223 25.37 75.40 14.73
C CYS X 223 24.81 75.75 13.34
#